data_1O7T
#
_entry.id   1O7T
#
_cell.length_a   148.128
_cell.length_b   148.128
_cell.length_c   115.842
_cell.angle_alpha   90.00
_cell.angle_beta   90.00
_cell.angle_gamma   120.00
#
_symmetry.space_group_name_H-M   'P 32'
#
loop_
_entity.id
_entity.type
_entity.pdbx_description
1 polymer 'IRON BINDING PROTEIN'
2 non-polymer 'HF OXO CLUSTER HF5'
3 non-polymer 'SMALLEST HF-OXO-PHOSPHATE CLUSTER HF3'
4 non-polymer 'HF-OXO-PHOSPHATE CLUSTER PHF'
5 water water
#
_entity_poly.entity_id   1
_entity_poly.type   'polypeptide(L)'
_entity_poly.pdbx_seq_one_letter_code
;DITVYNGQHKEAAQAVADAFTRATGIKVKLNSAKGDQLAGQIKEEGSRSPADVFYSEQIPALATLSAANLLEPLPASTIN
ETRGKGVPVAAKKDWVALSGRSRVVVYDTRKLSEKDLEKSVLNYATPKWKNRIGYVPTSGAFLEQIVAIVKLKGEAAALK
WLKGLKEYGKPYAKNSVALQAVENGEVDAALINNYYWHAFAREKGVQNVHTRLNFVRHRDPGALVTYSGAAVLKSSQNKD
EAKKFVAFLAGKEGQRALTAVRAEYPLNPHVVSTFNLEPIAKLEAPQVSATTVSEKEHATRLLEQAGMK
;
_entity_poly.pdbx_strand_id   A,B,C,D,E,F,G,H,I
#
loop_
_chem_comp.id
_chem_comp.type
_chem_comp.name
_chem_comp.formula
HF3 non-polymer 'SMALLEST HF-OXO-PHOSPHATE CLUSTER HF3' 'H7 Hf3 O15 P'
HF5 non-polymer 'HF OXO CLUSTER HF5' 'H12 Hf5 O21'
PHF non-polymer 'HF-OXO-PHOSPHATE CLUSTER PHF' 'H11 Hf5 O23 P'
#
# COMPACT_ATOMS: atom_id res chain seq x y z
N ASP A 1 14.78 68.31 6.90
CA ASP A 1 14.15 67.13 7.57
C ASP A 1 12.72 66.94 7.07
N ILE A 2 12.31 65.67 6.91
CA ILE A 2 10.98 65.37 6.39
C ILE A 2 10.09 64.53 7.29
N THR A 3 8.81 64.47 6.92
CA THR A 3 7.79 63.70 7.62
C THR A 3 7.24 62.66 6.64
N VAL A 4 7.27 61.40 7.06
CA VAL A 4 6.80 60.30 6.21
C VAL A 4 5.62 59.57 6.84
N TYR A 5 4.51 59.52 6.14
CA TYR A 5 3.36 58.78 6.58
C TYR A 5 3.64 57.33 6.21
N ASN A 6 3.82 56.48 7.25
CA ASN A 6 4.21 55.10 7.02
C ASN A 6 3.17 53.99 7.21
N GLY A 7 2.71 53.44 6.10
CA GLY A 7 1.76 52.35 6.15
C GLY A 7 2.53 51.04 6.06
N GLN A 8 3.85 51.16 5.97
CA GLN A 8 4.74 50.04 5.89
C GLN A 8 5.19 49.56 7.27
N HIS A 9 5.66 48.32 7.37
CA HIS A 9 6.13 47.75 8.63
C HIS A 9 7.18 48.67 9.28
N LYS A 10 7.02 48.94 10.58
CA LYS A 10 7.88 49.89 11.33
C LYS A 10 9.37 49.60 11.38
N GLU A 11 9.78 48.34 11.56
CA GLU A 11 11.20 48.02 11.61
C GLU A 11 11.76 48.10 10.20
N ALA A 12 10.89 47.99 9.23
CA ALA A 12 11.28 48.09 7.83
C ALA A 12 11.48 49.57 7.55
N ALA A 13 10.41 50.33 7.80
CA ALA A 13 10.44 51.77 7.58
C ALA A 13 11.60 52.41 8.35
N GLN A 14 11.81 51.96 9.57
CA GLN A 14 12.88 52.49 10.42
C GLN A 14 14.27 52.21 9.87
N ALA A 15 14.50 50.99 9.36
CA ALA A 15 15.81 50.62 8.81
C ALA A 15 16.15 51.38 7.53
N VAL A 16 15.14 51.66 6.71
CA VAL A 16 15.37 52.39 5.47
C VAL A 16 15.57 53.87 5.77
N ALA A 17 14.91 54.37 6.82
CA ALA A 17 15.04 55.77 7.22
C ALA A 17 16.42 56.07 7.82
N ASP A 18 16.89 55.22 8.70
CA ASP A 18 18.19 55.42 9.32
C ASP A 18 19.30 55.39 8.26
N ALA A 19 19.13 54.52 7.26
CA ALA A 19 20.10 54.41 6.18
C ALA A 19 20.11 55.72 5.38
N PHE A 20 18.94 56.32 5.21
CA PHE A 20 18.81 57.59 4.48
C PHE A 20 19.53 58.74 5.20
N THR A 21 19.43 58.75 6.53
CA THR A 21 20.07 59.79 7.34
C THR A 21 21.58 59.69 7.33
N ARG A 22 22.10 58.47 7.32
CA ARG A 22 23.53 58.24 7.30
C ARG A 22 24.18 58.71 5.99
N ALA A 23 23.43 58.61 4.89
CA ALA A 23 23.92 58.99 3.58
C ALA A 23 23.71 60.45 3.17
N THR A 24 22.71 61.10 3.76
CA THR A 24 22.39 62.50 3.41
C THR A 24 22.41 63.49 4.58
N GLY A 25 22.20 63.01 5.80
CA GLY A 25 22.17 63.88 6.96
C GLY A 25 20.77 64.46 7.18
N ILE A 26 19.82 64.00 6.38
CA ILE A 26 18.41 64.44 6.44
C ILE A 26 17.65 63.58 7.45
N LYS A 27 17.17 64.20 8.53
CA LYS A 27 16.43 63.45 9.56
C LYS A 27 15.03 63.11 9.08
N VAL A 28 14.52 61.98 9.54
CA VAL A 28 13.18 61.52 9.14
C VAL A 28 12.29 61.19 10.33
N LYS A 29 11.08 61.74 10.30
CA LYS A 29 10.08 61.52 11.33
C LYS A 29 9.11 60.53 10.72
N LEU A 30 8.62 59.59 11.50
CA LEU A 30 7.68 58.59 10.98
C LEU A 30 6.33 58.55 11.71
N ASN A 31 5.26 58.78 10.96
CA ASN A 31 3.92 58.68 11.52
C ASN A 31 3.40 57.36 10.98
N SER A 32 3.47 56.32 11.81
CA SER A 32 3.05 54.99 11.41
C SER A 32 1.59 54.65 11.63
N ALA A 33 1.05 53.85 10.71
CA ALA A 33 -0.33 53.40 10.72
C ALA A 33 -0.53 52.66 9.40
N LYS A 34 -1.73 52.17 9.14
CA LYS A 34 -2.00 51.45 7.91
C LYS A 34 -2.37 52.38 6.76
N GLY A 35 -1.92 52.01 5.57
CA GLY A 35 -2.14 52.79 4.37
C GLY A 35 -3.47 53.49 4.18
N ASP A 36 -4.56 52.73 4.22
CA ASP A 36 -5.87 53.32 4.01
C ASP A 36 -6.29 54.35 5.06
N GLN A 37 -5.80 54.25 6.29
CA GLN A 37 -6.17 55.23 7.30
C GLN A 37 -5.38 56.52 7.03
N LEU A 38 -4.08 56.35 6.83
CA LEU A 38 -3.18 57.46 6.54
C LEU A 38 -3.60 58.23 5.28
N ALA A 39 -4.08 57.50 4.27
CA ALA A 39 -4.52 58.10 3.01
C ALA A 39 -5.68 59.03 3.26
N GLY A 40 -6.64 58.58 4.07
CA GLY A 40 -7.80 59.40 4.39
C GLY A 40 -7.37 60.64 5.16
N GLN A 41 -6.45 60.44 6.10
CA GLN A 41 -5.94 61.52 6.92
C GLN A 41 -5.35 62.62 6.03
N ILE A 42 -4.64 62.21 4.98
CA ILE A 42 -4.03 63.15 4.05
C ILE A 42 -5.12 63.87 3.25
N LYS A 43 -6.22 63.17 2.99
CA LYS A 43 -7.35 63.74 2.26
C LYS A 43 -7.96 64.87 3.09
N GLU A 44 -8.25 64.57 4.34
CA GLU A 44 -8.85 65.54 5.25
C GLU A 44 -7.97 66.79 5.33
N GLU A 45 -6.71 66.60 5.72
CA GLU A 45 -5.74 67.69 5.86
C GLU A 45 -5.63 68.58 4.62
N GLY A 46 -5.26 68.00 3.49
CA GLY A 46 -5.15 68.78 2.28
C GLY A 46 -3.92 69.66 2.20
N SER A 47 -4.10 70.88 1.69
CA SER A 47 -3.02 71.86 1.54
C SER A 47 -2.13 72.10 2.77
N ARG A 48 -2.67 71.95 3.97
CA ARG A 48 -1.88 72.16 5.18
C ARG A 48 -1.54 70.85 5.87
N SER A 49 -1.39 69.78 5.10
CA SER A 49 -1.04 68.47 5.65
C SER A 49 0.45 68.45 5.99
N PRO A 50 0.84 67.74 7.07
CA PRO A 50 2.25 67.66 7.48
C PRO A 50 3.07 66.65 6.66
N ALA A 51 2.38 65.79 5.91
CA ALA A 51 3.03 64.77 5.13
C ALA A 51 3.83 65.24 3.92
N ASP A 52 5.09 64.83 3.90
CA ASP A 52 6.00 65.14 2.81
C ASP A 52 6.02 63.96 1.84
N VAL A 53 6.08 62.75 2.41
CA VAL A 53 6.08 61.52 1.62
C VAL A 53 5.03 60.54 2.20
N PHE A 54 4.55 59.63 1.37
CA PHE A 54 3.62 58.62 1.82
C PHE A 54 4.25 57.29 1.43
N TYR A 55 4.62 56.51 2.46
CA TYR A 55 5.25 55.21 2.29
C TYR A 55 4.17 54.17 2.56
N SER A 56 3.54 53.66 1.50
CA SER A 56 2.46 52.70 1.68
C SER A 56 2.78 51.24 1.40
N GLU A 57 2.18 50.37 2.20
CA GLU A 57 2.36 48.94 2.05
C GLU A 57 1.48 48.43 0.92
N GLN A 58 0.60 49.29 0.39
CA GLN A 58 -0.32 48.91 -0.68
C GLN A 58 -0.52 49.96 -1.78
N ILE A 59 -0.85 49.46 -2.98
CA ILE A 59 -1.07 50.30 -4.14
C ILE A 59 -2.43 51.03 -4.14
N PRO A 60 -3.49 50.38 -3.64
CA PRO A 60 -4.80 51.06 -3.61
C PRO A 60 -4.81 52.44 -2.95
N ALA A 61 -4.16 52.57 -1.79
CA ALA A 61 -4.08 53.84 -1.05
C ALA A 61 -3.42 54.93 -1.89
N LEU A 62 -2.40 54.55 -2.65
CA LEU A 62 -1.71 55.48 -3.52
C LEU A 62 -2.62 55.92 -4.68
N ALA A 63 -3.46 54.99 -5.15
CA ALA A 63 -4.39 55.26 -6.26
C ALA A 63 -5.47 56.29 -5.89
N THR A 64 -6.06 56.14 -4.71
CA THR A 64 -7.10 57.06 -4.26
C THR A 64 -6.55 58.47 -4.20
N LEU A 65 -5.34 58.62 -3.65
CA LEU A 65 -4.72 59.94 -3.55
C LEU A 65 -4.38 60.48 -4.93
N SER A 66 -3.93 59.61 -5.82
CA SER A 66 -3.56 60.00 -7.17
C SER A 66 -4.80 60.48 -7.93
N ALA A 67 -5.94 59.85 -7.64
CA ALA A 67 -7.20 60.19 -8.28
C ALA A 67 -7.74 61.53 -7.77
N ALA A 68 -7.35 61.89 -6.54
CA ALA A 68 -7.76 63.15 -5.93
C ALA A 68 -6.82 64.26 -6.39
N ASN A 69 -5.82 63.88 -7.20
CA ASN A 69 -4.82 64.80 -7.74
C ASN A 69 -3.80 65.29 -6.70
N LEU A 70 -3.79 64.67 -5.53
CA LEU A 70 -2.90 65.09 -4.45
C LEU A 70 -1.41 64.71 -4.54
N LEU A 71 -1.05 63.87 -5.51
CA LEU A 71 0.34 63.41 -5.64
C LEU A 71 1.19 64.14 -6.66
N GLU A 72 2.46 64.30 -6.31
CA GLU A 72 3.47 64.98 -7.11
C GLU A 72 4.13 64.07 -8.15
N PRO A 73 4.17 64.51 -9.42
CA PRO A 73 4.80 63.67 -10.44
C PRO A 73 6.32 63.52 -10.21
N LEU A 74 6.79 62.27 -10.24
CA LEU A 74 8.20 61.93 -10.00
C LEU A 74 9.07 61.95 -11.25
N PRO A 75 10.37 62.22 -11.09
CA PRO A 75 11.28 62.25 -12.24
C PRO A 75 11.46 60.85 -12.83
N ALA A 76 11.52 60.78 -14.16
CA ALA A 76 11.66 59.51 -14.87
C ALA A 76 12.67 58.52 -14.31
N SER A 77 13.82 59.00 -13.86
CA SER A 77 14.86 58.12 -13.32
C SER A 77 14.46 57.37 -12.05
N THR A 78 13.57 57.98 -11.25
CA THR A 78 13.11 57.34 -10.03
C THR A 78 12.21 56.16 -10.36
N ILE A 79 11.28 56.36 -11.29
CA ILE A 79 10.36 55.32 -11.70
C ILE A 79 11.01 54.14 -12.43
N ASN A 80 12.02 54.42 -13.24
CA ASN A 80 12.68 53.37 -14.00
C ASN A 80 13.54 52.43 -13.17
N GLU A 81 13.81 52.80 -11.93
CA GLU A 81 14.63 51.99 -11.03
C GLU A 81 14.01 50.60 -10.75
N THR A 82 12.69 50.55 -10.70
CA THR A 82 11.99 49.31 -10.39
C THR A 82 11.07 48.82 -11.53
N ARG A 83 11.26 49.40 -12.72
CA ARG A 83 10.46 49.05 -13.91
C ARG A 83 10.69 47.62 -14.43
N GLY A 84 9.60 46.94 -14.77
CA GLY A 84 9.69 45.58 -15.27
C GLY A 84 8.33 44.98 -15.56
N LYS A 85 8.31 43.90 -16.35
CA LYS A 85 7.06 43.23 -16.70
C LYS A 85 6.33 42.70 -15.46
N GLY A 86 5.09 43.16 -15.26
CA GLY A 86 4.31 42.72 -14.12
C GLY A 86 4.31 43.70 -12.97
N VAL A 87 5.27 44.62 -12.97
CA VAL A 87 5.38 45.62 -11.91
C VAL A 87 4.36 46.75 -12.14
N PRO A 88 3.53 47.05 -11.13
CA PRO A 88 2.52 48.11 -11.25
C PRO A 88 3.11 49.44 -11.70
N VAL A 89 2.43 50.10 -12.64
CA VAL A 89 2.89 51.40 -13.14
C VAL A 89 1.84 52.50 -12.96
N ALA A 90 2.29 53.63 -12.41
CA ALA A 90 1.41 54.78 -12.17
C ALA A 90 1.10 55.54 -13.45
N ALA A 91 -0.20 55.69 -13.73
CA ALA A 91 -0.65 56.39 -14.94
C ALA A 91 -0.22 57.85 -15.01
N LYS A 92 -0.30 58.57 -13.89
CA LYS A 92 0.09 59.98 -13.89
C LYS A 92 1.55 60.14 -13.48
N LYS A 93 2.27 59.03 -13.45
CA LYS A 93 3.69 59.00 -13.07
C LYS A 93 3.88 59.73 -11.74
N ASP A 94 2.96 59.50 -10.81
CA ASP A 94 2.99 60.16 -9.51
C ASP A 94 3.24 59.28 -8.27
N TRP A 95 3.62 58.03 -8.52
CA TRP A 95 3.99 57.07 -7.46
C TRP A 95 4.77 55.95 -8.13
N VAL A 96 5.57 55.23 -7.35
CA VAL A 96 6.39 54.14 -7.88
C VAL A 96 6.32 52.91 -6.98
N ALA A 97 6.31 51.72 -7.59
CA ALA A 97 6.25 50.47 -6.83
C ALA A 97 7.67 50.15 -6.33
N LEU A 98 7.76 49.59 -5.13
CA LEU A 98 9.05 49.28 -4.53
C LEU A 98 9.33 47.82 -4.23
N SER A 99 8.38 47.13 -3.61
CA SER A 99 8.59 45.73 -3.26
C SER A 99 7.34 44.87 -3.44
N GLY A 100 7.51 43.58 -3.18
CA GLY A 100 6.42 42.64 -3.30
C GLY A 100 6.55 41.53 -2.27
N ARG A 101 5.40 40.95 -1.92
CA ARG A 101 5.31 39.84 -0.98
C ARG A 101 4.33 38.84 -1.60
N SER A 102 4.74 37.58 -1.66
CA SER A 102 3.95 36.53 -2.29
C SER A 102 3.15 35.60 -1.36
N ARG A 103 2.17 34.92 -1.94
CA ARG A 103 1.36 33.94 -1.25
C ARG A 103 2.13 32.62 -1.46
N VAL A 104 2.07 31.70 -0.50
CA VAL A 104 2.78 30.43 -0.61
C VAL A 104 2.08 29.35 0.21
N VAL A 105 2.55 28.13 0.05
CA VAL A 105 2.02 27.01 0.83
C VAL A 105 3.20 26.54 1.71
N VAL A 106 2.99 26.46 3.02
CA VAL A 106 4.04 25.98 3.91
C VAL A 106 3.65 24.54 4.27
N TYR A 107 4.57 23.59 4.06
CA TYR A 107 4.27 22.19 4.34
C TYR A 107 5.24 21.50 5.30
N ASP A 108 4.81 20.36 5.84
CA ASP A 108 5.58 19.55 6.78
C ASP A 108 6.54 18.60 6.05
N THR A 109 7.84 18.91 6.08
CA THR A 109 8.81 18.08 5.41
C THR A 109 9.02 16.73 6.10
N ARG A 110 8.47 16.55 7.30
CA ARG A 110 8.59 15.28 7.99
C ARG A 110 7.66 14.26 7.33
N LYS A 111 6.68 14.76 6.57
CA LYS A 111 5.70 13.91 5.90
C LYS A 111 5.47 14.18 4.40
N LEU A 112 5.91 15.32 3.91
CA LEU A 112 5.68 15.64 2.50
C LEU A 112 6.89 16.11 1.72
N SER A 113 6.83 15.87 0.41
CA SER A 113 7.85 16.25 -0.53
C SER A 113 7.15 17.13 -1.57
N GLU A 114 7.92 17.81 -2.42
CA GLU A 114 7.33 18.67 -3.44
C GLU A 114 6.41 17.86 -4.35
N LYS A 115 6.73 16.57 -4.49
CA LYS A 115 5.97 15.61 -5.32
C LYS A 115 4.49 15.54 -4.96
N ASP A 116 4.21 15.64 -3.68
CA ASP A 116 2.84 15.54 -3.17
C ASP A 116 2.03 16.83 -3.15
N LEU A 117 2.58 17.92 -3.67
CA LEU A 117 1.86 19.19 -3.67
C LEU A 117 1.07 19.43 -4.96
N GLU A 118 0.07 20.32 -4.87
CA GLU A 118 -0.79 20.65 -6.01
C GLU A 118 -0.13 21.62 -6.99
N LYS A 119 -0.67 21.65 -8.21
CA LYS A 119 -0.17 22.50 -9.29
C LYS A 119 -0.97 23.80 -9.37
N SER A 120 -1.94 23.94 -8.48
CA SER A 120 -2.79 25.13 -8.41
C SER A 120 -3.43 25.20 -7.04
N VAL A 121 -3.47 26.40 -6.48
CA VAL A 121 -4.06 26.59 -5.14
C VAL A 121 -5.56 26.26 -5.14
N LEU A 122 -6.18 26.27 -6.30
CA LEU A 122 -7.60 25.97 -6.38
C LEU A 122 -7.88 24.50 -6.07
N ASN A 123 -6.85 23.66 -6.22
CA ASN A 123 -6.96 22.22 -6.00
C ASN A 123 -6.89 21.74 -4.55
N TYR A 124 -6.69 22.65 -3.61
CA TYR A 124 -6.64 22.25 -2.21
C TYR A 124 -8.04 22.09 -1.60
N ALA A 125 -9.04 22.70 -2.23
CA ALA A 125 -10.42 22.63 -1.74
C ALA A 125 -11.12 21.37 -2.26
N THR A 126 -10.51 20.22 -2.00
CA THR A 126 -11.05 18.93 -2.43
C THR A 126 -10.91 17.88 -1.31
N PRO A 127 -11.65 16.76 -1.42
CA PRO A 127 -11.62 15.68 -0.42
C PRO A 127 -10.22 15.11 -0.10
N LYS A 128 -9.32 15.18 -1.08
CA LYS A 128 -7.97 14.66 -0.91
C LYS A 128 -7.21 15.39 0.20
N TRP A 129 -7.67 16.60 0.52
CA TRP A 129 -7.04 17.39 1.56
C TRP A 129 -7.93 17.63 2.77
N LYS A 130 -8.97 16.81 2.93
CA LYS A 130 -9.86 16.95 4.08
C LYS A 130 -9.02 16.89 5.35
N ASN A 131 -9.08 17.96 6.14
CA ASN A 131 -8.33 18.09 7.39
C ASN A 131 -6.81 18.11 7.20
N ARG A 132 -6.34 18.46 6.01
CA ARG A 132 -4.91 18.49 5.72
C ARG A 132 -4.36 19.82 5.24
N ILE A 133 -5.24 20.80 5.05
CA ILE A 133 -4.83 22.13 4.61
C ILE A 133 -5.45 23.18 5.53
N GLY A 134 -4.63 24.14 5.95
CA GLY A 134 -5.11 25.19 6.82
C GLY A 134 -5.16 26.53 6.11
N TYR A 135 -6.06 27.41 6.56
CA TYR A 135 -6.23 28.74 5.99
C TYR A 135 -6.65 29.71 7.10
N VAL A 136 -6.53 31.02 6.82
CA VAL A 136 -6.85 32.06 7.79
C VAL A 136 -7.94 32.97 7.19
N PRO A 137 -9.23 32.61 7.39
CA PRO A 137 -10.38 33.37 6.89
C PRO A 137 -10.52 34.86 7.27
N THR A 138 -9.90 35.28 8.36
CA THR A 138 -10.00 36.67 8.79
C THR A 138 -8.82 37.51 8.32
N SER A 139 -7.92 36.87 7.56
CA SER A 139 -6.73 37.54 7.05
C SER A 139 -7.00 38.44 5.85
N GLY A 140 -6.39 39.62 5.86
CA GLY A 140 -6.56 40.56 4.77
C GLY A 140 -5.89 40.08 3.50
N ALA A 141 -4.98 39.12 3.64
CA ALA A 141 -4.25 38.56 2.49
C ALA A 141 -5.13 37.48 1.85
N PHE A 142 -5.89 36.79 2.70
CA PHE A 142 -6.81 35.75 2.25
C PHE A 142 -7.88 36.40 1.34
N LEU A 143 -8.33 37.60 1.70
CA LEU A 143 -9.34 38.29 0.90
C LEU A 143 -8.75 38.77 -0.42
N GLU A 144 -7.49 39.20 -0.38
CA GLU A 144 -6.79 39.65 -1.58
C GLU A 144 -6.73 38.48 -2.55
N GLN A 145 -6.53 37.28 -2.01
CA GLN A 145 -6.47 36.06 -2.81
C GLN A 145 -7.83 35.86 -3.47
N ILE A 146 -8.91 36.04 -2.70
CA ILE A 146 -10.28 35.90 -3.21
C ILE A 146 -10.54 36.84 -4.38
N VAL A 147 -10.13 38.10 -4.21
CA VAL A 147 -10.30 39.12 -5.23
C VAL A 147 -9.57 38.78 -6.54
N ALA A 148 -8.37 38.21 -6.43
CA ALA A 148 -7.59 37.83 -7.62
C ALA A 148 -8.20 36.63 -8.33
N ILE A 149 -8.71 35.67 -7.57
CA ILE A 149 -9.34 34.49 -8.17
C ILE A 149 -10.53 34.90 -9.03
N VAL A 150 -11.33 35.85 -8.55
CA VAL A 150 -12.51 36.29 -9.30
C VAL A 150 -12.08 36.99 -10.59
N LYS A 151 -11.04 37.82 -10.52
CA LYS A 151 -10.57 38.52 -11.70
C LYS A 151 -9.96 37.58 -12.73
N LEU A 152 -9.26 36.56 -12.26
CA LEU A 152 -8.57 35.59 -13.12
C LEU A 152 -9.40 34.39 -13.61
N LYS A 153 -10.36 33.94 -12.82
CA LYS A 153 -11.19 32.78 -13.20
C LYS A 153 -12.70 33.01 -13.12
N GLY A 154 -13.12 34.19 -12.70
CA GLY A 154 -14.55 34.47 -12.59
C GLY A 154 -15.10 34.25 -11.20
N GLU A 155 -16.32 34.72 -10.96
CA GLU A 155 -16.96 34.60 -9.66
C GLU A 155 -17.24 33.17 -9.20
N ALA A 156 -17.68 32.33 -10.13
CA ALA A 156 -18.03 30.94 -9.83
C ALA A 156 -16.89 30.10 -9.24
N ALA A 157 -15.68 30.28 -9.76
CA ALA A 157 -14.53 29.54 -9.28
C ALA A 157 -14.14 29.97 -7.86
N ALA A 158 -14.38 31.25 -7.55
CA ALA A 158 -14.07 31.83 -6.25
C ALA A 158 -14.96 31.33 -5.12
N LEU A 159 -16.23 31.07 -5.40
CA LEU A 159 -17.16 30.58 -4.36
C LEU A 159 -17.03 29.07 -4.18
N LYS A 160 -16.57 28.39 -5.22
CA LYS A 160 -16.37 26.94 -5.18
C LYS A 160 -15.12 26.62 -4.36
N TRP A 161 -14.10 27.47 -4.47
CA TRP A 161 -12.86 27.29 -3.70
C TRP A 161 -13.17 27.49 -2.23
N LEU A 162 -13.82 28.62 -1.91
CA LEU A 162 -14.17 28.96 -0.53
C LEU A 162 -15.04 27.94 0.19
N LYS A 163 -16.12 27.49 -0.46
CA LYS A 163 -17.00 26.51 0.16
C LYS A 163 -16.28 25.18 0.30
N GLY A 164 -15.34 24.92 -0.59
CA GLY A 164 -14.56 23.70 -0.55
C GLY A 164 -13.56 23.74 0.59
N LEU A 165 -13.07 24.94 0.92
CA LEU A 165 -12.12 25.11 2.01
C LEU A 165 -12.84 24.98 3.34
N LYS A 166 -14.09 25.46 3.38
CA LYS A 166 -14.90 25.40 4.60
C LYS A 166 -15.23 23.95 4.99
N GLU A 167 -15.48 23.12 3.97
CA GLU A 167 -15.83 21.73 4.17
C GLU A 167 -14.67 20.77 4.45
N TYR A 168 -13.47 21.10 3.97
CA TYR A 168 -12.31 20.23 4.17
C TYR A 168 -11.12 20.87 4.89
N GLY A 169 -10.95 22.17 4.75
CA GLY A 169 -9.83 22.83 5.40
C GLY A 169 -10.07 23.10 6.87
N LYS A 170 -9.09 23.70 7.51
CA LYS A 170 -9.20 24.04 8.92
C LYS A 170 -8.81 25.50 9.11
N PRO A 171 -9.70 26.30 9.71
CA PRO A 171 -9.40 27.73 9.93
C PRO A 171 -8.50 27.98 11.13
N TYR A 172 -7.72 29.05 11.04
CA TYR A 172 -6.81 29.43 12.12
C TYR A 172 -6.91 30.93 12.39
N ALA A 173 -6.93 31.29 13.65
CA ALA A 173 -7.03 32.69 14.04
C ALA A 173 -6.14 33.62 13.23
N LYS A 174 -4.83 33.40 13.29
CA LYS A 174 -3.85 34.22 12.59
C LYS A 174 -2.94 33.38 11.70
N ASN A 175 -2.04 34.06 10.98
CA ASN A 175 -1.09 33.35 10.10
C ASN A 175 0.01 32.69 10.95
N SER A 176 0.31 33.29 12.10
CA SER A 176 1.33 32.75 13.00
C SER A 176 0.83 31.44 13.62
N VAL A 177 -0.43 31.45 14.06
CA VAL A 177 -1.04 30.28 14.66
C VAL A 177 -1.03 29.12 13.66
N ALA A 178 -1.31 29.43 12.40
CA ALA A 178 -1.34 28.43 11.33
C ALA A 178 0.05 27.85 11.01
N LEU A 179 1.06 28.72 11.00
CA LEU A 179 2.44 28.28 10.72
C LEU A 179 2.96 27.36 11.82
N GLN A 180 2.75 27.75 13.06
CA GLN A 180 3.22 26.96 14.19
C GLN A 180 2.39 25.68 14.29
N ALA A 181 1.24 25.64 13.61
CA ALA A 181 0.40 24.45 13.60
C ALA A 181 1.06 23.40 12.69
N VAL A 182 1.58 23.85 11.54
CA VAL A 182 2.25 22.96 10.59
C VAL A 182 3.59 22.53 11.17
N GLU A 183 4.26 23.45 11.86
CA GLU A 183 5.55 23.17 12.48
C GLU A 183 5.40 22.20 13.64
N ASN A 184 4.24 22.22 14.30
CA ASN A 184 3.97 21.31 15.41
C ASN A 184 3.58 19.90 14.93
N GLY A 185 3.06 19.82 13.72
CA GLY A 185 2.66 18.52 13.20
C GLY A 185 1.18 18.25 13.34
N GLU A 186 0.43 19.30 13.61
CA GLU A 186 -1.03 19.21 13.78
C GLU A 186 -1.77 19.19 12.43
N VAL A 187 -1.14 19.72 11.40
CA VAL A 187 -1.73 19.77 10.07
C VAL A 187 -0.67 19.70 8.98
N ASP A 188 -0.95 18.99 7.90
CA ASP A 188 -0.02 18.83 6.79
C ASP A 188 0.54 20.10 6.15
N ALA A 189 -0.34 21.02 5.80
CA ALA A 189 0.07 22.26 5.15
C ALA A 189 -0.90 23.40 5.45
N ALA A 190 -0.58 24.59 4.95
CA ALA A 190 -1.43 25.76 5.15
C ALA A 190 -1.09 26.89 4.20
N LEU A 191 -2.10 27.70 3.86
CA LEU A 191 -1.95 28.85 2.97
C LEU A 191 -1.58 30.11 3.78
N ILE A 192 -0.39 30.69 3.52
CA ILE A 192 0.10 31.87 4.24
C ILE A 192 0.96 32.78 3.33
N ASN A 193 1.56 33.82 3.92
CA ASN A 193 2.42 34.75 3.19
C ASN A 193 3.88 34.35 3.43
N ASN A 194 4.74 34.57 2.43
CA ASN A 194 6.13 34.16 2.50
C ASN A 194 7.01 34.64 3.65
N TYR A 195 6.97 35.94 3.96
CA TYR A 195 7.83 36.46 5.02
C TYR A 195 7.65 35.87 6.43
N TYR A 196 6.48 35.31 6.74
CA TYR A 196 6.26 34.71 8.06
C TYR A 196 7.24 33.57 8.31
N TRP A 197 7.41 32.72 7.31
CA TRP A 197 8.32 31.58 7.41
C TRP A 197 9.77 32.06 7.40
N HIS A 198 10.10 32.95 6.47
CA HIS A 198 11.47 33.46 6.38
C HIS A 198 11.96 34.11 7.67
N ALA A 199 11.04 34.75 8.41
CA ALA A 199 11.41 35.39 9.67
C ALA A 199 11.60 34.35 10.79
N PHE A 200 10.67 33.41 10.87
CA PHE A 200 10.70 32.36 11.88
C PHE A 200 11.98 31.53 11.75
N ALA A 201 12.32 31.21 10.50
CA ALA A 201 13.49 30.42 10.20
C ALA A 201 14.78 31.18 10.56
N ARG A 202 14.85 32.48 10.25
CA ARG A 202 16.04 33.26 10.58
C ARG A 202 16.26 33.33 12.10
N GLU A 203 15.15 33.39 12.83
CA GLU A 203 15.17 33.47 14.28
C GLU A 203 15.58 32.15 14.94
N LYS A 204 15.01 31.04 14.47
CA LYS A 204 15.28 29.71 15.03
C LYS A 204 16.53 28.97 14.52
N GLY A 205 16.91 29.21 13.26
CA GLY A 205 18.03 28.51 12.66
C GLY A 205 17.36 27.44 11.80
N VAL A 206 17.47 27.55 10.47
CA VAL A 206 16.82 26.63 9.55
C VAL A 206 17.02 25.14 9.78
N GLN A 207 18.12 24.75 10.43
CA GLN A 207 18.38 23.34 10.69
C GLN A 207 17.45 22.80 11.79
N ASN A 208 16.78 23.71 12.49
CA ASN A 208 15.86 23.32 13.55
C ASN A 208 14.39 23.43 13.12
N VAL A 209 14.18 23.98 11.93
CA VAL A 209 12.84 24.16 11.39
C VAL A 209 12.49 22.99 10.45
N HIS A 210 11.28 22.44 10.61
CA HIS A 210 10.80 21.31 9.83
C HIS A 210 9.87 21.67 8.68
N THR A 211 9.47 22.94 8.60
CA THR A 211 8.58 23.38 7.54
C THR A 211 9.34 24.02 6.38
N ARG A 212 8.77 23.91 5.18
CA ARG A 212 9.37 24.49 3.98
C ARG A 212 8.28 25.14 3.10
N LEU A 213 8.71 26.01 2.18
CA LEU A 213 7.77 26.71 1.29
C LEU A 213 7.66 26.14 -0.13
N ASN A 214 6.45 26.29 -0.69
CA ASN A 214 6.13 25.84 -2.04
C ASN A 214 5.50 27.02 -2.77
N PHE A 215 5.97 27.22 -4.00
CA PHE A 215 5.47 28.28 -4.87
C PHE A 215 4.89 27.62 -6.11
N VAL A 216 3.60 27.85 -6.41
CA VAL A 216 2.99 27.25 -7.59
C VAL A 216 3.46 27.82 -8.93
N ARG A 217 3.75 29.13 -8.96
CA ARG A 217 4.19 29.80 -10.19
C ARG A 217 3.15 29.67 -11.32
N HIS A 218 3.62 29.60 -12.56
CA HIS A 218 2.79 29.45 -13.76
C HIS A 218 1.57 30.38 -13.90
N ARG A 219 1.65 31.56 -13.30
CA ARG A 219 0.57 32.57 -13.34
C ARG A 219 -0.70 32.09 -12.65
N ASP A 220 -0.59 31.06 -11.82
CA ASP A 220 -1.73 30.52 -11.09
C ASP A 220 -2.19 31.60 -10.09
N PRO A 221 -3.47 31.55 -9.66
CA PRO A 221 -3.90 32.58 -8.70
C PRO A 221 -3.08 32.48 -7.41
N GLY A 222 -2.64 31.27 -7.09
CA GLY A 222 -1.86 31.04 -5.88
C GLY A 222 -0.47 31.63 -5.88
N ALA A 223 -0.02 32.13 -7.04
CA ALA A 223 1.31 32.74 -7.18
C ALA A 223 1.25 34.25 -7.01
N LEU A 224 0.10 34.73 -6.54
CA LEU A 224 -0.18 36.16 -6.31
C LEU A 224 0.85 36.94 -5.50
N VAL A 225 1.32 38.05 -6.07
CA VAL A 225 2.28 38.96 -5.41
C VAL A 225 1.59 40.31 -5.19
N THR A 226 1.80 40.90 -4.00
CA THR A 226 1.21 42.20 -3.68
C THR A 226 2.35 43.22 -3.58
N TYR A 227 2.15 44.41 -4.13
CA TYR A 227 3.20 45.41 -4.12
C TYR A 227 3.13 46.58 -3.13
N SER A 228 4.31 47.13 -2.86
CA SER A 228 4.47 48.29 -1.98
C SER A 228 4.90 49.43 -2.91
N GLY A 229 4.78 50.68 -2.44
CA GLY A 229 5.16 51.82 -3.26
C GLY A 229 5.27 53.08 -2.42
N ALA A 230 5.68 54.19 -3.04
CA ALA A 230 5.81 55.47 -2.34
C ALA A 230 5.52 56.67 -3.26
N ALA A 231 5.21 57.81 -2.65
CA ALA A 231 4.91 59.03 -3.39
C ALA A 231 5.19 60.29 -2.58
N VAL A 232 5.23 61.41 -3.30
CA VAL A 232 5.46 62.72 -2.69
C VAL A 232 4.12 63.47 -2.82
N LEU A 233 3.76 64.24 -1.81
CA LEU A 233 2.51 65.01 -1.82
C LEU A 233 2.73 66.41 -2.41
N LYS A 234 1.83 66.86 -3.26
CA LYS A 234 1.93 68.18 -3.89
C LYS A 234 1.96 69.30 -2.85
N SER A 235 1.37 69.03 -1.69
CA SER A 235 1.29 69.99 -0.59
C SER A 235 2.56 70.13 0.24
N SER A 236 3.59 69.35 -0.09
CA SER A 236 4.85 69.37 0.64
C SER A 236 5.64 70.67 0.52
N GLN A 237 6.32 71.02 1.60
CA GLN A 237 7.15 72.23 1.65
C GLN A 237 8.63 71.83 1.67
N ASN A 238 8.88 70.53 1.49
CA ASN A 238 10.22 69.98 1.48
C ASN A 238 10.30 68.99 0.31
N LYS A 239 9.70 69.38 -0.81
CA LYS A 239 9.64 68.54 -2.01
C LYS A 239 10.96 67.97 -2.57
N ASP A 240 12.03 68.75 -2.64
CA ASP A 240 13.28 68.22 -3.20
C ASP A 240 13.93 67.10 -2.37
N GLU A 241 13.88 67.20 -1.04
CA GLU A 241 14.44 66.13 -0.21
C GLU A 241 13.39 65.06 0.03
N ALA A 242 12.19 65.30 -0.51
CA ALA A 242 11.08 64.35 -0.43
C ALA A 242 11.26 63.45 -1.64
N LYS A 243 11.71 64.05 -2.74
CA LYS A 243 11.98 63.33 -3.98
C LYS A 243 13.23 62.44 -3.80
N LYS A 244 14.19 62.94 -3.01
CA LYS A 244 15.41 62.19 -2.72
C LYS A 244 15.09 60.94 -1.91
N PHE A 245 14.18 61.06 -0.96
CA PHE A 245 13.81 59.91 -0.16
C PHE A 245 13.12 58.82 -1.02
N VAL A 246 12.29 59.24 -1.97
CA VAL A 246 11.60 58.27 -2.84
C VAL A 246 12.60 57.63 -3.81
N ALA A 247 13.57 58.42 -4.26
CA ALA A 247 14.59 57.91 -5.17
C ALA A 247 15.53 56.94 -4.42
N PHE A 248 15.76 57.21 -3.14
CA PHE A 248 16.61 56.35 -2.31
C PHE A 248 15.90 55.01 -2.11
N LEU A 249 14.58 55.08 -1.96
CA LEU A 249 13.74 53.91 -1.75
C LEU A 249 13.76 52.99 -2.96
N ALA A 250 13.70 53.59 -4.14
CA ALA A 250 13.68 52.87 -5.40
C ALA A 250 15.06 52.41 -5.85
N GLY A 251 16.10 53.10 -5.38
CA GLY A 251 17.46 52.78 -5.75
C GLY A 251 18.13 51.64 -4.97
N LYS A 252 19.32 51.28 -5.43
CA LYS A 252 20.13 50.20 -4.87
C LYS A 252 20.35 50.28 -3.35
N GLU A 253 20.84 51.42 -2.87
CA GLU A 253 21.07 51.59 -1.45
C GLU A 253 19.79 51.36 -0.66
N GLY A 254 18.73 52.04 -1.06
CA GLY A 254 17.46 51.89 -0.37
C GLY A 254 16.98 50.46 -0.34
N GLN A 255 16.99 49.82 -1.49
CA GLN A 255 16.54 48.44 -1.65
C GLN A 255 17.33 47.45 -0.78
N ARG A 256 18.64 47.67 -0.67
CA ARG A 256 19.49 46.80 0.13
C ARG A 256 19.20 46.94 1.61
N ALA A 257 18.89 48.15 2.07
CA ALA A 257 18.59 48.39 3.48
C ALA A 257 17.32 47.67 3.89
N LEU A 258 16.29 47.79 3.05
CA LEU A 258 15.00 47.14 3.31
C LEU A 258 15.10 45.61 3.32
N THR A 259 15.81 45.07 2.34
CA THR A 259 15.97 43.63 2.21
C THR A 259 17.04 43.03 3.13
N ALA A 260 17.54 43.83 4.06
CA ALA A 260 18.52 43.38 5.05
C ALA A 260 17.74 42.95 6.28
N VAL A 261 16.51 43.46 6.39
CA VAL A 261 15.66 43.16 7.52
C VAL A 261 14.26 42.66 7.17
N ARG A 262 13.79 42.96 5.97
CA ARG A 262 12.44 42.54 5.56
C ARG A 262 12.48 41.50 4.43
N ALA A 263 11.69 40.44 4.59
CA ALA A 263 11.66 39.38 3.59
C ALA A 263 10.65 39.62 2.45
N GLU A 264 10.77 40.77 1.79
CA GLU A 264 9.91 41.10 0.65
C GLU A 264 10.80 41.05 -0.58
N TYR A 265 10.20 40.83 -1.75
CA TYR A 265 10.99 40.76 -2.99
C TYR A 265 11.40 42.12 -3.52
N PRO A 266 12.72 42.32 -3.73
CA PRO A 266 13.26 43.58 -4.24
C PRO A 266 12.85 43.79 -5.70
N LEU A 267 12.30 44.96 -6.01
CA LEU A 267 11.91 45.26 -7.38
C LEU A 267 13.09 45.81 -8.20
N ASN A 268 14.11 46.32 -7.51
CA ASN A 268 15.30 46.82 -8.19
C ASN A 268 16.11 45.57 -8.55
N PRO A 269 16.45 45.40 -9.84
CA PRO A 269 17.21 44.23 -10.30
C PRO A 269 18.72 44.06 -9.94
N HIS A 270 19.34 45.04 -9.30
CA HIS A 270 20.75 44.91 -8.95
C HIS A 270 20.91 44.59 -7.46
N VAL A 271 19.83 44.13 -6.84
CA VAL A 271 19.83 43.83 -5.42
C VAL A 271 19.74 42.36 -5.05
N VAL A 272 20.57 41.96 -4.09
CA VAL A 272 20.58 40.60 -3.59
C VAL A 272 20.05 40.61 -2.15
N SER A 273 18.88 40.04 -1.95
CA SER A 273 18.30 39.99 -0.61
C SER A 273 19.26 39.23 0.32
N THR A 274 19.02 39.33 1.63
CA THR A 274 19.84 38.62 2.60
C THR A 274 19.05 37.37 3.01
N PHE A 275 17.87 37.22 2.39
CA PHE A 275 17.00 36.07 2.60
C PHE A 275 17.07 35.29 1.30
N ASN A 276 16.75 33.99 1.36
CA ASN A 276 16.79 33.15 0.16
C ASN A 276 15.55 33.37 -0.69
N LEU A 277 15.54 34.47 -1.44
CA LEU A 277 14.43 34.83 -2.31
C LEU A 277 14.90 34.90 -3.76
N GLU A 278 14.37 34.04 -4.63
CA GLU A 278 14.77 34.10 -6.02
C GLU A 278 14.28 35.44 -6.62
N PRO A 279 14.72 35.78 -7.85
CA PRO A 279 14.31 37.05 -8.52
C PRO A 279 12.79 37.06 -8.70
N ILE A 280 12.13 38.15 -8.33
CA ILE A 280 10.68 38.22 -8.44
C ILE A 280 10.07 37.68 -9.76
N ALA A 281 10.71 37.96 -10.88
CA ALA A 281 10.21 37.48 -12.17
C ALA A 281 10.05 35.94 -12.21
N LYS A 282 10.83 35.25 -11.38
CA LYS A 282 10.79 33.79 -11.34
C LYS A 282 9.59 33.15 -10.64
N LEU A 283 8.84 33.93 -9.87
CA LEU A 283 7.67 33.41 -9.18
C LEU A 283 6.54 33.24 -10.20
N GLU A 284 6.74 33.87 -11.36
CA GLU A 284 5.76 33.86 -12.45
C GLU A 284 4.40 34.25 -11.88
N ALA A 285 4.36 35.41 -11.21
CA ALA A 285 3.14 35.93 -10.61
C ALA A 285 2.14 36.40 -11.67
N PRO A 286 0.83 36.10 -11.48
CA PRO A 286 -0.17 36.51 -12.46
C PRO A 286 -0.35 38.03 -12.49
N GLN A 287 -0.68 38.58 -13.66
CA GLN A 287 -0.88 40.02 -13.75
C GLN A 287 -2.32 40.40 -13.36
N VAL A 288 -2.48 41.04 -12.21
CA VAL A 288 -3.80 41.44 -11.72
C VAL A 288 -3.91 42.94 -11.41
N SER A 289 -5.06 43.54 -11.70
CA SER A 289 -5.28 44.97 -11.45
C SER A 289 -5.50 45.25 -9.97
N ALA A 290 -5.22 46.48 -9.57
CA ALA A 290 -5.37 46.92 -8.19
C ALA A 290 -6.78 46.70 -7.64
N THR A 291 -6.83 46.46 -6.33
CA THR A 291 -8.07 46.20 -5.62
C THR A 291 -8.90 47.46 -5.30
N THR A 292 -10.13 47.49 -5.81
CA THR A 292 -11.04 48.61 -5.61
C THR A 292 -11.95 48.38 -4.41
N VAL A 293 -12.67 49.41 -4.01
CA VAL A 293 -13.58 49.32 -2.89
C VAL A 293 -14.72 48.33 -3.11
N SER A 294 -15.28 48.31 -4.32
CA SER A 294 -16.38 47.38 -4.62
C SER A 294 -15.89 45.95 -4.65
N GLU A 295 -14.64 45.76 -5.08
CA GLU A 295 -14.04 44.42 -5.14
C GLU A 295 -13.85 43.78 -3.77
N LYS A 296 -13.61 44.60 -2.75
CA LYS A 296 -13.45 44.09 -1.39
C LYS A 296 -14.83 43.69 -0.82
N GLU A 297 -15.85 44.49 -1.13
CA GLU A 297 -17.23 44.24 -0.68
C GLU A 297 -17.73 42.93 -1.26
N HIS A 298 -17.36 42.67 -2.50
CA HIS A 298 -17.74 41.46 -3.21
C HIS A 298 -17.14 40.22 -2.53
N ALA A 299 -15.84 40.25 -2.28
CA ALA A 299 -15.15 39.12 -1.64
C ALA A 299 -15.61 38.94 -0.20
N THR A 300 -16.01 40.05 0.41
CA THR A 300 -16.50 40.02 1.79
C THR A 300 -17.85 39.31 1.86
N ARG A 301 -18.67 39.52 0.84
CA ARG A 301 -19.98 38.91 0.80
C ARG A 301 -19.84 37.42 0.47
N LEU A 302 -18.75 37.08 -0.23
CA LEU A 302 -18.48 35.70 -0.61
C LEU A 302 -18.01 34.86 0.56
N LEU A 303 -17.32 35.48 1.53
CA LEU A 303 -16.86 34.76 2.72
C LEU A 303 -18.08 34.49 3.58
N GLU A 304 -18.99 35.45 3.58
CA GLU A 304 -20.23 35.30 4.33
C GLU A 304 -20.99 34.14 3.72
N GLN A 305 -21.10 34.15 2.39
CA GLN A 305 -21.76 33.09 1.64
C GLN A 305 -21.17 31.72 1.95
N ALA A 306 -19.84 31.65 1.99
CA ALA A 306 -19.14 30.40 2.27
C ALA A 306 -19.25 30.00 3.75
N GLY A 307 -19.61 30.96 4.60
CA GLY A 307 -19.75 30.68 6.02
C GLY A 307 -18.47 30.72 6.84
N MET A 308 -17.53 31.55 6.41
CA MET A 308 -16.25 31.67 7.12
C MET A 308 -16.17 33.00 7.84
N LYS A 309 -17.27 33.75 7.83
CA LYS A 309 -17.27 35.06 8.46
C LYS A 309 -18.63 35.71 8.33
N ASP B 1 -33.62 5.01 45.61
CA ASP B 1 -34.79 4.93 46.54
C ASP B 1 -36.10 4.99 45.75
N ILE B 2 -36.70 3.83 45.59
CA ILE B 2 -37.96 3.70 44.85
C ILE B 2 -38.91 2.82 45.66
N THR B 3 -40.16 2.73 45.21
CA THR B 3 -41.13 1.86 45.88
C THR B 3 -41.61 0.86 44.83
N VAL B 4 -41.61 -0.42 45.20
CA VAL B 4 -42.04 -1.48 44.29
C VAL B 4 -43.20 -2.27 44.89
N TYR B 5 -44.31 -2.36 44.15
CA TYR B 5 -45.47 -3.13 44.61
C TYR B 5 -45.12 -4.54 44.22
N ASN B 6 -44.61 -5.27 45.20
CA ASN B 6 -44.15 -6.64 45.04
C ASN B 6 -45.24 -7.70 45.02
N GLY B 7 -45.51 -8.26 43.85
CA GLY B 7 -46.49 -9.31 43.72
C GLY B 7 -45.77 -10.63 43.90
N GLN B 8 -44.54 -10.71 43.38
CA GLN B 8 -43.73 -11.91 43.48
C GLN B 8 -43.54 -12.29 44.96
N HIS B 9 -42.81 -13.37 45.21
CA HIS B 9 -42.56 -13.85 46.57
C HIS B 9 -41.58 -12.94 47.32
N LYS B 10 -41.84 -12.69 48.60
CA LYS B 10 -40.99 -11.82 49.40
C LYS B 10 -39.52 -12.21 49.32
N GLU B 11 -39.23 -13.49 49.55
CA GLU B 11 -37.87 -13.98 49.49
C GLU B 11 -37.25 -13.55 48.16
N ALA B 12 -37.93 -13.89 47.07
CA ALA B 12 -37.46 -13.52 45.74
C ALA B 12 -37.29 -12.02 45.71
N ALA B 13 -38.37 -11.31 46.03
CA ALA B 13 -38.36 -9.85 46.05
C ALA B 13 -37.18 -9.28 46.81
N GLN B 14 -37.03 -9.65 48.07
CA GLN B 14 -35.93 -9.15 48.91
C GLN B 14 -34.54 -9.44 48.31
N ALA B 15 -34.35 -10.65 47.82
CA ALA B 15 -33.08 -11.05 47.23
C ALA B 15 -32.68 -10.23 46.01
N VAL B 16 -33.62 -9.96 45.10
CA VAL B 16 -33.31 -9.16 43.90
C VAL B 16 -33.17 -7.67 44.21
N ALA B 17 -33.86 -7.21 45.24
CA ALA B 17 -33.78 -5.82 45.65
C ALA B 17 -32.43 -5.58 46.34
N ASP B 18 -32.05 -6.48 47.25
CA ASP B 18 -30.78 -6.37 47.97
C ASP B 18 -29.58 -6.40 47.02
N ALA B 19 -29.70 -7.18 45.96
CA ALA B 19 -28.66 -7.29 44.96
C ALA B 19 -28.56 -5.95 44.22
N PHE B 20 -29.73 -5.37 43.93
CA PHE B 20 -29.85 -4.10 43.24
C PHE B 20 -29.18 -2.96 44.02
N THR B 21 -29.44 -2.91 45.32
CA THR B 21 -28.90 -1.87 46.19
C THR B 21 -27.38 -1.90 46.31
N ARG B 22 -26.79 -3.09 46.30
CA ARG B 22 -25.34 -3.20 46.41
C ARG B 22 -24.66 -2.58 45.18
N ALA B 23 -25.16 -2.91 44.00
CA ALA B 23 -24.61 -2.42 42.74
C ALA B 23 -24.95 -0.99 42.32
N THR B 24 -26.03 -0.44 42.87
CA THR B 24 -26.44 0.92 42.48
C THR B 24 -26.50 1.95 43.61
N GLY B 25 -26.67 1.48 44.84
CA GLY B 25 -26.77 2.42 45.94
C GLY B 25 -28.22 2.91 46.01
N ILE B 26 -29.08 2.32 45.19
CA ILE B 26 -30.50 2.67 45.17
C ILE B 26 -31.25 1.73 46.11
N LYS B 27 -31.84 2.27 47.17
CA LYS B 27 -32.60 1.47 48.13
C LYS B 27 -34.00 1.26 47.56
N VAL B 28 -34.66 0.20 47.98
CA VAL B 28 -36.00 -0.10 47.49
C VAL B 28 -36.91 -0.55 48.62
N LYS B 29 -38.17 -0.15 48.54
CA LYS B 29 -39.15 -0.55 49.55
C LYS B 29 -40.12 -1.48 48.85
N LEU B 30 -40.35 -2.65 49.44
CA LEU B 30 -41.24 -3.67 48.87
C LEU B 30 -42.61 -3.78 49.54
N ASN B 31 -43.61 -3.14 48.95
CA ASN B 31 -44.98 -3.20 49.46
C ASN B 31 -45.56 -4.45 48.80
N SER B 32 -45.42 -5.58 49.49
CA SER B 32 -45.89 -6.85 48.97
C SER B 32 -47.37 -7.14 49.18
N ALA B 33 -47.96 -7.81 48.19
CA ALA B 33 -49.36 -8.20 48.18
C ALA B 33 -49.54 -8.99 46.88
N LYS B 34 -50.77 -9.33 46.54
CA LYS B 34 -51.01 -10.09 45.31
C LYS B 34 -51.24 -9.18 44.11
N GLY B 35 -50.76 -9.62 42.95
CA GLY B 35 -50.87 -8.87 41.71
C GLY B 35 -52.16 -8.13 41.43
N ASP B 36 -53.29 -8.79 41.65
CA ASP B 36 -54.59 -8.18 41.41
C ASP B 36 -54.97 -7.17 42.49
N GLN B 37 -54.59 -7.45 43.74
CA GLN B 37 -54.89 -6.54 44.83
C GLN B 37 -54.10 -5.26 44.63
N LEU B 38 -52.84 -5.41 44.24
CA LEU B 38 -51.94 -4.29 43.99
C LEU B 38 -52.37 -3.53 42.73
N ALA B 39 -52.86 -4.27 41.73
CA ALA B 39 -53.31 -3.67 40.47
C ALA B 39 -54.49 -2.74 40.78
N GLY B 40 -55.44 -3.23 41.56
CA GLY B 40 -56.59 -2.41 41.93
C GLY B 40 -56.13 -1.19 42.71
N GLN B 41 -55.28 -1.41 43.71
CA GLN B 41 -54.75 -0.34 44.53
C GLN B 41 -54.21 0.78 43.64
N ILE B 42 -53.27 0.44 42.77
CA ILE B 42 -52.68 1.41 41.86
C ILE B 42 -53.76 2.18 41.07
N LYS B 43 -54.78 1.48 40.62
CA LYS B 43 -55.86 2.11 39.85
C LYS B 43 -56.65 3.07 40.75
N GLU B 44 -56.95 2.61 41.96
CA GLU B 44 -57.68 3.42 42.95
C GLU B 44 -56.87 4.67 43.34
N GLU B 45 -55.54 4.53 43.42
CA GLU B 45 -54.67 5.64 43.80
C GLU B 45 -54.47 6.62 42.64
N GLY B 46 -54.43 6.08 41.42
CA GLY B 46 -54.26 6.89 40.23
C GLY B 46 -52.87 7.44 39.95
N SER B 47 -52.79 8.77 39.84
CA SER B 47 -51.53 9.46 39.57
C SER B 47 -50.97 10.02 40.88
N ARG B 48 -51.60 9.63 41.97
CA ARG B 48 -51.24 10.03 43.33
C ARG B 48 -50.87 8.75 44.08
N SER B 49 -50.22 7.85 43.34
CA SER B 49 -49.78 6.56 43.87
C SER B 49 -48.27 6.57 44.14
N PRO B 50 -47.87 6.07 45.31
CA PRO B 50 -46.46 6.02 45.69
C PRO B 50 -45.62 5.08 44.79
N ALA B 51 -46.30 4.18 44.08
CA ALA B 51 -45.64 3.19 43.22
C ALA B 51 -44.84 3.71 42.02
N ASP B 52 -43.65 3.14 41.83
CA ASP B 52 -42.77 3.49 40.73
C ASP B 52 -42.56 2.27 39.84
N VAL B 53 -42.58 1.10 40.46
CA VAL B 53 -42.41 -0.18 39.76
C VAL B 53 -43.46 -1.20 40.21
N PHE B 54 -43.97 -1.97 39.27
CA PHE B 54 -44.94 -3.01 39.58
C PHE B 54 -44.31 -4.35 39.21
N TYR B 55 -43.99 -5.13 40.23
CA TYR B 55 -43.35 -6.41 40.07
C TYR B 55 -44.42 -7.47 40.37
N SER B 56 -44.91 -8.14 39.33
CA SER B 56 -45.94 -9.15 39.54
C SER B 56 -45.54 -10.54 39.08
N GLU B 57 -46.21 -11.52 39.67
CA GLU B 57 -45.99 -12.93 39.37
C GLU B 57 -47.03 -13.38 38.34
N GLN B 58 -48.00 -12.51 38.07
CA GLN B 58 -49.09 -12.77 37.13
C GLN B 58 -49.09 -11.74 36.01
N ILE B 59 -49.40 -12.16 34.78
CA ILE B 59 -49.40 -11.23 33.67
C ILE B 59 -50.70 -10.43 33.51
N PRO B 60 -51.86 -11.05 33.81
CA PRO B 60 -53.13 -10.30 33.68
C PRO B 60 -53.25 -9.05 34.57
N ALA B 61 -52.44 -8.97 35.63
CA ALA B 61 -52.48 -7.81 36.51
C ALA B 61 -51.85 -6.63 35.78
N LEU B 62 -50.83 -6.94 34.98
CA LEU B 62 -50.11 -5.94 34.18
C LEU B 62 -50.98 -5.56 32.99
N ALA B 63 -51.79 -6.51 32.52
CA ALA B 63 -52.66 -6.30 31.38
C ALA B 63 -53.77 -5.28 31.64
N THR B 64 -54.41 -5.36 32.80
CA THR B 64 -55.48 -4.42 33.13
C THR B 64 -54.91 -3.01 33.30
N LEU B 65 -53.78 -2.93 34.00
CA LEU B 65 -53.13 -1.64 34.22
C LEU B 65 -52.71 -1.02 32.90
N SER B 66 -52.27 -1.86 31.96
CA SER B 66 -51.85 -1.41 30.62
C SER B 66 -53.07 -1.00 29.79
N ALA B 67 -54.16 -1.76 29.93
CA ALA B 67 -55.39 -1.51 29.23
C ALA B 67 -55.95 -0.17 29.65
N ALA B 68 -55.58 0.25 30.86
CA ALA B 68 -56.01 1.54 31.39
C ALA B 68 -54.93 2.59 31.16
N ASN B 69 -53.94 2.24 30.34
CA ASN B 69 -52.83 3.13 29.99
C ASN B 69 -52.09 3.72 31.19
N LEU B 70 -51.89 2.92 32.24
CA LEU B 70 -51.20 3.40 33.43
C LEU B 70 -49.71 3.06 33.46
N LEU B 71 -49.26 2.30 32.46
CA LEU B 71 -47.86 1.87 32.39
C LEU B 71 -47.01 2.63 31.37
N GLU B 72 -45.75 2.83 31.75
CA GLU B 72 -44.76 3.54 30.95
C GLU B 72 -44.06 2.66 29.91
N PRO B 73 -44.15 3.03 28.62
CA PRO B 73 -43.47 2.22 27.60
C PRO B 73 -41.99 2.19 27.94
N LEU B 74 -41.45 0.97 28.00
CA LEU B 74 -40.05 0.75 28.36
C LEU B 74 -39.09 0.86 27.19
N PRO B 75 -37.80 1.11 27.46
CA PRO B 75 -36.84 1.20 26.35
C PRO B 75 -36.75 -0.14 25.63
N ALA B 76 -36.61 -0.09 24.30
CA ALA B 76 -36.53 -1.30 23.50
C ALA B 76 -35.56 -2.35 24.01
N SER B 77 -34.36 -1.90 24.38
CA SER B 77 -33.32 -2.79 24.87
C SER B 77 -33.75 -3.66 26.06
N THR B 78 -34.57 -3.10 26.94
CA THR B 78 -35.05 -3.84 28.11
C THR B 78 -35.95 -5.03 27.73
N ILE B 79 -36.96 -4.77 26.91
CA ILE B 79 -37.88 -5.84 26.51
C ILE B 79 -37.15 -6.94 25.76
N ASN B 80 -36.14 -6.55 24.99
CA ASN B 80 -35.38 -7.50 24.17
C ASN B 80 -34.49 -8.48 24.96
N GLU B 81 -34.21 -8.17 26.23
CA GLU B 81 -33.38 -9.03 27.05
C GLU B 81 -34.00 -10.40 27.32
N THR B 82 -35.33 -10.44 27.40
CA THR B 82 -36.06 -11.68 27.65
C THR B 82 -36.92 -12.14 26.45
N ARG B 83 -36.82 -11.44 25.33
CA ARG B 83 -37.57 -11.77 24.11
C ARG B 83 -37.21 -13.14 23.53
N GLY B 84 -38.20 -13.82 22.97
CA GLY B 84 -37.97 -15.12 22.40
C GLY B 84 -39.22 -15.82 21.91
N LYS B 85 -39.07 -17.08 21.51
CA LYS B 85 -40.17 -17.89 21.01
C LYS B 85 -41.12 -18.37 22.13
N GLY B 86 -42.32 -17.80 22.16
CA GLY B 86 -43.30 -18.20 23.17
C GLY B 86 -43.43 -17.27 24.36
N VAL B 87 -42.49 -16.35 24.50
CA VAL B 87 -42.49 -15.38 25.60
C VAL B 87 -43.55 -14.28 25.36
N PRO B 88 -44.47 -14.08 26.34
CA PRO B 88 -45.53 -13.07 26.25
C PRO B 88 -44.99 -11.71 25.78
N VAL B 89 -45.72 -11.05 24.88
CA VAL B 89 -45.28 -9.76 24.37
C VAL B 89 -46.30 -8.65 24.60
N ALA B 90 -45.87 -7.56 25.22
CA ALA B 90 -46.76 -6.43 25.46
C ALA B 90 -47.01 -5.69 24.14
N ALA B 91 -48.28 -5.56 23.77
CA ALA B 91 -48.65 -4.88 22.53
C ALA B 91 -48.24 -3.41 22.54
N LYS B 92 -48.31 -2.79 23.72
CA LYS B 92 -47.95 -1.38 23.86
C LYS B 92 -46.56 -1.17 24.46
N LYS B 93 -45.71 -2.20 24.36
CA LYS B 93 -44.35 -2.16 24.88
C LYS B 93 -44.26 -1.49 26.24
N ASP B 94 -45.18 -1.81 27.14
CA ASP B 94 -45.23 -1.22 28.48
C ASP B 94 -45.06 -2.17 29.67
N TRP B 95 -44.57 -3.38 29.40
CA TRP B 95 -44.25 -4.38 30.42
C TRP B 95 -43.33 -5.42 29.79
N VAL B 96 -42.58 -6.14 30.61
CA VAL B 96 -41.64 -7.15 30.13
C VAL B 96 -41.73 -8.44 30.94
N ALA B 97 -41.81 -9.58 30.24
CA ALA B 97 -41.86 -10.91 30.88
C ALA B 97 -40.50 -11.21 31.50
N LEU B 98 -40.49 -11.78 32.71
CA LEU B 98 -39.24 -12.07 33.43
C LEU B 98 -38.89 -13.54 33.70
N SER B 99 -39.86 -14.33 34.11
CA SER B 99 -39.62 -15.75 34.41
C SER B 99 -40.87 -16.60 34.23
N GLY B 100 -40.74 -17.90 34.50
CA GLY B 100 -41.88 -18.80 34.36
C GLY B 100 -41.95 -19.93 35.37
N ARG B 101 -43.16 -20.40 35.61
CA ARG B 101 -43.44 -21.52 36.53
C ARG B 101 -44.12 -22.62 35.71
N SER B 102 -43.76 -23.88 35.98
CA SER B 102 -44.30 -25.02 35.22
C SER B 102 -45.10 -26.07 35.99
N ARG B 103 -46.11 -26.63 35.34
CA ARG B 103 -46.92 -27.72 35.91
C ARG B 103 -46.07 -28.96 35.68
N VAL B 104 -46.06 -29.87 36.65
CA VAL B 104 -45.27 -31.08 36.49
C VAL B 104 -45.91 -32.26 37.22
N VAL B 105 -45.43 -33.46 36.90
CA VAL B 105 -45.92 -34.64 37.57
C VAL B 105 -44.80 -35.14 38.46
N VAL B 106 -45.07 -35.18 39.75
CA VAL B 106 -44.11 -35.65 40.73
C VAL B 106 -44.40 -37.13 41.00
N TYR B 107 -43.35 -37.95 41.07
CA TYR B 107 -43.56 -39.37 41.30
C TYR B 107 -42.48 -40.05 42.16
N ASP B 108 -42.81 -41.22 42.70
CA ASP B 108 -41.91 -42.01 43.54
C ASP B 108 -41.13 -43.04 42.68
N THR B 109 -39.82 -42.89 42.61
CA THR B 109 -38.97 -43.79 41.81
C THR B 109 -38.87 -45.22 42.32
N ARG B 110 -39.46 -45.47 43.49
CA ARG B 110 -39.46 -46.82 44.09
C ARG B 110 -40.61 -47.64 43.52
N LYS B 111 -41.56 -46.96 42.85
CA LYS B 111 -42.71 -47.65 42.27
C LYS B 111 -42.89 -47.40 40.79
N LEU B 112 -42.41 -46.26 40.31
CA LEU B 112 -42.55 -45.94 38.90
C LEU B 112 -41.30 -45.39 38.22
N SER B 113 -41.14 -45.79 36.97
CA SER B 113 -40.04 -45.36 36.11
C SER B 113 -40.66 -44.27 35.21
N GLU B 114 -39.84 -43.50 34.52
CA GLU B 114 -40.39 -42.45 33.65
C GLU B 114 -41.21 -43.01 32.49
N LYS B 115 -40.81 -44.17 31.98
CA LYS B 115 -41.54 -44.80 30.87
C LYS B 115 -42.96 -45.21 31.25
N ASP B 116 -43.23 -45.34 32.55
CA ASP B 116 -44.56 -45.75 33.03
C ASP B 116 -45.53 -44.58 33.20
N LEU B 117 -45.09 -43.37 32.86
CA LEU B 117 -45.90 -42.16 32.98
C LEU B 117 -46.65 -41.84 31.69
N GLU B 118 -47.80 -41.17 31.83
CA GLU B 118 -48.64 -40.81 30.69
C GLU B 118 -48.00 -39.77 29.78
N LYS B 119 -48.36 -39.82 28.50
CA LYS B 119 -47.85 -38.89 27.48
C LYS B 119 -48.63 -37.59 27.46
N SER B 120 -49.72 -37.55 28.23
CA SER B 120 -50.58 -36.38 28.32
C SER B 120 -51.19 -36.34 29.72
N VAL B 121 -51.35 -35.13 30.27
CA VAL B 121 -51.92 -34.99 31.60
C VAL B 121 -53.36 -35.49 31.58
N LEU B 122 -54.02 -35.39 30.44
CA LEU B 122 -55.41 -35.84 30.33
C LEU B 122 -55.56 -37.35 30.57
N ASN B 123 -54.50 -38.12 30.34
CA ASN B 123 -54.55 -39.57 30.52
C ASN B 123 -54.65 -40.05 31.98
N TYR B 124 -54.42 -39.15 32.92
CA TYR B 124 -54.47 -39.48 34.34
C TYR B 124 -55.88 -39.67 34.91
N ALA B 125 -56.87 -39.05 34.27
CA ALA B 125 -58.27 -39.16 34.71
C ALA B 125 -58.93 -40.45 34.21
N THR B 126 -58.39 -41.58 34.63
CA THR B 126 -58.90 -42.90 34.22
C THR B 126 -58.77 -43.95 35.34
N PRO B 127 -59.48 -45.09 35.20
CA PRO B 127 -59.43 -46.16 36.21
C PRO B 127 -58.03 -46.75 36.35
N LYS B 128 -57.18 -46.51 35.36
CA LYS B 128 -55.80 -47.01 35.37
C LYS B 128 -55.03 -46.40 36.53
N TRP B 129 -55.42 -45.18 36.90
CA TRP B 129 -54.76 -44.48 37.99
C TRP B 129 -55.64 -44.33 39.22
N LYS B 130 -56.50 -45.31 39.46
CA LYS B 130 -57.37 -45.27 40.63
C LYS B 130 -56.51 -45.31 41.89
N ASN B 131 -56.59 -44.25 42.69
CA ASN B 131 -55.81 -44.14 43.93
C ASN B 131 -54.29 -44.08 43.75
N ARG B 132 -53.84 -43.76 42.54
CA ARG B 132 -52.41 -43.70 42.23
C ARG B 132 -51.99 -42.31 41.75
N ILE B 133 -52.92 -41.37 41.76
CA ILE B 133 -52.64 -40.00 41.32
C ILE B 133 -53.31 -38.96 42.23
N GLY B 134 -52.51 -38.05 42.79
CA GLY B 134 -53.05 -37.02 43.66
C GLY B 134 -53.23 -35.67 42.95
N TYR B 135 -54.09 -34.81 43.49
CA TYR B 135 -54.35 -33.48 42.94
C TYR B 135 -54.87 -32.54 44.03
N VAL B 136 -54.77 -31.22 43.80
CA VAL B 136 -55.22 -30.21 44.77
C VAL B 136 -56.30 -29.32 44.13
N PRO B 137 -57.59 -29.67 44.31
CA PRO B 137 -58.73 -28.93 43.76
C PRO B 137 -58.97 -27.49 44.22
N THR B 138 -58.38 -27.09 45.34
CA THR B 138 -58.59 -25.73 45.81
C THR B 138 -57.44 -24.83 45.39
N SER B 139 -56.43 -25.45 44.80
CA SER B 139 -55.23 -24.77 44.34
C SER B 139 -55.47 -23.81 43.15
N GLY B 140 -54.81 -22.66 43.19
CA GLY B 140 -54.96 -21.69 42.13
C GLY B 140 -54.37 -22.18 40.82
N ALA B 141 -53.21 -22.84 40.90
CA ALA B 141 -52.54 -23.37 39.72
C ALA B 141 -53.37 -24.48 39.07
N PHE B 142 -54.16 -25.18 39.87
CA PHE B 142 -55.01 -26.23 39.34
C PHE B 142 -56.08 -25.59 38.45
N LEU B 143 -56.56 -24.40 38.83
CA LEU B 143 -57.57 -23.67 38.07
C LEU B 143 -57.03 -23.17 36.73
N GLU B 144 -55.76 -22.75 36.70
CA GLU B 144 -55.14 -22.30 35.45
C GLU B 144 -54.99 -23.49 34.51
N GLN B 145 -54.75 -24.68 35.08
CA GLN B 145 -54.61 -25.89 34.28
C GLN B 145 -55.95 -26.14 33.58
N ILE B 146 -57.04 -25.93 34.32
CA ILE B 146 -58.39 -26.12 33.78
C ILE B 146 -58.61 -25.17 32.63
N VAL B 147 -58.28 -23.89 32.87
CA VAL B 147 -58.42 -22.82 31.88
C VAL B 147 -57.65 -23.15 30.59
N ALA B 148 -56.43 -23.68 30.73
CA ALA B 148 -55.62 -24.04 29.56
C ALA B 148 -56.24 -25.19 28.77
N ILE B 149 -56.74 -26.22 29.47
CA ILE B 149 -57.37 -27.37 28.82
C ILE B 149 -58.60 -26.94 28.01
N VAL B 150 -59.36 -25.96 28.52
CA VAL B 150 -60.54 -25.43 27.83
C VAL B 150 -60.11 -24.68 26.57
N LYS B 151 -59.03 -23.90 26.71
CA LYS B 151 -58.49 -23.12 25.61
C LYS B 151 -57.84 -23.94 24.51
N LEU B 152 -57.17 -25.02 24.89
CA LEU B 152 -56.45 -25.87 23.95
C LEU B 152 -57.19 -27.08 23.46
N LYS B 153 -58.18 -27.53 24.23
CA LYS B 153 -58.93 -28.72 23.87
C LYS B 153 -60.45 -28.59 23.80
N GLY B 154 -61.01 -27.56 24.41
CA GLY B 154 -62.46 -27.39 24.40
C GLY B 154 -63.04 -27.67 25.77
N GLU B 155 -64.28 -27.25 26.01
CA GLU B 155 -64.93 -27.46 27.31
C GLU B 155 -65.30 -28.92 27.62
N ALA B 156 -65.48 -29.72 26.57
CA ALA B 156 -65.84 -31.13 26.73
C ALA B 156 -64.65 -31.93 27.30
N ALA B 157 -63.45 -31.64 26.81
CA ALA B 157 -62.25 -32.32 27.28
C ALA B 157 -61.89 -31.90 28.72
N ALA B 158 -62.22 -30.67 29.10
CA ALA B 158 -61.96 -30.16 30.44
C ALA B 158 -62.88 -30.82 31.49
N LEU B 159 -64.16 -30.94 31.18
CA LEU B 159 -65.10 -31.57 32.11
C LEU B 159 -64.86 -33.07 32.22
N LYS B 160 -64.42 -33.69 31.13
CA LYS B 160 -64.15 -35.12 31.12
C LYS B 160 -63.00 -35.41 32.08
N TRP B 161 -61.99 -34.54 32.06
CA TRP B 161 -60.80 -34.66 32.90
C TRP B 161 -61.14 -34.52 34.39
N LEU B 162 -61.83 -33.43 34.74
CA LEU B 162 -62.23 -33.17 36.12
C LEU B 162 -63.12 -34.26 36.70
N LYS B 163 -64.01 -34.81 35.88
CA LYS B 163 -64.88 -35.88 36.35
C LYS B 163 -64.05 -37.15 36.56
N GLY B 164 -63.07 -37.34 35.68
CA GLY B 164 -62.19 -38.50 35.78
C GLY B 164 -61.25 -38.40 36.97
N LEU B 165 -60.87 -37.18 37.36
CA LEU B 165 -60.00 -36.98 38.52
C LEU B 165 -60.80 -37.08 39.81
N LYS B 166 -62.01 -36.53 39.77
CA LYS B 166 -62.88 -36.57 40.93
C LYS B 166 -63.19 -38.03 41.29
N GLU B 167 -63.08 -38.91 40.31
CA GLU B 167 -63.38 -40.32 40.54
C GLU B 167 -62.21 -41.19 40.98
N TYR B 168 -61.14 -41.21 40.19
CA TYR B 168 -59.99 -42.08 40.46
C TYR B 168 -58.81 -41.48 41.23
N GLY B 169 -58.63 -40.17 41.17
CA GLY B 169 -57.53 -39.55 41.88
C GLY B 169 -57.85 -39.31 43.34
N LYS B 170 -56.90 -38.72 44.07
CA LYS B 170 -57.10 -38.42 45.48
C LYS B 170 -56.89 -36.94 45.75
N PRO B 171 -57.86 -36.29 46.40
CA PRO B 171 -57.70 -34.86 46.70
C PRO B 171 -56.75 -34.59 47.88
N TYR B 172 -56.08 -33.45 47.83
CA TYR B 172 -55.15 -33.04 48.89
C TYR B 172 -55.36 -31.58 49.26
N ALA B 173 -55.26 -31.28 50.55
CA ALA B 173 -55.47 -29.93 51.06
C ALA B 173 -54.53 -28.89 50.46
N LYS B 174 -53.28 -29.28 50.23
CA LYS B 174 -52.28 -28.39 49.65
C LYS B 174 -51.21 -29.14 48.86
N ASN B 175 -50.47 -28.42 48.02
CA ASN B 175 -49.41 -29.03 47.20
C ASN B 175 -48.26 -29.63 48.02
N SER B 176 -47.94 -29.03 49.17
CA SER B 176 -46.85 -29.54 50.03
C SER B 176 -47.27 -30.85 50.70
N VAL B 177 -48.56 -30.99 50.96
CA VAL B 177 -49.11 -32.19 51.57
C VAL B 177 -49.13 -33.29 50.52
N ALA B 178 -49.41 -32.89 49.28
CA ALA B 178 -49.43 -33.82 48.15
C ALA B 178 -48.02 -34.29 47.82
N LEU B 179 -47.03 -33.41 47.98
CA LEU B 179 -45.64 -33.75 47.72
C LEU B 179 -45.15 -34.74 48.79
N GLN B 180 -45.41 -34.40 50.04
CA GLN B 180 -45.00 -35.27 51.15
C GLN B 180 -45.73 -36.60 51.07
N ALA B 181 -46.91 -36.60 50.45
CA ALA B 181 -47.69 -37.82 50.32
C ALA B 181 -46.95 -38.78 49.39
N VAL B 182 -46.36 -38.27 48.32
CA VAL B 182 -45.62 -39.12 47.39
C VAL B 182 -44.29 -39.60 48.01
N GLU B 183 -43.54 -38.68 48.63
CA GLU B 183 -42.27 -39.03 49.26
C GLU B 183 -42.45 -40.03 50.43
N ASN B 184 -43.67 -40.08 50.96
CA ASN B 184 -44.01 -40.98 52.06
C ASN B 184 -44.25 -42.40 51.56
N GLY B 185 -44.61 -42.53 50.28
CA GLY B 185 -44.86 -43.84 49.72
C GLY B 185 -46.35 -44.14 49.66
N GLU B 186 -47.17 -43.12 49.94
CA GLU B 186 -48.64 -43.23 49.92
C GLU B 186 -49.21 -43.36 48.51
N VAL B 187 -49.05 -42.32 47.69
CA VAL B 187 -49.53 -42.36 46.31
C VAL B 187 -48.37 -42.41 45.33
N ASP B 188 -48.61 -43.04 44.18
CA ASP B 188 -47.59 -43.17 43.15
C ASP B 188 -47.13 -41.83 42.59
N ALA B 189 -48.08 -40.94 42.31
CA ALA B 189 -47.76 -39.63 41.73
C ALA B 189 -48.77 -38.54 42.10
N ALA B 190 -48.48 -37.32 41.66
CA ALA B 190 -49.35 -36.17 41.92
C ALA B 190 -49.01 -34.98 41.04
N LEU B 191 -50.03 -34.23 40.65
CA LEU B 191 -49.88 -33.04 39.83
C LEU B 191 -49.58 -31.84 40.72
N ILE B 192 -48.45 -31.19 40.49
CA ILE B 192 -48.06 -30.04 41.29
C ILE B 192 -47.28 -29.05 40.45
N ASN B 193 -46.76 -28.02 41.11
CA ASN B 193 -45.92 -27.01 40.46
C ASN B 193 -44.51 -27.47 40.71
N ASN B 194 -43.59 -27.13 39.83
CA ASN B 194 -42.20 -27.59 39.93
C ASN B 194 -41.31 -27.12 41.08
N TYR B 195 -41.35 -25.83 41.41
CA TYR B 195 -40.50 -25.28 42.46
C TYR B 195 -40.69 -25.82 43.88
N TYR B 196 -41.77 -26.54 44.14
CA TYR B 196 -41.98 -27.10 45.47
C TYR B 196 -40.96 -28.21 45.69
N TRP B 197 -40.82 -29.09 44.70
CA TRP B 197 -39.88 -30.20 44.75
C TRP B 197 -38.43 -29.68 44.84
N HIS B 198 -38.05 -28.80 43.92
CA HIS B 198 -36.70 -28.23 43.90
C HIS B 198 -36.28 -27.62 45.24
N ALA B 199 -37.24 -27.00 45.91
CA ALA B 199 -36.98 -26.36 47.19
C ALA B 199 -36.87 -27.38 48.33
N PHE B 200 -37.65 -28.46 48.23
CA PHE B 200 -37.63 -29.50 49.25
C PHE B 200 -36.35 -30.31 49.12
N ALA B 201 -35.96 -30.59 47.88
CA ALA B 201 -34.75 -31.37 47.62
C ALA B 201 -33.44 -30.60 47.88
N ARG B 202 -33.50 -29.27 47.91
CA ARG B 202 -32.29 -28.49 48.15
C ARG B 202 -31.96 -28.37 49.64
N GLU B 203 -32.94 -28.64 50.48
CA GLU B 203 -32.74 -28.59 51.92
C GLU B 203 -32.37 -29.95 52.49
N LYS B 204 -33.03 -30.99 52.00
CA LYS B 204 -32.78 -32.34 52.48
C LYS B 204 -31.54 -32.93 51.81
N GLY B 205 -31.27 -32.48 50.59
CA GLY B 205 -30.15 -33.01 49.83
C GLY B 205 -30.76 -33.99 48.86
N VAL B 206 -30.62 -33.73 47.57
CA VAL B 206 -31.24 -34.60 46.57
C VAL B 206 -31.04 -36.10 46.77
N GLN B 207 -29.88 -36.49 47.29
CA GLN B 207 -29.60 -37.92 47.47
C GLN B 207 -30.50 -38.61 48.50
N ASN B 208 -31.13 -37.82 49.37
CA ASN B 208 -32.00 -38.36 50.41
C ASN B 208 -33.48 -38.44 49.98
N VAL B 209 -33.79 -37.94 48.78
CA VAL B 209 -35.17 -37.93 48.26
C VAL B 209 -35.41 -38.96 47.16
N HIS B 210 -36.53 -39.68 47.26
CA HIS B 210 -36.88 -40.72 46.29
C HIS B 210 -37.83 -40.29 45.18
N THR B 211 -38.29 -39.05 45.26
CA THR B 211 -39.22 -38.48 44.29
C THR B 211 -38.47 -37.79 43.15
N ARG B 212 -39.09 -37.74 41.97
CA ARG B 212 -38.49 -37.11 40.81
C ARG B 212 -39.57 -36.42 39.96
N LEU B 213 -39.15 -35.50 39.07
CA LEU B 213 -40.11 -34.79 38.24
C LEU B 213 -40.18 -35.25 36.79
N ASN B 214 -41.40 -35.31 36.27
CA ASN B 214 -41.64 -35.69 34.89
C ASN B 214 -42.26 -34.51 34.15
N PHE B 215 -41.78 -34.27 32.94
CA PHE B 215 -42.29 -33.18 32.09
C PHE B 215 -42.88 -33.77 30.82
N VAL B 216 -44.20 -33.61 30.67
CA VAL B 216 -44.92 -34.13 29.51
C VAL B 216 -44.37 -33.59 28.18
N ARG B 217 -44.07 -32.29 28.15
CA ARG B 217 -43.56 -31.62 26.95
C ARG B 217 -44.52 -31.64 25.76
N HIS B 218 -43.96 -31.59 24.56
CA HIS B 218 -44.68 -31.58 23.28
C HIS B 218 -45.98 -30.77 23.18
N ARG B 219 -45.98 -29.59 23.79
CA ARG B 219 -47.14 -28.70 23.74
C ARG B 219 -48.42 -29.23 24.41
N ASP B 220 -48.28 -30.17 25.34
CA ASP B 220 -49.44 -30.73 26.04
C ASP B 220 -50.02 -29.68 27.01
N PRO B 221 -51.32 -29.78 27.35
CA PRO B 221 -51.88 -28.79 28.30
C PRO B 221 -51.15 -28.95 29.65
N GLY B 222 -50.53 -30.11 29.85
CA GLY B 222 -49.82 -30.37 31.09
C GLY B 222 -48.42 -29.81 31.11
N ALA B 223 -48.01 -29.20 29.99
CA ALA B 223 -46.68 -28.61 29.88
C ALA B 223 -46.79 -27.11 30.17
N LEU B 224 -47.98 -26.69 30.55
CA LEU B 224 -48.29 -25.29 30.85
C LEU B 224 -47.29 -24.53 31.72
N VAL B 225 -46.86 -23.37 31.22
CA VAL B 225 -45.94 -22.47 31.92
C VAL B 225 -46.68 -21.15 32.17
N THR B 226 -46.57 -20.64 33.39
CA THR B 226 -47.20 -19.38 33.78
C THR B 226 -46.05 -18.37 34.01
N TYR B 227 -46.17 -17.17 33.44
CA TYR B 227 -45.11 -16.17 33.53
C TYR B 227 -45.18 -15.03 34.57
N SER B 228 -44.00 -14.48 34.86
CA SER B 228 -43.80 -13.38 35.80
C SER B 228 -43.53 -12.13 34.96
N GLY B 229 -43.81 -10.95 35.51
CA GLY B 229 -43.59 -9.73 34.75
C GLY B 229 -43.40 -8.49 35.61
N ALA B 230 -42.93 -7.40 35.00
CA ALA B 230 -42.71 -6.14 35.73
C ALA B 230 -42.93 -4.90 34.83
N ALA B 231 -43.22 -3.77 35.48
CA ALA B 231 -43.45 -2.51 34.76
C ALA B 231 -43.15 -1.26 35.61
N VAL B 232 -43.16 -0.11 34.95
CA VAL B 232 -42.95 1.19 35.60
C VAL B 232 -44.23 2.02 35.41
N LEU B 233 -44.72 2.60 36.49
CA LEU B 233 -45.92 3.42 36.43
C LEU B 233 -45.65 4.76 35.74
N LYS B 234 -46.67 5.30 35.08
CA LYS B 234 -46.56 6.60 34.42
C LYS B 234 -46.63 7.69 35.49
N SER B 235 -47.14 7.31 36.66
CA SER B 235 -47.27 8.21 37.79
C SER B 235 -46.01 8.22 38.65
N SER B 236 -44.92 7.66 38.13
CA SER B 236 -43.68 7.60 38.88
C SER B 236 -42.96 8.94 38.89
N GLN B 237 -42.34 9.25 40.03
CA GLN B 237 -41.60 10.50 40.19
C GLN B 237 -40.10 10.26 39.99
N ASN B 238 -39.67 9.02 40.19
CA ASN B 238 -38.28 8.61 40.00
C ASN B 238 -38.26 7.61 38.84
N LYS B 239 -38.65 8.09 37.66
CA LYS B 239 -38.74 7.23 36.47
C LYS B 239 -37.44 6.72 35.89
N ASP B 240 -36.34 7.42 36.18
CA ASP B 240 -35.05 6.99 35.67
C ASP B 240 -34.57 5.79 36.50
N GLU B 241 -34.70 5.88 37.82
CA GLU B 241 -34.30 4.79 38.71
C GLU B 241 -35.22 3.60 38.55
N ALA B 242 -36.49 3.87 38.26
CA ALA B 242 -37.50 2.82 38.09
C ALA B 242 -37.20 1.96 36.88
N LYS B 243 -36.78 2.60 35.79
CA LYS B 243 -36.45 1.88 34.55
C LYS B 243 -35.18 1.05 34.73
N LYS B 244 -34.30 1.50 35.62
CA LYS B 244 -33.04 0.82 35.90
C LYS B 244 -33.29 -0.45 36.71
N PHE B 245 -34.37 -0.45 37.47
CA PHE B 245 -34.71 -1.60 38.27
C PHE B 245 -35.21 -2.70 37.36
N VAL B 246 -36.14 -2.37 36.48
CA VAL B 246 -36.70 -3.34 35.54
C VAL B 246 -35.61 -3.82 34.58
N ALA B 247 -34.74 -2.91 34.17
CA ALA B 247 -33.63 -3.27 33.28
C ALA B 247 -32.74 -4.25 34.05
N PHE B 248 -32.74 -4.14 35.38
CA PHE B 248 -31.96 -5.02 36.23
C PHE B 248 -32.64 -6.39 36.31
N LEU B 249 -33.94 -6.38 36.56
CA LEU B 249 -34.73 -7.62 36.67
C LEU B 249 -34.65 -8.52 35.43
N ALA B 250 -34.61 -7.92 34.25
CA ALA B 250 -34.56 -8.69 33.00
C ALA B 250 -33.13 -9.06 32.57
N GLY B 251 -32.15 -8.29 33.06
CA GLY B 251 -30.76 -8.52 32.73
C GLY B 251 -30.10 -9.67 33.47
N LYS B 252 -28.93 -10.10 32.98
CA LYS B 252 -28.18 -11.22 33.55
C LYS B 252 -28.01 -11.26 35.08
N GLU B 253 -27.56 -10.17 35.68
CA GLU B 253 -27.35 -10.13 37.12
C GLU B 253 -28.66 -10.14 37.91
N GLY B 254 -29.71 -9.58 37.33
CA GLY B 254 -30.99 -9.59 38.01
C GLY B 254 -31.58 -10.99 37.92
N GLN B 255 -31.33 -11.65 36.79
CA GLN B 255 -31.81 -13.01 36.56
C GLN B 255 -31.05 -13.97 37.46
N ARG B 256 -29.76 -13.72 37.67
CA ARG B 256 -28.96 -14.59 38.54
C ARG B 256 -29.43 -14.49 39.99
N ALA B 257 -29.77 -13.27 40.44
CA ALA B 257 -30.24 -13.02 41.80
C ALA B 257 -31.51 -13.82 42.13
N LEU B 258 -32.47 -13.77 41.21
CA LEU B 258 -33.74 -14.49 41.39
C LEU B 258 -33.53 -16.00 41.29
N THR B 259 -32.76 -16.39 40.29
CA THR B 259 -32.47 -17.79 39.98
C THR B 259 -31.46 -18.42 40.96
N ALA B 260 -31.05 -17.66 41.97
CA ALA B 260 -30.10 -18.19 42.95
C ALA B 260 -30.86 -18.73 44.17
N VAL B 261 -32.08 -18.22 44.38
CA VAL B 261 -32.90 -18.63 45.52
C VAL B 261 -34.30 -19.14 45.13
N ARG B 262 -34.74 -18.77 43.93
CA ARG B 262 -36.07 -19.15 43.42
C ARG B 262 -35.91 -20.16 42.29
N ALA B 263 -36.78 -21.18 42.24
CA ALA B 263 -36.72 -22.21 41.19
C ALA B 263 -37.62 -21.95 39.99
N GLU B 264 -37.58 -20.71 39.48
CA GLU B 264 -38.35 -20.30 38.31
C GLU B 264 -37.44 -20.37 37.09
N TYR B 265 -38.03 -20.63 35.93
CA TYR B 265 -37.25 -20.68 34.71
C TYR B 265 -36.93 -19.27 34.25
N PRO B 266 -35.62 -18.95 34.10
CA PRO B 266 -35.19 -17.63 33.64
C PRO B 266 -35.56 -17.43 32.16
N LEU B 267 -36.07 -16.26 31.81
CA LEU B 267 -36.43 -15.99 30.41
C LEU B 267 -35.25 -15.35 29.67
N ASN B 268 -34.24 -14.92 30.42
CA ASN B 268 -33.03 -14.33 29.85
C ASN B 268 -32.25 -15.55 29.33
N PRO B 269 -31.78 -15.51 28.06
CA PRO B 269 -31.03 -16.64 27.49
C PRO B 269 -29.62 -16.94 28.02
N HIS B 270 -28.95 -15.95 28.59
CA HIS B 270 -27.57 -16.13 29.08
C HIS B 270 -27.42 -16.52 30.57
N VAL B 271 -28.51 -16.96 31.19
CA VAL B 271 -28.50 -17.34 32.61
C VAL B 271 -28.68 -18.84 32.82
N VAL B 272 -27.96 -19.40 33.80
CA VAL B 272 -28.10 -20.82 34.12
C VAL B 272 -28.56 -20.96 35.58
N SER B 273 -29.76 -21.49 35.76
CA SER B 273 -30.30 -21.67 37.10
C SER B 273 -29.33 -22.48 37.94
N THR B 274 -29.37 -22.28 39.24
CA THR B 274 -28.51 -23.01 40.16
C THR B 274 -29.24 -24.31 40.51
N PHE B 275 -30.49 -24.41 40.08
CA PHE B 275 -31.30 -25.60 40.29
C PHE B 275 -31.22 -26.40 39.00
N ASN B 276 -31.59 -27.69 39.03
CA ASN B 276 -31.51 -28.49 37.82
C ASN B 276 -32.70 -28.24 36.89
N LEU B 277 -32.74 -27.03 36.33
CA LEU B 277 -33.79 -26.61 35.41
C LEU B 277 -33.24 -26.50 34.01
N GLU B 278 -33.80 -27.26 33.09
CA GLU B 278 -33.35 -27.19 31.73
C GLU B 278 -33.78 -25.83 31.15
N PRO B 279 -33.23 -25.45 29.99
CA PRO B 279 -33.60 -24.17 29.37
C PRO B 279 -35.10 -24.21 29.08
N ILE B 280 -35.80 -23.13 29.40
CA ILE B 280 -37.26 -23.07 29.24
C ILE B 280 -37.80 -23.52 27.87
N ALA B 281 -37.07 -23.24 26.81
CA ALA B 281 -37.52 -23.63 25.47
C ALA B 281 -37.65 -25.14 25.31
N LYS B 282 -36.92 -25.88 26.15
CA LYS B 282 -36.95 -27.34 26.11
C LYS B 282 -38.23 -27.97 26.67
N LEU B 283 -38.95 -27.23 27.51
CA LEU B 283 -40.19 -27.72 28.11
C LEU B 283 -41.28 -27.91 27.06
N GLU B 284 -41.15 -27.21 25.93
CA GLU B 284 -42.13 -27.31 24.86
C GLU B 284 -43.53 -27.03 25.40
N ALA B 285 -43.65 -25.91 26.11
CA ALA B 285 -44.92 -25.50 26.71
C ALA B 285 -45.87 -25.01 25.64
N PRO B 286 -47.18 -25.23 25.81
CA PRO B 286 -48.15 -24.78 24.81
C PRO B 286 -48.37 -23.28 24.91
N GLN B 287 -48.77 -22.64 23.81
CA GLN B 287 -49.01 -21.21 23.83
C GLN B 287 -50.45 -20.98 24.30
N VAL B 288 -50.59 -20.15 25.33
CA VAL B 288 -51.90 -19.86 25.90
C VAL B 288 -52.06 -18.35 26.09
N SER B 289 -53.24 -17.82 25.74
CA SER B 289 -53.49 -16.39 25.93
C SER B 289 -53.57 -16.08 27.42
N ALA B 290 -53.65 -14.79 27.76
CA ALA B 290 -53.71 -14.37 29.16
C ALA B 290 -55.06 -14.72 29.76
N THR B 291 -55.05 -15.14 31.01
CA THR B 291 -56.28 -15.53 31.73
C THR B 291 -57.10 -14.32 32.17
N THR B 292 -58.40 -14.38 31.86
CA THR B 292 -59.33 -13.30 32.19
C THR B 292 -60.21 -13.65 33.38
N VAL B 293 -61.01 -12.69 33.81
CA VAL B 293 -61.90 -12.88 34.96
C VAL B 293 -63.02 -13.92 34.70
N SER B 294 -63.67 -13.85 33.53
CA SER B 294 -64.75 -14.79 33.23
C SER B 294 -64.24 -16.21 32.95
N GLU B 295 -63.03 -16.30 32.39
CA GLU B 295 -62.42 -17.60 32.10
C GLU B 295 -62.24 -18.37 33.43
N LYS B 296 -61.98 -17.64 34.51
CA LYS B 296 -61.81 -18.23 35.84
C LYS B 296 -63.18 -18.57 36.44
N GLU B 297 -64.17 -17.72 36.13
CA GLU B 297 -65.54 -17.91 36.58
C GLU B 297 -66.04 -19.22 35.95
N HIS B 298 -65.70 -19.40 34.67
CA HIS B 298 -66.06 -20.59 33.89
C HIS B 298 -65.37 -21.83 34.46
N ALA B 299 -64.09 -21.72 34.78
CA ALA B 299 -63.33 -22.84 35.32
C ALA B 299 -63.92 -23.26 36.65
N THR B 300 -64.44 -22.29 37.39
CA THR B 300 -65.05 -22.53 38.69
C THR B 300 -66.36 -23.31 38.53
N ARG B 301 -67.12 -22.98 37.48
CA ARG B 301 -68.37 -23.68 37.22
C ARG B 301 -68.07 -25.13 36.92
N LEU B 302 -67.00 -25.38 36.17
CA LEU B 302 -66.60 -26.73 35.81
C LEU B 302 -66.19 -27.56 37.03
N LEU B 303 -65.54 -26.93 38.00
CA LEU B 303 -65.12 -27.59 39.24
C LEU B 303 -66.34 -28.06 40.04
N GLU B 304 -67.44 -27.34 39.89
CA GLU B 304 -68.69 -27.66 40.59
C GLU B 304 -69.43 -28.77 39.85
N GLN B 305 -69.47 -28.70 38.53
CA GLN B 305 -70.13 -29.72 37.74
C GLN B 305 -69.37 -31.03 37.90
N ALA B 306 -68.08 -30.92 38.19
CA ALA B 306 -67.22 -32.09 38.39
C ALA B 306 -67.34 -32.61 39.82
N GLY B 307 -67.85 -31.76 40.71
CA GLY B 307 -68.04 -32.14 42.10
C GLY B 307 -66.85 -31.91 43.03
N MET B 308 -65.90 -31.09 42.61
CA MET B 308 -64.72 -30.82 43.42
C MET B 308 -64.86 -29.61 44.36
N LYS B 309 -66.07 -29.08 44.44
CA LYS B 309 -66.38 -27.97 45.33
C LYS B 309 -67.89 -27.79 45.40
N ASP C 1 -6.15 -3.35 -38.57
CA ASP C 1 -6.94 -4.25 -37.67
C ASP C 1 -8.38 -4.39 -38.17
N ILE C 2 -8.90 -5.61 -38.15
CA ILE C 2 -10.26 -5.86 -38.62
C ILE C 2 -11.06 -6.79 -37.71
N THR C 3 -12.38 -6.66 -37.76
CA THR C 3 -13.31 -7.50 -37.00
C THR C 3 -13.86 -8.55 -37.95
N VAL C 4 -13.97 -9.78 -37.47
CA VAL C 4 -14.48 -10.85 -38.31
C VAL C 4 -15.65 -11.56 -37.66
N TYR C 5 -16.79 -11.52 -38.35
CA TYR C 5 -17.99 -12.20 -37.87
C TYR C 5 -17.74 -13.65 -38.27
N ASN C 6 -17.34 -14.42 -37.27
CA ASN C 6 -16.97 -15.84 -37.38
C ASN C 6 -18.12 -16.84 -37.34
N GLY C 7 -18.17 -17.70 -38.37
CA GLY C 7 -19.18 -18.73 -38.45
C GLY C 7 -18.51 -20.09 -38.42
N GLN C 8 -17.22 -20.11 -38.72
CA GLN C 8 -16.44 -21.34 -38.72
C GLN C 8 -16.01 -21.72 -37.30
N HIS C 9 -15.73 -23.01 -37.09
CA HIS C 9 -15.32 -23.54 -35.79
C HIS C 9 -14.42 -22.55 -35.03
N LYS C 10 -14.80 -22.27 -33.78
CA LYS C 10 -14.08 -21.33 -32.91
C LYS C 10 -12.56 -21.42 -32.86
N GLU C 11 -12.01 -22.63 -32.69
CA GLU C 11 -10.57 -22.80 -32.60
C GLU C 11 -9.88 -22.84 -33.96
N ALA C 12 -10.60 -23.28 -34.99
CA ALA C 12 -10.03 -23.32 -36.34
C ALA C 12 -9.91 -21.87 -36.83
N ALA C 13 -10.72 -21.00 -36.24
CA ALA C 13 -10.74 -19.57 -36.59
C ALA C 13 -9.61 -18.78 -35.93
N GLN C 14 -9.28 -19.13 -34.69
CA GLN C 14 -8.21 -18.44 -33.97
C GLN C 14 -6.87 -18.76 -34.62
N ALA C 15 -6.67 -20.04 -34.94
CA ALA C 15 -5.43 -20.49 -35.57
C ALA C 15 -5.20 -19.78 -36.91
N VAL C 16 -6.27 -19.69 -37.70
CA VAL C 16 -6.26 -19.05 -39.01
C VAL C 16 -5.88 -17.56 -38.92
N ALA C 17 -6.49 -16.86 -37.98
CA ALA C 17 -6.24 -15.43 -37.79
C ALA C 17 -4.83 -15.13 -37.29
N ASP C 18 -4.40 -15.86 -36.26
CA ASP C 18 -3.07 -15.68 -35.69
C ASP C 18 -1.98 -15.85 -36.75
N ALA C 19 -2.18 -16.79 -37.67
CA ALA C 19 -1.21 -17.02 -38.74
C ALA C 19 -1.18 -15.78 -39.63
N PHE C 20 -2.34 -15.15 -39.80
CA PHE C 20 -2.45 -13.94 -40.60
C PHE C 20 -1.69 -12.79 -39.94
N THR C 21 -1.78 -12.69 -38.61
CA THR C 21 -1.10 -11.64 -37.85
C THR C 21 0.42 -11.74 -37.84
N ARG C 22 0.94 -12.97 -37.75
CA ARG C 22 2.37 -13.20 -37.74
C ARG C 22 3.06 -12.70 -39.01
N ALA C 23 2.45 -12.99 -40.17
CA ALA C 23 3.02 -12.60 -41.47
C ALA C 23 2.63 -11.20 -41.99
N THR C 24 1.74 -10.51 -41.27
CA THR C 24 1.31 -9.18 -41.70
C THR C 24 1.42 -8.15 -40.58
N GLY C 25 1.14 -8.58 -39.36
CA GLY C 25 1.19 -7.67 -38.22
C GLY C 25 -0.18 -7.10 -37.95
N ILE C 26 -1.13 -7.42 -38.82
CA ILE C 26 -2.50 -6.95 -38.69
C ILE C 26 -3.21 -7.73 -37.59
N LYS C 27 -3.92 -7.03 -36.72
CA LYS C 27 -4.65 -7.64 -35.62
C LYS C 27 -6.05 -8.09 -36.05
N VAL C 28 -6.66 -9.00 -35.29
CA VAL C 28 -7.99 -9.50 -35.63
C VAL C 28 -8.89 -9.73 -34.41
N LYS C 29 -10.14 -9.31 -34.52
CA LYS C 29 -11.12 -9.48 -33.46
C LYS C 29 -12.26 -10.34 -34.01
N LEU C 30 -12.47 -11.51 -33.40
CA LEU C 30 -13.51 -12.42 -33.83
C LEU C 30 -14.81 -12.18 -33.09
N ASN C 31 -15.90 -12.49 -33.77
CA ASN C 31 -17.25 -12.38 -33.22
C ASN C 31 -17.91 -13.71 -33.56
N SER C 32 -17.43 -14.77 -32.91
CA SER C 32 -17.92 -16.13 -33.13
C SER C 32 -19.39 -16.33 -32.86
N ALA C 33 -20.07 -16.94 -33.84
CA ALA C 33 -21.50 -17.21 -33.76
C ALA C 33 -21.89 -18.09 -34.94
N LYS C 34 -23.19 -18.35 -35.09
CA LYS C 34 -23.72 -19.17 -36.17
C LYS C 34 -23.74 -18.37 -37.47
N GLY C 35 -23.47 -19.03 -38.58
CA GLY C 35 -23.46 -18.34 -39.87
C GLY C 35 -24.78 -17.68 -40.24
N ASP C 36 -25.88 -18.42 -40.08
CA ASP C 36 -27.20 -17.91 -40.41
C ASP C 36 -27.61 -16.72 -39.56
N GLN C 37 -27.12 -16.68 -38.32
CA GLN C 37 -27.43 -15.61 -37.39
C GLN C 37 -26.66 -14.33 -37.69
N LEU C 38 -25.38 -14.46 -38.01
CA LEU C 38 -24.55 -13.29 -38.31
C LEU C 38 -25.02 -12.65 -39.61
N ALA C 39 -25.55 -13.47 -40.52
CA ALA C 39 -26.07 -12.97 -41.78
C ALA C 39 -27.29 -12.09 -41.49
N GLY C 40 -28.13 -12.56 -40.58
CA GLY C 40 -29.33 -11.81 -40.21
C GLY C 40 -29.01 -10.65 -39.28
N GLN C 41 -27.84 -10.71 -38.66
CA GLN C 41 -27.38 -9.68 -37.75
C GLN C 41 -26.70 -8.57 -38.55
N ILE C 42 -26.08 -8.95 -39.66
CA ILE C 42 -25.40 -8.03 -40.56
C ILE C 42 -26.47 -7.26 -41.34
N LYS C 43 -27.60 -7.92 -41.58
CA LYS C 43 -28.72 -7.31 -42.31
C LYS C 43 -29.44 -6.28 -41.47
N GLU C 44 -29.49 -6.52 -40.16
CA GLU C 44 -30.15 -5.59 -39.25
C GLU C 44 -29.31 -4.33 -39.11
N GLU C 45 -27.99 -4.52 -39.13
CA GLU C 45 -27.04 -3.42 -39.00
C GLU C 45 -26.92 -2.61 -40.28
N GLY C 46 -27.02 -3.28 -41.42
CA GLY C 46 -26.92 -2.58 -42.69
C GLY C 46 -25.57 -1.92 -42.84
N SER C 47 -25.56 -0.61 -43.06
CA SER C 47 -24.31 0.13 -43.23
C SER C 47 -23.66 0.55 -41.91
N ARG C 48 -24.21 0.08 -40.79
CA ARG C 48 -23.67 0.40 -39.48
C ARG C 48 -23.02 -0.81 -38.82
N SER C 49 -22.74 -1.86 -39.59
CA SER C 49 -22.11 -3.05 -39.01
C SER C 49 -20.61 -2.86 -38.89
N PRO C 50 -20.04 -3.24 -37.74
CA PRO C 50 -18.59 -3.12 -37.51
C PRO C 50 -17.78 -4.16 -38.29
N ALA C 51 -18.46 -5.22 -38.71
CA ALA C 51 -17.81 -6.29 -39.45
C ALA C 51 -17.05 -5.80 -40.69
N ASP C 52 -15.88 -6.38 -40.91
CA ASP C 52 -15.07 -6.05 -42.08
C ASP C 52 -15.04 -7.29 -42.96
N VAL C 53 -15.17 -8.44 -42.32
CA VAL C 53 -15.18 -9.72 -43.03
C VAL C 53 -16.24 -10.65 -42.43
N PHE C 54 -16.73 -11.57 -43.25
CA PHE C 54 -17.70 -12.57 -42.81
C PHE C 54 -17.14 -13.92 -43.23
N TYR C 55 -16.74 -14.70 -42.23
CA TYR C 55 -16.16 -16.02 -42.42
C TYR C 55 -17.24 -17.04 -42.06
N SER C 56 -17.71 -17.81 -43.02
CA SER C 56 -18.77 -18.78 -42.71
C SER C 56 -18.53 -20.22 -43.12
N GLU C 57 -19.24 -21.10 -42.43
CA GLU C 57 -19.20 -22.53 -42.63
C GLU C 57 -20.33 -23.01 -43.54
N GLN C 58 -21.09 -22.05 -44.08
CA GLN C 58 -22.21 -22.33 -44.96
C GLN C 58 -22.28 -21.32 -46.10
N ILE C 59 -22.42 -21.83 -47.32
CA ILE C 59 -22.49 -20.96 -48.49
C ILE C 59 -23.80 -20.17 -48.60
N PRO C 60 -24.93 -20.76 -48.15
CA PRO C 60 -26.20 -20.01 -48.23
C PRO C 60 -26.27 -18.68 -47.47
N ALA C 61 -25.55 -18.55 -46.37
CA ALA C 61 -25.57 -17.30 -45.61
C ALA C 61 -24.90 -16.19 -46.43
N LEU C 62 -23.86 -16.58 -47.17
CA LEU C 62 -23.11 -15.66 -48.01
C LEU C 62 -23.95 -15.18 -49.22
N ALA C 63 -24.65 -16.12 -49.86
CA ALA C 63 -25.51 -15.80 -50.99
C ALA C 63 -26.65 -14.89 -50.50
N THR C 64 -27.04 -15.07 -49.24
CA THR C 64 -28.09 -14.27 -48.59
C THR C 64 -27.72 -12.78 -48.55
N LEU C 65 -26.45 -12.48 -48.28
CA LEU C 65 -25.98 -11.11 -48.22
C LEU C 65 -25.62 -10.57 -49.60
N SER C 66 -25.16 -11.45 -50.49
CA SER C 66 -24.80 -11.07 -51.86
C SER C 66 -26.09 -10.69 -52.60
N ALA C 67 -27.19 -11.32 -52.19
CA ALA C 67 -28.50 -11.06 -52.78
C ALA C 67 -28.96 -9.67 -52.40
N ALA C 68 -28.62 -9.25 -51.18
CA ALA C 68 -29.01 -7.94 -50.69
C ALA C 68 -28.00 -6.85 -51.06
N ASN C 69 -27.05 -7.18 -51.93
CA ASN C 69 -26.03 -6.23 -52.38
C ASN C 69 -25.20 -5.60 -51.25
N LEU C 70 -24.89 -6.40 -50.23
CA LEU C 70 -24.12 -5.92 -49.10
C LEU C 70 -22.65 -6.37 -49.14
N LEU C 71 -22.31 -7.20 -50.12
CA LEU C 71 -20.94 -7.71 -50.26
C LEU C 71 -20.08 -6.98 -51.30
N GLU C 72 -18.77 -6.95 -51.04
CA GLU C 72 -17.79 -6.29 -51.90
C GLU C 72 -17.17 -7.20 -52.95
N PRO C 73 -17.15 -6.75 -54.22
CA PRO C 73 -16.57 -7.56 -55.30
C PRO C 73 -15.07 -7.81 -55.06
N LEU C 74 -14.65 -9.06 -55.20
CA LEU C 74 -13.27 -9.47 -54.96
C LEU C 74 -12.44 -9.60 -56.23
N PRO C 75 -11.14 -9.30 -56.15
CA PRO C 75 -10.28 -9.42 -57.34
C PRO C 75 -10.21 -10.88 -57.78
N ALA C 76 -10.03 -11.08 -59.08
CA ALA C 76 -9.95 -12.41 -59.66
C ALA C 76 -8.79 -13.19 -59.05
N SER C 77 -7.79 -12.47 -58.54
CA SER C 77 -6.62 -13.08 -57.92
C SER C 77 -7.01 -13.92 -56.71
N THR C 78 -7.79 -13.34 -55.79
CA THR C 78 -8.24 -14.04 -54.59
C THR C 78 -9.15 -15.23 -54.92
N ILE C 79 -9.98 -15.06 -55.96
CA ILE C 79 -10.92 -16.12 -56.37
C ILE C 79 -10.29 -17.23 -57.21
N ASN C 80 -9.28 -16.90 -58.00
CA ASN C 80 -8.62 -17.91 -58.82
C ASN C 80 -7.76 -18.87 -58.01
N GLU C 81 -7.61 -18.59 -56.72
CA GLU C 81 -6.82 -19.43 -55.82
C GLU C 81 -7.47 -20.79 -55.54
N THR C 82 -8.77 -20.77 -55.25
CA THR C 82 -9.48 -22.02 -54.95
C THR C 82 -10.37 -22.49 -56.10
N ARG C 83 -10.20 -21.94 -57.29
CA ARG C 83 -11.00 -22.34 -58.43
C ARG C 83 -10.69 -23.76 -58.88
N GLY C 84 -11.69 -24.63 -58.82
CA GLY C 84 -11.51 -26.01 -59.23
C GLY C 84 -12.80 -26.64 -59.73
N LYS C 85 -12.71 -27.87 -60.20
CA LYS C 85 -13.86 -28.60 -60.70
C LYS C 85 -14.86 -28.89 -59.57
N GLY C 86 -16.07 -28.36 -59.70
CA GLY C 86 -17.09 -28.59 -58.68
C GLY C 86 -17.18 -27.57 -57.56
N VAL C 87 -16.14 -26.76 -57.40
CA VAL C 87 -16.09 -25.74 -56.35
C VAL C 87 -17.06 -24.58 -56.62
N PRO C 88 -17.91 -24.23 -55.63
CA PRO C 88 -18.90 -23.15 -55.68
C PRO C 88 -18.33 -21.82 -56.18
N VAL C 89 -19.02 -21.20 -57.14
CA VAL C 89 -18.59 -19.91 -57.71
C VAL C 89 -19.62 -18.81 -57.52
N ALA C 90 -19.19 -17.68 -56.97
CA ALA C 90 -20.07 -16.52 -56.73
C ALA C 90 -20.34 -15.80 -58.04
N ALA C 91 -21.61 -15.56 -58.33
CA ALA C 91 -21.99 -14.91 -59.58
C ALA C 91 -21.52 -13.45 -59.70
N LYS C 92 -21.63 -12.71 -58.60
CA LYS C 92 -21.23 -11.32 -58.58
C LYS C 92 -19.77 -11.17 -58.17
N LYS C 93 -19.06 -12.28 -58.05
CA LYS C 93 -17.65 -12.27 -57.66
C LYS C 93 -17.44 -11.61 -56.29
N ASP C 94 -18.42 -11.73 -55.40
CA ASP C 94 -18.34 -11.12 -54.07
C ASP C 94 -18.09 -12.01 -52.83
N TRP C 95 -17.76 -13.28 -53.06
CA TRP C 95 -17.41 -14.19 -51.98
C TRP C 95 -16.60 -15.33 -52.60
N VAL C 96 -15.82 -16.03 -51.78
CA VAL C 96 -14.97 -17.11 -52.28
C VAL C 96 -14.99 -18.32 -51.35
N ALA C 97 -15.07 -19.51 -51.95
CA ALA C 97 -15.08 -20.79 -51.22
C ALA C 97 -13.66 -21.09 -50.74
N LEU C 98 -13.55 -21.65 -49.54
CA LEU C 98 -12.23 -21.92 -48.97
C LEU C 98 -11.91 -23.34 -48.59
N SER C 99 -12.87 -24.02 -47.96
CA SER C 99 -12.68 -25.39 -47.51
C SER C 99 -13.97 -26.21 -47.62
N GLY C 100 -13.87 -27.50 -47.33
CA GLY C 100 -15.03 -28.37 -47.41
C GLY C 100 -15.03 -29.52 -46.42
N ARG C 101 -16.25 -29.98 -46.11
CA ARG C 101 -16.51 -31.09 -45.18
C ARG C 101 -17.24 -32.21 -45.93
N SER C 102 -16.82 -33.45 -45.72
CA SER C 102 -17.42 -34.56 -46.44
C SER C 102 -18.25 -35.53 -45.60
N ARG C 103 -19.24 -36.14 -46.26
CA ARG C 103 -20.10 -37.15 -45.65
C ARG C 103 -19.32 -38.46 -45.75
N VAL C 104 -19.42 -39.31 -44.74
CA VAL C 104 -18.70 -40.58 -44.79
C VAL C 104 -19.41 -41.68 -44.00
N VAL C 105 -18.89 -42.88 -44.13
CA VAL C 105 -19.41 -44.02 -43.39
C VAL C 105 -18.28 -44.53 -42.50
N VAL C 106 -18.48 -44.46 -41.19
CA VAL C 106 -17.47 -44.96 -40.27
C VAL C 106 -17.86 -46.41 -39.92
N TYR C 107 -16.90 -47.33 -40.02
CA TYR C 107 -17.20 -48.72 -39.71
C TYR C 107 -16.21 -49.42 -38.77
N ASP C 108 -16.67 -50.52 -38.21
CA ASP C 108 -15.89 -51.33 -37.28
C ASP C 108 -14.99 -52.33 -38.02
N THR C 109 -13.69 -52.08 -38.04
CA THR C 109 -12.76 -52.96 -38.74
C THR C 109 -12.50 -54.29 -38.04
N ARG C 110 -13.07 -54.47 -36.86
CA ARG C 110 -12.92 -55.73 -36.15
C ARG C 110 -13.96 -56.72 -36.71
N LYS C 111 -14.89 -56.19 -37.52
CA LYS C 111 -15.96 -57.01 -38.11
C LYS C 111 -16.12 -56.90 -39.63
N LEU C 112 -15.91 -55.71 -40.19
CA LEU C 112 -16.09 -55.51 -41.61
C LEU C 112 -14.87 -54.99 -42.35
N SER C 113 -14.90 -55.13 -43.67
CA SER C 113 -13.84 -54.66 -44.55
C SER C 113 -14.56 -53.84 -45.63
N GLU C 114 -13.81 -53.23 -46.54
CA GLU C 114 -14.43 -52.41 -47.58
C GLU C 114 -15.47 -53.18 -48.40
N LYS C 115 -15.12 -54.38 -48.84
CA LYS C 115 -16.04 -55.21 -49.62
C LYS C 115 -17.45 -55.24 -49.03
N ASP C 116 -17.53 -55.25 -47.70
CA ASP C 116 -18.79 -55.32 -46.96
C ASP C 116 -19.70 -54.10 -47.06
N LEU C 117 -19.12 -52.93 -47.33
CA LEU C 117 -19.88 -51.69 -47.41
C LEU C 117 -20.57 -51.49 -48.76
N GLU C 118 -21.57 -50.60 -48.77
CA GLU C 118 -22.36 -50.32 -49.98
C GLU C 118 -21.65 -49.41 -50.98
N LYS C 119 -22.13 -49.43 -52.22
CA LYS C 119 -21.54 -48.59 -53.28
C LYS C 119 -22.28 -47.26 -53.39
N SER C 120 -23.45 -47.19 -52.75
CA SER C 120 -24.27 -45.99 -52.72
C SER C 120 -24.85 -45.89 -51.31
N VAL C 121 -25.04 -44.67 -50.84
CA VAL C 121 -25.58 -44.47 -49.51
C VAL C 121 -27.06 -44.86 -49.45
N LEU C 122 -27.69 -45.00 -50.62
CA LEU C 122 -29.11 -45.35 -50.71
C LEU C 122 -29.39 -46.84 -50.43
N ASN C 123 -28.35 -47.66 -50.42
CA ASN C 123 -28.51 -49.08 -50.18
C ASN C 123 -28.46 -49.43 -48.69
N TYR C 124 -28.15 -48.45 -47.86
CA TYR C 124 -28.09 -48.69 -46.42
C TYR C 124 -29.48 -48.78 -45.81
N ALA C 125 -30.49 -48.30 -46.55
CA ALA C 125 -31.87 -48.33 -46.09
C ALA C 125 -32.62 -49.58 -46.56
N THR C 126 -32.09 -50.75 -46.23
CA THR C 126 -32.69 -52.04 -46.62
C THR C 126 -32.57 -53.10 -45.51
N PRO C 127 -33.32 -54.21 -45.64
CA PRO C 127 -33.27 -55.29 -44.63
C PRO C 127 -31.85 -55.75 -44.28
N LYS C 128 -30.92 -55.60 -45.23
CA LYS C 128 -29.52 -56.02 -45.05
C LYS C 128 -28.78 -55.33 -43.91
N TRP C 129 -29.18 -54.10 -43.60
CA TRP C 129 -28.52 -53.37 -42.54
C TRP C 129 -29.38 -53.12 -41.31
N LYS C 130 -30.29 -54.07 -41.03
CA LYS C 130 -31.16 -53.98 -39.86
C LYS C 130 -30.29 -54.04 -38.60
N ASN C 131 -30.35 -52.97 -37.81
CA ASN C 131 -29.56 -52.85 -36.59
C ASN C 131 -28.04 -52.92 -36.88
N ARG C 132 -27.64 -52.39 -38.03
CA ARG C 132 -26.23 -52.37 -38.43
C ARG C 132 -25.74 -51.02 -38.96
N ILE C 133 -26.64 -50.07 -39.14
CA ILE C 133 -26.27 -48.74 -39.61
C ILE C 133 -26.91 -47.70 -38.68
N GLY C 134 -26.11 -46.76 -38.21
CA GLY C 134 -26.65 -45.72 -37.34
C GLY C 134 -26.80 -44.42 -38.11
N TYR C 135 -27.60 -43.50 -37.56
CA TYR C 135 -27.83 -42.21 -38.20
C TYR C 135 -28.26 -41.19 -37.16
N VAL C 136 -28.04 -39.90 -37.47
CA VAL C 136 -28.40 -38.82 -36.53
C VAL C 136 -29.46 -37.92 -37.18
N PRO C 137 -30.74 -38.25 -36.99
CA PRO C 137 -31.89 -37.51 -37.53
C PRO C 137 -32.04 -36.02 -37.19
N THR C 138 -31.47 -35.56 -36.08
CA THR C 138 -31.57 -34.15 -35.68
C THR C 138 -30.34 -33.37 -36.13
N SER C 139 -29.45 -34.05 -36.84
CA SER C 139 -28.22 -33.46 -37.35
C SER C 139 -28.39 -32.48 -38.51
N GLY C 140 -27.59 -31.42 -38.50
CA GLY C 140 -27.66 -30.42 -39.55
C GLY C 140 -27.13 -30.92 -40.88
N ALA C 141 -26.09 -31.76 -40.85
CA ALA C 141 -25.53 -32.30 -42.08
C ALA C 141 -26.43 -33.40 -42.62
N PHE C 142 -27.25 -34.01 -41.75
CA PHE C 142 -28.18 -35.06 -42.18
C PHE C 142 -29.24 -34.44 -43.09
N LEU C 143 -29.65 -33.21 -42.76
CA LEU C 143 -30.65 -32.48 -43.54
C LEU C 143 -30.10 -32.12 -44.91
N GLU C 144 -28.84 -31.66 -44.96
CA GLU C 144 -28.22 -31.31 -46.23
C GLU C 144 -28.10 -32.57 -47.11
N GLN C 145 -27.96 -33.74 -46.48
CA GLN C 145 -27.88 -35.01 -47.22
C GLN C 145 -29.25 -35.31 -47.85
N ILE C 146 -30.32 -34.94 -47.14
CA ILE C 146 -31.69 -35.14 -47.62
C ILE C 146 -31.90 -34.19 -48.81
N VAL C 147 -31.56 -32.91 -48.61
CA VAL C 147 -31.68 -31.90 -49.66
C VAL C 147 -30.94 -32.36 -50.92
N ALA C 148 -29.76 -32.93 -50.74
CA ALA C 148 -28.97 -33.40 -51.88
C ALA C 148 -29.68 -34.49 -52.67
N ILE C 149 -30.14 -35.53 -51.98
CA ILE C 149 -30.82 -36.63 -52.67
C ILE C 149 -32.03 -36.15 -53.48
N VAL C 150 -32.82 -35.23 -52.91
CA VAL C 150 -33.98 -34.70 -53.60
C VAL C 150 -33.58 -34.01 -54.92
N LYS C 151 -32.46 -33.29 -54.91
CA LYS C 151 -31.99 -32.57 -56.09
C LYS C 151 -31.33 -33.45 -57.17
N LEU C 152 -30.68 -34.52 -56.76
CA LEU C 152 -29.99 -35.41 -57.68
C LEU C 152 -30.83 -36.60 -58.15
N LYS C 153 -31.67 -37.12 -57.28
CA LYS C 153 -32.49 -38.30 -57.58
C LYS C 153 -34.00 -38.07 -57.58
N GLY C 154 -34.46 -37.00 -56.93
CA GLY C 154 -35.88 -36.71 -56.86
C GLY C 154 -36.43 -36.88 -55.46
N GLU C 155 -37.66 -36.42 -55.24
CA GLU C 155 -38.27 -36.53 -53.92
C GLU C 155 -38.74 -37.93 -53.50
N ALA C 156 -39.16 -38.74 -54.47
CA ALA C 156 -39.64 -40.10 -54.18
C ALA C 156 -38.51 -40.96 -53.58
N ALA C 157 -37.33 -40.93 -54.21
CA ALA C 157 -36.18 -41.69 -53.74
C ALA C 157 -35.71 -41.24 -52.34
N ALA C 158 -35.88 -39.94 -52.06
CA ALA C 158 -35.50 -39.36 -50.77
C ALA C 158 -36.38 -39.91 -49.65
N LEU C 159 -37.69 -39.91 -49.87
CA LEU C 159 -38.59 -40.42 -48.86
C LEU C 159 -38.35 -41.92 -48.68
N LYS C 160 -38.17 -42.63 -49.79
CA LYS C 160 -37.91 -44.06 -49.74
C LYS C 160 -36.74 -44.34 -48.81
N TRP C 161 -35.67 -43.56 -48.96
CA TRP C 161 -34.47 -43.71 -48.15
C TRP C 161 -34.72 -43.49 -46.66
N LEU C 162 -35.35 -42.36 -46.33
CA LEU C 162 -35.64 -42.02 -44.94
C LEU C 162 -36.51 -43.06 -44.26
N LYS C 163 -37.57 -43.49 -44.91
CA LYS C 163 -38.45 -44.50 -44.32
C LYS C 163 -37.69 -45.81 -44.14
N GLY C 164 -36.72 -46.06 -45.01
CA GLY C 164 -35.93 -47.27 -44.93
C GLY C 164 -35.02 -47.26 -43.71
N LEU C 165 -34.41 -46.11 -43.42
CA LEU C 165 -33.55 -45.97 -42.24
C LEU C 165 -34.39 -45.98 -40.96
N LYS C 166 -35.61 -45.44 -41.04
CA LYS C 166 -36.50 -45.43 -39.88
C LYS C 166 -36.81 -46.88 -39.52
N GLU C 167 -36.88 -47.72 -40.55
CA GLU C 167 -37.14 -49.15 -40.41
C GLU C 167 -35.98 -49.97 -39.86
N TYR C 168 -34.82 -49.88 -40.49
CA TYR C 168 -33.68 -50.69 -40.09
C TYR C 168 -32.55 -50.02 -39.29
N GLY C 169 -32.44 -48.71 -39.39
CA GLY C 169 -31.36 -48.04 -38.68
C GLY C 169 -31.66 -47.75 -37.22
N LYS C 170 -30.65 -47.22 -36.53
CA LYS C 170 -30.79 -46.85 -35.13
C LYS C 170 -30.39 -45.39 -35.01
N PRO C 171 -31.28 -44.55 -34.48
CA PRO C 171 -30.97 -43.13 -34.33
C PRO C 171 -30.12 -42.79 -33.10
N TYR C 172 -29.17 -41.89 -33.28
CA TYR C 172 -28.31 -41.47 -32.18
C TYR C 172 -28.48 -39.97 -31.99
N ALA C 173 -28.45 -39.54 -30.72
CA ALA C 173 -28.63 -38.14 -30.37
C ALA C 173 -27.71 -37.20 -31.15
N LYS C 174 -26.47 -37.60 -31.35
CA LYS C 174 -25.52 -36.79 -32.11
C LYS C 174 -24.35 -37.58 -32.67
N ASN C 175 -23.62 -36.95 -33.58
CA ASN C 175 -22.48 -37.57 -34.23
C ASN C 175 -21.46 -38.19 -33.27
N SER C 176 -21.15 -37.49 -32.18
CA SER C 176 -20.19 -38.03 -31.22
C SER C 176 -20.65 -39.40 -30.71
N VAL C 177 -21.88 -39.45 -30.21
CA VAL C 177 -22.49 -40.68 -29.67
C VAL C 177 -22.48 -41.84 -30.67
N ALA C 178 -22.69 -41.52 -31.95
CA ALA C 178 -22.71 -42.51 -33.02
C ALA C 178 -21.34 -43.13 -33.27
N LEU C 179 -20.32 -42.30 -33.41
CA LEU C 179 -18.94 -42.77 -33.64
C LEU C 179 -18.51 -43.65 -32.46
N GLN C 180 -18.89 -43.25 -31.25
CA GLN C 180 -18.53 -44.04 -30.07
C GLN C 180 -19.24 -45.39 -30.02
N ALA C 181 -20.46 -45.45 -30.56
CA ALA C 181 -21.19 -46.72 -30.61
C ALA C 181 -20.42 -47.67 -31.51
N VAL C 182 -19.96 -47.18 -32.65
CA VAL C 182 -19.21 -48.00 -33.59
C VAL C 182 -17.85 -48.33 -33.01
N GLU C 183 -17.20 -47.33 -32.42
CA GLU C 183 -15.88 -47.50 -31.82
C GLU C 183 -15.91 -48.50 -30.66
N ASN C 184 -17.06 -48.61 -30.00
CA ASN C 184 -17.20 -49.54 -28.88
C ASN C 184 -17.85 -50.87 -29.24
N GLY C 185 -18.07 -51.08 -30.53
CA GLY C 185 -18.65 -52.33 -30.97
C GLY C 185 -20.14 -52.49 -30.74
N GLU C 186 -20.85 -51.38 -30.61
CA GLU C 186 -22.30 -51.41 -30.41
C GLU C 186 -23.06 -51.67 -31.71
N VAL C 187 -22.54 -51.15 -32.83
CA VAL C 187 -23.15 -51.29 -34.15
C VAL C 187 -22.04 -51.33 -35.21
N ASP C 188 -22.29 -52.00 -36.34
CA ASP C 188 -21.31 -52.15 -37.42
C ASP C 188 -20.78 -50.88 -38.09
N ALA C 189 -21.67 -49.91 -38.34
CA ALA C 189 -21.29 -48.67 -39.01
C ALA C 189 -22.29 -47.54 -38.75
N ALA C 190 -21.92 -46.34 -39.18
CA ALA C 190 -22.77 -45.17 -39.02
C ALA C 190 -22.49 -44.08 -40.06
N LEU C 191 -23.50 -43.27 -40.34
CA LEU C 191 -23.35 -42.18 -41.29
C LEU C 191 -23.01 -40.91 -40.48
N ILE C 192 -21.83 -40.33 -40.74
CA ILE C 192 -21.35 -39.13 -40.03
C ILE C 192 -20.55 -38.22 -40.97
N ASN C 193 -19.92 -37.18 -40.40
CA ASN C 193 -19.06 -36.23 -41.13
C ASN C 193 -17.60 -36.64 -40.84
N ASN C 194 -16.72 -36.54 -41.84
CA ASN C 194 -15.32 -36.95 -41.68
C ASN C 194 -14.47 -36.42 -40.52
N TYR C 195 -14.43 -35.11 -40.34
CA TYR C 195 -13.61 -34.51 -39.29
C TYR C 195 -13.76 -35.10 -37.88
N TYR C 196 -14.92 -35.69 -37.59
CA TYR C 196 -15.15 -36.29 -36.28
C TYR C 196 -14.17 -37.45 -36.03
N TRP C 197 -13.94 -38.27 -37.06
CA TRP C 197 -13.04 -39.40 -36.95
C TRP C 197 -11.59 -38.92 -36.84
N HIS C 198 -11.17 -38.12 -37.81
CA HIS C 198 -9.80 -37.60 -37.87
C HIS C 198 -9.42 -36.94 -36.56
N ALA C 199 -10.36 -36.20 -35.97
CA ALA C 199 -10.14 -35.52 -34.70
C ALA C 199 -9.95 -36.52 -33.55
N PHE C 200 -10.74 -37.59 -33.57
CA PHE C 200 -10.69 -38.64 -32.56
C PHE C 200 -9.40 -39.44 -32.70
N ALA C 201 -9.12 -39.89 -33.92
CA ALA C 201 -7.92 -40.66 -34.22
C ALA C 201 -6.66 -39.89 -33.79
N ARG C 202 -6.59 -38.62 -34.12
CA ARG C 202 -5.43 -37.81 -33.76
C ARG C 202 -5.22 -37.70 -32.25
N GLU C 203 -6.31 -37.69 -31.50
CA GLU C 203 -6.24 -37.57 -30.04
C GLU C 203 -5.81 -38.86 -29.32
N LYS C 204 -6.33 -39.99 -29.78
CA LYS C 204 -6.01 -41.27 -29.15
C LYS C 204 -4.80 -42.02 -29.76
N GLY C 205 -4.42 -41.65 -30.97
CA GLY C 205 -3.34 -42.36 -31.65
C GLY C 205 -4.08 -43.37 -32.53
N VAL C 206 -3.92 -43.27 -33.85
CA VAL C 206 -4.64 -44.16 -34.76
C VAL C 206 -4.51 -45.67 -34.53
N GLN C 207 -3.35 -46.12 -34.05
CA GLN C 207 -3.16 -47.56 -33.83
C GLN C 207 -4.02 -48.07 -32.67
N ASN C 208 -4.64 -47.13 -31.94
CA ASN C 208 -5.49 -47.45 -30.79
C ASN C 208 -6.98 -47.34 -31.16
N VAL C 209 -7.26 -46.97 -32.41
CA VAL C 209 -8.62 -46.81 -32.89
C VAL C 209 -9.01 -47.95 -33.82
N HIS C 210 -10.18 -48.54 -33.57
CA HIS C 210 -10.66 -49.67 -34.35
C HIS C 210 -11.60 -49.36 -35.52
N THR C 211 -12.02 -48.10 -35.63
CA THR C 211 -12.89 -47.70 -36.72
C THR C 211 -12.09 -47.08 -37.86
N ARG C 212 -12.70 -47.05 -39.04
CA ARG C 212 -12.08 -46.45 -40.22
C ARG C 212 -13.16 -45.78 -41.05
N LEU C 213 -12.74 -44.91 -41.97
CA LEU C 213 -13.67 -44.19 -42.82
C LEU C 213 -13.81 -44.79 -44.21
N ASN C 214 -15.01 -44.66 -44.77
CA ASN C 214 -15.34 -45.16 -46.10
C ASN C 214 -15.94 -44.02 -46.93
N PHE C 215 -15.53 -43.97 -48.21
CA PHE C 215 -16.00 -42.95 -49.14
C PHE C 215 -16.63 -43.62 -50.36
N VAL C 216 -17.92 -43.35 -50.60
CA VAL C 216 -18.62 -43.95 -51.72
C VAL C 216 -18.12 -43.44 -53.07
N ARG C 217 -17.72 -42.17 -53.12
CA ARG C 217 -17.21 -41.56 -54.34
C ARG C 217 -18.19 -41.63 -55.51
N HIS C 218 -17.64 -41.49 -56.72
CA HIS C 218 -18.35 -41.53 -58.00
C HIS C 218 -19.66 -40.72 -58.11
N ARG C 219 -19.65 -39.51 -57.56
CA ARG C 219 -20.79 -38.60 -57.60
C ARG C 219 -22.06 -39.09 -56.90
N ASP C 220 -21.94 -40.09 -56.03
CA ASP C 220 -23.08 -40.62 -55.30
C ASP C 220 -23.54 -39.52 -54.35
N PRO C 221 -24.85 -39.49 -54.00
CA PRO C 221 -25.34 -38.46 -53.07
C PRO C 221 -24.60 -38.55 -51.73
N GLY C 222 -24.07 -39.73 -51.43
CA GLY C 222 -23.35 -39.94 -50.18
C GLY C 222 -21.91 -39.46 -50.17
N ALA C 223 -21.46 -38.91 -51.29
CA ALA C 223 -20.10 -38.40 -51.38
C ALA C 223 -20.17 -36.89 -51.24
N LEU C 224 -21.35 -36.41 -50.85
CA LEU C 224 -21.63 -34.99 -50.69
C LEU C 224 -20.62 -34.23 -49.85
N VAL C 225 -20.15 -33.10 -50.37
CA VAL C 225 -19.22 -32.24 -49.64
C VAL C 225 -19.91 -30.88 -49.45
N THR C 226 -19.75 -30.28 -48.27
CA THR C 226 -20.33 -28.97 -47.98
C THR C 226 -19.20 -27.98 -47.87
N TYR C 227 -19.33 -26.81 -48.50
CA TYR C 227 -18.26 -25.81 -48.49
C TYR C 227 -18.46 -24.61 -47.57
N SER C 228 -17.33 -23.98 -47.23
CA SER C 228 -17.32 -22.78 -46.40
C SER C 228 -16.67 -21.68 -47.24
N GLY C 229 -16.82 -20.43 -46.84
CA GLY C 229 -16.24 -19.34 -47.59
C GLY C 229 -16.13 -18.03 -46.83
N ALA C 230 -15.69 -16.98 -47.51
CA ALA C 230 -15.54 -15.69 -46.86
C ALA C 230 -15.77 -14.53 -47.81
N ALA C 231 -16.03 -13.36 -47.24
CA ALA C 231 -16.29 -12.15 -48.02
C ALA C 231 -16.05 -10.88 -47.22
N VAL C 232 -15.88 -9.77 -47.94
CA VAL C 232 -15.67 -8.46 -47.34
C VAL C 232 -16.99 -7.70 -47.48
N LEU C 233 -17.44 -7.05 -46.40
CA LEU C 233 -18.68 -6.27 -46.42
C LEU C 233 -18.44 -4.87 -47.00
N LYS C 234 -19.45 -4.31 -47.67
CA LYS C 234 -19.30 -2.97 -48.24
C LYS C 234 -19.10 -1.94 -47.13
N SER C 235 -19.93 -2.04 -46.11
CA SER C 235 -19.87 -1.12 -44.97
C SER C 235 -18.47 -1.07 -44.37
N SER C 236 -17.69 -2.12 -44.59
CA SER C 236 -16.33 -2.24 -44.08
C SER C 236 -15.48 -0.98 -44.12
N GLN C 237 -15.02 -0.57 -42.94
CA GLN C 237 -14.18 0.62 -42.82
C GLN C 237 -12.78 0.40 -43.41
N ASN C 238 -12.18 -0.76 -43.13
CA ASN C 238 -10.83 -1.09 -43.61
C ASN C 238 -10.85 -2.20 -44.66
N LYS C 239 -11.19 -1.85 -45.90
CA LYS C 239 -11.30 -2.83 -46.98
C LYS C 239 -10.03 -3.43 -47.57
N ASP C 240 -8.96 -2.65 -47.70
CA ASP C 240 -7.73 -3.20 -48.26
C ASP C 240 -7.17 -4.30 -47.36
N GLU C 241 -7.48 -4.19 -46.07
CA GLU C 241 -7.04 -5.19 -45.09
C GLU C 241 -8.03 -6.35 -45.17
N ALA C 242 -9.31 -6.02 -45.15
CA ALA C 242 -10.38 -7.01 -45.22
C ALA C 242 -10.20 -7.85 -46.48
N LYS C 243 -9.77 -7.21 -47.55
CA LYS C 243 -9.55 -7.91 -48.81
C LYS C 243 -8.32 -8.81 -48.76
N LYS C 244 -7.30 -8.39 -48.01
CA LYS C 244 -6.07 -9.16 -47.88
C LYS C 244 -6.19 -10.31 -46.87
N PHE C 245 -7.19 -10.24 -45.99
CA PHE C 245 -7.41 -11.29 -45.02
C PHE C 245 -8.09 -12.45 -45.72
N VAL C 246 -8.95 -12.14 -46.71
CA VAL C 246 -9.66 -13.14 -47.49
C VAL C 246 -8.73 -13.72 -48.55
N ALA C 247 -7.76 -12.92 -48.99
CA ALA C 247 -6.78 -13.37 -49.97
C ALA C 247 -5.85 -14.35 -49.27
N PHE C 248 -5.62 -14.08 -47.99
CA PHE C 248 -4.78 -14.91 -47.15
C PHE C 248 -5.47 -16.25 -47.01
N LEU C 249 -6.73 -16.22 -46.56
CA LEU C 249 -7.53 -17.41 -46.35
C LEU C 249 -7.55 -18.33 -47.57
N ALA C 250 -7.42 -17.76 -48.75
CA ALA C 250 -7.43 -18.53 -49.99
C ALA C 250 -6.01 -18.93 -50.43
N GLY C 251 -5.01 -18.25 -49.88
CA GLY C 251 -3.62 -18.54 -50.23
C GLY C 251 -3.01 -19.69 -49.43
N LYS C 252 -1.80 -20.10 -49.85
CA LYS C 252 -1.05 -21.21 -49.23
C LYS C 252 -0.83 -21.06 -47.74
N GLU C 253 -0.31 -19.90 -47.33
CA GLU C 253 -0.07 -19.63 -45.92
C GLU C 253 -1.34 -20.02 -45.15
N GLY C 254 -2.42 -19.27 -45.36
CA GLY C 254 -3.68 -19.51 -44.69
C GLY C 254 -4.30 -20.89 -44.86
N GLN C 255 -4.27 -21.43 -46.08
CA GLN C 255 -4.81 -22.75 -46.33
C GLN C 255 -4.13 -23.77 -45.41
N ARG C 256 -2.82 -23.60 -45.20
CA ARG C 256 -2.05 -24.50 -44.35
C ARG C 256 -2.40 -24.32 -42.88
N ALA C 257 -2.61 -23.07 -42.47
CA ALA C 257 -2.96 -22.76 -41.08
C ALA C 257 -4.19 -23.52 -40.62
N LEU C 258 -5.24 -23.51 -41.44
CA LEU C 258 -6.46 -24.21 -41.11
C LEU C 258 -6.23 -25.71 -41.18
N THR C 259 -5.53 -26.15 -42.22
CA THR C 259 -5.26 -27.56 -42.47
C THR C 259 -4.37 -28.28 -41.42
N ALA C 260 -3.77 -27.51 -40.52
CA ALA C 260 -2.94 -28.06 -39.45
C ALA C 260 -3.74 -28.18 -38.15
N VAL C 261 -4.91 -27.54 -38.14
CA VAL C 261 -5.82 -27.50 -36.98
C VAL C 261 -7.16 -28.23 -37.21
N ARG C 262 -7.78 -27.96 -38.36
CA ARG C 262 -9.07 -28.53 -38.73
C ARG C 262 -8.94 -29.57 -39.84
N ALA C 263 -9.77 -30.61 -39.80
CA ALA C 263 -9.73 -31.66 -40.83
C ALA C 263 -10.74 -31.44 -41.96
N GLU C 264 -10.55 -30.35 -42.70
CA GLU C 264 -11.41 -29.99 -43.83
C GLU C 264 -10.56 -30.04 -45.10
N TYR C 265 -11.16 -30.49 -46.20
CA TYR C 265 -10.44 -30.59 -47.48
C TYR C 265 -10.08 -29.24 -48.09
N PRO C 266 -8.77 -28.95 -48.25
CA PRO C 266 -8.28 -27.69 -48.83
C PRO C 266 -8.75 -27.54 -50.28
N LEU C 267 -9.05 -26.30 -50.68
CA LEU C 267 -9.48 -26.05 -52.05
C LEU C 267 -8.31 -25.59 -52.93
N ASN C 268 -7.26 -25.07 -52.28
CA ASN C 268 -6.06 -24.64 -52.97
C ASN C 268 -5.28 -25.93 -53.28
N PRO C 269 -5.04 -26.23 -54.57
CA PRO C 269 -4.32 -27.43 -55.03
C PRO C 269 -2.84 -27.61 -54.65
N HIS C 270 -2.21 -26.59 -54.11
CA HIS C 270 -0.81 -26.68 -53.73
C HIS C 270 -0.64 -26.96 -52.23
N VAL C 271 -1.75 -27.26 -51.57
CA VAL C 271 -1.73 -27.54 -50.14
C VAL C 271 -1.89 -29.02 -49.78
N VAL C 272 -1.05 -29.50 -48.88
CA VAL C 272 -1.10 -30.89 -48.40
C VAL C 272 -1.59 -30.84 -46.96
N SER C 273 -2.69 -31.54 -46.67
CA SER C 273 -3.25 -31.55 -45.33
C SER C 273 -2.43 -32.27 -44.25
N THR C 274 -2.53 -31.76 -43.03
CA THR C 274 -1.84 -32.31 -41.88
C THR C 274 -2.56 -33.58 -41.43
N PHE C 275 -3.75 -33.80 -41.99
CA PHE C 275 -4.56 -34.98 -41.70
C PHE C 275 -4.45 -35.87 -42.93
N ASN C 276 -4.92 -37.11 -42.81
CA ASN C 276 -4.89 -38.05 -43.94
C ASN C 276 -6.05 -37.86 -44.91
N LEU C 277 -6.01 -36.76 -45.64
CA LEU C 277 -7.04 -36.43 -46.61
C LEU C 277 -6.50 -36.54 -48.04
N GLU C 278 -7.32 -37.10 -48.92
CA GLU C 278 -6.99 -37.25 -50.33
C GLU C 278 -7.36 -35.90 -50.98
N PRO C 279 -6.88 -35.65 -52.22
CA PRO C 279 -7.22 -34.38 -52.88
C PRO C 279 -8.73 -34.31 -53.04
N ILE C 280 -9.34 -33.19 -52.64
CA ILE C 280 -10.80 -33.05 -52.73
C ILE C 280 -11.38 -33.57 -54.03
N ALA C 281 -10.64 -33.43 -55.13
CA ALA C 281 -11.08 -33.89 -56.45
C ALA C 281 -11.24 -35.40 -56.49
N LYS C 282 -10.37 -36.11 -55.76
CA LYS C 282 -10.41 -37.57 -55.73
C LYS C 282 -11.65 -38.10 -55.01
N LEU C 283 -12.32 -37.23 -54.25
CA LEU C 283 -13.53 -37.65 -53.55
C LEU C 283 -14.64 -37.88 -54.57
N GLU C 284 -14.56 -37.16 -55.69
CA GLU C 284 -15.56 -37.24 -56.76
C GLU C 284 -16.93 -36.92 -56.16
N ALA C 285 -17.01 -35.73 -55.58
CA ALA C 285 -18.22 -35.25 -54.94
C ALA C 285 -19.24 -34.77 -55.97
N PRO C 286 -20.54 -35.02 -55.71
CA PRO C 286 -21.58 -34.59 -56.64
C PRO C 286 -21.72 -33.08 -56.64
N GLN C 287 -22.12 -32.51 -57.77
CA GLN C 287 -22.29 -31.06 -57.85
C GLN C 287 -23.72 -30.74 -57.45
N VAL C 288 -23.88 -29.84 -56.50
CA VAL C 288 -25.18 -29.47 -55.99
C VAL C 288 -25.24 -27.98 -55.70
N SER C 289 -26.38 -27.36 -55.95
CA SER C 289 -26.56 -25.94 -55.71
C SER C 289 -26.74 -25.67 -54.22
N ALA C 290 -26.57 -24.41 -53.81
CA ALA C 290 -26.73 -24.04 -52.42
C ALA C 290 -28.14 -24.33 -51.93
N THR C 291 -28.28 -24.64 -50.64
CA THR C 291 -29.58 -24.95 -50.06
C THR C 291 -30.41 -23.68 -49.83
N THR C 292 -31.68 -23.76 -50.17
CA THR C 292 -32.59 -22.63 -50.01
C THR C 292 -33.52 -22.79 -48.80
N VAL C 293 -34.22 -21.71 -48.48
CA VAL C 293 -35.16 -21.69 -47.38
C VAL C 293 -36.24 -22.77 -47.54
N SER C 294 -36.88 -22.83 -48.71
CA SER C 294 -37.92 -23.83 -48.94
C SER C 294 -37.37 -25.25 -49.14
N GLU C 295 -36.11 -25.36 -49.56
CA GLU C 295 -35.49 -26.66 -49.73
C GLU C 295 -35.28 -27.27 -48.34
N LYS C 296 -35.01 -26.41 -47.37
CA LYS C 296 -34.81 -26.82 -45.97
C LYS C 296 -36.16 -27.16 -45.32
N GLU C 297 -37.21 -26.46 -45.75
CA GLU C 297 -38.57 -26.68 -45.26
C GLU C 297 -39.05 -28.04 -45.77
N HIS C 298 -38.77 -28.30 -47.03
CA HIS C 298 -39.13 -29.54 -47.73
C HIS C 298 -38.52 -30.77 -47.03
N ALA C 299 -37.22 -30.76 -46.78
CA ALA C 299 -36.58 -31.90 -46.13
C ALA C 299 -37.16 -32.16 -44.73
N THR C 300 -37.44 -31.07 -44.01
CA THR C 300 -38.00 -31.15 -42.66
C THR C 300 -39.34 -31.89 -42.61
N ARG C 301 -40.21 -31.61 -43.58
CA ARG C 301 -41.50 -32.27 -43.64
C ARG C 301 -41.33 -33.73 -44.03
N LEU C 302 -40.31 -34.02 -44.81
CA LEU C 302 -40.00 -35.40 -45.21
C LEU C 302 -39.61 -36.15 -43.94
N LEU C 303 -38.76 -35.53 -43.12
CA LEU C 303 -38.35 -36.15 -41.85
C LEU C 303 -39.58 -36.46 -41.00
N GLU C 304 -40.63 -35.66 -41.15
CA GLU C 304 -41.88 -35.88 -40.43
C GLU C 304 -42.62 -37.06 -41.03
N GLN C 305 -42.67 -37.09 -42.36
CA GLN C 305 -43.34 -38.14 -43.11
C GLN C 305 -42.70 -39.51 -42.89
N ALA C 306 -41.42 -39.51 -42.54
CA ALA C 306 -40.69 -40.74 -42.31
C ALA C 306 -40.74 -41.24 -40.87
N GLY C 307 -41.31 -40.42 -39.97
CA GLY C 307 -41.44 -40.81 -38.57
C GLY C 307 -40.29 -40.42 -37.67
N MET C 308 -39.32 -39.70 -38.23
CA MET C 308 -38.15 -39.27 -37.48
C MET C 308 -38.38 -37.95 -36.75
N LYS C 309 -39.63 -37.51 -36.72
CA LYS C 309 -40.00 -36.27 -36.04
C LYS C 309 -41.50 -36.25 -35.75
N ASP D 1 42.24 -2.16 -66.29
CA ASP D 1 41.62 -3.50 -66.01
C ASP D 1 42.33 -4.18 -64.84
N ILE D 2 41.73 -4.08 -63.67
CA ILE D 2 42.30 -4.66 -62.46
C ILE D 2 41.60 -5.94 -62.06
N THR D 3 42.28 -6.72 -61.21
CA THR D 3 41.75 -7.98 -60.70
C THR D 3 41.60 -7.80 -59.20
N VAL D 4 40.35 -7.90 -58.72
CA VAL D 4 40.07 -7.73 -57.30
C VAL D 4 39.56 -8.99 -56.62
N TYR D 5 40.37 -9.53 -55.69
CA TYR D 5 39.97 -10.72 -54.94
C TYR D 5 38.92 -10.26 -53.95
N ASN D 6 37.71 -10.78 -54.11
CA ASN D 6 36.59 -10.38 -53.28
C ASN D 6 36.21 -11.31 -52.13
N GLY D 7 36.21 -10.74 -50.93
CA GLY D 7 35.82 -11.47 -49.73
C GLY D 7 34.51 -10.87 -49.25
N GLN D 8 34.15 -9.75 -49.85
CA GLN D 8 32.91 -9.02 -49.53
C GLN D 8 31.73 -9.60 -50.32
N HIS D 9 30.52 -9.33 -49.84
CA HIS D 9 29.29 -9.80 -50.47
C HIS D 9 29.22 -9.36 -51.94
N LYS D 10 28.99 -10.31 -52.84
CA LYS D 10 28.90 -10.01 -54.28
C LYS D 10 28.01 -8.81 -54.59
N GLU D 11 26.96 -8.65 -53.81
CA GLU D 11 26.01 -7.55 -53.98
C GLU D 11 26.73 -6.20 -53.90
N ALA D 12 27.38 -5.95 -52.78
CA ALA D 12 28.13 -4.71 -52.58
C ALA D 12 29.30 -4.62 -53.55
N ALA D 13 30.12 -5.67 -53.58
CA ALA D 13 31.29 -5.74 -54.45
C ALA D 13 30.98 -5.37 -55.91
N GLN D 14 29.91 -5.95 -56.45
CA GLN D 14 29.51 -5.68 -57.83
C GLN D 14 28.92 -4.28 -58.03
N ALA D 15 28.32 -3.75 -56.98
CA ALA D 15 27.72 -2.43 -57.05
C ALA D 15 28.83 -1.38 -57.11
N VAL D 16 29.83 -1.52 -56.24
CA VAL D 16 30.93 -0.56 -56.19
C VAL D 16 31.87 -0.73 -57.38
N ALA D 17 32.01 -1.96 -57.87
CA ALA D 17 32.85 -2.21 -59.03
C ALA D 17 32.33 -1.38 -60.21
N ASP D 18 31.00 -1.38 -60.38
CA ASP D 18 30.34 -0.61 -61.46
C ASP D 18 30.46 0.89 -61.23
N ALA D 19 30.40 1.30 -59.97
CA ALA D 19 30.53 2.71 -59.60
C ALA D 19 31.96 3.20 -59.86
N PHE D 20 32.85 2.27 -60.23
CA PHE D 20 34.24 2.59 -60.53
C PHE D 20 34.41 2.68 -62.05
N THR D 21 33.78 1.72 -62.75
CA THR D 21 33.85 1.65 -64.21
C THR D 21 33.03 2.72 -64.94
N ARG D 22 32.18 3.43 -64.20
CA ARG D 22 31.38 4.48 -64.81
C ARG D 22 32.05 5.84 -64.61
N ALA D 23 32.81 5.97 -63.54
CA ALA D 23 33.49 7.23 -63.23
C ALA D 23 34.93 7.31 -63.72
N THR D 24 35.50 6.17 -64.10
CA THR D 24 36.87 6.13 -64.58
C THR D 24 36.99 5.32 -65.86
N GLY D 25 36.03 4.44 -66.09
CA GLY D 25 36.05 3.61 -67.29
C GLY D 25 37.00 2.43 -67.21
N ILE D 26 37.51 2.15 -66.00
CA ILE D 26 38.44 1.05 -65.79
C ILE D 26 37.65 -0.21 -65.46
N LYS D 27 37.95 -1.31 -66.15
CA LYS D 27 37.26 -2.58 -65.92
C LYS D 27 37.65 -3.25 -64.59
N VAL D 28 36.70 -3.95 -63.98
CA VAL D 28 36.97 -4.63 -62.72
C VAL D 28 36.50 -6.09 -62.72
N LYS D 29 37.45 -7.02 -62.54
CA LYS D 29 37.16 -8.45 -62.52
C LYS D 29 37.05 -8.90 -61.08
N LEU D 30 35.92 -9.49 -60.72
CA LEU D 30 35.70 -9.95 -59.35
C LEU D 30 35.97 -11.43 -59.14
N ASN D 31 36.85 -11.74 -58.19
CA ASN D 31 37.15 -13.13 -57.84
C ASN D 31 36.63 -13.24 -56.42
N SER D 32 35.32 -13.45 -56.29
CA SER D 32 34.68 -13.55 -55.00
C SER D 32 34.89 -14.87 -54.30
N ALA D 33 35.16 -14.80 -53.00
CA ALA D 33 35.40 -15.99 -52.18
C ALA D 33 35.64 -15.58 -50.72
N LYS D 34 35.72 -16.57 -49.83
CA LYS D 34 35.95 -16.29 -48.41
C LYS D 34 37.22 -15.47 -48.25
N GLY D 35 37.19 -14.52 -47.31
CA GLY D 35 38.34 -13.68 -47.07
C GLY D 35 39.59 -14.41 -46.62
N ASP D 36 39.45 -15.33 -45.67
CA ASP D 36 40.60 -16.08 -45.17
C ASP D 36 41.24 -16.99 -46.21
N GLN D 37 40.43 -17.64 -47.04
CA GLN D 37 40.98 -18.52 -48.06
C GLN D 37 41.59 -17.72 -49.21
N LEU D 38 41.08 -16.52 -49.45
CA LEU D 38 41.63 -15.68 -50.51
C LEU D 38 43.04 -15.27 -50.09
N ALA D 39 43.23 -14.99 -48.79
CA ALA D 39 44.54 -14.61 -48.27
C ALA D 39 45.51 -15.80 -48.33
N GLY D 40 44.98 -17.01 -48.22
CA GLY D 40 45.80 -18.20 -48.29
C GLY D 40 46.32 -18.43 -49.70
N GLN D 41 45.44 -18.29 -50.68
CA GLN D 41 45.83 -18.47 -52.07
C GLN D 41 46.94 -17.47 -52.43
N ILE D 42 46.72 -16.21 -52.04
CA ILE D 42 47.67 -15.12 -52.30
C ILE D 42 49.08 -15.42 -51.80
N LYS D 43 49.18 -16.06 -50.63
CA LYS D 43 50.50 -16.42 -50.08
C LYS D 43 51.10 -17.55 -50.90
N GLU D 44 50.26 -18.48 -51.33
CA GLU D 44 50.68 -19.62 -52.11
C GLU D 44 51.03 -19.25 -53.55
N GLU D 45 50.38 -18.22 -54.08
CA GLU D 45 50.63 -17.78 -55.45
C GLU D 45 51.80 -16.80 -55.45
N GLY D 46 52.09 -16.22 -54.29
CA GLY D 46 53.19 -15.27 -54.20
C GLY D 46 53.11 -14.22 -55.30
N SER D 47 54.25 -13.90 -55.93
CA SER D 47 54.29 -12.92 -57.01
C SER D 47 53.79 -13.53 -58.32
N ARG D 48 53.04 -14.62 -58.20
CA ARG D 48 52.46 -15.33 -59.33
C ARG D 48 50.94 -15.16 -59.22
N SER D 49 50.51 -14.35 -58.25
CA SER D 49 49.10 -14.08 -58.03
C SER D 49 48.68 -12.88 -58.86
N PRO D 50 47.67 -13.07 -59.74
CA PRO D 50 47.15 -12.01 -60.61
C PRO D 50 46.55 -10.82 -59.85
N ALA D 51 45.91 -11.14 -58.72
CA ALA D 51 45.26 -10.16 -57.86
C ALA D 51 46.01 -8.84 -57.79
N ASP D 52 45.28 -7.75 -58.03
CA ASP D 52 45.85 -6.40 -57.98
C ASP D 52 45.39 -5.77 -56.67
N VAL D 53 44.18 -6.12 -56.24
CA VAL D 53 43.61 -5.59 -55.01
C VAL D 53 42.89 -6.67 -54.19
N PHE D 54 42.97 -6.56 -52.87
CA PHE D 54 42.27 -7.48 -51.97
C PHE D 54 41.22 -6.69 -51.19
N TYR D 55 39.96 -6.97 -51.48
CA TYR D 55 38.83 -6.29 -50.84
C TYR D 55 38.17 -7.27 -49.87
N SER D 56 38.58 -7.26 -48.61
CA SER D 56 38.00 -8.19 -47.64
C SER D 56 36.95 -7.61 -46.69
N GLU D 57 36.03 -8.47 -46.28
CA GLU D 57 34.95 -8.11 -45.37
C GLU D 57 35.42 -7.88 -43.93
N GLN D 58 36.58 -8.44 -43.59
CA GLN D 58 37.16 -8.34 -42.25
C GLN D 58 38.53 -7.66 -42.29
N ILE D 59 39.25 -7.73 -41.17
CA ILE D 59 40.59 -7.16 -41.13
C ILE D 59 41.71 -8.18 -40.81
N PRO D 60 41.40 -9.23 -40.02
CA PRO D 60 42.44 -10.23 -39.70
C PRO D 60 43.15 -10.83 -40.92
N ALA D 61 42.44 -10.94 -42.03
CA ALA D 61 42.97 -11.48 -43.28
C ALA D 61 43.95 -10.49 -43.89
N LEU D 62 43.67 -9.20 -43.75
CA LEU D 62 44.55 -8.16 -44.28
C LEU D 62 45.82 -8.13 -43.43
N ALA D 63 45.66 -8.23 -42.12
CA ALA D 63 46.77 -8.23 -41.18
C ALA D 63 47.70 -9.41 -41.55
N THR D 64 47.08 -10.55 -41.87
CA THR D 64 47.78 -11.76 -42.27
C THR D 64 48.74 -11.54 -43.44
N LEU D 65 48.24 -10.89 -44.49
CA LEU D 65 49.03 -10.62 -45.68
C LEU D 65 50.06 -9.53 -45.43
N SER D 66 49.70 -8.57 -44.58
CA SER D 66 50.60 -7.46 -44.24
C SER D 66 51.82 -7.97 -43.46
N ALA D 67 51.59 -8.93 -42.58
CA ALA D 67 52.65 -9.52 -41.77
C ALA D 67 53.63 -10.28 -42.67
N ALA D 68 53.13 -10.80 -43.79
CA ALA D 68 53.96 -11.54 -44.74
C ALA D 68 54.61 -10.59 -45.76
N ASN D 69 54.44 -9.30 -45.52
CA ASN D 69 55.00 -8.24 -46.38
C ASN D 69 54.59 -8.26 -47.84
N LEU D 70 53.34 -8.67 -48.10
CA LEU D 70 52.83 -8.74 -49.47
C LEU D 70 52.01 -7.50 -49.89
N LEU D 71 51.55 -6.72 -48.91
CA LEU D 71 50.75 -5.52 -49.21
C LEU D 71 51.61 -4.29 -49.40
N GLU D 72 51.18 -3.42 -50.32
CA GLU D 72 51.91 -2.18 -50.62
C GLU D 72 51.31 -0.94 -49.94
N PRO D 73 52.16 -0.07 -49.37
CA PRO D 73 51.74 1.16 -48.68
C PRO D 73 50.92 2.15 -49.50
N LEU D 74 49.98 2.81 -48.83
CA LEU D 74 49.08 3.77 -49.46
C LEU D 74 49.34 5.21 -49.01
N PRO D 75 49.13 6.19 -49.91
CA PRO D 75 49.35 7.61 -49.58
C PRO D 75 48.53 8.09 -48.38
N ALA D 76 49.01 9.14 -47.70
CA ALA D 76 48.32 9.68 -46.54
C ALA D 76 46.90 10.11 -46.90
N SER D 77 46.76 10.75 -48.05
CA SER D 77 45.46 11.22 -48.52
C SER D 77 44.42 10.11 -48.51
N THR D 78 44.73 8.99 -49.14
CA THR D 78 43.80 7.85 -49.19
C THR D 78 43.39 7.38 -47.79
N ILE D 79 44.37 7.16 -46.93
CA ILE D 79 44.11 6.69 -45.58
C ILE D 79 43.44 7.73 -44.68
N ASN D 80 43.74 9.01 -44.89
CA ASN D 80 43.15 10.07 -44.07
C ASN D 80 41.66 10.24 -44.36
N GLU D 81 41.20 9.60 -45.44
CA GLU D 81 39.81 9.64 -45.86
C GLU D 81 38.86 9.11 -44.79
N THR D 82 39.22 7.95 -44.24
CA THR D 82 38.41 7.30 -43.23
C THR D 82 38.98 7.45 -41.81
N ARG D 83 39.92 8.38 -41.64
CA ARG D 83 40.53 8.66 -40.33
C ARG D 83 39.47 8.78 -39.26
N GLY D 84 39.76 8.30 -38.05
CA GLY D 84 38.78 8.40 -36.99
C GLY D 84 39.10 7.53 -35.79
N LYS D 85 38.93 8.09 -34.60
CA LYS D 85 39.21 7.35 -33.38
C LYS D 85 38.41 6.06 -33.35
N GLY D 86 39.12 4.93 -33.27
CA GLY D 86 38.47 3.63 -33.26
C GLY D 86 38.59 2.91 -34.59
N VAL D 87 38.66 3.68 -35.68
CA VAL D 87 38.79 3.12 -37.02
C VAL D 87 40.16 2.47 -37.15
N PRO D 88 40.22 1.13 -37.23
CA PRO D 88 41.49 0.40 -37.36
C PRO D 88 42.48 1.10 -38.30
N VAL D 89 43.75 1.12 -37.91
CA VAL D 89 44.82 1.75 -38.69
C VAL D 89 45.94 0.73 -39.00
N ALA D 90 46.48 0.78 -40.21
CA ALA D 90 47.56 -0.13 -40.57
C ALA D 90 48.87 0.43 -40.05
N ALA D 91 49.49 -0.28 -39.09
CA ALA D 91 50.75 0.16 -38.50
C ALA D 91 51.85 0.34 -39.55
N LYS D 92 51.75 -0.39 -40.66
CA LYS D 92 52.74 -0.26 -41.72
C LYS D 92 52.13 0.46 -42.92
N LYS D 93 51.03 1.15 -42.67
CA LYS D 93 50.29 1.93 -43.67
C LYS D 93 50.09 1.21 -45.01
N ASP D 94 49.74 -0.07 -44.96
CA ASP D 94 49.54 -0.86 -46.19
C ASP D 94 48.12 -1.38 -46.45
N TRP D 95 47.14 -0.89 -45.70
CA TRP D 95 45.73 -1.24 -45.90
C TRP D 95 44.83 -0.19 -45.25
N VAL D 96 43.61 -0.01 -45.76
CA VAL D 96 42.69 0.99 -45.21
C VAL D 96 41.32 0.42 -44.83
N ALA D 97 40.78 0.88 -43.72
CA ALA D 97 39.47 0.45 -43.25
C ALA D 97 38.43 1.19 -44.08
N LEU D 98 37.31 0.54 -44.38
CA LEU D 98 36.28 1.17 -45.21
C LEU D 98 34.88 1.27 -44.62
N SER D 99 34.35 0.17 -44.11
CA SER D 99 33.00 0.21 -43.56
C SER D 99 32.90 -0.55 -42.24
N GLY D 100 31.68 -0.67 -41.72
CA GLY D 100 31.50 -1.37 -40.45
C GLY D 100 30.14 -2.00 -40.25
N ARG D 101 30.14 -3.08 -39.48
CA ARG D 101 28.94 -3.83 -39.14
C ARG D 101 28.76 -3.67 -37.62
N SER D 102 27.51 -3.58 -37.17
CA SER D 102 27.23 -3.37 -35.75
C SER D 102 26.37 -4.42 -35.06
N ARG D 103 26.70 -4.68 -33.80
CA ARG D 103 25.97 -5.59 -32.93
C ARG D 103 24.73 -4.83 -32.45
N VAL D 104 23.59 -5.50 -32.40
CA VAL D 104 22.36 -4.85 -31.94
C VAL D 104 21.38 -5.80 -31.31
N VAL D 105 20.35 -5.21 -30.71
CA VAL D 105 19.28 -5.95 -30.08
C VAL D 105 17.99 -5.57 -30.80
N VAL D 106 17.39 -6.54 -31.49
CA VAL D 106 16.14 -6.31 -32.21
C VAL D 106 15.00 -6.61 -31.23
N TYR D 107 14.03 -5.70 -31.14
CA TYR D 107 12.91 -5.91 -30.22
C TYR D 107 11.51 -5.61 -30.77
N ASP D 108 10.53 -6.31 -30.19
CA ASP D 108 9.13 -6.18 -30.55
C ASP D 108 8.53 -4.93 -29.89
N THR D 109 8.34 -3.87 -30.66
CA THR D 109 7.80 -2.61 -30.14
C THR D 109 6.42 -2.78 -29.51
N ARG D 110 5.78 -3.92 -29.77
CA ARG D 110 4.47 -4.19 -29.23
C ARG D 110 4.51 -4.45 -27.72
N LYS D 111 5.64 -4.93 -27.22
CA LYS D 111 5.75 -5.20 -25.80
C LYS D 111 7.02 -4.70 -25.13
N LEU D 112 7.77 -3.89 -25.86
CA LEU D 112 9.02 -3.32 -25.35
C LEU D 112 9.30 -1.94 -25.91
N SER D 113 9.90 -1.10 -25.07
CA SER D 113 10.28 0.26 -25.41
C SER D 113 11.75 0.40 -24.96
N GLU D 114 12.52 1.27 -25.62
CA GLU D 114 13.93 1.47 -25.26
C GLU D 114 14.22 1.55 -23.77
N LYS D 115 13.38 2.28 -23.04
CA LYS D 115 13.55 2.44 -21.60
C LYS D 115 13.59 1.07 -20.92
N ASP D 116 13.01 0.08 -21.58
CA ASP D 116 12.93 -1.29 -21.04
C ASP D 116 14.19 -2.13 -21.29
N LEU D 117 14.81 -1.97 -22.45
CA LEU D 117 16.00 -2.73 -22.83
C LEU D 117 17.18 -2.46 -21.91
N GLU D 118 18.06 -3.46 -21.76
CA GLU D 118 19.23 -3.34 -20.90
C GLU D 118 20.25 -2.35 -21.45
N LYS D 119 20.94 -1.68 -20.54
CA LYS D 119 21.95 -0.69 -20.90
C LYS D 119 23.31 -1.33 -21.09
N SER D 120 23.34 -2.65 -21.02
CA SER D 120 24.57 -3.42 -21.23
C SER D 120 24.16 -4.82 -21.66
N VAL D 121 24.73 -5.28 -22.78
CA VAL D 121 24.44 -6.59 -23.33
C VAL D 121 24.63 -7.73 -22.30
N LEU D 122 25.54 -7.51 -21.35
CA LEU D 122 25.83 -8.52 -20.32
C LEU D 122 24.68 -8.75 -19.35
N ASN D 123 23.78 -7.79 -19.23
CA ASN D 123 22.67 -7.89 -18.31
C ASN D 123 21.45 -8.65 -18.82
N TYR D 124 21.60 -9.30 -19.98
CA TYR D 124 20.52 -10.07 -20.56
C TYR D 124 20.55 -11.50 -20.01
N ALA D 125 21.71 -11.91 -19.51
CA ALA D 125 21.92 -13.25 -18.95
C ALA D 125 21.48 -13.38 -17.49
N THR D 126 20.20 -13.17 -17.23
CA THR D 126 19.64 -13.25 -15.89
C THR D 126 18.18 -13.74 -15.92
N PRO D 127 17.60 -14.03 -14.74
CA PRO D 127 16.21 -14.51 -14.63
C PRO D 127 15.16 -13.61 -15.28
N LYS D 128 15.44 -12.30 -15.27
CA LYS D 128 14.54 -11.28 -15.83
C LYS D 128 14.19 -11.50 -17.31
N TRP D 129 15.14 -12.04 -18.07
CA TRP D 129 14.91 -12.27 -19.49
C TRP D 129 14.76 -13.74 -19.86
N LYS D 130 14.30 -14.55 -18.91
CA LYS D 130 14.09 -15.95 -19.19
C LYS D 130 13.01 -16.02 -20.26
N ASN D 131 13.32 -16.67 -21.38
CA ASN D 131 12.40 -16.80 -22.52
C ASN D 131 12.05 -15.47 -23.20
N ARG D 132 12.88 -14.45 -23.01
CA ARG D 132 12.63 -13.13 -23.58
C ARG D 132 13.76 -12.63 -24.50
N ILE D 133 14.90 -13.33 -24.49
CA ILE D 133 16.05 -12.94 -25.31
C ILE D 133 16.59 -14.12 -26.13
N GLY D 134 16.71 -13.94 -27.45
CA GLY D 134 17.23 -15.00 -28.30
C GLY D 134 18.65 -14.76 -28.76
N TYR D 135 19.32 -15.84 -29.20
CA TYR D 135 20.69 -15.73 -29.69
C TYR D 135 20.99 -16.82 -30.74
N VAL D 136 22.10 -16.63 -31.46
CA VAL D 136 22.52 -17.56 -32.51
C VAL D 136 23.90 -18.09 -32.12
N PRO D 137 23.95 -19.19 -31.35
CA PRO D 137 25.22 -19.78 -30.90
C PRO D 137 26.24 -20.20 -31.97
N THR D 138 25.78 -20.66 -33.13
CA THR D 138 26.70 -21.08 -34.19
C THR D 138 27.12 -19.95 -35.15
N SER D 139 26.74 -18.73 -34.81
CA SER D 139 27.03 -17.53 -35.58
C SER D 139 28.48 -17.01 -35.45
N GLY D 140 29.04 -16.56 -36.58
CA GLY D 140 30.37 -16.02 -36.58
C GLY D 140 30.45 -14.70 -35.81
N ALA D 141 29.38 -13.92 -35.89
CA ALA D 141 29.30 -12.64 -35.18
C ALA D 141 29.18 -12.86 -33.66
N PHE D 142 28.41 -13.88 -33.27
CA PHE D 142 28.24 -14.19 -31.85
C PHE D 142 29.61 -14.54 -31.25
N LEU D 143 30.43 -15.26 -32.01
CA LEU D 143 31.77 -15.65 -31.56
C LEU D 143 32.62 -14.40 -31.33
N GLU D 144 32.57 -13.46 -32.27
CA GLU D 144 33.32 -12.20 -32.17
C GLU D 144 32.90 -11.40 -30.95
N GLN D 145 31.66 -11.58 -30.49
CA GLN D 145 31.14 -10.89 -29.30
C GLN D 145 31.81 -11.48 -28.06
N ILE D 146 31.98 -12.80 -28.07
CA ILE D 146 32.63 -13.51 -26.99
C ILE D 146 34.09 -13.05 -26.90
N VAL D 147 34.77 -13.00 -28.04
CA VAL D 147 36.16 -12.56 -28.12
C VAL D 147 36.32 -11.13 -27.58
N ALA D 148 35.35 -10.25 -27.88
CA ALA D 148 35.39 -8.86 -27.43
C ALA D 148 35.15 -8.73 -25.91
N ILE D 149 34.27 -9.57 -25.37
CA ILE D 149 34.00 -9.51 -23.93
C ILE D 149 35.23 -9.97 -23.14
N VAL D 150 35.99 -10.92 -23.69
CA VAL D 150 37.20 -11.39 -23.00
C VAL D 150 38.24 -10.24 -22.92
N LYS D 151 38.45 -9.55 -24.03
CA LYS D 151 39.41 -8.45 -24.11
C LYS D 151 38.97 -7.23 -23.30
N LEU D 152 37.67 -7.03 -23.17
CA LEU D 152 37.15 -5.86 -22.45
C LEU D 152 36.86 -6.10 -20.97
N LYS D 153 36.34 -7.27 -20.63
CA LYS D 153 35.99 -7.57 -19.24
C LYS D 153 36.74 -8.72 -18.57
N GLY D 154 37.52 -9.48 -19.34
CA GLY D 154 38.23 -10.61 -18.75
C GLY D 154 37.47 -11.89 -19.06
N GLU D 155 38.11 -13.05 -18.88
CA GLU D 155 37.45 -14.31 -19.17
C GLU D 155 36.31 -14.70 -18.23
N ALA D 156 36.44 -14.40 -16.95
CA ALA D 156 35.40 -14.74 -15.99
C ALA D 156 34.06 -14.11 -16.36
N ALA D 157 34.10 -12.91 -16.96
CA ALA D 157 32.89 -12.21 -17.37
C ALA D 157 32.24 -12.86 -18.60
N ALA D 158 33.06 -13.35 -19.53
CA ALA D 158 32.55 -13.99 -20.75
C ALA D 158 31.92 -15.35 -20.44
N LEU D 159 32.49 -16.09 -19.49
CA LEU D 159 31.95 -17.39 -19.11
C LEU D 159 30.64 -17.22 -18.33
N LYS D 160 30.57 -16.15 -17.54
CA LYS D 160 29.36 -15.87 -16.77
C LYS D 160 28.21 -15.55 -17.72
N TRP D 161 28.51 -14.75 -18.75
CA TRP D 161 27.53 -14.35 -19.76
C TRP D 161 27.00 -15.57 -20.51
N LEU D 162 27.89 -16.37 -21.09
CA LEU D 162 27.49 -17.55 -21.82
C LEU D 162 26.65 -18.52 -20.98
N LYS D 163 27.12 -18.82 -19.77
CA LYS D 163 26.38 -19.72 -18.88
C LYS D 163 24.99 -19.13 -18.58
N GLY D 164 24.94 -17.81 -18.50
CA GLY D 164 23.69 -17.10 -18.26
C GLY D 164 22.74 -17.21 -19.43
N LEU D 165 23.26 -16.98 -20.65
CA LEU D 165 22.43 -17.08 -21.86
C LEU D 165 21.97 -18.52 -22.11
N LYS D 166 22.80 -19.48 -21.72
CA LYS D 166 22.48 -20.89 -21.88
C LYS D 166 21.28 -21.26 -20.99
N GLU D 167 21.29 -20.78 -19.76
CA GLU D 167 20.22 -21.07 -18.80
C GLU D 167 18.93 -20.25 -18.91
N TYR D 168 18.98 -19.09 -19.58
CA TYR D 168 17.77 -18.27 -19.66
C TYR D 168 17.28 -17.88 -21.06
N GLY D 169 18.19 -17.82 -22.02
CA GLY D 169 17.82 -17.43 -23.37
C GLY D 169 17.42 -18.59 -24.27
N LYS D 170 16.95 -18.26 -25.46
CA LYS D 170 16.52 -19.28 -26.41
C LYS D 170 17.41 -19.25 -27.66
N PRO D 171 18.00 -20.40 -28.03
CA PRO D 171 18.88 -20.52 -29.20
C PRO D 171 18.14 -20.57 -30.53
N TYR D 172 18.74 -20.00 -31.56
CA TYR D 172 18.16 -20.02 -32.89
C TYR D 172 19.21 -20.44 -33.89
N ALA D 173 18.77 -21.21 -34.88
CA ALA D 173 19.64 -21.74 -35.92
C ALA D 173 20.40 -20.67 -36.73
N LYS D 174 19.70 -19.60 -37.08
CA LYS D 174 20.30 -18.52 -37.88
C LYS D 174 19.83 -17.12 -37.45
N ASN D 175 20.52 -16.10 -37.95
CA ASN D 175 20.17 -14.71 -37.65
C ASN D 175 18.79 -14.40 -38.24
N SER D 176 18.55 -14.92 -39.44
CA SER D 176 17.28 -14.70 -40.15
C SER D 176 16.07 -15.26 -39.40
N VAL D 177 16.21 -16.49 -38.89
CA VAL D 177 15.14 -17.15 -38.15
C VAL D 177 14.78 -16.41 -36.85
N ALA D 178 15.81 -15.93 -36.15
CA ALA D 178 15.63 -15.20 -34.88
C ALA D 178 14.87 -13.88 -35.10
N LEU D 179 15.20 -13.14 -36.16
CA LEU D 179 14.53 -11.89 -36.47
C LEU D 179 13.06 -12.14 -36.76
N GLN D 180 12.79 -13.24 -37.45
CA GLN D 180 11.42 -13.60 -37.79
C GLN D 180 10.68 -14.03 -36.52
N ALA D 181 11.40 -14.60 -35.57
CA ALA D 181 10.78 -15.02 -34.32
C ALA D 181 10.26 -13.80 -33.56
N VAL D 182 11.08 -12.75 -33.48
CA VAL D 182 10.70 -11.53 -32.78
C VAL D 182 9.56 -10.83 -33.54
N GLU D 183 9.66 -10.83 -34.86
CA GLU D 183 8.64 -10.21 -35.70
C GLU D 183 7.30 -10.93 -35.51
N ASN D 184 7.36 -12.27 -35.39
CA ASN D 184 6.16 -13.08 -35.19
C ASN D 184 5.59 -12.93 -33.80
N GLY D 185 6.33 -12.26 -32.92
CA GLY D 185 5.85 -12.09 -31.56
C GLY D 185 6.09 -13.32 -30.69
N GLU D 186 7.06 -14.15 -31.09
CA GLU D 186 7.37 -15.37 -30.34
C GLU D 186 8.35 -15.14 -29.18
N VAL D 187 9.21 -14.12 -29.31
CA VAL D 187 10.17 -13.78 -28.26
C VAL D 187 10.34 -12.26 -28.22
N ASP D 188 10.44 -11.70 -27.02
CA ASP D 188 10.59 -10.24 -26.86
C ASP D 188 11.72 -9.56 -27.65
N ALA D 189 12.94 -10.11 -27.57
CA ALA D 189 14.08 -9.53 -28.28
C ALA D 189 15.11 -10.59 -28.68
N ALA D 190 16.15 -10.16 -29.38
CA ALA D 190 17.22 -11.05 -29.84
C ALA D 190 18.50 -10.31 -30.20
N LEU D 191 19.64 -10.98 -30.05
CA LEU D 191 20.95 -10.40 -30.39
C LEU D 191 21.29 -10.79 -31.82
N ILE D 192 21.46 -9.81 -32.70
CA ILE D 192 21.79 -10.07 -34.10
C ILE D 192 22.74 -9.01 -34.66
N ASN D 193 22.87 -8.96 -35.99
CA ASN D 193 23.69 -7.96 -36.67
C ASN D 193 22.76 -6.96 -37.34
N ASN D 194 23.01 -5.67 -37.10
CA ASN D 194 22.20 -4.56 -37.62
C ASN D 194 21.59 -4.70 -39.03
N TYR D 195 22.43 -4.91 -40.03
CA TYR D 195 21.98 -5.02 -41.42
C TYR D 195 20.87 -6.03 -41.70
N TYR D 196 20.73 -7.06 -40.86
CA TYR D 196 19.67 -8.05 -41.07
C TYR D 196 18.32 -7.36 -40.98
N TRP D 197 18.16 -6.46 -40.02
CA TRP D 197 16.92 -5.75 -39.87
C TRP D 197 16.71 -4.80 -41.05
N HIS D 198 17.74 -4.00 -41.34
CA HIS D 198 17.68 -3.02 -42.43
C HIS D 198 17.28 -3.60 -43.80
N ALA D 199 17.78 -4.79 -44.13
CA ALA D 199 17.44 -5.43 -45.39
C ALA D 199 15.99 -5.85 -45.37
N PHE D 200 15.56 -6.32 -44.19
CA PHE D 200 14.21 -6.79 -43.94
C PHE D 200 13.18 -5.67 -44.06
N ALA D 201 13.47 -4.56 -43.40
CA ALA D 201 12.58 -3.40 -43.42
C ALA D 201 12.49 -2.79 -44.82
N ARG D 202 13.57 -2.87 -45.59
CA ARG D 202 13.55 -2.29 -46.92
C ARG D 202 12.74 -3.11 -47.90
N GLU D 203 12.88 -4.43 -47.82
CA GLU D 203 12.16 -5.32 -48.73
C GLU D 203 10.66 -5.35 -48.50
N LYS D 204 10.27 -5.40 -47.22
CA LYS D 204 8.88 -5.48 -46.81
C LYS D 204 8.15 -4.15 -46.64
N GLY D 205 8.89 -3.08 -46.40
CA GLY D 205 8.28 -1.78 -46.19
C GLY D 205 8.21 -1.56 -44.69
N VAL D 206 9.10 -0.71 -44.18
CA VAL D 206 9.19 -0.42 -42.75
C VAL D 206 7.85 -0.18 -42.08
N GLN D 207 6.90 0.34 -42.83
CA GLN D 207 5.58 0.64 -42.29
C GLN D 207 4.83 -0.64 -41.87
N ASN D 208 5.20 -1.78 -42.44
CA ASN D 208 4.58 -3.06 -42.12
C ASN D 208 5.37 -3.89 -41.09
N VAL D 209 6.50 -3.36 -40.63
CA VAL D 209 7.37 -4.04 -39.65
C VAL D 209 7.20 -3.49 -38.23
N HIS D 210 7.08 -4.39 -37.26
CA HIS D 210 6.88 -4.03 -35.85
C HIS D 210 8.11 -4.22 -34.96
N THR D 211 9.24 -4.54 -35.56
CA THR D 211 10.48 -4.76 -34.83
C THR D 211 11.40 -3.56 -35.07
N ARG D 212 12.23 -3.21 -34.09
CA ARG D 212 13.15 -2.08 -34.20
C ARG D 212 14.53 -2.39 -33.60
N LEU D 213 15.50 -1.51 -33.86
CA LEU D 213 16.85 -1.71 -33.35
C LEU D 213 17.26 -0.80 -32.19
N ASN D 214 18.00 -1.38 -31.24
CA ASN D 214 18.51 -0.68 -30.07
C ASN D 214 20.02 -0.77 -30.06
N PHE D 215 20.69 0.31 -29.66
CA PHE D 215 22.15 0.34 -29.59
C PHE D 215 22.54 0.71 -28.17
N VAL D 216 23.31 -0.14 -27.52
CA VAL D 216 23.73 0.10 -26.14
C VAL D 216 24.76 1.24 -25.95
N ARG D 217 25.51 1.55 -27.01
CA ARG D 217 26.53 2.61 -26.96
C ARG D 217 27.37 2.54 -25.68
N HIS D 218 27.93 3.68 -25.28
CA HIS D 218 28.75 3.80 -24.06
C HIS D 218 29.89 2.76 -23.95
N ARG D 219 30.58 2.50 -25.07
CA ARG D 219 31.67 1.53 -25.11
C ARG D 219 31.37 0.14 -24.53
N ASP D 220 30.09 -0.20 -24.42
CA ASP D 220 29.71 -1.50 -23.90
C ASP D 220 30.14 -2.55 -24.92
N PRO D 221 30.46 -3.76 -24.46
CA PRO D 221 30.87 -4.80 -25.41
C PRO D 221 29.77 -5.04 -26.47
N GLY D 222 28.53 -4.73 -26.09
CA GLY D 222 27.38 -4.92 -26.97
C GLY D 222 27.32 -3.89 -28.08
N ALA D 223 28.25 -2.95 -28.06
CA ALA D 223 28.30 -1.90 -29.08
C ALA D 223 29.38 -2.27 -30.09
N LEU D 224 29.86 -3.49 -30.01
CA LEU D 224 30.91 -3.98 -30.89
C LEU D 224 30.68 -3.68 -32.37
N VAL D 225 31.70 -3.15 -33.04
CA VAL D 225 31.65 -2.84 -34.46
C VAL D 225 32.82 -3.56 -35.13
N THR D 226 32.53 -4.28 -36.21
CA THR D 226 33.57 -5.00 -36.93
C THR D 226 33.85 -4.28 -38.27
N TYR D 227 35.10 -4.26 -38.70
CA TYR D 227 35.46 -3.54 -39.92
C TYR D 227 35.85 -4.29 -41.20
N SER D 228 35.65 -3.60 -42.34
CA SER D 228 35.98 -4.11 -43.66
C SER D 228 37.13 -3.24 -44.17
N GLY D 229 37.91 -3.76 -45.11
CA GLY D 229 39.02 -3.00 -45.63
C GLY D 229 39.51 -3.49 -46.98
N ALA D 230 40.60 -2.90 -47.47
CA ALA D 230 41.16 -3.28 -48.76
C ALA D 230 42.62 -2.89 -48.86
N ALA D 231 43.33 -3.52 -49.80
CA ALA D 231 44.75 -3.26 -50.01
C ALA D 231 45.17 -3.58 -51.45
N VAL D 232 46.36 -3.11 -51.81
CA VAL D 232 46.96 -3.32 -53.11
C VAL D 232 48.13 -4.28 -52.88
N LEU D 233 48.25 -5.31 -53.73
CA LEU D 233 49.34 -6.27 -53.61
C LEU D 233 50.67 -5.69 -54.10
N LYS D 234 51.78 -6.23 -53.62
CA LYS D 234 53.11 -5.76 -54.04
C LYS D 234 53.39 -6.25 -55.46
N SER D 235 52.99 -7.48 -55.76
CA SER D 235 53.21 -8.09 -57.07
C SER D 235 52.27 -7.55 -58.16
N SER D 236 51.45 -6.57 -57.81
CA SER D 236 50.49 -5.97 -58.74
C SER D 236 51.15 -5.32 -59.94
N GLN D 237 50.59 -5.55 -61.13
CA GLN D 237 51.11 -5.01 -62.38
C GLN D 237 50.38 -3.72 -62.77
N ASN D 238 49.26 -3.45 -62.08
CA ASN D 238 48.46 -2.27 -62.35
C ASN D 238 48.25 -1.52 -61.04
N LYS D 239 49.35 -1.18 -60.39
CA LYS D 239 49.30 -0.47 -59.12
C LYS D 239 48.81 0.96 -59.25
N ASP D 240 49.04 1.57 -60.41
CA ASP D 240 48.62 2.95 -60.62
C ASP D 240 47.13 3.09 -60.40
N GLU D 241 46.37 2.17 -60.99
CA GLU D 241 44.92 2.22 -60.83
C GLU D 241 44.41 1.33 -59.70
N ALA D 242 45.10 0.23 -59.43
CA ALA D 242 44.68 -0.64 -58.33
C ALA D 242 44.69 0.22 -57.09
N LYS D 243 45.56 1.22 -57.09
CA LYS D 243 45.69 2.16 -55.97
C LYS D 243 44.62 3.26 -56.01
N LYS D 244 44.17 3.62 -57.21
CA LYS D 244 43.15 4.65 -57.34
C LYS D 244 41.78 4.01 -57.11
N PHE D 245 41.75 2.68 -57.17
CA PHE D 245 40.54 1.92 -56.94
C PHE D 245 40.33 1.91 -55.44
N VAL D 246 41.39 1.59 -54.71
CA VAL D 246 41.33 1.56 -53.25
C VAL D 246 41.07 2.98 -52.73
N ALA D 247 41.54 3.99 -53.47
CA ALA D 247 41.36 5.38 -53.09
C ALA D 247 39.91 5.79 -53.35
N PHE D 248 39.32 5.14 -54.35
CA PHE D 248 37.93 5.38 -54.74
C PHE D 248 36.99 4.82 -53.68
N LEU D 249 37.36 3.68 -53.08
CA LEU D 249 36.54 3.04 -52.06
C LEU D 249 36.50 3.81 -50.75
N ALA D 250 37.57 4.55 -50.44
CA ALA D 250 37.64 5.32 -49.21
C ALA D 250 37.00 6.70 -49.38
N GLY D 251 36.99 7.19 -50.62
CA GLY D 251 36.43 8.49 -50.92
C GLY D 251 34.93 8.63 -50.72
N LYS D 252 34.37 9.73 -51.22
CA LYS D 252 32.94 10.04 -51.07
C LYS D 252 32.05 9.37 -52.12
N GLU D 253 32.53 9.24 -53.34
CA GLU D 253 31.75 8.62 -54.41
C GLU D 253 31.55 7.12 -54.26
N GLY D 254 32.60 6.39 -53.89
CA GLY D 254 32.48 4.94 -53.74
C GLY D 254 31.80 4.53 -52.44
N GLN D 255 32.02 5.29 -51.38
CA GLN D 255 31.41 5.01 -50.09
C GLN D 255 29.89 5.14 -50.20
N ARG D 256 29.45 6.03 -51.09
CA ARG D 256 28.02 6.24 -51.32
C ARG D 256 27.44 5.11 -52.19
N ALA D 257 28.24 4.66 -53.17
CA ALA D 257 27.82 3.58 -54.06
C ALA D 257 27.63 2.28 -53.27
N LEU D 258 28.48 2.07 -52.28
CA LEU D 258 28.40 0.88 -51.44
C LEU D 258 27.23 1.03 -50.46
N THR D 259 27.12 2.23 -49.90
CA THR D 259 26.10 2.57 -48.92
C THR D 259 24.70 2.64 -49.55
N ALA D 260 24.65 2.54 -50.87
CA ALA D 260 23.38 2.57 -51.59
C ALA D 260 22.79 1.15 -51.66
N VAL D 261 23.64 0.15 -51.45
CA VAL D 261 23.21 -1.26 -51.52
C VAL D 261 23.36 -2.10 -50.24
N ARG D 262 24.32 -1.77 -49.39
CA ARG D 262 24.55 -2.54 -48.16
C ARG D 262 24.36 -1.67 -46.91
N ALA D 263 23.78 -2.23 -45.86
CA ALA D 263 23.55 -1.48 -44.62
C ALA D 263 24.73 -1.43 -43.63
N GLU D 264 25.92 -1.13 -44.13
CA GLU D 264 27.10 -1.00 -43.26
C GLU D 264 27.32 0.50 -43.04
N TYR D 265 27.93 0.85 -41.92
CA TYR D 265 28.19 2.26 -41.59
C TYR D 265 29.39 2.84 -42.34
N PRO D 266 29.19 3.99 -43.01
CA PRO D 266 30.27 4.62 -43.76
C PRO D 266 31.37 5.10 -42.80
N LEU D 267 32.63 5.01 -43.23
CA LEU D 267 33.74 5.46 -42.41
C LEU D 267 34.12 6.89 -42.77
N ASN D 268 33.72 7.33 -43.96
CA ASN D 268 33.99 8.69 -44.44
C ASN D 268 32.85 9.60 -43.90
N PRO D 269 33.20 10.65 -43.14
CA PRO D 269 32.25 11.60 -42.55
C PRO D 269 31.43 12.53 -43.47
N HIS D 270 31.63 12.44 -44.79
CA HIS D 270 30.90 13.29 -45.75
C HIS D 270 29.74 12.55 -46.44
N VAL D 271 29.64 11.24 -46.17
CA VAL D 271 28.62 10.41 -46.79
C VAL D 271 27.36 10.09 -45.98
N VAL D 272 26.20 10.25 -46.62
CA VAL D 272 24.91 9.96 -45.99
C VAL D 272 24.46 8.59 -46.49
N SER D 273 23.96 7.77 -45.59
CA SER D 273 23.52 6.44 -45.98
C SER D 273 22.10 6.42 -46.57
N THR D 274 21.86 5.42 -47.40
CA THR D 274 20.56 5.22 -48.04
C THR D 274 19.61 4.50 -47.07
N PHE D 275 20.16 4.06 -45.95
CA PHE D 275 19.40 3.39 -44.90
C PHE D 275 19.39 4.39 -43.74
N ASN D 276 18.45 4.24 -42.80
CA ASN D 276 18.40 5.17 -41.67
C ASN D 276 19.46 4.83 -40.64
N LEU D 277 20.69 5.25 -40.93
CA LEU D 277 21.84 4.99 -40.07
C LEU D 277 22.45 6.25 -39.45
N GLU D 278 22.71 6.20 -38.16
CA GLU D 278 23.33 7.30 -37.44
C GLU D 278 24.84 7.19 -37.71
N PRO D 279 25.57 8.32 -37.64
CA PRO D 279 27.02 8.24 -37.88
C PRO D 279 27.62 7.27 -36.86
N ILE D 280 28.60 6.46 -37.24
CA ILE D 280 29.20 5.52 -36.28
C ILE D 280 29.81 6.21 -35.09
N ALA D 281 30.36 7.40 -35.30
CA ALA D 281 30.98 8.16 -34.23
C ALA D 281 30.04 8.19 -33.02
N LYS D 282 28.73 8.22 -33.32
CA LYS D 282 27.69 8.27 -32.30
C LYS D 282 27.30 6.89 -31.75
N LEU D 283 27.79 5.81 -32.38
CA LEU D 283 27.49 4.46 -31.89
C LEU D 283 28.27 4.19 -30.61
N GLU D 284 29.37 4.92 -30.43
CA GLU D 284 30.23 4.78 -29.26
C GLU D 284 30.77 3.35 -29.12
N ALA D 285 31.27 2.82 -30.23
CA ALA D 285 31.80 1.46 -30.29
C ALA D 285 33.06 1.31 -29.45
N PRO D 286 33.23 0.13 -28.81
CA PRO D 286 34.41 -0.13 -27.96
C PRO D 286 35.62 -0.48 -28.82
N GLN D 287 36.79 0.02 -28.44
CA GLN D 287 38.00 -0.30 -29.19
C GLN D 287 38.34 -1.77 -28.95
N VAL D 288 38.57 -2.51 -30.04
CA VAL D 288 38.91 -3.91 -29.95
C VAL D 288 39.98 -4.22 -30.99
N SER D 289 41.08 -4.81 -30.53
CA SER D 289 42.17 -5.17 -31.44
C SER D 289 41.62 -6.27 -32.35
N ALA D 290 42.33 -6.53 -33.45
CA ALA D 290 41.91 -7.55 -34.40
C ALA D 290 41.86 -8.95 -33.78
N THR D 291 41.00 -9.80 -34.32
CA THR D 291 40.84 -11.16 -33.84
C THR D 291 41.89 -12.13 -34.42
N THR D 292 42.41 -13.00 -33.56
CA THR D 292 43.42 -13.98 -33.96
C THR D 292 42.83 -15.39 -33.91
N VAL D 293 43.56 -16.34 -34.49
CA VAL D 293 43.11 -17.72 -34.50
C VAL D 293 43.04 -18.31 -33.10
N SER D 294 43.99 -17.96 -32.22
CA SER D 294 43.97 -18.48 -30.84
C SER D 294 42.84 -17.86 -30.01
N GLU D 295 42.50 -16.61 -30.34
CA GLU D 295 41.40 -15.92 -29.66
C GLU D 295 40.06 -16.60 -29.96
N LYS D 296 39.89 -17.10 -31.18
CA LYS D 296 38.67 -17.82 -31.59
C LYS D 296 38.65 -19.21 -30.95
N GLU D 297 39.83 -19.86 -30.89
CA GLU D 297 39.96 -21.18 -30.29
C GLU D 297 39.49 -21.09 -28.84
N HIS D 298 39.99 -20.08 -28.13
CA HIS D 298 39.63 -19.86 -26.75
C HIS D 298 38.12 -19.64 -26.60
N ALA D 299 37.54 -18.79 -27.46
CA ALA D 299 36.11 -18.51 -27.39
C ALA D 299 35.25 -19.76 -27.65
N THR D 300 35.73 -20.64 -28.53
CA THR D 300 35.01 -21.88 -28.85
C THR D 300 35.03 -22.79 -27.62
N ARG D 301 36.17 -22.83 -26.95
CA ARG D 301 36.34 -23.63 -25.74
C ARG D 301 35.31 -23.17 -24.71
N LEU D 302 35.15 -21.85 -24.59
CA LEU D 302 34.16 -21.29 -23.66
C LEU D 302 32.74 -21.68 -24.04
N LEU D 303 32.45 -21.75 -25.35
CA LEU D 303 31.13 -22.15 -25.86
C LEU D 303 30.82 -23.56 -25.36
N GLU D 304 31.75 -24.48 -25.66
CA GLU D 304 31.62 -25.87 -25.28
C GLU D 304 31.61 -25.97 -23.76
N GLN D 305 32.27 -25.02 -23.11
CA GLN D 305 32.37 -25.00 -21.65
C GLN D 305 31.10 -24.40 -21.02
N ALA D 306 30.26 -23.78 -21.84
CA ALA D 306 29.01 -23.21 -21.33
C ALA D 306 27.87 -24.12 -21.74
N GLY D 307 28.16 -25.09 -22.59
CA GLY D 307 27.16 -26.05 -23.04
C GLY D 307 26.39 -25.68 -24.30
N MET D 308 26.93 -24.74 -25.08
CA MET D 308 26.29 -24.32 -26.30
C MET D 308 26.73 -25.14 -27.51
N LYS D 309 27.86 -25.81 -27.38
CA LYS D 309 28.39 -26.63 -28.45
C LYS D 309 28.69 -28.07 -27.98
N ASP E 1 -4.88 -64.37 -30.93
CA ASP E 1 -5.85 -65.16 -30.11
C ASP E 1 -5.15 -65.69 -28.85
N ILE E 2 -5.94 -65.98 -27.83
CA ILE E 2 -5.43 -66.48 -26.56
C ILE E 2 -6.23 -67.64 -25.98
N THR E 3 -5.54 -68.48 -25.21
CA THR E 3 -6.12 -69.64 -24.55
C THR E 3 -6.25 -69.35 -23.05
N VAL E 4 -7.47 -69.35 -22.54
CA VAL E 4 -7.68 -69.10 -21.13
C VAL E 4 -8.15 -70.36 -20.41
N TYR E 5 -7.37 -70.79 -19.42
CA TYR E 5 -7.69 -71.95 -18.59
C TYR E 5 -8.63 -71.38 -17.54
N ASN E 6 -9.91 -71.64 -17.73
CA ASN E 6 -10.97 -71.12 -16.89
C ASN E 6 -11.47 -71.96 -15.70
N GLY E 7 -11.30 -71.42 -14.51
CA GLY E 7 -11.75 -72.08 -13.30
C GLY E 7 -13.05 -71.44 -12.81
N GLN E 8 -13.45 -70.36 -13.48
CA GLN E 8 -14.67 -69.63 -13.16
C GLN E 8 -15.89 -70.30 -13.82
N HIS E 9 -17.08 -69.84 -13.43
CA HIS E 9 -18.36 -70.31 -13.96
C HIS E 9 -18.39 -70.07 -15.47
N LYS E 10 -18.72 -71.11 -16.25
CA LYS E 10 -18.79 -71.03 -17.71
C LYS E 10 -19.42 -69.72 -18.19
N GLU E 11 -20.66 -69.49 -17.75
CA GLU E 11 -21.42 -68.29 -18.11
C GLU E 11 -20.69 -67.01 -17.75
N ALA E 12 -20.07 -66.98 -16.59
CA ALA E 12 -19.32 -65.81 -16.15
C ALA E 12 -18.17 -65.57 -17.12
N ALA E 13 -17.34 -66.58 -17.31
CA ALA E 13 -16.19 -66.49 -18.21
C ALA E 13 -16.55 -66.17 -19.67
N GLN E 14 -17.62 -66.79 -20.17
CA GLN E 14 -18.04 -66.53 -21.54
C GLN E 14 -18.44 -65.06 -21.73
N ALA E 15 -19.13 -64.50 -20.73
CA ALA E 15 -19.57 -63.11 -20.78
C ALA E 15 -18.39 -62.15 -20.88
N VAL E 16 -17.37 -62.36 -20.06
CA VAL E 16 -16.20 -61.50 -20.06
C VAL E 16 -15.31 -61.69 -21.30
N ALA E 17 -15.36 -62.89 -21.91
CA ALA E 17 -14.58 -63.20 -23.10
C ALA E 17 -15.19 -62.57 -24.35
N ASP E 18 -16.52 -62.64 -24.47
CA ASP E 18 -17.23 -62.06 -25.59
C ASP E 18 -17.10 -60.52 -25.56
N ALA E 19 -17.30 -59.93 -24.39
CA ALA E 19 -17.17 -58.48 -24.26
C ALA E 19 -15.76 -58.06 -24.64
N PHE E 20 -14.78 -58.91 -24.32
CA PHE E 20 -13.38 -58.63 -24.61
C PHE E 20 -13.15 -58.66 -26.11
N THR E 21 -13.60 -59.73 -26.76
CA THR E 21 -13.43 -59.88 -28.20
C THR E 21 -14.18 -58.77 -28.95
N ARG E 22 -15.26 -58.25 -28.36
CA ARG E 22 -16.03 -57.17 -28.97
C ARG E 22 -15.21 -55.88 -29.05
N ALA E 23 -14.38 -55.67 -28.02
CA ALA E 23 -13.54 -54.47 -27.89
C ALA E 23 -12.16 -54.50 -28.56
N THR E 24 -11.62 -55.68 -28.81
CA THR E 24 -10.28 -55.78 -29.41
C THR E 24 -10.14 -56.65 -30.64
N GLY E 25 -11.15 -57.45 -30.94
CA GLY E 25 -11.08 -58.32 -32.10
C GLY E 25 -10.30 -59.61 -31.84
N ILE E 26 -9.70 -59.70 -30.66
CA ILE E 26 -8.91 -60.85 -30.23
C ILE E 26 -9.82 -62.00 -29.78
N LYS E 27 -9.68 -63.16 -30.42
CA LYS E 27 -10.51 -64.32 -30.08
C LYS E 27 -9.98 -65.02 -28.84
N VAL E 28 -10.89 -65.59 -28.07
CA VAL E 28 -10.55 -66.29 -26.84
C VAL E 28 -11.06 -67.73 -26.87
N LYS E 29 -10.21 -68.66 -26.43
CA LYS E 29 -10.55 -70.09 -26.36
C LYS E 29 -10.64 -70.44 -24.86
N LEU E 30 -11.76 -71.00 -24.43
CA LEU E 30 -11.94 -71.36 -23.02
C LEU E 30 -11.86 -72.86 -22.75
N ASN E 31 -10.89 -73.24 -21.92
CA ASN E 31 -10.70 -74.62 -21.50
C ASN E 31 -11.18 -74.62 -20.06
N SER E 32 -12.47 -74.90 -19.86
CA SER E 32 -13.08 -74.85 -18.54
C SER E 32 -13.18 -76.14 -17.70
N ALA E 33 -12.55 -76.09 -16.54
CA ALA E 33 -12.54 -77.17 -15.57
C ALA E 33 -12.33 -76.45 -14.25
N LYS E 34 -11.81 -77.14 -13.25
CA LYS E 34 -11.57 -76.51 -11.96
C LYS E 34 -10.16 -75.95 -11.87
N GLY E 35 -10.02 -74.73 -11.36
CA GLY E 35 -8.70 -74.12 -11.24
C GLY E 35 -7.75 -74.95 -10.41
N ASP E 36 -8.33 -75.84 -9.60
CA ASP E 36 -7.58 -76.73 -8.73
C ASP E 36 -6.74 -77.67 -9.58
N GLN E 37 -7.40 -78.42 -10.45
CA GLN E 37 -6.76 -79.36 -11.36
C GLN E 37 -6.11 -78.65 -12.55
N LEU E 38 -6.64 -77.49 -12.92
CA LEU E 38 -6.08 -76.72 -14.03
C LEU E 38 -4.65 -76.25 -13.74
N ALA E 39 -4.33 -76.09 -12.46
CA ALA E 39 -3.01 -75.65 -12.05
C ALA E 39 -2.02 -76.80 -12.16
N GLY E 40 -2.47 -77.99 -11.80
CA GLY E 40 -1.62 -79.16 -11.88
C GLY E 40 -1.29 -79.42 -13.34
N GLN E 41 -2.31 -79.31 -14.17
CA GLN E 41 -2.17 -79.50 -15.61
C GLN E 41 -1.08 -78.56 -16.12
N ILE E 42 -1.20 -77.29 -15.73
CA ILE E 42 -0.25 -76.26 -16.12
C ILE E 42 1.16 -76.70 -15.75
N LYS E 43 1.31 -77.21 -14.53
CA LYS E 43 2.60 -77.68 -14.03
C LYS E 43 3.14 -78.89 -14.79
N GLU E 44 2.26 -79.80 -15.16
CA GLU E 44 2.65 -80.98 -15.90
C GLU E 44 3.15 -80.58 -17.29
N GLU E 45 2.36 -79.78 -18.01
CA GLU E 45 2.74 -79.34 -19.36
C GLU E 45 4.03 -78.52 -19.32
N GLY E 46 4.23 -77.77 -18.24
CA GLY E 46 5.43 -76.96 -18.12
C GLY E 46 5.54 -75.88 -19.17
N SER E 47 6.77 -75.62 -19.59
CA SER E 47 7.09 -74.60 -20.59
C SER E 47 6.33 -74.75 -21.92
N ARG E 48 5.79 -75.93 -22.16
CA ARG E 48 5.06 -76.20 -23.39
C ARG E 48 3.55 -76.11 -23.24
N SER E 49 3.09 -75.65 -22.07
CA SER E 49 1.65 -75.49 -21.81
C SER E 49 1.05 -74.41 -22.72
N PRO E 50 -0.14 -74.68 -23.27
CA PRO E 50 -0.86 -73.75 -24.17
C PRO E 50 -1.59 -72.61 -23.44
N ALA E 51 -1.63 -72.69 -22.11
CA ALA E 51 -2.30 -71.65 -21.34
C ALA E 51 -1.58 -70.31 -21.50
N ASP E 52 -2.38 -69.27 -21.74
CA ASP E 52 -1.84 -67.91 -21.87
C ASP E 52 -2.26 -67.18 -20.61
N VAL E 53 -3.54 -67.35 -20.25
CA VAL E 53 -4.14 -66.73 -19.07
C VAL E 53 -4.85 -67.75 -18.20
N PHE E 54 -4.68 -67.64 -16.88
CA PHE E 54 -5.33 -68.53 -15.95
C PHE E 54 -6.34 -67.71 -15.14
N TYR E 55 -7.61 -67.95 -15.42
CA TYR E 55 -8.69 -67.25 -14.75
C TYR E 55 -9.34 -68.19 -13.74
N SER E 56 -8.95 -68.10 -12.47
CA SER E 56 -9.52 -69.00 -11.48
C SER E 56 -10.45 -68.36 -10.47
N GLU E 57 -11.12 -69.22 -9.70
CA GLU E 57 -12.07 -68.82 -8.67
C GLU E 57 -11.36 -68.94 -7.32
N GLN E 58 -10.21 -69.62 -7.35
CA GLN E 58 -9.39 -69.87 -6.17
C GLN E 58 -8.12 -69.04 -6.11
N ILE E 59 -7.87 -68.41 -4.98
CA ILE E 59 -6.64 -67.64 -4.81
C ILE E 59 -5.51 -68.67 -4.57
N PRO E 60 -5.77 -69.68 -3.72
CA PRO E 60 -4.75 -70.71 -3.44
C PRO E 60 -4.14 -71.41 -4.68
N ALA E 61 -4.93 -71.54 -5.74
CA ALA E 61 -4.45 -72.18 -6.98
C ALA E 61 -3.43 -71.28 -7.68
N LEU E 62 -3.62 -69.98 -7.54
CA LEU E 62 -2.72 -68.99 -8.12
C LEU E 62 -1.44 -68.97 -7.26
N ALA E 63 -1.59 -69.29 -5.98
CA ALA E 63 -0.47 -69.32 -5.04
C ALA E 63 0.49 -70.46 -5.38
N THR E 64 -0.06 -71.61 -5.75
CA THR E 64 0.73 -72.77 -6.13
C THR E 64 1.63 -72.46 -7.33
N LEU E 65 1.02 -71.89 -8.37
CA LEU E 65 1.73 -71.55 -9.60
C LEU E 65 2.80 -70.49 -9.38
N SER E 66 2.59 -69.63 -8.39
CA SER E 66 3.52 -68.57 -8.04
C SER E 66 4.72 -69.14 -7.26
N ALA E 67 4.45 -70.11 -6.38
CA ALA E 67 5.50 -70.75 -5.59
C ALA E 67 6.46 -71.51 -6.53
N ALA E 68 5.93 -71.91 -7.68
CA ALA E 68 6.70 -72.63 -8.69
C ALA E 68 7.25 -71.65 -9.74
N ASN E 69 7.08 -70.36 -9.50
CA ASN E 69 7.55 -69.31 -10.39
C ASN E 69 7.12 -69.48 -11.85
N LEU E 70 5.82 -69.64 -12.07
CA LEU E 70 5.29 -69.83 -13.43
C LEU E 70 4.49 -68.64 -13.97
N LEU E 71 4.18 -67.69 -13.10
CA LEU E 71 3.39 -66.52 -13.47
C LEU E 71 4.25 -65.32 -13.82
N GLU E 72 3.78 -64.56 -14.81
CA GLU E 72 4.47 -63.37 -15.30
C GLU E 72 4.07 -62.10 -14.53
N PRO E 73 5.05 -61.37 -13.97
CA PRO E 73 4.76 -60.14 -13.23
C PRO E 73 3.84 -59.16 -13.99
N LEU E 74 2.88 -58.59 -13.28
CA LEU E 74 1.90 -57.69 -13.89
C LEU E 74 2.15 -56.22 -13.59
N PRO E 75 1.95 -55.33 -14.59
CA PRO E 75 2.17 -53.89 -14.39
C PRO E 75 1.40 -53.33 -13.19
N ALA E 76 2.01 -52.42 -12.46
CA ALA E 76 1.37 -51.84 -11.28
C ALA E 76 -0.02 -51.30 -11.57
N SER E 77 -0.22 -50.73 -12.75
CA SER E 77 -1.52 -50.17 -13.14
C SER E 77 -2.67 -51.17 -13.16
N THR E 78 -2.39 -52.40 -13.59
CA THR E 78 -3.40 -53.45 -13.66
C THR E 78 -3.77 -53.92 -12.26
N ILE E 79 -2.77 -54.01 -11.38
CA ILE E 79 -3.01 -54.44 -10.03
C ILE E 79 -3.70 -53.36 -9.21
N ASN E 80 -3.50 -52.10 -9.59
CA ASN E 80 -4.11 -50.99 -8.88
C ASN E 80 -5.63 -50.89 -9.06
N GLU E 81 -6.16 -51.54 -10.08
CA GLU E 81 -7.59 -51.49 -10.37
C GLU E 81 -8.51 -52.11 -9.30
N THR E 82 -8.06 -53.19 -8.66
CA THR E 82 -8.85 -53.87 -7.64
C THR E 82 -8.23 -53.76 -6.26
N ARG E 83 -7.28 -52.83 -6.11
CA ARG E 83 -6.57 -52.63 -4.84
C ARG E 83 -7.43 -51.87 -3.81
N GLY E 84 -7.55 -52.46 -2.63
CA GLY E 84 -8.34 -51.83 -1.56
C GLY E 84 -8.07 -52.45 -0.21
N LYS E 85 -8.92 -52.14 0.77
CA LYS E 85 -8.78 -52.66 2.13
C LYS E 85 -9.34 -54.09 2.25
N GLY E 86 -8.48 -55.04 2.55
CA GLY E 86 -8.93 -56.42 2.70
C GLY E 86 -8.79 -57.27 1.44
N VAL E 87 -8.36 -56.65 0.34
CA VAL E 87 -8.20 -57.36 -0.92
C VAL E 87 -6.86 -58.10 -0.98
N PRO E 88 -6.88 -59.43 -1.25
CA PRO E 88 -5.66 -60.26 -1.34
C PRO E 88 -4.69 -59.72 -2.39
N VAL E 89 -3.41 -59.67 -2.06
CA VAL E 89 -2.37 -59.16 -2.97
C VAL E 89 -1.24 -60.15 -3.21
N ALA E 90 -0.79 -60.25 -4.46
CA ALA E 90 0.30 -61.15 -4.81
C ALA E 90 1.60 -60.54 -4.29
N ALA E 91 2.32 -61.29 -3.46
CA ALA E 91 3.57 -60.79 -2.91
C ALA E 91 4.59 -60.45 -4.00
N LYS E 92 4.56 -61.23 -5.08
CA LYS E 92 5.46 -60.99 -6.20
C LYS E 92 4.78 -60.26 -7.37
N LYS E 93 3.55 -59.81 -7.12
CA LYS E 93 2.78 -59.07 -8.11
C LYS E 93 2.67 -59.83 -9.42
N ASP E 94 2.19 -61.07 -9.33
CA ASP E 94 2.04 -61.93 -10.49
C ASP E 94 0.61 -62.46 -10.70
N TRP E 95 -0.35 -61.84 -10.01
CA TRP E 95 -1.78 -62.16 -10.16
C TRP E 95 -2.58 -61.02 -9.55
N VAL E 96 -3.87 -60.95 -9.86
CA VAL E 96 -4.73 -59.89 -9.35
C VAL E 96 -6.06 -60.41 -8.83
N ALA E 97 -6.62 -59.75 -7.82
CA ALA E 97 -7.92 -60.14 -7.27
C ALA E 97 -8.97 -59.49 -8.16
N LEU E 98 -10.09 -60.17 -8.42
CA LEU E 98 -11.14 -59.60 -9.29
C LEU E 98 -12.52 -59.43 -8.66
N SER E 99 -13.02 -60.44 -7.97
CA SER E 99 -14.32 -60.34 -7.32
C SER E 99 -14.38 -61.31 -6.13
N GLY E 100 -15.51 -61.32 -5.42
CA GLY E 100 -15.64 -62.20 -4.27
C GLY E 100 -17.03 -62.73 -4.00
N ARG E 101 -17.08 -63.88 -3.33
CA ARG E 101 -18.31 -64.56 -2.93
C ARG E 101 -18.48 -64.43 -1.43
N SER E 102 -19.72 -64.33 -0.96
CA SER E 102 -19.96 -64.17 0.46
C SER E 102 -20.85 -65.22 1.11
N ARG E 103 -20.62 -65.41 2.41
CA ARG E 103 -21.38 -66.33 3.25
C ARG E 103 -22.59 -65.52 3.74
N VAL E 104 -23.75 -66.17 3.82
CA VAL E 104 -24.99 -65.50 4.25
C VAL E 104 -25.92 -66.45 4.96
N VAL E 105 -26.98 -65.89 5.55
CA VAL E 105 -28.00 -66.68 6.21
C VAL E 105 -29.30 -66.33 5.48
N VAL E 106 -29.86 -67.29 4.76
CA VAL E 106 -31.10 -67.05 4.04
C VAL E 106 -32.23 -67.49 4.99
N TYR E 107 -33.24 -66.64 5.16
CA TYR E 107 -34.34 -66.95 6.08
C TYR E 107 -35.76 -66.76 5.53
N ASP E 108 -36.70 -67.47 6.14
CA ASP E 108 -38.12 -67.43 5.78
C ASP E 108 -38.80 -66.17 6.33
N THR E 109 -39.23 -65.30 5.42
CA THR E 109 -39.85 -64.04 5.82
C THR E 109 -41.28 -64.09 6.39
N ARG E 110 -42.04 -65.13 6.07
CA ARG E 110 -43.41 -65.20 6.62
C ARG E 110 -43.34 -65.37 8.13
N LYS E 111 -42.12 -65.54 8.67
CA LYS E 111 -41.94 -65.76 10.10
C LYS E 111 -40.96 -64.80 10.78
N LEU E 112 -39.68 -65.06 10.61
CA LEU E 112 -38.66 -64.24 11.24
C LEU E 112 -38.44 -62.87 10.59
N SER E 113 -37.76 -62.00 11.34
CA SER E 113 -37.41 -60.66 10.89
C SER E 113 -35.92 -60.56 11.15
N GLU E 114 -35.22 -59.62 10.51
CA GLU E 114 -33.77 -59.48 10.69
C GLU E 114 -33.28 -59.44 12.14
N LYS E 115 -34.16 -59.03 13.07
CA LYS E 115 -33.78 -58.95 14.48
C LYS E 115 -34.07 -60.21 15.28
N ASP E 116 -34.67 -61.20 14.62
CA ASP E 116 -34.98 -62.47 15.26
C ASP E 116 -33.86 -63.44 14.85
N LEU E 117 -32.79 -62.88 14.29
CA LEU E 117 -31.62 -63.63 13.83
C LEU E 117 -30.36 -63.29 14.65
N GLU E 118 -29.37 -64.18 14.60
CA GLU E 118 -28.14 -63.98 15.35
C GLU E 118 -27.20 -62.96 14.72
N LYS E 119 -26.41 -62.30 15.58
CA LYS E 119 -25.43 -61.31 15.15
C LYS E 119 -24.10 -62.01 14.83
N SER E 120 -23.92 -63.21 15.38
CA SER E 120 -22.71 -63.99 15.13
C SER E 120 -23.07 -65.40 14.63
N VAL E 121 -22.45 -65.82 13.54
CA VAL E 121 -22.73 -67.15 12.98
C VAL E 121 -22.46 -68.29 13.99
N LEU E 122 -21.64 -68.04 14.99
CA LEU E 122 -21.32 -69.06 15.97
C LEU E 122 -22.52 -69.37 16.89
N ASN E 123 -23.44 -68.42 17.00
CA ASN E 123 -24.61 -68.60 17.86
C ASN E 123 -25.71 -69.49 17.32
N TYR E 124 -25.53 -70.02 16.11
CA TYR E 124 -26.55 -70.89 15.53
C TYR E 124 -26.38 -72.34 16.01
N ALA E 125 -25.21 -72.64 16.57
CA ALA E 125 -24.91 -73.98 17.08
C ALA E 125 -25.35 -74.10 18.54
N THR E 126 -26.60 -73.72 18.82
CA THR E 126 -27.14 -73.79 20.18
C THR E 126 -28.59 -74.28 20.17
N PRO E 127 -29.10 -74.71 21.34
CA PRO E 127 -30.46 -75.23 21.55
C PRO E 127 -31.57 -74.35 20.96
N LYS E 128 -31.31 -73.05 20.84
CA LYS E 128 -32.28 -72.09 20.31
C LYS E 128 -32.64 -72.36 18.86
N TRP E 129 -31.71 -72.95 18.12
CA TRP E 129 -31.92 -73.25 16.72
C TRP E 129 -32.08 -74.74 16.44
N LYS E 130 -32.57 -75.46 17.44
CA LYS E 130 -32.82 -76.88 17.35
C LYS E 130 -33.87 -77.05 16.24
N ASN E 131 -33.47 -77.64 15.12
CA ASN E 131 -34.33 -77.87 13.96
C ASN E 131 -34.70 -76.62 13.15
N ARG E 132 -34.05 -75.49 13.42
CA ARG E 132 -34.36 -74.24 12.72
C ARG E 132 -33.26 -73.68 11.80
N ILE E 133 -32.07 -74.27 11.85
CA ILE E 133 -30.96 -73.81 11.01
C ILE E 133 -30.45 -75.00 10.18
N GLY E 134 -30.34 -74.80 8.87
CA GLY E 134 -29.85 -75.86 8.01
C GLY E 134 -28.45 -75.53 7.48
N TYR E 135 -27.69 -76.57 7.14
CA TYR E 135 -26.34 -76.38 6.62
C TYR E 135 -25.99 -77.47 5.61
N VAL E 136 -24.86 -77.32 4.93
CA VAL E 136 -24.42 -78.31 3.94
C VAL E 136 -22.98 -78.75 4.24
N PRO E 137 -22.82 -79.85 4.98
CA PRO E 137 -21.51 -80.38 5.35
C PRO E 137 -20.59 -80.88 4.22
N THR E 138 -21.16 -81.23 3.06
CA THR E 138 -20.36 -81.72 1.92
C THR E 138 -19.87 -80.65 0.93
N SER E 139 -20.29 -79.40 1.13
CA SER E 139 -19.89 -78.31 0.23
C SER E 139 -18.50 -77.74 0.49
N GLY E 140 -17.90 -77.23 -0.57
CA GLY E 140 -16.57 -76.64 -0.45
C GLY E 140 -16.58 -75.36 0.37
N ALA E 141 -17.66 -74.58 0.25
CA ALA E 141 -17.79 -73.32 0.99
C ALA E 141 -17.96 -73.54 2.50
N PHE E 142 -18.59 -74.64 2.89
CA PHE E 142 -18.77 -74.93 4.30
C PHE E 142 -17.40 -75.27 4.87
N LEU E 143 -16.53 -75.83 4.05
CA LEU E 143 -15.18 -76.19 4.49
C LEU E 143 -14.36 -74.91 4.71
N GLU E 144 -14.51 -73.95 3.79
CA GLU E 144 -13.79 -72.69 3.94
C GLU E 144 -14.22 -71.98 5.23
N GLN E 145 -15.51 -72.00 5.53
CA GLN E 145 -16.04 -71.36 6.75
C GLN E 145 -15.35 -71.92 8.00
N ILE E 146 -15.07 -73.23 7.98
CA ILE E 146 -14.40 -73.89 9.10
C ILE E 146 -12.96 -73.38 9.22
N VAL E 147 -12.27 -73.26 8.10
CA VAL E 147 -10.88 -72.78 8.08
C VAL E 147 -10.80 -71.38 8.66
N ALA E 148 -11.81 -70.56 8.35
CA ALA E 148 -11.85 -69.18 8.82
C ALA E 148 -12.13 -69.08 10.32
N ILE E 149 -12.96 -69.97 10.86
CA ILE E 149 -13.24 -69.92 12.30
C ILE E 149 -11.98 -70.35 13.05
N VAL E 150 -11.29 -71.37 12.55
CA VAL E 150 -10.07 -71.82 13.19
C VAL E 150 -9.02 -70.70 13.19
N LYS E 151 -8.83 -70.05 12.06
CA LYS E 151 -7.85 -68.97 11.96
C LYS E 151 -8.19 -67.77 12.81
N LEU E 152 -9.46 -67.41 12.86
CA LEU E 152 -9.93 -66.24 13.61
C LEU E 152 -10.21 -66.48 15.10
N LYS E 153 -10.62 -67.70 15.46
CA LYS E 153 -10.97 -68.04 16.85
C LYS E 153 -10.19 -69.16 17.53
N GLY E 154 -9.43 -69.95 16.77
CA GLY E 154 -8.69 -71.06 17.37
C GLY E 154 -9.45 -72.36 17.22
N GLU E 155 -8.74 -73.45 16.99
CA GLU E 155 -9.38 -74.74 16.79
C GLU E 155 -10.56 -75.09 17.69
N ALA E 156 -10.39 -74.93 19.00
CA ALA E 156 -11.44 -75.24 19.97
C ALA E 156 -12.83 -74.69 19.60
N ALA E 157 -12.90 -73.38 19.33
CA ALA E 157 -14.17 -72.71 18.97
C ALA E 157 -14.82 -73.23 17.68
N ALA E 158 -14.00 -73.66 16.72
CA ALA E 158 -14.53 -74.20 15.46
C ALA E 158 -15.15 -75.59 15.67
N LEU E 159 -14.55 -76.38 16.54
CA LEU E 159 -15.04 -77.72 16.82
C LEU E 159 -16.33 -77.70 17.64
N LYS E 160 -16.43 -76.75 18.56
CA LYS E 160 -17.63 -76.62 19.39
C LYS E 160 -18.82 -76.31 18.48
N TRP E 161 -18.60 -75.39 17.53
CA TRP E 161 -19.60 -74.97 16.57
C TRP E 161 -20.06 -76.17 15.72
N LEU E 162 -19.10 -76.99 15.29
CA LEU E 162 -19.41 -78.17 14.47
C LEU E 162 -20.20 -79.23 15.22
N LYS E 163 -19.90 -79.42 16.51
CA LYS E 163 -20.63 -80.42 17.27
C LYS E 163 -22.03 -79.87 17.61
N GLY E 164 -22.12 -78.55 17.73
CA GLY E 164 -23.39 -77.92 18.03
C GLY E 164 -24.33 -78.04 16.82
N LEU E 165 -23.77 -77.88 15.62
CA LEU E 165 -24.55 -78.00 14.38
C LEU E 165 -25.02 -79.43 14.19
N LYS E 166 -24.16 -80.38 14.53
CA LYS E 166 -24.50 -81.79 14.41
C LYS E 166 -25.64 -82.10 15.39
N GLU E 167 -25.63 -81.43 16.55
CA GLU E 167 -26.63 -81.66 17.56
C GLU E 167 -28.00 -81.06 17.29
N TYR E 168 -28.02 -79.82 16.80
CA TYR E 168 -29.29 -79.13 16.55
C TYR E 168 -29.68 -78.79 15.10
N GLY E 169 -28.71 -78.76 14.20
CA GLY E 169 -29.02 -78.41 12.82
C GLY E 169 -29.48 -79.55 11.90
N LYS E 170 -30.01 -79.17 10.74
CA LYS E 170 -30.48 -80.14 9.74
C LYS E 170 -29.51 -80.06 8.57
N PRO E 171 -28.83 -81.16 8.24
CA PRO E 171 -27.91 -81.10 7.10
C PRO E 171 -28.59 -81.36 5.76
N TYR E 172 -28.13 -80.69 4.72
CA TYR E 172 -28.69 -80.88 3.38
C TYR E 172 -27.60 -81.30 2.41
N ALA E 173 -27.98 -82.09 1.41
CA ALA E 173 -27.06 -82.59 0.40
C ALA E 173 -26.41 -81.49 -0.44
N LYS E 174 -27.22 -80.55 -0.92
CA LYS E 174 -26.69 -79.45 -1.75
C LYS E 174 -27.22 -78.10 -1.29
N ASN E 175 -26.51 -77.04 -1.69
CA ASN E 175 -26.92 -75.67 -1.34
C ASN E 175 -28.33 -75.36 -1.90
N SER E 176 -28.64 -75.90 -3.07
CA SER E 176 -29.93 -75.66 -3.72
C SER E 176 -31.06 -76.27 -2.91
N VAL E 177 -30.81 -77.44 -2.34
CA VAL E 177 -31.80 -78.14 -1.55
C VAL E 177 -32.12 -77.34 -0.29
N ALA E 178 -31.09 -76.77 0.33
CA ALA E 178 -31.25 -75.98 1.55
C ALA E 178 -32.17 -74.76 1.34
N LEU E 179 -31.81 -73.93 0.35
CA LEU E 179 -32.57 -72.74 0.01
C LEU E 179 -34.03 -73.08 -0.28
N GLN E 180 -34.26 -74.18 -0.99
CA GLN E 180 -35.59 -74.62 -1.32
C GLN E 180 -36.36 -75.04 -0.08
N ALA E 181 -35.65 -75.59 0.91
CA ALA E 181 -36.29 -76.00 2.14
C ALA E 181 -36.85 -74.77 2.84
N VAL E 182 -36.08 -73.68 2.83
CA VAL E 182 -36.50 -72.44 3.46
C VAL E 182 -37.61 -71.80 2.62
N GLU E 183 -37.39 -71.74 1.31
CA GLU E 183 -38.38 -71.16 0.42
C GLU E 183 -39.72 -71.85 0.59
N ASN E 184 -39.71 -73.17 0.66
CA ASN E 184 -40.96 -73.92 0.79
C ASN E 184 -41.51 -74.03 2.21
N GLY E 185 -40.85 -73.39 3.18
CA GLY E 185 -41.32 -73.43 4.56
C GLY E 185 -41.02 -74.66 5.39
N GLU E 186 -39.98 -75.41 5.00
CA GLU E 186 -39.58 -76.61 5.73
C GLU E 186 -38.70 -76.27 6.93
N VAL E 187 -37.90 -75.21 6.79
CA VAL E 187 -36.98 -74.77 7.84
C VAL E 187 -36.81 -73.25 7.90
N ASP E 188 -36.69 -72.73 9.11
CA ASP E 188 -36.52 -71.29 9.40
C ASP E 188 -35.43 -70.53 8.65
N ALA E 189 -34.21 -71.07 8.66
CA ALA E 189 -33.09 -70.41 8.01
C ALA E 189 -32.02 -71.42 7.62
N ALA E 190 -31.00 -70.95 6.90
CA ALA E 190 -29.91 -71.82 6.47
C ALA E 190 -28.66 -71.08 6.00
N LEU E 191 -27.50 -71.74 6.16
CA LEU E 191 -26.21 -71.21 5.74
C LEU E 191 -25.88 -71.61 4.30
N ILE E 192 -25.82 -70.64 3.39
CA ILE E 192 -25.50 -70.89 1.98
C ILE E 192 -24.62 -69.80 1.43
N ASN E 193 -24.47 -69.79 0.10
CA ASN E 193 -23.66 -68.78 -0.59
C ASN E 193 -24.59 -67.77 -1.25
N ASN E 194 -24.35 -66.49 -0.99
CA ASN E 194 -25.18 -65.40 -1.48
C ASN E 194 -25.70 -65.44 -2.91
N TYR E 195 -24.83 -65.77 -3.86
CA TYR E 195 -25.23 -65.80 -5.27
C TYR E 195 -26.36 -66.77 -5.62
N TYR E 196 -26.58 -67.77 -4.78
CA TYR E 196 -27.66 -68.73 -5.04
C TYR E 196 -29.02 -68.06 -4.91
N TRP E 197 -29.14 -67.18 -3.92
CA TRP E 197 -30.39 -66.47 -3.69
C TRP E 197 -30.64 -65.45 -4.81
N HIS E 198 -29.61 -64.70 -5.15
CA HIS E 198 -29.71 -63.69 -6.19
C HIS E 198 -30.14 -64.23 -7.54
N ALA E 199 -29.58 -65.36 -7.93
CA ALA E 199 -29.93 -65.97 -9.20
C ALA E 199 -31.37 -66.48 -9.18
N PHE E 200 -31.79 -66.96 -8.01
CA PHE E 200 -33.13 -67.50 -7.82
C PHE E 200 -34.18 -66.39 -7.94
N ALA E 201 -33.96 -65.30 -7.23
CA ALA E 201 -34.87 -64.17 -7.24
C ALA E 201 -34.98 -63.48 -8.59
N ARG E 202 -33.88 -63.44 -9.35
CA ARG E 202 -33.90 -62.79 -10.68
C ARG E 202 -34.72 -63.60 -11.65
N GLU E 203 -34.51 -64.91 -11.63
CA GLU E 203 -35.22 -65.81 -12.53
C GLU E 203 -36.74 -65.83 -12.30
N LYS E 204 -37.16 -65.87 -11.04
CA LYS E 204 -38.59 -65.92 -10.73
C LYS E 204 -39.32 -64.63 -10.41
N GLY E 205 -38.58 -63.59 -10.05
CA GLY E 205 -39.20 -62.32 -9.70
C GLY E 205 -39.25 -62.24 -8.18
N VAL E 206 -38.52 -61.30 -7.59
CA VAL E 206 -38.48 -61.20 -6.13
C VAL E 206 -39.84 -61.07 -5.47
N GLN E 207 -40.81 -60.48 -6.17
CA GLN E 207 -42.14 -60.31 -5.61
C GLN E 207 -42.83 -61.66 -5.42
N ASN E 208 -42.26 -62.71 -5.99
CA ASN E 208 -42.82 -64.05 -5.87
C ASN E 208 -42.00 -64.90 -4.89
N VAL E 209 -40.94 -64.30 -4.34
CA VAL E 209 -40.03 -64.96 -3.43
C VAL E 209 -40.24 -64.53 -1.97
N HIS E 210 -40.36 -65.53 -1.08
CA HIS E 210 -40.60 -65.29 0.34
C HIS E 210 -39.34 -65.29 1.19
N THR E 211 -38.22 -65.64 0.58
CA THR E 211 -36.95 -65.72 1.29
C THR E 211 -36.05 -64.49 1.09
N ARG E 212 -35.33 -64.08 2.13
CA ARG E 212 -34.41 -62.93 2.06
C ARG E 212 -33.06 -63.25 2.70
N LEU E 213 -32.05 -62.43 2.43
CA LEU E 213 -30.70 -62.65 2.97
C LEU E 213 -30.31 -61.79 4.19
N ASN E 214 -29.43 -62.34 5.02
CA ASN E 214 -28.95 -61.67 6.21
C ASN E 214 -27.43 -61.66 6.19
N PHE E 215 -26.85 -60.55 6.64
CA PHE E 215 -25.40 -60.38 6.70
C PHE E 215 -25.00 -59.99 8.12
N VAL E 216 -24.13 -60.77 8.75
CA VAL E 216 -23.70 -60.50 10.12
C VAL E 216 -22.70 -59.34 10.20
N ARG E 217 -21.89 -59.19 9.16
CA ARG E 217 -20.90 -58.12 9.10
C ARG E 217 -19.98 -58.13 10.31
N HIS E 218 -19.47 -56.94 10.65
CA HIS E 218 -18.58 -56.70 11.79
C HIS E 218 -17.38 -57.64 11.97
N ARG E 219 -16.73 -57.99 10.86
CA ARG E 219 -15.57 -58.88 10.88
C ARG E 219 -15.89 -60.20 11.57
N ASP E 220 -17.13 -60.65 11.48
CA ASP E 220 -17.56 -61.91 12.09
C ASP E 220 -17.10 -63.05 11.18
N PRO E 221 -16.83 -64.23 11.76
CA PRO E 221 -16.40 -65.35 10.91
C PRO E 221 -17.49 -65.66 9.88
N GLY E 222 -18.72 -65.25 10.19
CA GLY E 222 -19.83 -65.49 9.29
C GLY E 222 -19.93 -64.46 8.17
N ALA E 223 -19.02 -63.49 8.18
CA ALA E 223 -19.01 -62.45 7.15
C ALA E 223 -17.92 -62.70 6.13
N LEU E 224 -17.43 -63.95 6.13
CA LEU E 224 -16.35 -64.38 5.23
C LEU E 224 -16.61 -64.22 3.75
N VAL E 225 -15.62 -63.68 3.04
CA VAL E 225 -15.68 -63.49 1.59
C VAL E 225 -14.52 -64.27 0.96
N THR E 226 -14.82 -65.06 -0.06
CA THR E 226 -13.80 -65.85 -0.78
C THR E 226 -13.51 -65.11 -2.09
N TYR E 227 -12.23 -65.01 -2.44
CA TYR E 227 -11.85 -64.27 -3.65
C TYR E 227 -11.37 -65.07 -4.85
N SER E 228 -11.47 -64.46 -6.03
CA SER E 228 -11.02 -65.08 -7.27
C SER E 228 -10.07 -64.10 -7.95
N GLY E 229 -9.35 -64.59 -8.96
CA GLY E 229 -8.41 -63.72 -9.65
C GLY E 229 -7.87 -64.29 -10.94
N ALA E 230 -6.86 -63.63 -11.51
CA ALA E 230 -6.26 -64.07 -12.77
C ALA E 230 -4.77 -63.77 -12.85
N ALA E 231 -4.09 -64.46 -13.75
CA ALA E 231 -2.65 -64.28 -13.96
C ALA E 231 -2.23 -64.71 -15.38
N VAL E 232 -1.05 -64.26 -15.79
CA VAL E 232 -0.52 -64.61 -17.11
C VAL E 232 0.64 -65.59 -16.90
N LEU E 233 0.75 -66.57 -17.78
CA LEU E 233 1.81 -67.58 -17.70
C LEU E 233 3.13 -67.09 -18.33
N LYS E 234 4.24 -67.32 -17.63
CA LYS E 234 5.56 -66.91 -18.12
C LYS E 234 5.91 -67.56 -19.47
N SER E 235 5.36 -68.75 -19.69
CA SER E 235 5.60 -69.52 -20.92
C SER E 235 4.81 -69.03 -22.14
N SER E 236 3.76 -68.23 -21.89
CA SER E 236 2.91 -67.69 -22.95
C SER E 236 3.65 -67.12 -24.16
N GLN E 237 3.15 -67.38 -25.36
CA GLN E 237 3.76 -66.88 -26.58
C GLN E 237 3.02 -65.62 -27.04
N ASN E 238 1.96 -65.28 -26.30
CA ASN E 238 1.14 -64.10 -26.61
C ASN E 238 1.03 -63.23 -25.36
N LYS E 239 2.16 -62.95 -24.71
CA LYS E 239 2.16 -62.13 -23.49
C LYS E 239 1.48 -60.77 -23.63
N ASP E 240 1.59 -60.17 -24.80
CA ASP E 240 0.97 -58.87 -25.04
C ASP E 240 -0.54 -58.95 -24.94
N GLU E 241 -1.12 -59.92 -25.64
CA GLU E 241 -2.56 -60.09 -25.63
C GLU E 241 -3.04 -60.66 -24.31
N ALA E 242 -2.22 -61.49 -23.68
CA ALA E 242 -2.57 -62.08 -22.40
C ALA E 242 -2.67 -60.98 -21.35
N LYS E 243 -1.63 -60.14 -21.29
CA LYS E 243 -1.60 -59.01 -20.35
C LYS E 243 -2.79 -58.09 -20.63
N LYS E 244 -3.15 -57.98 -21.90
CA LYS E 244 -4.27 -57.16 -22.35
C LYS E 244 -5.60 -57.73 -21.79
N PHE E 245 -5.71 -59.05 -21.75
CA PHE E 245 -6.91 -59.70 -21.24
C PHE E 245 -7.03 -59.53 -19.72
N VAL E 246 -5.92 -59.70 -19.00
CA VAL E 246 -5.94 -59.57 -17.54
C VAL E 246 -6.23 -58.14 -17.11
N ALA E 247 -5.73 -57.16 -17.86
CA ALA E 247 -6.00 -55.76 -17.55
C ALA E 247 -7.50 -55.52 -17.72
N PHE E 248 -8.06 -55.99 -18.83
CA PHE E 248 -9.47 -55.84 -19.15
C PHE E 248 -10.37 -56.38 -18.03
N LEU E 249 -9.91 -57.44 -17.37
CA LEU E 249 -10.68 -58.07 -16.30
C LEU E 249 -10.80 -57.20 -15.04
N ALA E 250 -9.76 -56.43 -14.73
CA ALA E 250 -9.77 -55.57 -13.55
C ALA E 250 -10.36 -54.18 -13.84
N GLY E 251 -10.43 -53.83 -15.12
CA GLY E 251 -10.96 -52.54 -15.54
C GLY E 251 -12.46 -52.40 -15.44
N LYS E 252 -12.96 -51.17 -15.54
CA LYS E 252 -14.39 -50.88 -15.44
C LYS E 252 -15.30 -51.70 -16.32
N GLU E 253 -15.00 -51.72 -17.61
CA GLU E 253 -15.81 -52.44 -18.58
C GLU E 253 -15.74 -53.95 -18.38
N GLY E 254 -14.58 -54.46 -17.99
CA GLY E 254 -14.45 -55.89 -17.76
C GLY E 254 -15.26 -56.34 -16.55
N GLN E 255 -15.22 -55.51 -15.52
CA GLN E 255 -15.94 -55.81 -14.30
C GLN E 255 -17.47 -55.66 -14.50
N ARG E 256 -17.89 -54.75 -15.38
CA ARG E 256 -19.31 -54.55 -15.67
C ARG E 256 -19.89 -55.74 -16.44
N ALA E 257 -19.11 -56.31 -17.34
CA ALA E 257 -19.57 -57.47 -18.10
C ALA E 257 -19.81 -58.65 -17.17
N LEU E 258 -18.91 -58.83 -16.20
CA LEU E 258 -19.05 -59.94 -15.25
C LEU E 258 -20.28 -59.79 -14.35
N THR E 259 -20.40 -58.62 -13.75
CA THR E 259 -21.49 -58.32 -12.83
C THR E 259 -22.88 -58.19 -13.48
N ALA E 260 -22.96 -58.45 -14.79
CA ALA E 260 -24.25 -58.39 -15.49
C ALA E 260 -24.89 -59.77 -15.50
N VAL E 261 -24.06 -60.79 -15.31
CA VAL E 261 -24.53 -62.17 -15.30
C VAL E 261 -24.33 -62.92 -13.98
N ARG E 262 -23.29 -62.57 -13.23
CA ARG E 262 -23.02 -63.25 -11.96
C ARG E 262 -23.05 -62.35 -10.73
N ALA E 263 -23.74 -62.82 -9.69
CA ALA E 263 -23.89 -62.06 -8.45
C ALA E 263 -22.68 -62.03 -7.53
N GLU E 264 -21.52 -61.67 -8.07
CA GLU E 264 -20.27 -61.56 -7.28
C GLU E 264 -20.01 -60.07 -7.00
N TYR E 265 -19.36 -59.77 -5.87
CA TYR E 265 -19.06 -58.39 -5.48
C TYR E 265 -17.82 -57.84 -6.19
N PRO E 266 -18.02 -56.95 -7.17
CA PRO E 266 -16.90 -56.36 -7.93
C PRO E 266 -15.86 -55.68 -7.04
N LEU E 267 -14.58 -55.75 -7.42
CA LEU E 267 -13.49 -55.14 -6.65
C LEU E 267 -13.07 -53.77 -7.19
N ASN E 268 -13.55 -53.45 -8.39
CA ASN E 268 -13.28 -52.16 -9.04
C ASN E 268 -14.37 -51.19 -8.55
N PRO E 269 -13.99 -50.14 -7.80
CA PRO E 269 -14.90 -49.13 -7.24
C PRO E 269 -15.71 -48.25 -8.21
N HIS E 270 -15.49 -48.41 -9.51
CA HIS E 270 -16.22 -47.61 -10.50
C HIS E 270 -17.41 -48.42 -11.01
N VAL E 271 -17.55 -49.64 -10.50
CA VAL E 271 -18.60 -50.56 -10.91
C VAL E 271 -19.81 -50.67 -9.99
N VAL E 272 -20.99 -50.75 -10.61
CA VAL E 272 -22.27 -50.92 -9.94
C VAL E 272 -22.88 -52.20 -10.48
N SER E 273 -23.14 -53.15 -9.60
CA SER E 273 -23.71 -54.45 -9.99
C SER E 273 -25.14 -54.35 -10.50
N THR E 274 -25.53 -55.39 -11.22
CA THR E 274 -26.87 -55.49 -11.77
C THR E 274 -27.76 -56.14 -10.71
N PHE E 275 -27.12 -56.66 -9.67
CA PHE E 275 -27.81 -57.31 -8.55
C PHE E 275 -27.78 -56.32 -7.38
N ASN E 276 -28.69 -56.47 -6.41
CA ASN E 276 -28.74 -55.57 -5.25
C ASN E 276 -27.60 -55.85 -4.29
N LEU E 277 -26.36 -55.73 -4.77
CA LEU E 277 -25.19 -55.99 -3.94
C LEU E 277 -24.67 -54.73 -3.28
N GLU E 278 -24.44 -54.82 -1.98
CA GLU E 278 -23.91 -53.71 -1.21
C GLU E 278 -22.42 -53.69 -1.54
N PRO E 279 -21.81 -52.50 -1.60
CA PRO E 279 -20.38 -52.34 -1.91
C PRO E 279 -19.52 -53.18 -0.96
N ILE E 280 -18.63 -53.99 -1.53
CA ILE E 280 -17.76 -54.88 -0.76
C ILE E 280 -17.38 -54.40 0.65
N ALA E 281 -16.92 -53.15 0.76
CA ALA E 281 -16.53 -52.59 2.07
C ALA E 281 -17.63 -52.62 3.12
N LYS E 282 -18.88 -52.51 2.67
CA LYS E 282 -20.02 -52.51 3.60
C LYS E 282 -20.28 -53.89 4.21
N LEU E 283 -19.73 -54.94 3.59
CA LEU E 283 -19.89 -56.31 4.09
C LEU E 283 -19.09 -56.45 5.39
N GLU E 284 -18.02 -55.66 5.49
CA GLU E 284 -17.11 -55.67 6.62
C GLU E 284 -16.62 -57.08 6.90
N ALA E 285 -16.23 -57.78 5.83
CA ALA E 285 -15.73 -59.14 5.95
C ALA E 285 -14.41 -59.18 6.70
N PRO E 286 -14.13 -60.29 7.40
CA PRO E 286 -12.87 -60.36 8.13
C PRO E 286 -11.66 -60.58 7.22
N GLN E 287 -10.48 -60.31 7.76
CA GLN E 287 -9.21 -60.51 7.04
C GLN E 287 -8.76 -61.95 7.33
N VAL E 288 -8.41 -62.69 6.29
CA VAL E 288 -7.96 -64.07 6.43
C VAL E 288 -7.01 -64.43 5.31
N SER E 289 -6.01 -65.25 5.62
CA SER E 289 -5.04 -65.68 4.62
C SER E 289 -5.64 -66.74 3.70
N ALA E 290 -4.91 -67.09 2.65
CA ALA E 290 -5.39 -68.08 1.71
C ALA E 290 -5.31 -69.46 2.35
N THR E 291 -6.24 -70.31 1.98
CA THR E 291 -6.30 -71.66 2.52
C THR E 291 -5.21 -72.56 1.93
N THR E 292 -4.45 -73.22 2.79
CA THR E 292 -3.40 -74.14 2.36
C THR E 292 -3.96 -75.56 2.35
N VAL E 293 -3.18 -76.50 1.84
CA VAL E 293 -3.61 -77.90 1.79
C VAL E 293 -3.79 -78.46 3.21
N SER E 294 -2.83 -78.19 4.09
CA SER E 294 -2.90 -78.67 5.48
C SER E 294 -4.10 -78.11 6.25
N GLU E 295 -4.49 -76.89 5.94
CA GLU E 295 -5.63 -76.27 6.62
C GLU E 295 -6.93 -77.00 6.26
N LYS E 296 -7.04 -77.45 5.00
CA LYS E 296 -8.24 -78.19 4.56
C LYS E 296 -8.22 -79.61 5.15
N GLU E 297 -7.01 -80.13 5.37
CA GLU E 297 -6.80 -81.47 5.94
C GLU E 297 -7.20 -81.45 7.42
N HIS E 298 -6.83 -80.35 8.08
CA HIS E 298 -7.15 -80.13 9.49
C HIS E 298 -8.67 -79.96 9.63
N ALA E 299 -9.27 -79.19 8.73
CA ALA E 299 -10.70 -78.94 8.75
C ALA E 299 -11.52 -80.18 8.44
N THR E 300 -10.93 -81.10 7.68
CA THR E 300 -11.62 -82.34 7.30
C THR E 300 -11.74 -83.31 8.47
N ARG E 301 -10.75 -83.31 9.35
CA ARG E 301 -10.77 -84.18 10.53
C ARG E 301 -11.82 -83.64 11.48
N LEU E 302 -11.88 -82.30 11.60
CA LEU E 302 -12.85 -81.66 12.47
C LEU E 302 -14.27 -82.05 12.08
N LEU E 303 -14.51 -82.23 10.78
CA LEU E 303 -15.83 -82.63 10.32
C LEU E 303 -16.13 -84.05 10.77
N GLU E 304 -15.13 -84.92 10.61
CA GLU E 304 -15.23 -86.32 10.99
C GLU E 304 -15.41 -86.42 12.49
N GLN E 305 -14.67 -85.59 13.24
CA GLN E 305 -14.74 -85.59 14.70
C GLN E 305 -16.14 -85.24 15.21
N ALA E 306 -16.78 -84.29 14.54
CA ALA E 306 -18.11 -83.86 14.94
C ALA E 306 -19.21 -84.86 14.61
N GLY E 307 -18.92 -85.78 13.69
CA GLY E 307 -19.90 -86.80 13.31
C GLY E 307 -20.59 -86.52 12.00
N MET E 308 -20.07 -85.55 11.24
CA MET E 308 -20.65 -85.15 9.96
C MET E 308 -20.18 -85.94 8.75
N LYS E 309 -18.92 -86.38 8.75
CA LYS E 309 -18.39 -87.14 7.62
C LYS E 309 -18.53 -88.65 7.84
N ASP F 1 16.45 6.53 13.08
CA ASP F 1 15.42 5.67 13.74
C ASP F 1 16.09 4.88 14.86
N ILE F 2 15.36 4.64 15.94
CA ILE F 2 15.92 3.92 17.09
C ILE F 2 15.08 2.75 17.62
N THR F 3 15.73 1.91 18.42
CA THR F 3 15.08 0.75 19.05
C THR F 3 15.09 1.04 20.54
N VAL F 4 13.93 0.97 21.18
CA VAL F 4 13.85 1.24 22.60
C VAL F 4 13.35 0.04 23.40
N TYR F 5 14.21 -0.48 24.28
CA TYR F 5 13.84 -1.62 25.13
C TYR F 5 12.85 -1.07 26.13
N ASN F 6 11.59 -1.43 25.92
CA ASN F 6 10.48 -0.92 26.72
C ASN F 6 9.91 -1.78 27.84
N GLY F 7 9.98 -1.27 29.07
CA GLY F 7 9.43 -1.96 30.21
C GLY F 7 8.19 -1.22 30.66
N GLN F 8 7.81 -0.20 29.90
CA GLN F 8 6.64 0.63 30.18
C GLN F 8 5.39 -0.03 29.60
N HIS F 9 4.21 0.47 29.96
CA HIS F 9 2.96 -0.08 29.42
C HIS F 9 2.93 0.23 27.93
N LYS F 10 2.67 -0.79 27.11
CA LYS F 10 2.63 -0.64 25.66
C LYS F 10 1.99 0.64 25.15
N GLU F 11 0.79 0.95 25.64
CA GLU F 11 0.09 2.15 25.21
C GLU F 11 0.81 3.41 25.68
N ALA F 12 1.42 3.35 26.86
CA ALA F 12 2.16 4.50 27.39
C ALA F 12 3.33 4.76 26.46
N ALA F 13 4.08 3.69 26.16
CA ALA F 13 5.24 3.75 25.29
C ALA F 13 4.88 4.17 23.88
N GLN F 14 3.89 3.52 23.29
CA GLN F 14 3.47 3.85 21.94
C GLN F 14 2.96 5.28 21.78
N ALA F 15 2.25 5.78 22.79
CA ALA F 15 1.73 7.14 22.74
C ALA F 15 2.95 8.08 22.69
N VAL F 16 3.87 7.84 23.62
CA VAL F 16 5.11 8.60 23.73
C VAL F 16 5.93 8.46 22.46
N ALA F 17 6.01 7.24 21.92
CA ALA F 17 6.77 6.96 20.71
C ALA F 17 6.22 7.66 19.45
N ASP F 18 4.91 7.67 19.31
CA ASP F 18 4.27 8.30 18.16
C ASP F 18 4.39 9.83 18.18
N ALA F 19 4.24 10.41 19.37
CA ALA F 19 4.37 11.86 19.50
C ALA F 19 5.77 12.27 19.07
N PHE F 20 6.77 11.49 19.50
CA PHE F 20 8.18 11.75 19.16
C PHE F 20 8.37 11.74 17.64
N THR F 21 7.74 10.79 16.97
CA THR F 21 7.84 10.67 15.51
C THR F 21 7.17 11.86 14.81
N ARG F 22 6.07 12.34 15.40
CA ARG F 22 5.34 13.49 14.85
C ARG F 22 6.20 14.76 14.90
N ALA F 23 7.06 14.86 15.91
CA ALA F 23 7.91 16.03 16.11
C ALA F 23 9.30 16.01 15.48
N THR F 24 9.85 14.83 15.25
CA THR F 24 11.20 14.74 14.69
C THR F 24 11.32 13.98 13.36
N GLY F 25 10.34 13.15 13.06
CA GLY F 25 10.40 12.36 11.83
C GLY F 25 11.15 11.06 12.07
N ILE F 26 11.67 10.86 13.28
CA ILE F 26 12.42 9.66 13.61
C ILE F 26 11.50 8.52 14.01
N LYS F 27 11.69 7.36 13.38
CA LYS F 27 10.87 6.18 13.64
C LYS F 27 11.35 5.45 14.90
N VAL F 28 10.44 4.71 15.54
CA VAL F 28 10.75 3.98 16.77
C VAL F 28 10.21 2.55 16.81
N LYS F 29 11.10 1.58 17.03
CA LYS F 29 10.75 0.17 17.13
C LYS F 29 10.70 -0.21 18.60
N LEU F 30 9.55 -0.68 19.07
CA LEU F 30 9.39 -1.05 20.46
C LEU F 30 9.51 -2.54 20.76
N ASN F 31 10.45 -2.88 21.64
CA ASN F 31 10.62 -4.25 22.09
C ASN F 31 10.20 -4.16 23.56
N SER F 32 9.00 -4.64 23.88
CA SER F 32 8.49 -4.56 25.24
C SER F 32 8.67 -5.84 26.06
N ALA F 33 8.93 -5.67 27.36
CA ALA F 33 9.13 -6.77 28.29
C ALA F 33 9.40 -6.21 29.68
N LYS F 34 9.56 -7.09 30.66
CA LYS F 34 9.82 -6.67 32.04
C LYS F 34 11.18 -5.98 32.11
N GLY F 35 11.25 -4.88 32.86
CA GLY F 35 12.47 -4.13 32.99
C GLY F 35 13.67 -4.96 33.42
N ASP F 36 13.41 -6.00 34.22
CA ASP F 36 14.46 -6.89 34.71
C ASP F 36 14.99 -7.82 33.63
N GLN F 37 14.09 -8.43 32.87
CA GLN F 37 14.50 -9.32 31.80
C GLN F 37 15.19 -8.49 30.73
N LEU F 38 14.57 -7.37 30.36
CA LEU F 38 15.14 -6.48 29.36
C LEU F 38 16.54 -5.99 29.77
N ALA F 39 16.74 -5.80 31.07
CA ALA F 39 18.02 -5.33 31.59
C ALA F 39 19.02 -6.48 31.59
N GLY F 40 18.53 -7.68 31.90
CA GLY F 40 19.37 -8.86 31.93
C GLY F 40 19.78 -9.29 30.53
N GLN F 41 18.94 -8.95 29.55
CA GLN F 41 19.22 -9.29 28.16
C GLN F 41 20.26 -8.31 27.59
N ILE F 42 20.32 -7.11 28.17
CA ILE F 42 21.26 -6.11 27.72
C ILE F 42 22.68 -6.54 28.09
N LYS F 43 22.83 -7.15 29.26
CA LYS F 43 24.13 -7.62 29.73
C LYS F 43 24.64 -8.75 28.86
N GLU F 44 23.76 -9.71 28.58
CA GLU F 44 24.09 -10.88 27.77
C GLU F 44 24.47 -10.50 26.34
N GLU F 45 23.76 -9.54 25.77
CA GLU F 45 24.06 -9.09 24.42
C GLU F 45 25.40 -8.36 24.45
N GLY F 46 25.71 -7.76 25.60
CA GLY F 46 26.96 -7.04 25.73
C GLY F 46 27.14 -5.96 24.68
N SER F 47 28.40 -5.67 24.36
CA SER F 47 28.77 -4.65 23.39
C SER F 47 27.98 -4.65 22.08
N ARG F 48 27.40 -5.80 21.70
CA ARG F 48 26.67 -5.90 20.45
C ARG F 48 25.15 -5.90 20.62
N SER F 49 24.64 -5.09 21.55
CA SER F 49 23.21 -5.02 21.78
C SER F 49 22.57 -4.00 20.83
N PRO F 50 21.39 -4.33 20.27
CA PRO F 50 20.61 -3.52 19.33
C PRO F 50 19.86 -2.34 20.00
N ALA F 51 19.83 -2.35 21.33
CA ALA F 51 19.14 -1.34 22.12
C ALA F 51 19.82 0.02 22.13
N ASP F 52 19.02 1.07 21.99
CA ASP F 52 19.52 2.44 22.01
C ASP F 52 19.10 3.17 23.29
N VAL F 53 17.87 2.92 23.74
CA VAL F 53 17.32 3.55 24.93
C VAL F 53 16.55 2.57 25.79
N PHE F 54 16.78 2.60 27.11
CA PHE F 54 16.07 1.73 28.03
C PHE F 54 15.06 2.59 28.79
N TYR F 55 13.79 2.32 28.52
CA TYR F 55 12.65 3.01 29.13
C TYR F 55 12.12 2.00 30.12
N SER F 56 12.48 2.20 31.38
CA SER F 56 12.09 1.29 32.44
C SER F 56 10.98 1.78 33.36
N GLU F 57 10.25 0.83 33.94
CA GLU F 57 9.17 1.13 34.85
C GLU F 57 9.70 1.08 36.31
N GLN F 58 10.96 0.71 36.47
CA GLN F 58 11.57 0.64 37.80
C GLN F 58 13.01 1.11 37.82
N ILE F 59 13.38 1.82 38.89
CA ILE F 59 14.72 2.35 39.05
C ILE F 59 15.80 1.25 39.27
N PRO F 60 15.48 0.16 39.99
CA PRO F 60 16.46 -0.89 40.21
C PRO F 60 17.07 -1.53 38.94
N ALA F 61 16.35 -1.45 37.82
CA ALA F 61 16.82 -1.98 36.53
C ALA F 61 17.82 -1.00 35.94
N LEU F 62 17.58 0.30 36.18
CA LEU F 62 18.48 1.34 35.70
C LEU F 62 19.73 1.30 36.59
N ALA F 63 19.51 1.03 37.87
CA ALA F 63 20.59 0.95 38.86
C ALA F 63 21.52 -0.21 38.54
N THR F 64 20.96 -1.30 38.05
CA THR F 64 21.76 -2.48 37.70
C THR F 64 22.68 -2.18 36.53
N LEU F 65 22.10 -1.69 35.43
CA LEU F 65 22.86 -1.35 34.24
C LEU F 65 23.91 -0.29 34.52
N SER F 66 23.61 0.64 35.43
CA SER F 66 24.55 1.70 35.79
C SER F 66 25.77 1.15 36.54
N ALA F 67 25.55 0.11 37.35
CA ALA F 67 26.62 -0.51 38.12
C ALA F 67 27.63 -1.17 37.19
N ALA F 68 27.14 -1.65 36.05
CA ALA F 68 27.98 -2.32 35.06
C ALA F 68 28.58 -1.32 34.08
N ASN F 69 28.40 -0.03 34.35
CA ASN F 69 28.91 1.04 33.49
C ASN F 69 28.47 0.88 32.03
N LEU F 70 27.22 0.49 31.81
CA LEU F 70 26.70 0.30 30.48
C LEU F 70 25.86 1.47 29.93
N LEU F 71 25.64 2.48 30.77
CA LEU F 71 24.83 3.64 30.40
C LEU F 71 25.60 4.94 30.11
N GLU F 72 25.24 5.57 29.00
CA GLU F 72 25.84 6.80 28.51
C GLU F 72 25.39 8.03 29.30
N PRO F 73 26.35 8.80 29.86
CA PRO F 73 25.97 10.00 30.62
C PRO F 73 25.16 11.02 29.81
N LEU F 74 24.19 11.64 30.48
CA LEU F 74 23.28 12.61 29.87
C LEU F 74 23.62 14.06 30.20
N PRO F 75 23.25 15.00 29.31
CA PRO F 75 23.50 16.43 29.55
C PRO F 75 22.70 16.95 30.76
N ALA F 76 23.23 17.95 31.45
CA ALA F 76 22.57 18.53 32.61
C ALA F 76 21.15 19.02 32.32
N SER F 77 20.94 19.57 31.12
CA SER F 77 19.64 20.09 30.73
C SER F 77 18.54 19.04 30.74
N THR F 78 18.88 17.82 30.37
CA THR F 78 17.91 16.73 30.36
C THR F 78 17.55 16.33 31.78
N ILE F 79 18.56 16.10 32.61
CA ILE F 79 18.35 15.71 34.00
C ILE F 79 17.58 16.76 34.79
N ASN F 80 17.92 18.02 34.60
CA ASN F 80 17.26 19.10 35.33
C ASN F 80 15.77 19.27 35.00
N GLU F 81 15.31 18.65 33.92
CA GLU F 81 13.92 18.73 33.50
C GLU F 81 12.92 18.26 34.57
N THR F 82 13.20 17.11 35.18
CA THR F 82 12.33 16.53 36.20
C THR F 82 12.87 16.70 37.62
N ARG F 83 13.89 17.54 37.76
CA ARG F 83 14.53 17.80 39.05
C ARG F 83 13.51 18.31 40.06
N GLY F 84 13.53 17.75 41.26
CA GLY F 84 12.60 18.14 42.30
C GLY F 84 13.00 17.51 43.62
N LYS F 85 12.39 17.97 44.70
CA LYS F 85 12.71 17.42 46.01
C LYS F 85 12.05 16.06 46.22
N GLY F 86 12.86 15.02 46.38
CA GLY F 86 12.33 13.69 46.57
C GLY F 86 12.39 12.78 45.36
N VAL F 87 12.75 13.33 44.20
CA VAL F 87 12.86 12.55 42.96
C VAL F 87 14.24 11.92 42.85
N PRO F 88 14.30 10.63 42.44
CA PRO F 88 15.57 9.90 42.28
C PRO F 88 16.57 10.59 41.34
N VAL F 89 17.84 10.57 41.73
CA VAL F 89 18.91 11.17 40.93
C VAL F 89 20.04 10.15 40.77
N ALA F 90 20.48 9.95 39.53
CA ALA F 90 21.55 9.00 39.25
C ALA F 90 22.90 9.58 39.65
N ALA F 91 23.66 8.81 40.42
CA ALA F 91 24.97 9.24 40.87
C ALA F 91 25.91 9.58 39.71
N LYS F 92 25.90 8.76 38.66
CA LYS F 92 26.78 9.00 37.51
C LYS F 92 26.12 9.82 36.41
N LYS F 93 24.91 10.30 36.67
CA LYS F 93 24.19 11.11 35.69
C LYS F 93 23.94 10.30 34.41
N ASP F 94 23.66 9.01 34.59
CA ASP F 94 23.41 8.11 33.48
C ASP F 94 21.96 7.71 33.20
N TRP F 95 21.04 8.21 34.01
CA TRP F 95 19.60 7.99 33.81
C TRP F 95 18.80 9.17 34.38
N VAL F 96 17.51 9.21 34.10
CA VAL F 96 16.67 10.30 34.58
C VAL F 96 15.29 9.76 34.95
N ALA F 97 14.75 10.21 36.09
CA ALA F 97 13.43 9.79 36.54
C ALA F 97 12.42 10.54 35.68
N LEU F 98 11.24 9.95 35.47
CA LEU F 98 10.23 10.55 34.60
C LEU F 98 8.84 10.73 35.20
N SER F 99 8.34 9.70 35.88
CA SER F 99 7.01 9.76 36.50
C SER F 99 6.84 8.78 37.65
N GLY F 100 5.70 8.82 38.32
CA GLY F 100 5.48 7.92 39.44
C GLY F 100 4.07 7.40 39.64
N ARG F 101 3.99 6.29 40.38
CA ARG F 101 2.74 5.61 40.73
C ARG F 101 2.58 5.75 42.25
N SER F 102 1.34 5.83 42.71
CA SER F 102 1.06 6.02 44.13
C SER F 102 0.25 4.92 44.83
N ARG F 103 0.57 4.68 46.10
CA ARG F 103 -0.18 3.72 46.91
C ARG F 103 -1.37 4.54 47.41
N VAL F 104 -2.56 3.95 47.36
CA VAL F 104 -3.76 4.67 47.80
C VAL F 104 -4.76 3.73 48.49
N VAL F 105 -5.75 4.33 49.13
CA VAL F 105 -6.78 3.55 49.78
C VAL F 105 -8.11 3.93 49.12
N VAL F 106 -8.68 3.01 48.36
CA VAL F 106 -9.96 3.24 47.69
C VAL F 106 -11.07 2.82 48.67
N TYR F 107 -12.12 3.63 48.76
CA TYR F 107 -13.20 3.33 49.69
C TYR F 107 -14.60 3.59 49.12
N ASP F 108 -15.61 2.99 49.77
CA ASP F 108 -17.00 3.14 49.35
C ASP F 108 -17.65 4.38 50.00
N THR F 109 -17.94 5.37 49.16
CA THR F 109 -18.56 6.62 49.58
C THR F 109 -19.90 6.40 50.30
N ARG F 110 -20.59 5.33 49.94
CA ARG F 110 -21.88 4.99 50.54
C ARG F 110 -21.67 4.54 51.98
N LYS F 111 -20.42 4.26 52.32
CA LYS F 111 -20.05 3.78 53.66
C LYS F 111 -19.20 4.74 54.48
N LEU F 112 -18.32 5.48 53.81
CA LEU F 112 -17.41 6.38 54.53
C LEU F 112 -17.05 7.69 53.82
N SER F 113 -16.62 8.65 54.63
CA SER F 113 -16.17 9.96 54.17
C SER F 113 -14.71 10.00 54.61
N GLU F 114 -13.87 10.78 53.94
CA GLU F 114 -12.46 10.80 54.30
C GLU F 114 -12.14 11.03 55.78
N LYS F 115 -13.07 11.61 56.53
CA LYS F 115 -12.85 11.85 57.95
C LYS F 115 -12.94 10.56 58.77
N ASP F 116 -13.37 9.47 58.14
CA ASP F 116 -13.48 8.18 58.81
C ASP F 116 -12.26 7.33 58.49
N LEU F 117 -11.44 7.81 57.56
CA LEU F 117 -10.23 7.10 57.14
C LEU F 117 -9.01 7.40 58.00
N GLU F 118 -8.16 6.38 58.18
CA GLU F 118 -6.96 6.48 59.01
C GLU F 118 -5.90 7.48 58.55
N LYS F 119 -5.18 8.05 59.51
CA LYS F 119 -4.11 9.00 59.23
C LYS F 119 -2.81 8.26 58.89
N SER F 120 -2.81 6.95 59.07
CA SER F 120 -1.66 6.12 58.77
C SER F 120 -2.14 4.75 58.34
N VAL F 121 -1.47 4.17 57.35
CA VAL F 121 -1.81 2.86 56.83
C VAL F 121 -1.50 1.75 57.84
N LEU F 122 -0.83 2.10 58.93
CA LEU F 122 -0.50 1.12 59.95
C LEU F 122 -1.68 0.89 60.90
N ASN F 123 -2.59 1.86 60.97
CA ASN F 123 -3.78 1.78 61.84
C ASN F 123 -4.91 0.94 61.24
N TYR F 124 -4.67 0.36 60.06
CA TYR F 124 -5.66 -0.48 59.40
C TYR F 124 -5.55 -1.94 59.83
N ALA F 125 -4.44 -2.27 60.49
CA ALA F 125 -4.21 -3.63 60.96
C ALA F 125 -4.69 -3.77 62.40
N THR F 126 -5.91 -3.29 62.64
CA THR F 126 -6.51 -3.34 63.96
C THR F 126 -7.86 -4.02 63.87
N PRO F 127 -8.43 -4.41 65.03
CA PRO F 127 -9.73 -5.07 65.07
C PRO F 127 -10.87 -4.19 64.53
N LYS F 128 -10.69 -2.86 64.66
CA LYS F 128 -11.66 -1.88 64.21
C LYS F 128 -11.94 -2.04 62.72
N TRP F 129 -11.01 -2.69 62.02
CA TRP F 129 -11.15 -2.90 60.60
C TRP F 129 -11.34 -4.36 60.20
N LYS F 130 -11.83 -5.18 61.14
CA LYS F 130 -12.09 -6.58 60.83
C LYS F 130 -13.16 -6.60 59.75
N ASN F 131 -12.82 -7.23 58.62
CA ASN F 131 -13.72 -7.35 57.45
C ASN F 131 -14.18 -5.99 56.91
N ARG F 132 -13.25 -5.04 56.81
CA ARG F 132 -13.57 -3.70 56.29
C ARG F 132 -12.46 -3.16 55.41
N ILE F 133 -11.34 -3.86 55.39
CA ILE F 133 -10.20 -3.44 54.59
C ILE F 133 -9.61 -4.64 53.86
N GLY F 134 -9.49 -4.55 52.54
CA GLY F 134 -8.92 -5.63 51.78
C GLY F 134 -7.47 -5.35 51.41
N TYR F 135 -6.77 -6.36 50.88
CA TYR F 135 -5.37 -6.23 50.46
C TYR F 135 -4.97 -7.38 49.51
N VAL F 136 -3.93 -7.17 48.71
CA VAL F 136 -3.46 -8.18 47.76
C VAL F 136 -2.07 -8.68 48.17
N PRO F 137 -2.03 -9.73 49.01
CA PRO F 137 -0.79 -10.35 49.52
C PRO F 137 0.24 -10.81 48.50
N THR F 138 -0.22 -11.16 47.31
CA THR F 138 0.66 -11.65 46.24
C THR F 138 1.12 -10.58 45.25
N SER F 139 0.54 -9.38 45.37
CA SER F 139 0.85 -8.26 44.49
C SER F 139 2.25 -7.65 44.65
N GLY F 140 2.86 -7.29 43.52
CA GLY F 140 4.21 -6.72 43.53
C GLY F 140 4.39 -5.39 44.24
N ALA F 141 3.33 -4.60 44.34
CA ALA F 141 3.39 -3.30 45.00
C ALA F 141 3.17 -3.44 46.51
N PHE F 142 2.47 -4.49 46.92
CA PHE F 142 2.22 -4.75 48.34
C PHE F 142 3.57 -5.11 48.98
N LEU F 143 4.42 -5.79 48.19
CA LEU F 143 5.74 -6.20 48.64
C LEU F 143 6.62 -4.97 48.83
N GLU F 144 6.51 -4.05 47.87
CA GLU F 144 7.24 -2.77 47.90
C GLU F 144 6.78 -1.93 49.10
N GLN F 145 5.52 -2.09 49.49
CA GLN F 145 4.97 -1.38 50.63
C GLN F 145 5.60 -1.95 51.91
N ILE F 146 5.80 -3.26 51.91
CA ILE F 146 6.44 -3.96 53.04
C ILE F 146 7.88 -3.44 53.19
N VAL F 147 8.61 -3.45 52.08
CA VAL F 147 9.99 -2.97 52.04
C VAL F 147 10.12 -1.55 52.61
N ALA F 148 9.18 -0.69 52.22
CA ALA F 148 9.17 0.70 52.66
C ALA F 148 8.93 0.90 54.16
N ILE F 149 8.07 0.10 54.78
CA ILE F 149 7.82 0.25 56.23
C ILE F 149 9.02 -0.27 57.02
N VAL F 150 9.73 -1.26 56.46
CA VAL F 150 10.92 -1.76 57.12
C VAL F 150 12.00 -0.67 57.10
N LYS F 151 12.14 0.02 55.96
CA LYS F 151 13.13 1.09 55.83
C LYS F 151 12.81 2.35 56.60
N LEU F 152 11.53 2.60 56.88
CA LEU F 152 11.08 3.82 57.56
C LEU F 152 10.75 3.67 59.06
N LYS F 153 10.34 2.47 59.46
CA LYS F 153 9.96 2.22 60.85
C LYS F 153 10.73 1.07 61.50
N GLY F 154 11.48 0.31 60.71
CA GLY F 154 12.22 -0.82 61.25
C GLY F 154 11.43 -2.11 61.12
N GLU F 155 12.12 -3.24 61.15
CA GLU F 155 11.45 -4.53 61.02
C GLU F 155 10.29 -4.80 61.97
N ALA F 156 10.41 -4.37 63.22
CA ALA F 156 9.36 -4.61 64.20
C ALA F 156 7.99 -4.05 63.76
N ALA F 157 7.97 -2.80 63.31
CA ALA F 157 6.74 -2.17 62.86
C ALA F 157 6.11 -2.88 61.66
N ALA F 158 6.95 -3.44 60.81
CA ALA F 158 6.47 -4.15 59.62
C ALA F 158 5.73 -5.46 59.99
N LEU F 159 6.33 -6.27 60.87
CA LEU F 159 5.73 -7.54 61.27
C LEU F 159 4.40 -7.39 62.02
N LYS F 160 4.28 -6.31 62.79
CA LYS F 160 3.05 -6.05 63.53
C LYS F 160 1.93 -5.73 62.55
N TRP F 161 2.26 -4.95 61.52
CA TRP F 161 1.31 -4.54 60.50
C TRP F 161 0.78 -5.71 59.66
N LEU F 162 1.66 -6.59 59.22
CA LEU F 162 1.24 -7.75 58.42
C LEU F 162 0.43 -8.75 59.23
N LYS F 163 0.77 -8.91 60.51
CA LYS F 163 0.05 -9.86 61.34
C LYS F 163 -1.36 -9.35 61.60
N GLY F 164 -1.50 -8.02 61.66
CA GLY F 164 -2.80 -7.41 61.88
C GLY F 164 -3.68 -7.62 60.65
N LEU F 165 -3.11 -7.44 59.46
CA LEU F 165 -3.85 -7.63 58.21
C LEU F 165 -4.28 -9.08 58.03
N LYS F 166 -3.38 -10.01 58.37
CA LYS F 166 -3.66 -11.43 58.26
C LYS F 166 -4.76 -11.75 59.27
N GLU F 167 -4.68 -11.11 60.42
CA GLU F 167 -5.66 -11.33 61.48
C GLU F 167 -7.06 -10.78 61.20
N TYR F 168 -7.15 -9.47 60.99
CA TYR F 168 -8.45 -8.81 60.76
C TYR F 168 -8.79 -8.42 59.31
N GLY F 169 -7.80 -8.43 58.43
CA GLY F 169 -8.04 -8.07 57.05
C GLY F 169 -8.59 -9.18 56.17
N LYS F 170 -8.99 -8.80 54.96
CA LYS F 170 -9.53 -9.72 53.97
C LYS F 170 -8.65 -9.68 52.72
N PRO F 171 -8.12 -10.85 52.30
CA PRO F 171 -7.25 -10.95 51.12
C PRO F 171 -7.93 -11.18 49.76
N TYR F 172 -7.36 -10.55 48.74
CA TYR F 172 -7.83 -10.65 47.36
C TYR F 172 -6.60 -10.99 46.52
N ALA F 173 -6.75 -11.93 45.58
CA ALA F 173 -5.64 -12.35 44.75
C ALA F 173 -5.31 -11.38 43.61
N LYS F 174 -5.99 -10.24 43.58
CA LYS F 174 -5.75 -9.31 42.50
C LYS F 174 -6.33 -7.93 42.82
N ASN F 175 -5.69 -6.87 42.31
CA ASN F 175 -6.14 -5.51 42.55
C ASN F 175 -7.51 -5.24 41.92
N SER F 176 -7.76 -5.86 40.77
CA SER F 176 -9.03 -5.68 40.07
C SER F 176 -10.16 -6.21 40.96
N VAL F 177 -9.98 -7.44 41.44
CA VAL F 177 -10.95 -8.12 42.30
C VAL F 177 -11.30 -7.34 43.57
N ALA F 178 -10.31 -6.67 44.15
CA ALA F 178 -10.50 -5.90 45.37
C ALA F 178 -11.28 -4.60 45.08
N LEU F 179 -10.92 -3.92 43.99
CA LEU F 179 -11.59 -2.68 43.60
C LEU F 179 -13.06 -2.97 43.34
N GLN F 180 -13.29 -3.92 42.44
CA GLN F 180 -14.63 -4.34 42.05
C GLN F 180 -15.42 -4.85 43.26
N ALA F 181 -14.71 -5.19 44.32
CA ALA F 181 -15.34 -5.69 45.55
C ALA F 181 -15.86 -4.50 46.35
N VAL F 182 -15.08 -3.42 46.41
CA VAL F 182 -15.47 -2.21 47.13
C VAL F 182 -16.62 -1.55 46.37
N GLU F 183 -16.61 -1.68 45.05
CA GLU F 183 -17.66 -1.13 44.21
C GLU F 183 -18.97 -1.89 44.38
N ASN F 184 -18.87 -3.12 44.87
CA ASN F 184 -20.04 -3.97 45.07
C ASN F 184 -20.59 -3.90 46.48
N GLY F 185 -19.92 -3.13 47.33
CA GLY F 185 -20.38 -3.01 48.71
C GLY F 185 -20.07 -4.25 49.52
N GLU F 186 -18.98 -4.94 49.17
CA GLU F 186 -18.54 -6.16 49.86
C GLU F 186 -17.55 -5.85 50.97
N VAL F 187 -16.82 -4.76 50.80
CA VAL F 187 -15.83 -4.32 51.78
C VAL F 187 -15.77 -2.78 51.68
N ASP F 188 -15.71 -2.11 52.83
CA ASP F 188 -15.69 -0.66 52.86
C ASP F 188 -14.53 0.00 52.11
N ALA F 189 -13.36 -0.63 52.15
CA ALA F 189 -12.18 -0.07 51.48
C ALA F 189 -11.18 -1.16 51.13
N ALA F 190 -10.15 -0.77 50.39
CA ALA F 190 -9.10 -1.70 49.98
C ALA F 190 -7.79 -0.93 49.72
N LEU F 191 -6.67 -1.60 49.96
CA LEU F 191 -5.34 -1.02 49.75
C LEU F 191 -4.90 -1.41 48.33
N ILE F 192 -4.79 -0.41 47.46
CA ILE F 192 -4.40 -0.66 46.06
C ILE F 192 -3.52 0.46 45.47
N ASN F 193 -3.36 0.44 44.14
CA ASN F 193 -2.57 1.45 43.41
C ASN F 193 -3.50 2.51 42.80
N ASN F 194 -3.03 3.76 42.75
CA ASN F 194 -3.82 4.88 42.24
C ASN F 194 -4.44 4.81 40.85
N TYR F 195 -3.66 4.40 39.84
CA TYR F 195 -4.16 4.34 38.46
C TYR F 195 -5.23 3.28 38.17
N TYR F 196 -5.43 2.34 39.07
CA TYR F 196 -6.45 1.32 38.89
C TYR F 196 -7.83 1.96 38.98
N TRP F 197 -7.92 3.01 39.79
CA TRP F 197 -9.19 3.70 39.96
C TRP F 197 -9.43 4.70 38.83
N HIS F 198 -8.36 5.32 38.35
CA HIS F 198 -8.48 6.31 37.27
C HIS F 198 -8.84 5.72 35.91
N ALA F 199 -8.30 4.55 35.61
CA ALA F 199 -8.59 3.89 34.33
C ALA F 199 -10.05 3.44 34.32
N PHE F 200 -10.49 2.90 35.45
CA PHE F 200 -11.85 2.43 35.64
C PHE F 200 -12.80 3.62 35.42
N ALA F 201 -12.61 4.67 36.21
CA ALA F 201 -13.42 5.87 36.14
C ALA F 201 -13.52 6.44 34.73
N ARG F 202 -12.39 6.54 34.03
CA ARG F 202 -12.41 7.08 32.67
C ARG F 202 -13.21 6.22 31.70
N GLU F 203 -13.17 4.91 31.89
CA GLU F 203 -13.87 3.99 31.01
C GLU F 203 -15.35 3.90 31.34
N LYS F 204 -15.68 3.83 32.63
CA LYS F 204 -17.07 3.73 33.05
C LYS F 204 -17.81 5.07 33.11
N GLY F 205 -17.12 6.10 33.60
CA GLY F 205 -17.74 7.40 33.74
C GLY F 205 -17.93 7.54 35.24
N VAL F 206 -17.20 8.48 35.85
CA VAL F 206 -17.23 8.68 37.30
C VAL F 206 -18.58 8.81 38.02
N GLN F 207 -19.64 9.22 37.30
CA GLN F 207 -20.96 9.35 37.91
C GLN F 207 -21.54 7.95 38.21
N ASN F 208 -21.00 6.95 37.52
CA ASN F 208 -21.42 5.55 37.67
C ASN F 208 -20.48 4.74 38.57
N VAL F 209 -19.46 5.41 39.11
CA VAL F 209 -18.47 4.80 39.98
C VAL F 209 -18.76 5.27 41.41
N HIS F 210 -18.86 4.31 42.35
CA HIS F 210 -19.18 4.60 43.77
C HIS F 210 -18.01 4.98 44.67
N THR F 211 -16.85 4.40 44.40
CA THR F 211 -15.65 4.61 45.19
C THR F 211 -14.85 5.87 44.89
N ARG F 212 -13.90 6.17 45.77
CA ARG F 212 -13.03 7.33 45.65
C ARG F 212 -11.67 7.01 46.29
N LEU F 213 -10.67 7.85 46.04
CA LEU F 213 -9.34 7.62 46.61
C LEU F 213 -8.94 8.50 47.78
N ASN F 214 -8.28 7.90 48.76
CA ASN F 214 -7.79 8.60 49.94
C ASN F 214 -6.26 8.54 49.90
N PHE F 215 -5.62 9.68 50.17
CA PHE F 215 -4.17 9.76 50.22
C PHE F 215 -3.76 10.17 51.62
N VAL F 216 -2.95 9.33 52.27
CA VAL F 216 -2.49 9.60 53.62
C VAL F 216 -1.52 10.79 53.73
N ARG F 217 -0.60 10.90 52.78
CA ARG F 217 0.39 11.98 52.78
C ARG F 217 1.21 12.04 54.07
N HIS F 218 1.70 13.22 54.40
CA HIS F 218 2.50 13.44 55.61
C HIS F 218 3.70 12.50 55.73
N ARG F 219 4.25 12.08 54.59
CA ARG F 219 5.40 11.17 54.54
C ARG F 219 5.09 9.82 55.16
N ASP F 220 3.83 9.48 55.28
CA ASP F 220 3.44 8.20 55.87
C ASP F 220 3.99 7.09 54.97
N PRO F 221 4.28 5.91 55.53
CA PRO F 221 4.78 4.85 54.64
C PRO F 221 3.74 4.50 53.58
N GLY F 222 2.48 4.83 53.84
CA GLY F 222 1.39 4.55 52.92
C GLY F 222 1.25 5.57 51.80
N ALA F 223 2.10 6.58 51.81
CA ALA F 223 2.08 7.61 50.78
C ALA F 223 3.13 7.28 49.74
N LEU F 224 3.67 6.07 49.84
CA LEU F 224 4.73 5.58 48.94
C LEU F 224 4.55 5.78 47.44
N VAL F 225 5.50 6.46 46.81
CA VAL F 225 5.48 6.69 45.37
C VAL F 225 6.63 5.92 44.76
N THR F 226 6.37 5.23 43.65
CA THR F 226 7.35 4.42 42.93
C THR F 226 7.60 5.12 41.57
N TYR F 227 8.87 5.28 41.18
CA TYR F 227 9.21 5.99 39.95
C TYR F 227 9.66 5.19 38.73
N SER F 228 9.52 5.82 37.56
CA SER F 228 9.92 5.28 36.26
C SER F 228 11.09 6.15 35.78
N GLY F 229 11.77 5.71 34.73
CA GLY F 229 12.89 6.47 34.21
C GLY F 229 13.43 5.92 32.91
N ALA F 230 14.35 6.65 32.28
CA ALA F 230 14.93 6.22 31.01
C ALA F 230 16.45 6.44 30.95
N ALA F 231 17.11 5.73 30.03
CA ALA F 231 18.55 5.81 29.86
C ALA F 231 19.01 5.48 28.45
N VAL F 232 20.20 5.96 28.09
CA VAL F 232 20.81 5.72 26.78
C VAL F 232 21.99 4.74 27.01
N LEU F 233 22.09 3.71 26.18
CA LEU F 233 23.17 2.73 26.32
C LEU F 233 24.47 3.17 25.65
N LYS F 234 25.61 2.90 26.29
CA LYS F 234 26.91 3.26 25.74
C LYS F 234 27.22 2.55 24.43
N SER F 235 26.63 1.37 24.26
CA SER F 235 26.84 0.57 23.05
C SER F 235 25.95 1.05 21.89
N SER F 236 25.23 2.15 22.10
CA SER F 236 24.33 2.71 21.09
C SER F 236 24.99 3.27 19.82
N GLN F 237 24.50 2.81 18.67
CA GLN F 237 25.00 3.26 17.38
C GLN F 237 24.29 4.55 16.98
N ASN F 238 23.25 4.91 17.75
CA ASN F 238 22.46 6.12 17.53
C ASN F 238 22.29 6.86 18.86
N LYS F 239 23.36 7.44 19.40
CA LYS F 239 23.26 8.15 20.68
C LYS F 239 22.68 9.54 20.54
N ASP F 240 22.95 10.20 19.43
CA ASP F 240 22.44 11.54 19.20
C ASP F 240 20.92 11.55 19.13
N GLU F 241 20.33 10.55 18.47
CA GLU F 241 18.88 10.47 18.40
C GLU F 241 18.30 9.81 19.66
N ALA F 242 19.13 9.02 20.35
CA ALA F 242 18.73 8.33 21.59
C ALA F 242 18.67 9.35 22.72
N LYS F 243 19.64 10.28 22.72
CA LYS F 243 19.69 11.34 23.73
C LYS F 243 18.47 12.26 23.51
N LYS F 244 18.16 12.46 22.23
CA LYS F 244 17.03 13.27 21.78
C LYS F 244 15.71 12.68 22.29
N PHE F 245 15.58 11.36 22.18
CA PHE F 245 14.39 10.66 22.64
C PHE F 245 14.24 10.84 24.15
N VAL F 246 15.32 10.62 24.90
CA VAL F 246 15.29 10.75 26.35
C VAL F 246 14.98 12.19 26.75
N ALA F 247 15.53 13.16 26.02
CA ALA F 247 15.26 14.57 26.28
C ALA F 247 13.76 14.86 26.08
N PHE F 248 13.14 14.20 25.10
CA PHE F 248 11.72 14.35 24.79
C PHE F 248 10.86 13.81 25.93
N LEU F 249 11.22 12.61 26.41
CA LEU F 249 10.50 11.95 27.51
C LEU F 249 10.39 12.83 28.74
N ALA F 250 11.49 13.50 29.09
CA ALA F 250 11.56 14.38 30.27
C ALA F 250 10.91 15.76 30.05
N GLY F 251 10.76 16.14 28.79
CA GLY F 251 10.19 17.44 28.44
C GLY F 251 8.68 17.61 28.51
N LYS F 252 8.25 18.86 28.35
CA LYS F 252 6.82 19.20 28.40
C LYS F 252 6.00 18.42 27.39
N GLU F 253 6.47 18.36 26.15
CA GLU F 253 5.77 17.65 25.08
C GLU F 253 5.60 16.16 25.34
N GLY F 254 6.70 15.48 25.68
CA GLY F 254 6.63 14.05 25.95
C GLY F 254 5.85 13.68 27.19
N GLN F 255 5.95 14.51 28.23
CA GLN F 255 5.24 14.25 29.47
C GLN F 255 3.75 14.40 29.22
N ARG F 256 3.38 15.32 28.34
CA ARG F 256 1.97 15.54 28.00
C ARG F 256 1.43 14.38 27.19
N ALA F 257 2.26 13.79 26.35
CA ALA F 257 1.82 12.65 25.55
C ALA F 257 1.50 11.49 26.48
N LEU F 258 2.30 11.36 27.52
CA LEU F 258 2.15 10.28 28.49
C LEU F 258 0.91 10.41 29.37
N THR F 259 0.77 11.57 30.02
CA THR F 259 -0.34 11.82 30.94
C THR F 259 -1.71 11.99 30.27
N ALA F 260 -1.76 11.87 28.95
CA ALA F 260 -3.02 11.95 28.22
C ALA F 260 -3.62 10.55 28.18
N VAL F 261 -2.75 9.55 28.36
CA VAL F 261 -3.11 8.14 28.30
C VAL F 261 -3.00 7.35 29.61
N ARG F 262 -1.93 7.57 30.38
CA ARG F 262 -1.72 6.83 31.62
C ARG F 262 -1.85 7.73 32.85
N ALA F 263 -2.40 7.18 33.93
CA ALA F 263 -2.62 7.92 35.18
C ALA F 263 -1.43 7.99 36.15
N GLU F 264 -0.26 8.36 35.63
CA GLU F 264 0.94 8.50 36.47
C GLU F 264 1.18 9.99 36.69
N TYR F 265 1.86 10.32 37.79
CA TYR F 265 2.18 11.71 38.09
C TYR F 265 3.40 12.17 37.33
N PRO F 266 3.29 13.29 36.60
CA PRO F 266 4.39 13.85 35.81
C PRO F 266 5.44 14.49 36.74
N LEU F 267 6.73 14.27 36.46
CA LEU F 267 7.79 14.85 37.27
C LEU F 267 8.17 16.23 36.70
N ASN F 268 7.70 16.50 35.49
CA ASN F 268 7.94 17.80 34.86
C ASN F 268 6.88 18.75 35.42
N PRO F 269 7.31 19.82 36.15
CA PRO F 269 6.38 20.79 36.75
C PRO F 269 5.52 21.68 35.83
N HIS F 270 5.82 21.68 34.53
CA HIS F 270 5.08 22.49 33.57
C HIS F 270 3.91 21.75 32.89
N VAL F 271 3.73 20.48 33.26
CA VAL F 271 2.70 19.62 32.68
C VAL F 271 1.44 19.44 33.54
N VAL F 272 0.29 19.38 32.88
CA VAL F 272 -0.98 19.18 33.56
C VAL F 272 -1.64 17.90 33.01
N SER F 273 -1.94 16.97 33.90
CA SER F 273 -2.52 15.69 33.50
C SER F 273 -3.99 15.78 33.09
N THR F 274 -4.41 14.82 32.26
CA THR F 274 -5.79 14.76 31.79
C THR F 274 -6.61 13.96 32.83
N PHE F 275 -5.90 13.46 33.84
CA PHE F 275 -6.54 12.72 34.93
C PHE F 275 -6.51 13.67 36.12
N ASN F 276 -7.47 13.55 37.03
CA ASN F 276 -7.51 14.43 38.20
C ASN F 276 -6.40 14.08 39.19
N LEU F 277 -5.17 14.51 38.86
CA LEU F 277 -4.01 14.24 39.72
C LEU F 277 -3.43 15.53 40.29
N GLU F 278 -3.25 15.56 41.60
CA GLU F 278 -2.66 16.73 42.27
C GLU F 278 -1.20 16.78 41.85
N PRO F 279 -0.50 17.89 42.14
CA PRO F 279 0.92 17.99 41.79
C PRO F 279 1.67 17.01 42.68
N ILE F 280 2.52 16.17 42.09
CA ILE F 280 3.26 15.13 42.82
C ILE F 280 3.84 15.57 44.17
N ALA F 281 4.26 16.83 44.27
CA ALA F 281 4.80 17.36 45.52
C ALA F 281 3.78 17.36 46.66
N LYS F 282 2.49 17.47 46.32
CA LYS F 282 1.40 17.50 47.31
C LYS F 282 1.18 16.18 48.05
N LEU F 283 1.53 15.06 47.41
CA LEU F 283 1.37 13.73 48.01
C LEU F 283 2.22 13.54 49.25
N GLU F 284 3.28 14.35 49.37
CA GLU F 284 4.21 14.27 50.49
C GLU F 284 4.69 12.85 50.65
N ALA F 285 5.18 12.29 49.55
CA ALA F 285 5.69 10.93 49.55
C ALA F 285 6.93 10.81 50.44
N PRO F 286 7.09 9.66 51.11
CA PRO F 286 8.29 9.55 51.95
C PRO F 286 9.50 9.40 51.04
N GLN F 287 10.70 9.60 51.59
CA GLN F 287 11.90 9.42 50.79
C GLN F 287 12.44 8.03 51.13
N VAL F 288 12.53 7.16 50.12
CA VAL F 288 13.02 5.81 50.34
C VAL F 288 14.05 5.41 49.29
N SER F 289 15.09 4.69 49.73
CA SER F 289 16.15 4.24 48.82
C SER F 289 15.61 3.22 47.83
N ALA F 290 16.32 2.99 46.73
CA ALA F 290 15.89 2.03 45.73
C ALA F 290 15.95 0.63 46.33
N THR F 291 15.02 -0.22 45.93
CA THR F 291 14.91 -1.59 46.42
C THR F 291 15.95 -2.58 45.87
N THR F 292 16.47 -3.43 46.75
CA THR F 292 17.46 -4.45 46.37
C THR F 292 16.86 -5.86 46.49
N VAL F 293 17.49 -6.83 45.84
CA VAL F 293 17.01 -8.22 45.85
C VAL F 293 16.96 -8.86 47.26
N SER F 294 17.91 -8.52 48.13
CA SER F 294 17.95 -9.06 49.49
C SER F 294 16.87 -8.35 50.32
N GLU F 295 16.48 -7.16 49.87
CA GLU F 295 15.44 -6.41 50.56
C GLU F 295 14.07 -7.05 50.31
N LYS F 296 13.91 -7.73 49.17
CA LYS F 296 12.64 -8.41 48.86
C LYS F 296 12.64 -9.76 49.56
N GLU F 297 13.81 -10.41 49.54
CA GLU F 297 14.01 -11.71 50.18
C GLU F 297 13.52 -11.58 51.62
N HIS F 298 13.89 -10.47 52.24
CA HIS F 298 13.52 -10.13 53.61
C HIS F 298 12.02 -9.87 53.72
N ALA F 299 11.44 -9.27 52.69
CA ALA F 299 10.00 -8.95 52.70
C ALA F 299 9.17 -10.22 52.60
N THR F 300 9.66 -11.17 51.80
CA THR F 300 8.98 -12.44 51.59
C THR F 300 8.95 -13.27 52.86
N ARG F 301 10.06 -13.28 53.60
CA ARG F 301 10.14 -14.03 54.86
C ARG F 301 9.11 -13.50 55.82
N LEU F 302 8.96 -12.17 55.84
CA LEU F 302 7.99 -11.53 56.70
C LEU F 302 6.58 -11.99 56.33
N LEU F 303 6.31 -12.12 55.03
CA LEU F 303 5.00 -12.60 54.57
C LEU F 303 4.72 -13.98 55.14
N GLU F 304 5.69 -14.87 55.00
CA GLU F 304 5.56 -16.24 55.49
C GLU F 304 5.49 -16.29 57.02
N GLN F 305 5.98 -15.24 57.68
CA GLN F 305 5.96 -15.16 59.14
C GLN F 305 4.59 -14.72 59.65
N ALA F 306 3.93 -13.88 58.87
CA ALA F 306 2.62 -13.36 59.24
C ALA F 306 1.55 -14.38 58.85
N GLY F 307 1.96 -15.38 58.05
CA GLY F 307 1.06 -16.43 57.61
C GLY F 307 0.33 -16.09 56.32
N MET F 308 1.01 -15.33 55.46
CA MET F 308 0.44 -14.92 54.17
C MET F 308 1.08 -15.64 53.00
N LYS F 309 2.10 -16.44 53.30
CA LYS F 309 2.80 -17.19 52.27
C LYS F 309 3.43 -18.43 52.91
N ASP G 1 -14.81 -16.34 32.16
CA ASP G 1 -14.84 -17.43 31.15
C ASP G 1 -15.67 -17.03 29.94
N ILE G 2 -15.23 -17.48 28.76
CA ILE G 2 -15.89 -17.12 27.52
C ILE G 2 -16.13 -18.32 26.58
N THR G 3 -17.11 -18.18 25.68
CA THR G 3 -17.43 -19.21 24.71
C THR G 3 -16.97 -18.73 23.34
N VAL G 4 -16.12 -19.53 22.69
CA VAL G 4 -15.57 -19.17 21.39
C VAL G 4 -16.05 -20.01 20.20
N TYR G 5 -16.58 -19.32 19.18
CA TYR G 5 -17.04 -19.97 17.97
C TYR G 5 -15.77 -20.03 17.12
N ASN G 6 -15.21 -21.22 17.01
CA ASN G 6 -13.96 -21.44 16.31
C ASN G 6 -13.99 -22.00 14.87
N GLY G 7 -13.45 -21.21 13.94
CA GLY G 7 -13.39 -21.63 12.55
C GLY G 7 -11.97 -22.05 12.21
N GLN G 8 -11.07 -21.84 13.17
CA GLN G 8 -9.66 -22.19 13.05
C GLN G 8 -9.44 -23.67 13.38
N HIS G 9 -8.25 -24.17 13.09
CA HIS G 9 -7.88 -25.56 13.35
C HIS G 9 -8.08 -25.90 14.84
N LYS G 10 -8.78 -26.99 15.13
CA LYS G 10 -9.02 -27.38 16.52
C LYS G 10 -7.72 -27.51 17.32
N GLU G 11 -6.69 -28.03 16.64
CA GLU G 11 -5.38 -28.23 17.25
C GLU G 11 -4.73 -26.91 17.65
N ALA G 12 -4.67 -25.99 16.70
CA ALA G 12 -4.06 -24.68 16.92
C ALA G 12 -4.82 -23.86 17.95
N ALA G 13 -6.14 -23.79 17.78
CA ALA G 13 -7.01 -23.03 18.68
C ALA G 13 -6.99 -23.50 20.13
N GLN G 14 -6.92 -24.81 20.31
CA GLN G 14 -6.90 -25.40 21.65
C GLN G 14 -5.62 -25.00 22.39
N ALA G 15 -4.49 -25.05 21.69
CA ALA G 15 -3.20 -24.69 22.25
C ALA G 15 -3.10 -23.20 22.58
N VAL G 16 -3.74 -22.37 21.77
CA VAL G 16 -3.75 -20.93 22.00
C VAL G 16 -4.66 -20.61 23.19
N ALA G 17 -5.80 -21.31 23.25
CA ALA G 17 -6.76 -21.11 24.33
C ALA G 17 -6.16 -21.58 25.64
N ASP G 18 -5.42 -22.68 25.59
CA ASP G 18 -4.78 -23.22 26.79
C ASP G 18 -3.70 -22.25 27.27
N ALA G 19 -3.07 -21.55 26.33
CA ALA G 19 -2.02 -20.58 26.66
C ALA G 19 -2.62 -19.38 27.38
N PHE G 20 -3.82 -18.98 26.95
CA PHE G 20 -4.54 -17.84 27.54
C PHE G 20 -4.95 -18.17 28.96
N THR G 21 -5.78 -19.20 29.09
CA THR G 21 -6.25 -19.64 30.40
C THR G 21 -5.04 -19.85 31.32
N ARG G 22 -3.91 -20.21 30.71
CA ARG G 22 -2.67 -20.47 31.44
C ARG G 22 -2.16 -19.25 32.21
N ALA G 23 -2.12 -18.10 31.55
CA ALA G 23 -1.64 -16.89 32.20
C ALA G 23 -2.73 -16.05 32.84
N THR G 24 -3.98 -16.21 32.38
CA THR G 24 -5.08 -15.42 32.92
C THR G 24 -6.04 -16.12 33.88
N GLY G 25 -6.09 -17.44 33.84
CA GLY G 25 -7.01 -18.15 34.72
C GLY G 25 -8.41 -18.15 34.14
N ILE G 26 -8.59 -17.34 33.09
CA ILE G 26 -9.86 -17.22 32.41
C ILE G 26 -9.98 -18.41 31.44
N LYS G 27 -10.96 -19.27 31.71
CA LYS G 27 -11.21 -20.46 30.90
C LYS G 27 -11.94 -20.15 29.60
N VAL G 28 -11.80 -21.04 28.61
CA VAL G 28 -12.44 -20.84 27.32
C VAL G 28 -12.98 -22.13 26.70
N LYS G 29 -14.22 -22.09 26.20
CA LYS G 29 -14.83 -23.23 25.53
C LYS G 29 -14.98 -22.90 24.06
N LEU G 30 -14.66 -23.87 23.20
CA LEU G 30 -14.72 -23.65 21.76
C LEU G 30 -15.79 -24.48 21.06
N ASN G 31 -16.63 -23.82 20.27
CA ASN G 31 -17.62 -24.54 19.48
C ASN G 31 -17.06 -24.43 18.06
N SER G 32 -16.71 -25.56 17.48
CA SER G 32 -16.11 -25.57 16.15
C SER G 32 -17.05 -25.90 15.00
N ALA G 33 -16.75 -25.28 13.87
CA ALA G 33 -17.51 -25.44 12.65
C ALA G 33 -16.89 -24.47 11.67
N LYS G 34 -17.15 -24.65 10.38
CA LYS G 34 -16.60 -23.75 9.38
C LYS G 34 -17.10 -22.32 9.57
N GLY G 35 -16.16 -21.37 9.57
CA GLY G 35 -16.48 -19.97 9.75
C GLY G 35 -17.78 -19.53 9.08
N ASP G 36 -18.01 -20.02 7.87
CA ASP G 36 -19.21 -19.72 7.09
C ASP G 36 -20.49 -20.14 7.84
N GLN G 37 -20.45 -21.32 8.45
CA GLN G 37 -21.58 -21.87 9.19
C GLN G 37 -21.76 -21.09 10.49
N LEU G 38 -20.63 -20.82 11.16
CA LEU G 38 -20.67 -20.10 12.42
C LEU G 38 -21.17 -18.68 12.23
N ALA G 39 -20.86 -18.08 11.08
CA ALA G 39 -21.32 -16.72 10.80
C ALA G 39 -22.83 -16.71 10.67
N GLY G 40 -23.37 -17.60 9.82
CA GLY G 40 -24.80 -17.69 9.63
C GLY G 40 -25.53 -18.06 10.92
N GLN G 41 -24.94 -18.94 11.72
CA GLN G 41 -25.56 -19.37 12.98
C GLN G 41 -25.73 -18.18 13.91
N ILE G 42 -24.71 -17.34 14.01
CA ILE G 42 -24.77 -16.15 14.85
C ILE G 42 -25.86 -15.17 14.40
N LYS G 43 -26.08 -15.06 13.10
CA LYS G 43 -27.11 -14.16 12.56
C LYS G 43 -28.49 -14.64 13.01
N GLU G 44 -28.73 -15.95 12.85
CA GLU G 44 -29.99 -16.57 13.24
C GLU G 44 -30.24 -16.36 14.73
N GLU G 45 -29.25 -16.68 15.56
CA GLU G 45 -29.38 -16.52 17.01
C GLU G 45 -29.54 -15.07 17.42
N GLY G 46 -28.72 -14.19 16.82
CA GLY G 46 -28.80 -12.78 17.12
C GLY G 46 -28.32 -12.41 18.51
N SER G 47 -29.08 -11.56 19.20
CA SER G 47 -28.72 -11.13 20.55
C SER G 47 -28.83 -12.27 21.56
N ARG G 48 -29.40 -13.39 21.13
CA ARG G 48 -29.57 -14.57 21.97
C ARG G 48 -28.37 -15.52 21.88
N SER G 49 -27.38 -15.16 21.07
CA SER G 49 -26.18 -15.98 20.89
C SER G 49 -25.25 -16.06 22.11
N PRO G 50 -24.74 -17.27 22.42
CA PRO G 50 -23.85 -17.47 23.57
C PRO G 50 -22.37 -17.14 23.29
N ALA G 51 -22.05 -16.95 22.01
CA ALA G 51 -20.69 -16.65 21.57
C ALA G 51 -20.18 -15.26 21.97
N ASP G 52 -19.01 -15.21 22.59
CA ASP G 52 -18.38 -13.97 23.01
C ASP G 52 -17.34 -13.56 21.96
N VAL G 53 -16.65 -14.56 21.42
CA VAL G 53 -15.61 -14.34 20.42
C VAL G 53 -15.82 -15.23 19.20
N PHE G 54 -15.46 -14.70 18.03
CA PHE G 54 -15.54 -15.44 16.79
C PHE G 54 -14.13 -15.48 16.18
N TYR G 55 -13.53 -16.67 16.21
CA TYR G 55 -12.20 -16.93 15.67
C TYR G 55 -12.45 -17.50 14.28
N SER G 56 -12.26 -16.69 13.23
CA SER G 56 -12.53 -17.14 11.88
C SER G 56 -11.32 -17.42 11.02
N GLU G 57 -11.43 -18.45 10.19
CA GLU G 57 -10.37 -18.82 9.27
C GLU G 57 -10.55 -18.05 7.97
N GLN G 58 -11.36 -16.99 8.00
CA GLN G 58 -11.60 -16.18 6.82
C GLN G 58 -12.24 -14.82 7.09
N ILE G 59 -11.83 -13.84 6.31
CA ILE G 59 -12.32 -12.48 6.43
C ILE G 59 -13.78 -12.28 6.04
N PRO G 60 -14.19 -12.80 4.87
CA PRO G 60 -15.60 -12.62 4.46
C PRO G 60 -16.60 -12.84 5.61
N ALA G 61 -16.41 -13.93 6.35
CA ALA G 61 -17.28 -14.24 7.47
C ALA G 61 -17.34 -13.09 8.48
N LEU G 62 -16.22 -12.41 8.67
CA LEU G 62 -16.13 -11.29 9.60
C LEU G 62 -16.69 -10.01 8.97
N ALA G 63 -16.65 -9.96 7.64
CA ALA G 63 -17.16 -8.81 6.90
C ALA G 63 -18.69 -8.84 6.88
N THR G 64 -19.25 -10.04 6.72
CA THR G 64 -20.71 -10.21 6.71
C THR G 64 -21.29 -9.81 8.06
N LEU G 65 -20.71 -10.35 9.13
CA LEU G 65 -21.18 -10.04 10.47
C LEU G 65 -20.91 -8.58 10.81
N SER G 66 -20.05 -7.93 10.01
CA SER G 66 -19.73 -6.53 10.22
C SER G 66 -20.80 -5.68 9.57
N ALA G 67 -21.10 -5.99 8.33
CA ALA G 67 -22.12 -5.27 7.56
C ALA G 67 -23.45 -5.33 8.31
N ALA G 68 -23.55 -6.29 9.23
CA ALA G 68 -24.76 -6.50 10.02
C ALA G 68 -24.68 -5.78 11.36
N ASN G 69 -23.49 -5.28 11.68
CA ASN G 69 -23.24 -4.57 12.93
C ASN G 69 -23.52 -5.46 14.14
N LEU G 70 -22.98 -6.68 14.08
CA LEU G 70 -23.12 -7.66 15.12
C LEU G 70 -21.81 -7.74 15.92
N LEU G 71 -20.77 -7.09 15.39
CA LEU G 71 -19.44 -7.08 16.01
C LEU G 71 -19.22 -5.87 16.92
N GLU G 72 -18.26 -6.00 17.84
CA GLU G 72 -17.94 -4.95 18.82
C GLU G 72 -16.60 -4.25 18.50
N PRO G 73 -16.61 -2.90 18.43
CA PRO G 73 -15.37 -2.16 18.14
C PRO G 73 -14.21 -2.50 19.09
N LEU G 74 -13.02 -2.68 18.52
CA LEU G 74 -11.81 -3.01 19.28
C LEU G 74 -10.89 -1.80 19.43
N PRO G 75 -10.03 -1.80 20.46
CA PRO G 75 -9.10 -0.68 20.70
C PRO G 75 -7.98 -0.66 19.65
N ALA G 76 -7.58 0.54 19.26
CA ALA G 76 -6.54 0.71 18.25
C ALA G 76 -5.28 -0.03 18.68
N SER G 77 -5.09 -0.20 19.99
CA SER G 77 -3.92 -0.90 20.52
C SER G 77 -3.94 -2.38 20.15
N THR G 78 -5.15 -2.90 19.93
CA THR G 78 -5.36 -4.29 19.56
C THR G 78 -5.14 -4.49 18.06
N ILE G 79 -5.72 -3.62 17.25
CA ILE G 79 -5.60 -3.74 15.81
C ILE G 79 -4.19 -3.44 15.31
N ASN G 80 -3.48 -2.58 16.04
CA ASN G 80 -2.12 -2.20 15.67
C ASN G 80 -1.07 -3.30 15.81
N GLU G 81 -1.36 -4.28 16.64
CA GLU G 81 -0.43 -5.39 16.85
C GLU G 81 -0.11 -6.17 15.57
N THR G 82 -1.03 -6.14 14.60
CA THR G 82 -0.84 -6.86 13.34
C THR G 82 -0.74 -5.97 12.10
N ARG G 83 -0.62 -4.65 12.33
CA ARG G 83 -0.51 -3.69 11.23
C ARG G 83 0.52 -4.14 10.20
N GLY G 84 0.12 -4.15 8.93
CA GLY G 84 1.05 -4.57 7.89
C GLY G 84 0.63 -4.16 6.49
N LYS G 85 1.58 -4.17 5.58
CA LYS G 85 1.34 -3.82 4.17
C LYS G 85 0.60 -4.97 3.50
N GLY G 86 -0.64 -4.70 3.08
CA GLY G 86 -1.43 -5.72 2.43
C GLY G 86 -2.32 -6.50 3.37
N VAL G 87 -2.07 -6.40 4.67
CA VAL G 87 -2.87 -7.10 5.67
C VAL G 87 -4.23 -6.41 5.71
N PRO G 88 -5.32 -7.20 5.63
CA PRO G 88 -6.68 -6.65 5.66
C PRO G 88 -6.92 -5.78 6.88
N VAL G 89 -7.67 -4.70 6.69
CA VAL G 89 -7.99 -3.78 7.78
C VAL G 89 -9.50 -3.52 7.80
N ALA G 90 -10.09 -3.61 8.98
CA ALA G 90 -11.53 -3.39 9.13
C ALA G 90 -11.82 -1.88 9.19
N ALA G 91 -12.68 -1.42 8.29
CA ALA G 91 -13.03 0.00 8.23
C ALA G 91 -13.63 0.50 9.54
N LYS G 92 -14.60 -0.25 10.06
CA LYS G 92 -15.25 0.12 11.31
C LYS G 92 -14.56 -0.52 12.51
N LYS G 93 -13.36 -1.04 12.29
CA LYS G 93 -12.60 -1.70 13.36
C LYS G 93 -13.49 -2.70 14.08
N ASP G 94 -14.10 -3.60 13.30
CA ASP G 94 -15.00 -4.62 13.85
C ASP G 94 -14.20 -5.88 14.18
N TRP G 95 -13.07 -6.03 13.48
CA TRP G 95 -12.22 -7.21 13.63
C TRP G 95 -10.75 -6.87 13.37
N VAL G 96 -9.89 -7.87 13.54
CA VAL G 96 -8.45 -7.74 13.32
C VAL G 96 -7.90 -9.02 12.69
N ALA G 97 -7.02 -8.88 11.70
CA ALA G 97 -6.40 -10.04 11.03
C ALA G 97 -5.30 -10.61 11.95
N LEU G 98 -5.15 -11.93 11.93
CA LEU G 98 -4.17 -12.59 12.79
C LEU G 98 -3.05 -13.37 12.11
N SER G 99 -3.39 -14.16 11.10
CA SER G 99 -2.37 -14.96 10.40
C SER G 99 -2.72 -15.24 8.94
N GLY G 100 -1.90 -16.05 8.28
CA GLY G 100 -2.14 -16.36 6.88
C GLY G 100 -1.64 -17.70 6.37
N ARG G 101 -2.37 -18.21 5.39
CA ARG G 101 -2.08 -19.49 4.74
C ARG G 101 -1.68 -19.14 3.30
N SER G 102 -0.71 -19.87 2.75
CA SER G 102 -0.27 -19.58 1.39
C SER G 102 -0.51 -20.69 0.37
N ARG G 103 -0.71 -20.28 -0.87
CA ARG G 103 -0.91 -21.21 -1.97
C ARG G 103 0.51 -21.58 -2.37
N VAL G 104 0.78 -22.87 -2.53
CA VAL G 104 2.13 -23.28 -2.95
C VAL G 104 2.09 -24.41 -3.95
N VAL G 105 3.27 -24.73 -4.48
CA VAL G 105 3.43 -25.82 -5.41
C VAL G 105 4.43 -26.78 -4.76
N VAL G 106 3.95 -27.96 -4.36
CA VAL G 106 4.80 -28.96 -3.74
C VAL G 106 5.32 -29.86 -4.88
N TYR G 107 6.59 -30.27 -4.80
CA TYR G 107 7.17 -31.11 -5.83
C TYR G 107 8.13 -32.19 -5.31
N ASP G 108 8.40 -33.18 -6.17
CA ASP G 108 9.31 -34.30 -5.86
C ASP G 108 10.74 -33.98 -6.28
N THR G 109 11.63 -33.92 -5.31
CA THR G 109 13.04 -33.60 -5.51
C THR G 109 13.77 -34.62 -6.39
N ARG G 110 13.20 -35.80 -6.53
CA ARG G 110 13.81 -36.84 -7.35
C ARG G 110 13.57 -36.52 -8.83
N LYS G 111 12.52 -35.75 -9.10
CA LYS G 111 12.16 -35.38 -10.46
C LYS G 111 12.54 -33.95 -10.88
N LEU G 112 12.02 -32.96 -10.16
CA LEU G 112 12.26 -31.54 -10.47
C LEU G 112 13.13 -30.80 -9.46
N SER G 113 13.50 -29.57 -9.81
CA SER G 113 14.30 -28.68 -8.97
C SER G 113 13.64 -27.31 -9.03
N GLU G 114 13.88 -26.48 -8.01
CA GLU G 114 13.28 -25.14 -7.94
C GLU G 114 13.35 -24.41 -9.28
N LYS G 115 14.47 -24.58 -9.97
CA LYS G 115 14.68 -23.94 -11.28
C LYS G 115 13.95 -24.58 -12.45
N ASP G 116 13.12 -25.58 -12.17
CA ASP G 116 12.36 -26.27 -13.22
C ASP G 116 10.87 -25.92 -13.13
N LEU G 117 10.46 -25.29 -12.02
CA LEU G 117 9.06 -24.90 -11.80
C LEU G 117 8.70 -23.63 -12.58
N GLU G 118 7.40 -23.35 -12.70
CA GLU G 118 6.92 -22.17 -13.41
C GLU G 118 7.12 -20.85 -12.67
N LYS G 119 7.14 -19.77 -13.43
CA LYS G 119 7.29 -18.44 -12.87
C LYS G 119 5.90 -17.84 -12.68
N SER G 120 4.88 -18.57 -13.14
CA SER G 120 3.49 -18.16 -13.02
C SER G 120 2.59 -19.40 -12.94
N VAL G 121 1.64 -19.40 -12.01
CA VAL G 121 0.75 -20.54 -11.85
C VAL G 121 -0.12 -20.81 -13.08
N LEU G 122 -0.43 -19.74 -13.82
CA LEU G 122 -1.25 -19.83 -15.03
C LEU G 122 -0.62 -20.75 -16.06
N ASN G 123 0.69 -20.91 -15.98
CA ASN G 123 1.45 -21.73 -16.91
C ASN G 123 1.30 -23.25 -16.81
N TYR G 124 0.89 -23.75 -15.66
CA TYR G 124 0.72 -25.20 -15.47
C TYR G 124 -0.43 -25.75 -16.31
N ALA G 125 -1.40 -24.89 -16.64
CA ALA G 125 -2.54 -25.29 -17.46
C ALA G 125 -2.11 -25.30 -18.93
N THR G 126 -1.04 -26.02 -19.21
CA THR G 126 -0.48 -26.13 -20.56
C THR G 126 -0.04 -27.58 -20.84
N PRO G 127 0.13 -27.93 -22.13
CA PRO G 127 0.55 -29.27 -22.57
C PRO G 127 1.82 -29.81 -21.90
N LYS G 128 2.71 -28.91 -21.53
CA LYS G 128 3.98 -29.25 -20.90
C LYS G 128 3.82 -30.05 -19.61
N TRP G 129 2.78 -29.73 -18.85
CA TRP G 129 2.54 -30.42 -17.58
C TRP G 129 1.45 -31.48 -17.63
N LYS G 130 1.29 -32.11 -18.80
CA LYS G 130 0.30 -33.17 -18.97
C LYS G 130 0.65 -34.32 -18.01
N ASN G 131 -0.28 -34.63 -17.11
CA ASN G 131 -0.13 -35.68 -16.10
C ASN G 131 1.04 -35.48 -15.15
N ARG G 132 1.50 -34.23 -15.04
CA ARG G 132 2.63 -33.89 -14.17
C ARG G 132 2.30 -32.85 -13.10
N ILE G 133 1.06 -32.39 -13.07
CA ILE G 133 0.65 -31.40 -12.06
C ILE G 133 -0.72 -31.77 -11.48
N GLY G 134 -0.76 -31.95 -10.16
CA GLY G 134 -2.01 -32.30 -9.52
C GLY G 134 -2.71 -31.08 -8.93
N TYR G 135 -4.03 -31.14 -8.86
CA TYR G 135 -4.83 -30.05 -8.31
C TYR G 135 -6.05 -30.63 -7.60
N VAL G 136 -6.69 -29.84 -6.75
CA VAL G 136 -7.85 -30.31 -5.99
C VAL G 136 -9.09 -29.45 -6.29
N PRO G 137 -9.89 -29.86 -7.30
CA PRO G 137 -11.11 -29.15 -7.73
C PRO G 137 -12.20 -28.91 -6.67
N THR G 138 -12.22 -29.70 -5.60
CA THR G 138 -13.22 -29.51 -4.55
C THR G 138 -12.70 -28.62 -3.43
N SER G 139 -11.47 -28.14 -3.58
CA SER G 139 -10.82 -27.28 -2.59
C SER G 139 -11.42 -25.86 -2.49
N GLY G 140 -11.54 -25.35 -1.27
CA GLY G 140 -12.09 -24.02 -1.07
C GLY G 140 -11.06 -22.96 -1.44
N ALA G 141 -9.80 -23.22 -1.12
CA ALA G 141 -8.73 -22.29 -1.44
C ALA G 141 -8.52 -22.35 -2.95
N PHE G 142 -8.77 -23.52 -3.53
CA PHE G 142 -8.63 -23.68 -4.99
C PHE G 142 -9.62 -22.70 -5.62
N LEU G 143 -10.84 -22.66 -5.07
CA LEU G 143 -11.88 -21.76 -5.56
C LEU G 143 -11.44 -20.31 -5.32
N GLU G 144 -10.83 -20.06 -4.17
CA GLU G 144 -10.35 -18.73 -3.83
C GLU G 144 -9.24 -18.33 -4.81
N GLN G 145 -8.56 -19.33 -5.36
CA GLN G 145 -7.49 -19.12 -6.33
C GLN G 145 -8.15 -18.61 -7.62
N ILE G 146 -9.30 -19.17 -7.95
CA ILE G 146 -10.07 -18.81 -9.15
C ILE G 146 -10.59 -17.38 -9.01
N VAL G 147 -11.09 -17.03 -7.83
CA VAL G 147 -11.61 -15.69 -7.57
C VAL G 147 -10.51 -14.64 -7.79
N ALA G 148 -9.32 -14.91 -7.25
CA ALA G 148 -8.17 -14.00 -7.38
C ALA G 148 -7.69 -13.81 -8.80
N ILE G 149 -7.67 -14.87 -9.61
CA ILE G 149 -7.22 -14.76 -11.00
C ILE G 149 -8.21 -13.93 -11.82
N VAL G 150 -9.50 -14.05 -11.50
CA VAL G 150 -10.52 -13.27 -12.18
C VAL G 150 -10.34 -11.77 -11.84
N LYS G 151 -10.00 -11.49 -10.58
CA LYS G 151 -9.79 -10.12 -10.09
C LYS G 151 -8.47 -9.52 -10.58
N LEU G 152 -7.44 -10.35 -10.71
CA LEU G 152 -6.12 -9.88 -11.12
C LEU G 152 -5.85 -9.88 -12.63
N LYS G 153 -6.44 -10.81 -13.36
CA LYS G 153 -6.20 -10.92 -14.80
C LYS G 153 -7.43 -10.81 -15.72
N GLY G 154 -8.62 -10.89 -15.14
CA GLY G 154 -9.82 -10.80 -15.95
C GLY G 154 -10.44 -12.18 -16.05
N GLU G 155 -11.72 -12.23 -16.42
CA GLU G 155 -12.45 -13.48 -16.52
C GLU G 155 -11.90 -14.50 -17.51
N ALA G 156 -11.46 -14.04 -18.68
CA ALA G 156 -10.93 -14.94 -19.70
C ALA G 156 -9.75 -15.79 -19.24
N ALA G 157 -8.81 -15.15 -18.55
CA ALA G 157 -7.62 -15.84 -18.06
C ALA G 157 -8.00 -16.98 -17.11
N ALA G 158 -8.87 -16.69 -16.15
CA ALA G 158 -9.31 -17.71 -15.20
C ALA G 158 -9.88 -18.90 -15.96
N LEU G 159 -10.83 -18.63 -16.85
CA LEU G 159 -11.44 -19.68 -17.66
C LEU G 159 -10.40 -20.43 -18.48
N LYS G 160 -9.46 -19.69 -19.05
CA LYS G 160 -8.40 -20.26 -19.88
C LYS G 160 -7.58 -21.20 -19.02
N TRP G 161 -7.40 -20.82 -17.75
CA TRP G 161 -6.64 -21.59 -16.78
C TRP G 161 -7.34 -22.89 -16.39
N LEU G 162 -8.63 -22.81 -16.08
CA LEU G 162 -9.38 -24.00 -15.68
C LEU G 162 -9.48 -25.07 -16.77
N LYS G 163 -9.73 -24.65 -18.01
CA LYS G 163 -9.85 -25.56 -19.17
C LYS G 163 -8.55 -26.34 -19.39
N GLY G 164 -7.43 -25.64 -19.31
CA GLY G 164 -6.14 -26.29 -19.50
C GLY G 164 -5.84 -27.29 -18.41
N LEU G 165 -6.19 -26.98 -17.17
CA LEU G 165 -5.95 -27.90 -16.05
C LEU G 165 -6.80 -29.16 -16.21
N LYS G 166 -8.03 -28.99 -16.70
CA LYS G 166 -8.95 -30.12 -16.90
C LYS G 166 -8.45 -31.04 -18.02
N GLU G 167 -7.73 -30.46 -18.98
CA GLU G 167 -7.20 -31.22 -20.11
C GLU G 167 -5.86 -31.90 -19.84
N TYR G 168 -4.96 -31.22 -19.12
CA TYR G 168 -3.65 -31.81 -18.85
C TYR G 168 -3.39 -32.13 -17.38
N GLY G 169 -4.21 -31.59 -16.49
CA GLY G 169 -4.02 -31.83 -15.07
C GLY G 169 -4.63 -33.11 -14.51
N LYS G 170 -4.32 -33.38 -13.25
CA LYS G 170 -4.82 -34.58 -12.57
C LYS G 170 -5.44 -34.20 -11.22
N PRO G 171 -6.76 -34.39 -11.07
CA PRO G 171 -7.51 -34.09 -9.84
C PRO G 171 -7.37 -35.09 -8.69
N TYR G 172 -7.54 -34.59 -7.46
CA TYR G 172 -7.42 -35.39 -6.25
C TYR G 172 -8.53 -35.05 -5.25
N ALA G 173 -8.82 -35.99 -4.37
CA ALA G 173 -9.86 -35.85 -3.35
C ALA G 173 -9.65 -34.67 -2.39
N LYS G 174 -8.52 -34.71 -1.68
CA LYS G 174 -8.19 -33.65 -0.74
C LYS G 174 -6.74 -33.22 -0.95
N ASN G 175 -6.29 -32.29 -0.12
CA ASN G 175 -4.92 -31.80 -0.20
C ASN G 175 -3.94 -32.85 0.29
N SER G 176 -4.35 -33.62 1.30
CA SER G 176 -3.49 -34.66 1.83
C SER G 176 -3.21 -35.74 0.77
N VAL G 177 -4.26 -36.12 0.04
CA VAL G 177 -4.13 -37.14 -1.01
C VAL G 177 -3.19 -36.68 -2.12
N ALA G 178 -3.31 -35.41 -2.51
CA ALA G 178 -2.45 -34.85 -3.56
C ALA G 178 -0.98 -34.79 -3.13
N LEU G 179 -0.73 -34.38 -1.89
CA LEU G 179 0.63 -34.29 -1.36
C LEU G 179 1.26 -35.68 -1.29
N GLN G 180 0.43 -36.68 -1.01
CA GLN G 180 0.92 -38.07 -0.92
C GLN G 180 1.30 -38.67 -2.26
N ALA G 181 0.58 -38.27 -3.31
CA ALA G 181 0.87 -38.77 -4.66
C ALA G 181 2.27 -38.33 -5.09
N VAL G 182 2.61 -37.07 -4.82
CA VAL G 182 3.90 -36.51 -5.19
C VAL G 182 5.05 -37.16 -4.42
N GLU G 183 4.87 -37.31 -3.12
CA GLU G 183 5.87 -37.91 -2.23
C GLU G 183 6.20 -39.36 -2.58
N ASN G 184 5.23 -40.08 -3.14
CA ASN G 184 5.40 -41.48 -3.49
C ASN G 184 5.82 -41.70 -4.95
N GLY G 185 5.89 -40.61 -5.72
CA GLY G 185 6.29 -40.73 -7.11
C GLY G 185 5.23 -40.83 -8.19
N GLU G 186 3.96 -40.57 -7.85
CA GLU G 186 2.87 -40.64 -8.83
C GLU G 186 2.99 -39.49 -9.83
N VAL G 187 2.75 -38.27 -9.37
CA VAL G 187 2.88 -37.07 -10.20
C VAL G 187 4.10 -36.28 -9.74
N ASP G 188 4.59 -35.40 -10.61
CA ASP G 188 5.76 -34.57 -10.34
C ASP G 188 5.52 -33.45 -9.32
N ALA G 189 4.37 -32.80 -9.41
CA ALA G 189 4.04 -31.68 -8.52
C ALA G 189 2.54 -31.59 -8.23
N ALA G 190 2.17 -30.62 -7.40
CA ALA G 190 0.77 -30.43 -7.04
C ALA G 190 0.49 -29.04 -6.44
N LEU G 191 -0.70 -28.53 -6.71
CA LEU G 191 -1.14 -27.22 -6.20
C LEU G 191 -1.89 -27.42 -4.87
N ILE G 192 -1.26 -26.98 -3.78
CA ILE G 192 -1.84 -27.14 -2.45
C ILE G 192 -1.60 -25.93 -1.52
N ASN G 193 -1.87 -26.11 -0.23
CA ASN G 193 -1.65 -25.07 0.77
C ASN G 193 -0.43 -25.48 1.61
N ASN G 194 0.47 -24.54 1.83
CA ASN G 194 1.73 -24.80 2.53
C ASN G 194 1.74 -25.58 3.85
N TYR G 195 0.88 -25.22 4.80
CA TYR G 195 0.86 -25.88 6.10
C TYR G 195 0.69 -27.39 6.05
N TYR G 196 0.30 -27.92 4.90
CA TYR G 196 0.12 -29.36 4.75
C TYR G 196 1.49 -30.03 4.68
N TRP G 197 2.38 -29.42 3.91
CA TRP G 197 3.73 -29.93 3.75
C TRP G 197 4.49 -29.78 5.06
N HIS G 198 4.49 -28.57 5.61
CA HIS G 198 5.18 -28.26 6.87
C HIS G 198 4.85 -29.20 8.03
N ALA G 199 3.66 -29.79 8.01
CA ALA G 199 3.22 -30.69 9.08
C ALA G 199 3.72 -32.13 8.90
N PHE G 200 3.81 -32.56 7.65
CA PHE G 200 4.29 -33.90 7.34
C PHE G 200 5.80 -33.96 7.62
N ALA G 201 6.52 -32.95 7.15
CA ALA G 201 7.96 -32.86 7.32
C ALA G 201 8.40 -32.89 8.78
N ARG G 202 7.71 -32.14 9.64
CA ARG G 202 8.08 -32.09 11.05
C ARG G 202 7.91 -33.41 11.80
N GLU G 203 6.86 -34.15 11.48
CA GLU G 203 6.60 -35.43 12.16
C GLU G 203 7.53 -36.54 11.69
N LYS G 204 7.77 -36.61 10.40
CA LYS G 204 8.63 -37.63 9.83
C LYS G 204 10.12 -37.31 9.85
N GLY G 205 10.46 -36.02 9.84
CA GLY G 205 11.85 -35.61 9.82
C GLY G 205 12.19 -35.20 8.40
N VAL G 206 12.41 -33.91 8.19
CA VAL G 206 12.71 -33.37 6.87
C VAL G 206 13.71 -34.16 6.02
N GLN G 207 14.67 -34.82 6.64
CA GLN G 207 15.68 -35.58 5.88
C GLN G 207 15.08 -36.86 5.27
N ASN G 208 13.86 -37.20 5.65
CA ASN G 208 13.21 -38.40 5.14
C ASN G 208 12.01 -38.11 4.24
N VAL G 209 11.92 -36.86 3.81
CA VAL G 209 10.85 -36.39 2.93
C VAL G 209 11.41 -36.09 1.53
N HIS G 210 10.76 -36.61 0.49
CA HIS G 210 11.19 -36.42 -0.90
C HIS G 210 10.65 -35.15 -1.56
N THR G 211 9.70 -34.48 -0.93
CA THR G 211 9.10 -33.27 -1.50
C THR G 211 9.56 -31.98 -0.84
N ARG G 212 9.49 -30.88 -1.61
CA ARG G 212 9.84 -29.55 -1.15
C ARG G 212 8.80 -28.56 -1.70
N LEU G 213 8.76 -27.36 -1.12
CA LEU G 213 7.79 -26.34 -1.53
C LEU G 213 8.40 -25.25 -2.40
N ASN G 214 7.60 -24.76 -3.34
CA ASN G 214 8.01 -23.70 -4.24
C ASN G 214 7.05 -22.54 -4.13
N PHE G 215 7.62 -21.32 -4.22
CA PHE G 215 6.82 -20.10 -4.15
C PHE G 215 7.03 -19.27 -5.40
N VAL G 216 5.93 -18.97 -6.09
CA VAL G 216 6.00 -18.19 -7.33
C VAL G 216 6.35 -16.73 -7.06
N ARG G 217 5.72 -16.12 -6.06
CA ARG G 217 5.97 -14.73 -5.69
C ARG G 217 5.62 -13.72 -6.80
N HIS G 218 6.37 -12.62 -6.81
CA HIS G 218 6.22 -11.53 -7.78
C HIS G 218 4.78 -11.13 -8.06
N ARG G 219 3.99 -10.96 -6.99
CA ARG G 219 2.59 -10.58 -7.08
C ARG G 219 1.84 -11.42 -8.11
N ASP G 220 2.20 -12.69 -8.20
CA ASP G 220 1.53 -13.59 -9.13
C ASP G 220 0.31 -14.18 -8.42
N PRO G 221 -0.78 -14.44 -9.15
CA PRO G 221 -1.98 -15.01 -8.52
C PRO G 221 -1.62 -16.24 -7.66
N GLY G 222 -0.58 -16.97 -8.08
CA GLY G 222 -0.14 -18.16 -7.37
C GLY G 222 0.51 -17.94 -6.02
N ALA G 223 0.65 -16.66 -5.64
CA ALA G 223 1.26 -16.32 -4.35
C ALA G 223 0.18 -15.90 -3.35
N LEU G 224 -1.08 -16.09 -3.73
CA LEU G 224 -2.22 -15.73 -2.90
C LEU G 224 -2.05 -16.18 -1.45
N VAL G 225 -2.40 -15.28 -0.54
CA VAL G 225 -2.35 -15.54 0.89
C VAL G 225 -3.75 -15.27 1.43
N THR G 226 -4.29 -16.25 2.15
CA THR G 226 -5.62 -16.12 2.73
C THR G 226 -5.44 -15.79 4.21
N TYR G 227 -6.23 -14.84 4.71
CA TYR G 227 -6.12 -14.40 6.10
C TYR G 227 -7.21 -14.83 7.07
N SER G 228 -6.78 -14.97 8.33
CA SER G 228 -7.63 -15.32 9.47
C SER G 228 -7.74 -14.09 10.37
N GLY G 229 -8.85 -13.99 11.09
CA GLY G 229 -9.07 -12.85 11.98
C GLY G 229 -9.96 -13.20 13.15
N ALA G 230 -10.23 -12.22 14.01
CA ALA G 230 -11.07 -12.48 15.17
C ALA G 230 -11.83 -11.22 15.58
N ALA G 231 -12.94 -11.43 16.30
CA ALA G 231 -13.76 -10.32 16.75
C ALA G 231 -14.61 -10.70 17.95
N VAL G 232 -15.02 -9.70 18.71
CA VAL G 232 -15.88 -9.88 19.88
C VAL G 232 -17.27 -9.48 19.41
N LEU G 233 -18.28 -10.25 19.81
CA LEU G 233 -19.65 -9.95 19.41
C LEU G 233 -20.23 -8.84 20.30
N LYS G 234 -21.20 -8.09 19.77
CA LYS G 234 -21.83 -7.01 20.53
C LYS G 234 -22.71 -7.53 21.67
N SER G 235 -23.24 -8.75 21.50
CA SER G 235 -24.11 -9.38 22.50
C SER G 235 -23.36 -10.13 23.60
N SER G 236 -22.03 -10.02 23.63
CA SER G 236 -21.23 -10.69 24.64
C SER G 236 -21.57 -10.24 26.07
N GLN G 237 -21.71 -11.20 26.98
CA GLN G 237 -22.02 -10.90 28.37
C GLN G 237 -20.76 -10.96 29.22
N ASN G 238 -19.63 -11.24 28.56
CA ASN G 238 -18.31 -11.32 29.20
C ASN G 238 -17.35 -10.60 28.26
N LYS G 239 -17.80 -9.45 27.78
CA LYS G 239 -17.08 -8.60 26.85
C LYS G 239 -15.72 -8.16 27.35
N ASP G 240 -15.59 -8.01 28.66
CA ASP G 240 -14.34 -7.59 29.25
C ASP G 240 -13.28 -8.61 28.92
N GLU G 241 -13.55 -9.87 29.29
CA GLU G 241 -12.64 -10.98 29.03
C GLU G 241 -12.58 -11.35 27.56
N ALA G 242 -13.64 -11.04 26.83
CA ALA G 242 -13.71 -11.33 25.41
C ALA G 242 -12.67 -10.50 24.66
N LYS G 243 -12.67 -9.19 24.92
CA LYS G 243 -11.72 -8.27 24.30
C LYS G 243 -10.29 -8.60 24.71
N LYS G 244 -10.13 -9.19 25.90
CA LYS G 244 -8.84 -9.58 26.43
C LYS G 244 -8.28 -10.77 25.66
N PHE G 245 -9.13 -11.75 25.37
CA PHE G 245 -8.70 -12.92 24.64
C PHE G 245 -8.27 -12.55 23.22
N VAL G 246 -9.03 -11.66 22.58
CA VAL G 246 -8.68 -11.24 21.23
C VAL G 246 -7.34 -10.50 21.25
N ALA G 247 -7.13 -9.65 22.25
CA ALA G 247 -5.89 -8.91 22.39
C ALA G 247 -4.72 -9.85 22.66
N PHE G 248 -5.02 -11.03 23.21
CA PHE G 248 -3.99 -12.03 23.48
C PHE G 248 -3.61 -12.69 22.15
N LEU G 249 -4.59 -12.89 21.29
CA LEU G 249 -4.40 -13.51 19.99
C LEU G 249 -3.45 -12.75 19.06
N ALA G 250 -3.59 -11.42 19.00
CA ALA G 250 -2.77 -10.59 18.12
C ALA G 250 -1.40 -10.22 18.71
N GLY G 251 -1.24 -10.48 20.01
CA GLY G 251 0.01 -10.15 20.69
C GLY G 251 1.11 -11.19 20.50
N LYS G 252 2.23 -10.97 21.18
CA LYS G 252 3.40 -11.84 21.12
C LYS G 252 3.20 -13.26 21.66
N GLU G 253 2.76 -13.38 22.91
CA GLU G 253 2.55 -14.68 23.54
C GLU G 253 1.52 -15.54 22.79
N GLY G 254 0.42 -14.93 22.39
CA GLY G 254 -0.62 -15.66 21.68
C GLY G 254 -0.20 -16.06 20.27
N GLN G 255 0.44 -15.13 19.57
CA GLN G 255 0.92 -15.37 18.20
C GLN G 255 2.03 -16.41 18.21
N ARG G 256 2.70 -16.55 19.35
CA ARG G 256 3.79 -17.52 19.48
C ARG G 256 3.28 -18.88 19.90
N ALA G 257 2.22 -18.89 20.73
CA ALA G 257 1.65 -20.15 21.16
C ALA G 257 1.07 -20.83 19.92
N LEU G 258 0.78 -20.01 18.91
CA LEU G 258 0.22 -20.49 17.64
C LEU G 258 1.29 -20.96 16.66
N THR G 259 2.31 -20.13 16.44
CA THR G 259 3.39 -20.48 15.51
C THR G 259 4.25 -21.60 16.08
N ALA G 260 3.85 -22.11 17.23
CA ALA G 260 4.57 -23.18 17.88
C ALA G 260 3.98 -24.53 17.48
N VAL G 261 2.71 -24.52 17.08
CA VAL G 261 2.02 -25.75 16.68
C VAL G 261 1.47 -25.77 15.25
N ARG G 262 1.21 -24.61 14.66
CA ARG G 262 0.69 -24.56 13.30
C ARG G 262 1.57 -23.75 12.37
N ALA G 263 1.70 -24.23 11.14
CA ALA G 263 2.55 -23.60 10.14
C ALA G 263 1.96 -22.43 9.36
N GLU G 264 1.35 -21.49 10.08
CA GLU G 264 0.78 -20.31 9.44
C GLU G 264 1.70 -19.12 9.68
N TYR G 265 1.61 -18.10 8.82
CA TYR G 265 2.44 -16.92 8.95
C TYR G 265 1.89 -15.90 9.95
N PRO G 266 2.71 -15.49 10.95
CA PRO G 266 2.31 -14.51 11.98
C PRO G 266 2.21 -13.13 11.36
N LEU G 267 1.17 -12.37 11.70
CA LEU G 267 1.04 -11.02 11.17
C LEU G 267 1.74 -10.04 12.10
N ASN G 268 2.05 -10.50 13.32
CA ASN G 268 2.77 -9.69 14.30
C ASN G 268 4.27 -9.76 13.96
N PRO G 269 4.88 -8.61 13.60
CA PRO G 269 6.29 -8.52 13.22
C PRO G 269 7.39 -8.92 14.23
N HIS G 270 7.05 -9.07 15.50
CA HIS G 270 8.02 -9.44 16.54
C HIS G 270 8.11 -10.95 16.76
N VAL G 271 7.26 -11.71 16.07
CA VAL G 271 7.23 -13.17 16.24
C VAL G 271 7.99 -13.98 15.18
N VAL G 272 8.72 -14.99 15.66
CA VAL G 272 9.48 -15.87 14.79
C VAL G 272 8.82 -17.25 14.77
N SER G 273 8.42 -17.69 13.58
CA SER G 273 7.78 -18.98 13.44
C SER G 273 8.74 -20.09 13.88
N THR G 274 8.15 -21.21 14.26
CA THR G 274 8.90 -22.38 14.69
C THR G 274 9.17 -23.23 13.43
N PHE G 275 8.46 -22.91 12.35
CA PHE G 275 8.62 -23.61 11.07
C PHE G 275 9.48 -22.77 10.12
N ASN G 276 9.86 -23.39 9.00
CA ASN G 276 10.66 -22.72 7.98
C ASN G 276 9.81 -21.72 7.20
N LEU G 277 9.33 -20.69 7.89
CA LEU G 277 8.50 -19.68 7.25
C LEU G 277 9.22 -18.37 7.15
N GLU G 278 9.26 -17.82 5.93
CA GLU G 278 9.90 -16.54 5.75
C GLU G 278 8.92 -15.46 6.19
N PRO G 279 9.45 -14.27 6.55
CA PRO G 279 8.56 -13.19 6.98
C PRO G 279 7.50 -13.06 5.91
N ILE G 280 6.24 -13.11 6.32
CA ILE G 280 5.13 -13.01 5.39
C ILE G 280 5.33 -11.92 4.33
N ALA G 281 5.93 -10.80 4.71
CA ALA G 281 6.19 -9.71 3.77
C ALA G 281 7.00 -10.15 2.53
N LYS G 282 7.90 -11.11 2.74
CA LYS G 282 8.75 -11.64 1.68
C LYS G 282 8.02 -12.51 0.65
N LEU G 283 6.77 -12.86 0.94
CA LEU G 283 5.97 -13.71 0.05
C LEU G 283 5.55 -12.96 -1.21
N GLU G 284 5.56 -11.63 -1.14
CA GLU G 284 5.17 -10.79 -2.27
C GLU G 284 3.83 -11.26 -2.82
N ALA G 285 2.85 -11.43 -1.92
CA ALA G 285 1.52 -11.89 -2.31
C ALA G 285 0.69 -10.72 -2.86
N PRO G 286 -0.09 -10.97 -3.92
CA PRO G 286 -0.93 -9.92 -4.54
C PRO G 286 -2.04 -9.48 -3.60
N GLN G 287 -2.38 -8.20 -3.61
CA GLN G 287 -3.45 -7.70 -2.74
C GLN G 287 -4.77 -7.83 -3.49
N VAL G 288 -5.67 -8.62 -2.94
CA VAL G 288 -6.96 -8.86 -3.55
C VAL G 288 -8.06 -8.56 -2.54
N SER G 289 -9.22 -8.08 -3.01
CA SER G 289 -10.31 -7.78 -2.11
C SER G 289 -10.92 -9.06 -1.55
N ALA G 290 -11.76 -8.90 -0.53
CA ALA G 290 -12.41 -10.02 0.11
C ALA G 290 -13.43 -10.60 -0.87
N THR G 291 -13.57 -11.92 -0.79
CA THR G 291 -14.49 -12.67 -1.64
C THR G 291 -15.93 -12.53 -1.18
N THR G 292 -16.81 -12.23 -2.13
CA THR G 292 -18.23 -12.08 -1.83
C THR G 292 -19.03 -13.29 -2.26
N VAL G 293 -20.29 -13.28 -1.86
CA VAL G 293 -21.19 -14.38 -2.19
C VAL G 293 -21.29 -14.49 -3.71
N SER G 294 -21.40 -13.34 -4.38
CA SER G 294 -21.53 -13.28 -5.83
C SER G 294 -20.26 -13.68 -6.56
N GLU G 295 -19.11 -13.33 -6.01
CA GLU G 295 -17.83 -13.66 -6.63
C GLU G 295 -17.61 -15.18 -6.59
N LYS G 296 -18.07 -15.85 -5.54
CA LYS G 296 -17.94 -17.30 -5.45
C LYS G 296 -18.89 -17.99 -6.45
N GLU G 297 -20.10 -17.46 -6.58
CA GLU G 297 -21.08 -18.02 -7.53
C GLU G 297 -20.51 -17.95 -8.94
N HIS G 298 -19.82 -16.87 -9.25
CA HIS G 298 -19.19 -16.69 -10.56
C HIS G 298 -18.12 -17.78 -10.69
N ALA G 299 -17.33 -17.94 -9.62
CA ALA G 299 -16.25 -18.92 -9.58
C ALA G 299 -16.75 -20.34 -9.78
N THR G 300 -17.85 -20.70 -9.10
CA THR G 300 -18.42 -22.05 -9.22
C THR G 300 -18.99 -22.33 -10.61
N ARG G 301 -19.57 -21.31 -11.24
CA ARG G 301 -20.14 -21.47 -12.58
C ARG G 301 -19.05 -21.73 -13.64
N LEU G 302 -17.88 -21.13 -13.46
CA LEU G 302 -16.78 -21.35 -14.41
C LEU G 302 -16.21 -22.75 -14.17
N LEU G 303 -16.34 -23.22 -12.92
CA LEU G 303 -15.84 -24.53 -12.48
C LEU G 303 -16.53 -25.65 -13.25
N GLU G 304 -17.83 -25.47 -13.53
CA GLU G 304 -18.59 -26.45 -14.28
C GLU G 304 -18.40 -26.27 -15.77
N GLN G 305 -18.12 -25.04 -16.20
CA GLN G 305 -17.89 -24.75 -17.61
C GLN G 305 -16.72 -25.56 -18.15
N ALA G 306 -15.63 -25.56 -17.37
CA ALA G 306 -14.42 -26.28 -17.73
C ALA G 306 -14.62 -27.80 -17.61
N GLY G 307 -15.71 -28.21 -16.97
CA GLY G 307 -16.02 -29.62 -16.82
C GLY G 307 -15.56 -30.30 -15.54
N MET G 308 -15.15 -29.50 -14.55
CA MET G 308 -14.68 -30.05 -13.29
C MET G 308 -15.80 -30.21 -12.28
N LYS G 309 -17.02 -29.88 -12.71
CA LYS G 309 -18.19 -29.94 -11.86
C LYS G 309 -19.41 -30.12 -12.75
N ASP H 1 35.23 45.92 -7.63
CA ASP H 1 34.36 44.72 -7.75
C ASP H 1 33.30 45.00 -8.82
N ILE H 2 33.57 44.57 -10.05
CA ILE H 2 32.67 44.80 -11.18
C ILE H 2 32.34 43.54 -12.00
N THR H 3 31.36 43.67 -12.88
CA THR H 3 30.96 42.58 -13.78
C THR H 3 31.34 43.00 -15.18
N VAL H 4 32.02 42.11 -15.90
CA VAL H 4 32.47 42.40 -17.25
C VAL H 4 31.96 41.45 -18.32
N TYR H 5 31.40 42.01 -19.40
CA TYR H 5 30.90 41.23 -20.53
C TYR H 5 32.06 41.12 -21.48
N ASN H 6 32.65 39.93 -21.50
CA ASN H 6 33.85 39.64 -22.27
C ASN H 6 33.68 38.94 -23.62
N GLY H 7 34.08 39.62 -24.69
CA GLY H 7 34.02 39.03 -26.02
C GLY H 7 35.38 38.42 -26.35
N GLN H 8 36.41 38.94 -25.68
CA GLN H 8 37.81 38.48 -25.84
C GLN H 8 38.03 37.06 -25.30
N HIS H 9 39.14 36.46 -25.70
CA HIS H 9 39.53 35.11 -25.26
C HIS H 9 39.53 35.10 -23.73
N LYS H 10 38.90 34.09 -23.15
CA LYS H 10 38.80 33.98 -21.70
C LYS H 10 40.14 33.99 -20.94
N GLU H 11 41.15 33.26 -21.41
CA GLU H 11 42.42 33.27 -20.70
C GLU H 11 43.09 34.63 -20.81
N ALA H 12 42.93 35.28 -21.96
CA ALA H 12 43.50 36.60 -22.19
C ALA H 12 42.89 37.62 -21.22
N ALA H 13 41.57 37.55 -21.06
CA ALA H 13 40.84 38.46 -20.18
C ALA H 13 41.00 38.10 -18.70
N GLN H 14 40.94 36.82 -18.39
CA GLN H 14 41.09 36.37 -17.01
C GLN H 14 42.48 36.74 -16.50
N ALA H 15 43.42 36.91 -17.43
CA ALA H 15 44.80 37.29 -17.11
C ALA H 15 44.86 38.77 -16.77
N VAL H 16 44.24 39.58 -17.62
CA VAL H 16 44.21 41.02 -17.41
C VAL H 16 43.29 41.32 -16.21
N ALA H 17 42.30 40.45 -16.03
CA ALA H 17 41.36 40.60 -14.93
C ALA H 17 42.04 40.33 -13.59
N ASP H 18 42.73 39.20 -13.49
CA ASP H 18 43.43 38.87 -12.25
C ASP H 18 44.56 39.85 -12.00
N ALA H 19 45.32 40.17 -13.04
CA ALA H 19 46.43 41.11 -12.90
C ALA H 19 45.88 42.42 -12.34
N PHE H 20 44.58 42.61 -12.54
CA PHE H 20 43.87 43.80 -12.08
C PHE H 20 43.47 43.63 -10.61
N THR H 21 42.59 42.66 -10.38
CA THR H 21 42.11 42.36 -9.02
C THR H 21 43.24 42.47 -8.01
N ARG H 22 44.42 41.99 -8.40
CA ARG H 22 45.59 42.00 -7.52
C ARG H 22 46.00 43.37 -7.01
N ALA H 23 46.24 44.30 -7.92
CA ALA H 23 46.67 45.63 -7.54
C ALA H 23 45.58 46.52 -6.92
N THR H 24 44.39 46.46 -7.51
CA THR H 24 43.27 47.29 -7.06
C THR H 24 42.33 46.69 -6.01
N GLY H 25 42.42 45.40 -5.75
CA GLY H 25 41.53 44.79 -4.77
C GLY H 25 40.11 44.77 -5.32
N ILE H 26 39.99 45.12 -6.60
CA ILE H 26 38.72 45.14 -7.29
C ILE H 26 38.60 43.86 -8.11
N LYS H 27 37.71 42.97 -7.71
CA LYS H 27 37.54 41.72 -8.45
C LYS H 27 36.76 41.97 -9.73
N VAL H 28 36.51 40.90 -10.49
CA VAL H 28 35.78 41.02 -11.74
C VAL H 28 35.06 39.73 -12.08
N LYS H 29 33.77 39.84 -12.40
CA LYS H 29 32.95 38.70 -12.80
C LYS H 29 32.94 38.75 -14.33
N LEU H 30 33.22 37.62 -14.98
CA LEU H 30 33.28 37.58 -16.44
C LEU H 30 32.20 36.76 -17.14
N ASN H 31 31.19 37.43 -17.68
CA ASN H 31 30.12 36.76 -18.41
C ASN H 31 30.49 36.87 -19.88
N SER H 32 31.48 36.08 -20.26
CA SER H 32 31.96 36.07 -21.63
C SER H 32 30.93 35.51 -22.59
N ALA H 33 30.94 36.04 -23.80
CA ALA H 33 30.03 35.66 -24.89
C ALA H 33 30.31 36.63 -26.02
N LYS H 34 30.44 36.12 -27.24
CA LYS H 34 30.74 36.96 -28.40
C LYS H 34 30.29 38.41 -28.29
N GLY H 35 31.12 39.32 -28.80
CA GLY H 35 30.84 40.75 -28.75
C GLY H 35 29.53 41.20 -29.39
N ASP H 36 29.09 40.48 -30.41
CA ASP H 36 27.84 40.83 -31.08
C ASP H 36 26.65 40.38 -30.23
N GLN H 37 26.75 39.18 -29.66
CA GLN H 37 25.69 38.62 -28.82
C GLN H 37 25.43 39.55 -27.64
N LEU H 38 26.51 39.92 -26.95
CA LEU H 38 26.42 40.80 -25.79
C LEU H 38 25.82 42.14 -26.18
N ALA H 39 26.44 42.80 -27.16
CA ALA H 39 25.97 44.10 -27.62
C ALA H 39 24.46 44.08 -27.82
N GLY H 40 23.97 43.02 -28.45
CA GLY H 40 22.54 42.88 -28.72
C GLY H 40 21.68 42.69 -27.49
N GLN H 41 22.12 41.84 -26.57
CA GLN H 41 21.36 41.60 -25.36
C GLN H 41 21.36 42.86 -24.50
N ILE H 42 22.50 43.56 -24.48
CA ILE H 42 22.61 44.79 -23.70
C ILE H 42 21.60 45.83 -24.19
N LYS H 43 21.35 45.84 -25.50
CA LYS H 43 20.39 46.78 -26.10
C LYS H 43 18.97 46.54 -25.59
N GLU H 44 18.57 45.28 -25.58
CA GLU H 44 17.25 44.87 -25.12
C GLU H 44 17.25 44.68 -23.60
N GLU H 45 18.44 44.75 -23.01
CA GLU H 45 18.63 44.61 -21.56
C GLU H 45 18.43 45.99 -20.95
N GLY H 46 19.11 46.98 -21.52
CA GLY H 46 19.00 48.35 -21.06
C GLY H 46 19.48 48.66 -19.66
N SER H 47 18.68 49.41 -18.93
CA SER H 47 19.00 49.82 -17.56
C SER H 47 18.99 48.68 -16.53
N ARG H 48 18.53 47.49 -16.95
CA ARG H 48 18.48 46.31 -16.08
C ARG H 48 19.73 45.45 -16.25
N SER H 49 20.60 45.84 -17.18
CA SER H 49 21.84 45.11 -17.47
C SER H 49 22.80 45.07 -16.28
N PRO H 50 23.32 43.87 -15.95
CA PRO H 50 24.26 43.72 -14.84
C PRO H 50 25.66 44.17 -15.21
N ALA H 51 25.94 44.24 -16.50
CA ALA H 51 27.25 44.62 -17.04
C ALA H 51 27.78 45.99 -16.62
N ASP H 52 29.04 46.00 -16.18
CA ASP H 52 29.72 47.22 -15.74
C ASP H 52 30.71 47.65 -16.81
N VAL H 53 31.28 46.66 -17.48
CA VAL H 53 32.25 46.89 -18.54
C VAL H 53 32.02 45.88 -19.67
N PHE H 54 32.41 46.27 -20.88
CA PHE H 54 32.27 45.41 -22.05
C PHE H 54 33.62 45.35 -22.78
N TYR H 55 34.26 44.19 -22.69
CA TYR H 55 35.54 43.96 -23.34
C TYR H 55 35.19 43.36 -24.69
N SER H 56 35.13 44.19 -25.73
CA SER H 56 34.78 43.69 -27.06
C SER H 56 36.02 43.29 -27.84
N GLU H 57 35.86 42.38 -28.80
CA GLU H 57 36.99 41.93 -29.62
C GLU H 57 36.85 42.51 -31.02
N GLN H 58 35.95 43.49 -31.15
CA GLN H 58 35.69 44.14 -32.43
C GLN H 58 35.20 45.56 -32.17
N ILE H 59 35.30 46.42 -33.18
CA ILE H 59 34.86 47.79 -33.03
C ILE H 59 33.40 47.97 -33.45
N PRO H 60 32.95 47.24 -34.48
CA PRO H 60 31.55 47.39 -34.91
C PRO H 60 30.48 47.09 -33.84
N ALA H 61 30.85 46.35 -32.79
CA ALA H 61 29.90 46.06 -31.72
C ALA H 61 29.84 47.25 -30.78
N LEU H 62 30.98 47.93 -30.62
CA LEU H 62 31.06 49.09 -29.76
C LEU H 62 30.34 50.24 -30.43
N ALA H 63 30.43 50.28 -31.75
CA ALA H 63 29.80 51.34 -32.54
C ALA H 63 28.27 51.34 -32.40
N THR H 64 27.64 50.16 -32.56
CA THR H 64 26.20 50.09 -32.45
C THR H 64 25.72 50.58 -31.09
N LEU H 65 26.48 50.27 -30.04
CA LEU H 65 26.12 50.70 -28.70
C LEU H 65 26.30 52.23 -28.57
N SER H 66 27.30 52.77 -29.25
CA SER H 66 27.54 54.20 -29.21
C SER H 66 26.51 55.04 -30.00
N ALA H 67 26.12 54.55 -31.17
CA ALA H 67 25.15 55.24 -32.01
C ALA H 67 23.75 55.16 -31.42
N ALA H 68 23.68 54.65 -30.19
CA ALA H 68 22.43 54.50 -29.46
C ALA H 68 22.64 55.12 -28.07
N ASN H 69 23.72 55.88 -27.95
CA ASN H 69 24.11 56.56 -26.72
C ASN H 69 23.86 55.79 -25.43
N LEU H 70 24.13 54.49 -25.46
CA LEU H 70 23.98 53.65 -24.28
C LEU H 70 25.39 53.52 -23.75
N LEU H 71 26.26 54.41 -24.22
CA LEU H 71 27.67 54.42 -23.84
C LEU H 71 28.08 55.79 -23.33
N GLU H 72 28.98 55.80 -22.34
CA GLU H 72 29.47 57.06 -21.76
C GLU H 72 30.95 57.30 -22.03
N PRO H 73 31.33 58.57 -22.27
CA PRO H 73 32.68 59.06 -22.55
C PRO H 73 33.79 58.58 -21.62
N LEU H 74 35.02 58.65 -22.12
CA LEU H 74 36.21 58.25 -21.37
C LEU H 74 37.13 59.46 -21.20
N PRO H 75 37.92 59.49 -20.10
CA PRO H 75 38.83 60.62 -19.87
C PRO H 75 39.88 60.67 -20.99
N ALA H 76 40.23 61.88 -21.41
CA ALA H 76 41.23 62.03 -22.46
C ALA H 76 42.44 61.18 -22.13
N SER H 77 42.61 60.90 -20.84
CA SER H 77 43.72 60.09 -20.36
C SER H 77 43.76 58.73 -21.04
N THR H 78 42.84 57.87 -20.63
CA THR H 78 42.74 56.50 -21.16
C THR H 78 42.75 56.41 -22.70
N ILE H 79 42.09 57.36 -23.36
CA ILE H 79 42.03 57.35 -24.81
C ILE H 79 43.36 57.51 -25.54
N ASN H 80 44.19 58.45 -25.13
CA ASN H 80 45.45 58.67 -25.81
C ASN H 80 46.64 57.83 -25.37
N GLU H 81 46.39 56.76 -24.62
CA GLU H 81 47.48 55.90 -24.19
C GLU H 81 47.80 54.93 -25.32
N THR H 82 46.76 54.31 -25.88
CA THR H 82 46.92 53.39 -26.99
C THR H 82 46.60 54.09 -28.30
N ARG H 83 47.02 55.35 -28.41
CA ARG H 83 46.76 56.13 -29.63
C ARG H 83 47.92 55.95 -30.61
N GLY H 84 47.70 56.37 -31.85
CA GLY H 84 48.72 56.24 -32.87
C GLY H 84 48.15 56.27 -34.28
N LYS H 85 49.03 56.18 -35.27
CA LYS H 85 48.64 56.21 -36.69
C LYS H 85 48.04 54.89 -37.16
N GLY H 86 46.77 54.92 -37.53
CA GLY H 86 46.10 53.71 -37.99
C GLY H 86 45.10 53.15 -36.99
N VAL H 87 45.27 53.53 -35.73
CA VAL H 87 44.37 53.07 -34.67
C VAL H 87 42.99 53.70 -34.79
N PRO H 88 41.95 52.90 -34.53
CA PRO H 88 40.57 53.40 -34.61
C PRO H 88 40.30 54.49 -33.57
N VAL H 89 39.91 55.68 -34.03
CA VAL H 89 39.60 56.80 -33.16
C VAL H 89 38.08 56.94 -32.99
N ALA H 90 37.59 56.68 -31.77
CA ALA H 90 36.15 56.76 -31.50
C ALA H 90 35.61 58.16 -31.79
N ALA H 91 34.42 58.21 -32.36
CA ALA H 91 33.78 59.49 -32.69
C ALA H 91 33.41 60.21 -31.41
N LYS H 92 32.43 59.64 -30.70
CA LYS H 92 31.94 60.19 -29.44
C LYS H 92 32.88 59.86 -28.29
N LYS H 93 34.16 59.70 -28.61
CA LYS H 93 35.22 59.38 -27.64
C LYS H 93 34.76 58.52 -26.48
N ASP H 94 33.83 57.61 -26.77
CA ASP H 94 33.29 56.72 -25.76
C ASP H 94 33.85 55.31 -25.75
N TRP H 95 34.91 55.07 -26.50
CA TRP H 95 35.56 53.75 -26.53
C TRP H 95 37.00 53.85 -27.01
N VAL H 96 37.85 52.91 -26.59
CA VAL H 96 39.27 52.92 -26.96
C VAL H 96 39.82 51.57 -27.45
N ALA H 97 40.62 51.61 -28.52
CA ALA H 97 41.22 50.43 -29.12
C ALA H 97 42.43 49.98 -28.31
N LEU H 98 42.49 48.69 -28.00
CA LEU H 98 43.58 48.16 -27.19
C LEU H 98 44.60 47.25 -27.90
N SER H 99 44.16 46.48 -28.89
CA SER H 99 45.08 45.59 -29.60
C SER H 99 44.57 45.15 -30.96
N GLY H 100 45.37 44.39 -31.68
CA GLY H 100 44.97 43.93 -33.00
C GLY H 100 45.36 42.50 -33.33
N ARG H 101 44.70 41.95 -34.34
CA ARG H 101 44.92 40.59 -34.82
C ARG H 101 45.19 40.70 -36.31
N SER H 102 46.21 39.98 -36.80
CA SER H 102 46.58 40.05 -38.21
C SER H 102 46.36 38.77 -39.03
N ARG H 103 46.02 38.94 -40.30
CA ARG H 103 45.82 37.79 -41.20
C ARG H 103 47.22 37.39 -41.64
N VAL H 104 47.39 36.12 -42.00
CA VAL H 104 48.69 35.66 -42.44
C VAL H 104 48.58 34.39 -43.25
N VAL H 105 49.67 34.05 -43.91
CA VAL H 105 49.75 32.83 -44.70
C VAL H 105 50.69 31.93 -43.92
N VAL H 106 50.18 30.80 -43.46
CA VAL H 106 51.00 29.84 -42.73
C VAL H 106 51.44 28.77 -43.77
N TYR H 107 52.74 28.46 -43.79
CA TYR H 107 53.26 27.51 -44.77
C TYR H 107 54.27 26.46 -44.26
N ASP H 108 54.22 25.27 -44.83
CA ASP H 108 55.14 24.19 -44.46
C ASP H 108 56.50 24.51 -45.08
N THR H 109 57.52 24.66 -44.24
CA THR H 109 58.85 25.00 -44.75
C THR H 109 59.51 23.89 -45.55
N ARG H 110 59.14 22.63 -45.27
CA ARG H 110 59.72 21.48 -45.99
C ARG H 110 59.30 21.45 -47.46
N LYS H 111 58.30 22.26 -47.81
CA LYS H 111 57.78 22.32 -49.16
C LYS H 111 58.01 23.65 -49.85
N LEU H 112 57.97 24.73 -49.06
CA LEU H 112 58.14 26.09 -49.54
C LEU H 112 59.09 26.93 -48.69
N SER H 113 59.53 28.04 -49.26
CA SER H 113 60.43 28.99 -48.59
C SER H 113 59.77 30.36 -48.70
N GLU H 114 60.29 31.33 -47.94
CA GLU H 114 59.77 32.69 -47.96
C GLU H 114 59.61 33.29 -49.35
N LYS H 115 60.54 32.94 -50.24
CA LYS H 115 60.56 33.45 -51.62
C LYS H 115 59.53 32.87 -52.59
N ASP H 116 58.91 31.75 -52.23
CA ASP H 116 57.94 31.10 -53.12
C ASP H 116 56.50 31.58 -52.89
N LEU H 117 56.31 32.44 -51.91
CA LEU H 117 54.99 32.95 -51.58
C LEU H 117 54.60 34.17 -52.42
N GLU H 118 53.30 34.41 -52.56
CA GLU H 118 52.81 35.53 -53.35
C GLU H 118 53.01 36.85 -52.60
N LYS H 119 53.17 37.92 -53.37
CA LYS H 119 53.35 39.23 -52.77
C LYS H 119 51.99 39.83 -52.44
N SER H 120 50.94 39.28 -53.06
CA SER H 120 49.57 39.75 -52.85
C SER H 120 48.62 38.59 -52.55
N VAL H 121 47.76 38.77 -51.55
CA VAL H 121 46.81 37.75 -51.15
C VAL H 121 45.87 37.44 -52.31
N LEU H 122 45.70 38.41 -53.20
CA LEU H 122 44.82 38.21 -54.34
C LEU H 122 45.37 37.13 -55.27
N ASN H 123 46.69 37.00 -55.32
CA ASN H 123 47.33 36.02 -56.20
C ASN H 123 47.09 34.55 -55.87
N TYR H 124 46.60 34.26 -54.67
CA TYR H 124 46.35 32.87 -54.29
C TYR H 124 45.12 32.27 -54.95
N ALA H 125 44.34 33.12 -55.63
CA ALA H 125 43.14 32.67 -56.31
C ALA H 125 43.41 32.38 -57.79
N THR H 126 44.43 31.56 -58.03
CA THR H 126 44.82 31.20 -59.40
C THR H 126 45.14 29.72 -59.49
N PRO H 127 45.32 29.19 -60.73
CA PRO H 127 45.63 27.78 -60.99
C PRO H 127 47.00 27.31 -60.47
N LYS H 128 47.93 28.24 -60.30
CA LYS H 128 49.26 27.90 -59.80
C LYS H 128 49.16 27.26 -58.42
N TRP H 129 48.18 27.69 -57.63
CA TRP H 129 47.96 27.18 -56.28
C TRP H 129 46.81 26.17 -56.16
N LYS H 130 46.66 25.32 -57.17
CA LYS H 130 45.64 24.28 -57.19
C LYS H 130 45.97 23.23 -56.12
N ASN H 131 45.06 23.07 -55.17
CA ASN H 131 45.25 22.13 -54.05
C ASN H 131 46.52 22.44 -53.23
N ARG H 132 46.95 23.69 -53.27
CA ARG H 132 48.15 24.13 -52.55
C ARG H 132 47.83 25.18 -51.48
N ILE H 133 46.64 25.75 -51.52
CA ILE H 133 46.27 26.79 -50.56
C ILE H 133 44.93 26.56 -49.85
N GLY H 134 44.96 26.58 -48.52
CA GLY H 134 43.74 26.38 -47.75
C GLY H 134 43.06 27.66 -47.28
N TYR H 135 41.79 27.57 -46.93
CA TYR H 135 41.03 28.72 -46.45
C TYR H 135 39.78 28.24 -45.68
N VAL H 136 39.36 29.00 -44.68
CA VAL H 136 38.18 28.65 -43.88
C VAL H 136 37.05 29.63 -44.23
N PRO H 137 36.16 29.26 -45.17
CA PRO H 137 35.05 30.14 -45.59
C PRO H 137 34.02 30.55 -44.52
N THR H 138 33.86 29.77 -43.46
CA THR H 138 32.89 30.12 -42.40
C THR H 138 33.60 30.85 -41.27
N SER H 139 34.75 31.42 -41.59
CA SER H 139 35.55 32.16 -40.62
C SER H 139 35.13 33.63 -40.58
N GLY H 140 34.99 34.17 -39.38
CA GLY H 140 34.61 35.56 -39.22
C GLY H 140 35.66 36.46 -39.84
N ALA H 141 36.93 36.17 -39.54
CA ALA H 141 38.06 36.94 -40.07
C ALA H 141 38.09 36.86 -41.59
N PHE H 142 37.75 35.70 -42.13
CA PHE H 142 37.72 35.49 -43.57
C PHE H 142 36.69 36.42 -44.21
N LEU H 143 35.51 36.51 -43.60
CA LEU H 143 34.48 37.39 -44.15
C LEU H 143 34.93 38.85 -44.04
N GLU H 144 35.78 39.14 -43.05
CA GLU H 144 36.28 40.50 -42.88
C GLU H 144 37.31 40.81 -43.97
N GLN H 145 37.97 39.76 -44.44
CA GLN H 145 38.95 39.90 -45.52
C GLN H 145 38.20 40.34 -46.78
N ILE H 146 37.04 39.75 -47.02
CA ILE H 146 36.21 40.09 -48.19
C ILE H 146 35.79 41.57 -48.11
N VAL H 147 35.26 41.99 -46.97
CA VAL H 147 34.85 43.37 -46.77
C VAL H 147 36.00 44.32 -47.09
N ALA H 148 37.21 43.98 -46.65
CA ALA H 148 38.38 44.79 -46.90
C ALA H 148 38.72 44.85 -48.38
N ILE H 149 38.73 43.70 -49.05
CA ILE H 149 39.05 43.64 -50.47
C ILE H 149 38.08 44.51 -51.27
N VAL H 150 36.79 44.46 -50.92
CA VAL H 150 35.77 45.27 -51.59
C VAL H 150 36.05 46.79 -51.43
N LYS H 151 36.30 47.23 -50.21
CA LYS H 151 36.58 48.65 -49.92
C LYS H 151 37.89 49.17 -50.53
N LEU H 152 38.89 48.29 -50.62
CA LEU H 152 40.20 48.66 -51.14
C LEU H 152 40.38 48.44 -52.65
N LYS H 153 39.63 47.51 -53.22
CA LYS H 153 39.79 47.21 -54.64
C LYS H 153 38.52 47.27 -55.49
N GLY H 154 37.35 47.30 -54.87
CA GLY H 154 36.11 47.30 -55.64
C GLY H 154 35.52 45.89 -55.65
N GLU H 155 34.22 45.79 -55.89
CA GLU H 155 33.55 44.49 -55.89
C GLU H 155 34.06 43.41 -56.85
N ALA H 156 34.29 43.78 -58.11
CA ALA H 156 34.76 42.82 -59.12
C ALA H 156 35.99 42.02 -58.68
N ALA H 157 36.89 42.66 -57.94
CA ALA H 157 38.10 42.00 -57.45
C ALA H 157 37.73 41.00 -56.37
N ALA H 158 36.82 41.40 -55.49
CA ALA H 158 36.37 40.55 -54.39
C ALA H 158 35.66 39.29 -54.89
N LEU H 159 34.90 39.40 -55.98
CA LEU H 159 34.19 38.24 -56.52
C LEU H 159 35.10 37.38 -57.39
N LYS H 160 36.16 37.99 -57.90
CA LYS H 160 37.11 37.26 -58.73
C LYS H 160 37.93 36.40 -57.78
N TRP H 161 38.22 36.95 -56.61
CA TRP H 161 39.01 36.30 -55.57
C TRP H 161 38.29 35.08 -55.00
N LEU H 162 37.01 35.26 -54.68
CA LEU H 162 36.19 34.18 -54.13
C LEU H 162 35.96 33.04 -55.13
N LYS H 163 35.67 33.39 -56.38
CA LYS H 163 35.43 32.40 -57.42
C LYS H 163 36.71 31.67 -57.81
N GLY H 164 37.84 32.32 -57.55
CA GLY H 164 39.13 31.72 -57.87
C GLY H 164 39.56 30.78 -56.77
N LEU H 165 39.10 31.05 -55.55
CA LEU H 165 39.43 30.23 -54.39
C LEU H 165 38.58 28.96 -54.30
N LYS H 166 37.33 29.06 -54.73
CA LYS H 166 36.41 27.91 -54.72
C LYS H 166 36.95 26.81 -55.61
N GLU H 167 37.32 27.19 -56.84
CA GLU H 167 37.85 26.27 -57.84
C GLU H 167 39.22 25.68 -57.56
N TYR H 168 40.18 26.53 -57.16
CA TYR H 168 41.55 26.09 -56.91
C TYR H 168 41.97 25.71 -55.49
N GLY H 169 41.42 26.40 -54.48
CA GLY H 169 41.79 26.13 -53.11
C GLY H 169 41.05 25.03 -52.37
N LYS H 170 41.54 24.70 -51.17
CA LYS H 170 40.94 23.67 -50.32
C LYS H 170 40.31 24.27 -49.07
N PRO H 171 38.99 24.05 -48.87
CA PRO H 171 38.27 24.57 -47.70
C PRO H 171 38.39 23.70 -46.44
N TYR H 172 38.45 24.36 -45.28
CA TYR H 172 38.54 23.68 -43.98
C TYR H 172 37.50 24.27 -43.01
N ALA H 173 37.01 23.43 -42.10
CA ALA H 173 35.98 23.82 -41.13
C ALA H 173 36.42 24.86 -40.11
N LYS H 174 37.65 24.73 -39.62
CA LYS H 174 38.19 25.66 -38.64
C LYS H 174 39.65 26.00 -38.94
N ASN H 175 40.15 27.06 -38.33
CA ASN H 175 41.54 27.47 -38.51
C ASN H 175 42.49 26.44 -37.92
N SER H 176 42.06 25.83 -36.82
CA SER H 176 42.83 24.81 -36.11
C SER H 176 43.09 23.63 -37.06
N VAL H 177 42.04 23.23 -37.75
CA VAL H 177 42.08 22.14 -38.71
C VAL H 177 43.02 22.47 -39.87
N ALA H 178 42.81 23.65 -40.47
CA ALA H 178 43.64 24.11 -41.59
C ALA H 178 45.14 24.16 -41.25
N LEU H 179 45.45 24.63 -40.04
CA LEU H 179 46.82 24.70 -39.58
C LEU H 179 47.41 23.30 -39.45
N GLN H 180 46.65 22.38 -38.89
CA GLN H 180 47.13 21.00 -38.72
C GLN H 180 47.34 20.28 -40.06
N ALA H 181 46.60 20.68 -41.08
CA ALA H 181 46.77 20.09 -42.40
C ALA H 181 48.14 20.53 -42.94
N VAL H 182 48.52 21.78 -42.68
CA VAL H 182 49.82 22.30 -43.12
C VAL H 182 50.94 21.65 -42.30
N GLU H 183 50.72 21.56 -41.00
CA GLU H 183 51.68 20.95 -40.06
C GLU H 183 51.92 19.49 -40.37
N ASN H 184 50.85 18.77 -40.67
CA ASN H 184 50.92 17.34 -40.99
C ASN H 184 51.24 17.03 -42.46
N GLY H 185 51.52 18.06 -43.24
CA GLY H 185 51.86 17.84 -44.63
C GLY H 185 50.72 17.45 -45.55
N GLU H 186 49.51 17.93 -45.24
CA GLU H 186 48.31 17.64 -46.03
C GLU H 186 48.10 18.67 -47.16
N VAL H 187 48.78 19.81 -47.05
CA VAL H 187 48.69 20.88 -48.03
C VAL H 187 49.82 21.89 -47.75
N ASP H 188 50.32 22.53 -48.79
CA ASP H 188 51.43 23.49 -48.69
C ASP H 188 51.25 24.71 -47.78
N ALA H 189 50.12 25.40 -47.90
CA ALA H 189 49.90 26.61 -47.10
C ALA H 189 48.41 26.87 -46.82
N ALA H 190 48.14 27.94 -46.08
CA ALA H 190 46.77 28.30 -45.74
C ALA H 190 46.67 29.72 -45.18
N LEU H 191 45.51 30.34 -45.40
CA LEU H 191 45.23 31.70 -44.92
C LEU H 191 44.56 31.57 -43.55
N ILE H 192 45.16 32.18 -42.54
CA ILE H 192 44.63 32.10 -41.17
C ILE H 192 44.92 33.36 -40.36
N ASN H 193 44.58 33.31 -39.08
CA ASN H 193 44.82 34.40 -38.14
C ASN H 193 46.17 34.09 -37.46
N ASN H 194 47.00 35.13 -37.32
CA ASN H 194 48.35 35.00 -36.76
C ASN H 194 48.55 34.32 -35.40
N TYR H 195 47.60 34.48 -34.49
CA TYR H 195 47.75 33.89 -33.14
C TYR H 195 47.57 32.38 -33.01
N TYR H 196 47.01 31.74 -34.03
CA TYR H 196 46.82 30.29 -33.98
C TYR H 196 48.17 29.59 -34.01
N TRP H 197 49.10 30.18 -34.75
CA TRP H 197 50.43 29.60 -34.89
C TRP H 197 51.35 29.86 -33.69
N HIS H 198 51.30 31.06 -33.11
CA HIS H 198 52.17 31.37 -31.97
C HIS H 198 51.82 30.54 -30.73
N ALA H 199 50.54 30.27 -30.55
CA ALA H 199 50.05 29.48 -29.43
C ALA H 199 50.59 28.05 -29.51
N PHE H 200 50.60 27.50 -30.73
CA PHE H 200 51.08 26.14 -30.99
C PHE H 200 52.61 26.01 -30.81
N ALA H 201 53.34 26.98 -31.33
CA ALA H 201 54.79 26.98 -31.26
C ALA H 201 55.33 27.14 -29.83
N ARG H 202 54.53 27.75 -28.96
CA ARG H 202 54.98 27.95 -27.58
C ARG H 202 54.74 26.71 -26.72
N GLU H 203 53.77 25.90 -27.09
CA GLU H 203 53.44 24.69 -26.34
C GLU H 203 54.30 23.49 -26.72
N LYS H 204 54.76 23.43 -27.96
CA LYS H 204 55.57 22.30 -28.42
C LYS H 204 57.06 22.62 -28.56
N GLY H 205 57.37 23.90 -28.74
CA GLY H 205 58.75 24.30 -28.91
C GLY H 205 58.94 24.58 -30.39
N VAL H 206 59.28 25.82 -30.73
CA VAL H 206 59.43 26.21 -32.11
C VAL H 206 60.40 25.36 -32.94
N GLN H 207 61.32 24.64 -32.30
CA GLN H 207 62.29 23.82 -33.02
C GLN H 207 61.68 22.48 -33.49
N ASN H 208 60.47 22.20 -33.04
CA ASN H 208 59.78 20.95 -33.38
C ASN H 208 58.65 21.17 -34.38
N VAL H 209 58.37 22.44 -34.66
CA VAL H 209 57.29 22.86 -35.57
C VAL H 209 57.75 23.08 -37.02
N HIS H 210 57.10 22.39 -37.96
CA HIS H 210 57.46 22.48 -39.39
C HIS H 210 57.02 23.73 -40.15
N THR H 211 56.08 24.49 -39.59
CA THR H 211 55.58 25.66 -40.27
C THR H 211 56.06 27.01 -39.73
N ARG H 212 55.99 28.03 -40.60
CA ARG H 212 56.35 29.39 -40.27
C ARG H 212 55.30 30.32 -40.86
N LEU H 213 55.41 31.61 -40.57
CA LEU H 213 54.44 32.57 -41.07
C LEU H 213 54.99 33.64 -42.01
N ASN H 214 54.16 34.06 -42.96
CA ASN H 214 54.53 35.09 -43.91
C ASN H 214 53.54 36.27 -43.82
N PHE H 215 54.06 37.48 -43.95
CA PHE H 215 53.27 38.71 -43.89
C PHE H 215 53.48 39.48 -45.19
N VAL H 216 52.41 39.62 -45.98
CA VAL H 216 52.47 40.32 -47.26
C VAL H 216 52.90 41.79 -47.17
N ARG H 217 52.48 42.47 -46.10
CA ARG H 217 52.83 43.87 -45.91
C ARG H 217 52.36 44.81 -47.03
N HIS H 218 53.11 45.89 -47.22
CA HIS H 218 52.86 46.94 -48.21
C HIS H 218 51.42 47.32 -48.55
N ARG H 219 50.62 47.55 -47.50
CA ARG H 219 49.21 47.95 -47.62
C ARG H 219 48.31 46.98 -48.38
N ASP H 220 48.69 45.70 -48.44
CA ASP H 220 47.90 44.71 -49.17
C ASP H 220 46.65 44.29 -48.38
N PRO H 221 45.55 43.91 -49.08
CA PRO H 221 44.32 43.48 -48.38
C PRO H 221 44.57 42.29 -47.44
N GLY H 222 45.60 41.49 -47.75
CA GLY H 222 45.93 40.33 -46.94
C GLY H 222 46.81 40.70 -45.75
N ALA H 223 47.00 41.99 -45.56
CA ALA H 223 47.79 42.50 -44.44
C ALA H 223 46.83 43.14 -43.45
N LEU H 224 45.55 42.82 -43.61
CA LEU H 224 44.48 43.32 -42.76
C LEU H 224 44.68 43.01 -41.27
N VAL H 225 44.48 44.01 -40.44
CA VAL H 225 44.58 43.91 -38.98
C VAL H 225 43.20 44.33 -38.47
N THR H 226 42.61 43.55 -37.57
CA THR H 226 41.32 43.91 -37.01
C THR H 226 41.55 44.26 -35.54
N TYR H 227 40.93 45.34 -35.06
CA TYR H 227 41.15 45.79 -33.69
C TYR H 227 40.14 45.42 -32.60
N SER H 228 40.64 45.47 -31.37
CA SER H 228 39.88 45.17 -30.17
C SER H 228 39.83 46.45 -29.31
N GLY H 229 38.90 46.49 -28.36
CA GLY H 229 38.78 47.66 -27.52
C GLY H 229 37.78 47.44 -26.39
N ALA H 230 37.50 48.49 -25.62
CA ALA H 230 36.54 48.36 -24.52
C ALA H 230 35.90 49.70 -24.12
N ALA H 231 34.77 49.59 -23.44
CA ALA H 231 34.03 50.76 -22.98
C ALA H 231 33.29 50.43 -21.68
N VAL H 232 32.82 51.46 -20.98
CA VAL H 232 32.08 51.27 -19.74
C VAL H 232 30.62 51.66 -19.97
N LEU H 233 29.70 50.86 -19.41
CA LEU H 233 28.28 51.12 -19.57
C LEU H 233 27.76 52.24 -18.66
N LYS H 234 26.97 53.13 -19.24
CA LYS H 234 26.37 54.27 -18.55
C LYS H 234 25.37 53.84 -17.47
N SER H 235 25.13 52.53 -17.37
CA SER H 235 24.19 51.97 -16.40
C SER H 235 24.93 51.34 -15.20
N SER H 236 26.25 51.45 -15.21
CA SER H 236 27.09 50.89 -14.15
C SER H 236 26.74 51.40 -12.75
N GLN H 237 26.38 50.47 -11.86
CA GLN H 237 26.05 50.80 -10.48
C GLN H 237 27.35 50.91 -9.69
N ASN H 238 28.46 50.74 -10.40
CA ASN H 238 29.80 50.85 -9.83
C ASN H 238 30.53 51.82 -10.76
N LYS H 239 29.76 52.79 -11.25
CA LYS H 239 30.23 53.83 -12.17
C LYS H 239 31.74 53.93 -12.35
N ASP H 240 32.38 54.77 -11.55
CA ASP H 240 33.82 54.97 -11.64
C ASP H 240 34.65 53.74 -11.29
N GLU H 241 34.02 52.71 -10.72
CA GLU H 241 34.74 51.50 -10.34
C GLU H 241 35.10 50.69 -11.60
N ALA H 242 34.39 50.97 -12.70
CA ALA H 242 34.61 50.29 -13.96
C ALA H 242 35.52 51.15 -14.82
N LYS H 243 35.55 52.45 -14.52
CA LYS H 243 36.38 53.41 -15.26
C LYS H 243 37.87 53.13 -15.11
N LYS H 244 38.23 52.51 -13.99
CA LYS H 244 39.62 52.19 -13.69
C LYS H 244 40.08 50.91 -14.41
N PHE H 245 39.21 49.91 -14.45
CA PHE H 245 39.51 48.63 -15.10
C PHE H 245 39.82 48.80 -16.58
N VAL H 246 39.32 49.89 -17.16
CA VAL H 246 39.53 50.17 -18.57
C VAL H 246 40.80 50.99 -18.83
N ALA H 247 41.02 52.02 -18.01
CA ALA H 247 42.23 52.83 -18.17
C ALA H 247 43.38 51.87 -17.87
N PHE H 248 43.02 50.74 -17.26
CA PHE H 248 43.94 49.67 -16.89
C PHE H 248 44.40 48.93 -18.15
N LEU H 249 43.44 48.57 -18.99
CA LEU H 249 43.70 47.84 -20.21
C LEU H 249 44.59 48.58 -21.20
N ALA H 250 44.55 49.90 -21.16
CA ALA H 250 45.35 50.71 -22.09
C ALA H 250 46.74 51.10 -21.59
N GLY H 251 47.03 50.86 -20.32
CA GLY H 251 48.33 51.22 -19.76
C GLY H 251 49.36 50.10 -19.86
N LYS H 252 50.62 50.41 -19.56
CA LYS H 252 51.70 49.43 -19.62
C LYS H 252 51.39 48.15 -18.84
N GLU H 253 50.84 48.30 -17.64
CA GLU H 253 50.52 47.14 -16.81
C GLU H 253 49.54 46.20 -17.51
N GLY H 254 48.38 46.74 -17.89
CA GLY H 254 47.38 45.94 -18.56
C GLY H 254 47.84 45.28 -19.84
N GLN H 255 48.62 46.02 -20.65
CA GLN H 255 49.13 45.50 -21.91
C GLN H 255 50.03 44.28 -21.73
N ARG H 256 51.01 44.37 -20.84
CA ARG H 256 51.90 43.25 -20.62
C ARG H 256 51.16 42.05 -20.02
N ALA H 257 50.03 42.32 -19.38
CA ALA H 257 49.22 41.27 -18.76
C ALA H 257 48.55 40.42 -19.84
N LEU H 258 48.32 41.04 -21.00
CA LEU H 258 47.69 40.34 -22.11
C LEU H 258 48.79 39.84 -23.04
N THR H 259 49.81 40.68 -23.20
CA THR H 259 50.96 40.40 -24.06
C THR H 259 51.85 39.26 -23.57
N ALA H 260 51.53 38.71 -22.40
CA ALA H 260 52.30 37.60 -21.84
C ALA H 260 51.49 36.30 -21.98
N VAL H 261 50.21 36.44 -22.30
CA VAL H 261 49.32 35.29 -22.43
C VAL H 261 48.64 35.15 -23.79
N ARG H 262 48.70 36.19 -24.63
CA ARG H 262 48.04 36.15 -25.94
C ARG H 262 48.90 36.79 -27.02
N ALA H 263 48.93 36.18 -28.20
CA ALA H 263 49.73 36.69 -29.32
C ALA H 263 49.06 37.78 -30.18
N GLU H 264 48.67 38.88 -29.57
CA GLU H 264 48.06 40.00 -30.30
C GLU H 264 49.06 41.15 -30.29
N TYR H 265 48.92 42.09 -31.22
CA TYR H 265 49.84 43.23 -31.25
C TYR H 265 49.37 44.32 -30.28
N PRO H 266 50.24 44.72 -29.34
CA PRO H 266 49.92 45.75 -28.34
C PRO H 266 49.68 47.11 -29.00
N LEU H 267 48.74 47.88 -28.45
CA LEU H 267 48.46 49.21 -29.00
C LEU H 267 49.03 50.32 -28.12
N ASN H 268 49.93 49.93 -27.21
CA ASN H 268 50.62 50.85 -26.29
C ASN H 268 52.08 50.72 -26.72
N PRO H 269 52.61 51.71 -27.44
CA PRO H 269 54.00 51.68 -27.90
C PRO H 269 55.07 51.40 -26.84
N HIS H 270 54.68 51.37 -25.56
CA HIS H 270 55.62 51.12 -24.46
C HIS H 270 55.59 49.67 -23.95
N VAL H 271 55.11 48.75 -24.78
CA VAL H 271 55.03 47.33 -24.39
C VAL H 271 55.77 46.38 -25.33
N VAL H 272 56.34 45.32 -24.76
CA VAL H 272 57.06 44.30 -25.51
C VAL H 272 56.35 42.96 -25.38
N SER H 273 56.05 42.37 -26.54
CA SER H 273 55.37 41.08 -26.57
C SER H 273 56.33 39.96 -26.19
N THR H 274 55.81 38.97 -25.45
CA THR H 274 56.60 37.82 -25.06
C THR H 274 56.70 36.88 -26.27
N PHE H 275 55.99 37.25 -27.34
CA PHE H 275 55.97 36.49 -28.61
C PHE H 275 56.73 37.32 -29.65
N ASN H 276 57.14 36.67 -30.73
CA ASN H 276 57.86 37.34 -31.80
C ASN H 276 56.91 38.10 -32.73
N LEU H 277 56.31 39.15 -32.21
CA LEU H 277 55.39 39.99 -32.98
C LEU H 277 56.10 41.27 -33.35
N GLU H 278 56.46 41.42 -34.63
CA GLU H 278 57.13 42.63 -35.08
C GLU H 278 56.25 43.82 -34.68
N PRO H 279 56.85 45.01 -34.49
CA PRO H 279 56.10 46.21 -34.12
C PRO H 279 54.92 46.46 -35.05
N ILE H 280 53.71 46.34 -34.51
CA ILE H 280 52.46 46.51 -35.26
C ILE H 280 52.53 47.42 -36.48
N ALA H 281 53.24 48.53 -36.37
CA ALA H 281 53.36 49.45 -37.47
C ALA H 281 54.16 48.87 -38.64
N LYS H 282 55.14 48.01 -38.34
CA LYS H 282 55.97 47.37 -39.37
C LYS H 282 55.17 46.42 -40.26
N LEU H 283 53.92 46.15 -39.87
CA LEU H 283 53.05 45.26 -40.63
C LEU H 283 52.51 45.95 -41.89
N GLU H 284 52.46 47.27 -41.85
CA GLU H 284 51.96 48.07 -42.97
C GLU H 284 50.59 47.56 -43.44
N ALA H 285 49.64 47.51 -42.50
CA ALA H 285 48.29 47.05 -42.78
C ALA H 285 47.47 48.14 -43.49
N PRO H 286 46.54 47.72 -44.38
CA PRO H 286 45.71 48.69 -45.10
C PRO H 286 44.76 49.43 -44.16
N GLN H 287 44.45 50.67 -44.51
CA GLN H 287 43.53 51.49 -43.73
C GLN H 287 42.13 51.31 -44.31
N VAL H 288 41.18 50.93 -43.47
CA VAL H 288 39.80 50.73 -43.88
C VAL H 288 38.89 51.45 -42.86
N SER H 289 37.65 51.01 -42.75
CA SER H 289 36.72 51.58 -41.79
C SER H 289 36.07 50.37 -41.16
N ALA H 290 35.46 50.52 -39.98
CA ALA H 290 34.82 49.39 -39.33
C ALA H 290 33.68 48.83 -40.19
N THR H 291 33.50 47.52 -40.13
CA THR H 291 32.46 46.86 -40.92
C THR H 291 31.07 47.25 -40.45
N THR H 292 30.18 47.49 -41.40
CA THR H 292 28.80 47.88 -41.09
C THR H 292 27.88 46.70 -41.36
N VAL H 293 26.65 46.78 -40.85
CA VAL H 293 25.67 45.73 -41.03
C VAL H 293 25.53 45.37 -42.51
N SER H 294 25.38 46.38 -43.35
CA SER H 294 25.23 46.21 -44.79
C SER H 294 26.45 45.64 -45.52
N GLU H 295 27.65 46.03 -45.10
CA GLU H 295 28.88 45.54 -45.73
C GLU H 295 29.02 44.04 -45.46
N LYS H 296 28.49 43.60 -44.33
CA LYS H 296 28.51 42.19 -43.97
C LYS H 296 27.49 41.43 -44.82
N GLU H 297 26.33 42.05 -45.02
CA GLU H 297 25.24 41.48 -45.84
C GLU H 297 25.74 41.36 -47.27
N HIS H 298 26.59 42.29 -47.67
CA HIS H 298 27.16 42.32 -49.02
C HIS H 298 28.18 41.20 -49.23
N ALA H 299 29.11 41.03 -48.27
CA ALA H 299 30.14 40.00 -48.38
C ALA H 299 29.52 38.60 -48.44
N THR H 300 28.46 38.40 -47.67
CA THR H 300 27.80 37.10 -47.64
C THR H 300 27.08 36.76 -48.93
N ARG H 301 26.62 37.79 -49.65
CA ARG H 301 25.93 37.60 -50.92
C ARG H 301 26.95 37.10 -51.94
N LEU H 302 28.20 37.56 -51.78
CA LEU H 302 29.29 37.16 -52.67
C LEU H 302 29.73 35.74 -52.35
N LEU H 303 29.65 35.36 -51.08
CA LEU H 303 30.01 34.00 -50.66
C LEU H 303 29.03 32.99 -51.24
N GLU H 304 27.85 33.45 -51.65
CA GLU H 304 26.87 32.56 -52.24
C GLU H 304 27.07 32.54 -53.75
N GLN H 305 27.31 33.69 -54.33
CA GLN H 305 27.54 33.81 -55.77
C GLN H 305 28.81 33.05 -56.16
N ALA H 306 29.67 32.79 -55.18
CA ALA H 306 30.92 32.08 -55.40
C ALA H 306 30.77 30.59 -55.19
N GLY H 307 29.65 30.19 -54.58
CA GLY H 307 29.40 28.78 -54.33
C GLY H 307 29.90 28.29 -53.00
N MET H 308 30.46 29.20 -52.20
CA MET H 308 30.99 28.83 -50.89
C MET H 308 29.89 28.64 -49.84
N LYS H 309 28.71 29.15 -50.12
CA LYS H 309 27.58 29.02 -49.21
C LYS H 309 26.27 28.89 -49.97
N ASP I 1 -0.96 31.15 25.32
CA ASP I 1 -1.21 31.52 26.74
C ASP I 1 0.11 31.67 27.50
N ILE I 2 0.23 32.76 28.27
CA ILE I 2 1.44 33.04 29.05
C ILE I 2 1.13 33.48 30.48
N THR I 3 2.07 33.24 31.38
CA THR I 3 1.88 33.64 32.76
C THR I 3 2.67 34.92 32.95
N VAL I 4 2.06 35.86 33.64
CA VAL I 4 2.71 37.14 33.88
C VAL I 4 2.75 37.45 35.35
N TYR I 5 3.96 37.49 35.92
CA TYR I 5 4.13 37.84 37.32
C TYR I 5 4.09 39.36 37.28
N ASN I 6 2.98 39.90 37.76
CA ASN I 6 2.72 41.33 37.74
C ASN I 6 3.03 42.08 39.04
N GLY I 7 3.57 43.28 38.90
CA GLY I 7 3.88 44.11 40.04
C GLY I 7 3.22 45.47 39.82
N GLN I 8 2.70 45.66 38.61
CA GLN I 8 2.02 46.88 38.20
C GLN I 8 0.59 46.90 38.74
N HIS I 9 0.04 48.11 38.91
CA HIS I 9 -1.32 48.29 39.43
C HIS I 9 -2.26 47.25 38.84
N LYS I 10 -2.51 46.18 39.60
CA LYS I 10 -3.39 45.09 39.17
C LYS I 10 -4.37 45.46 38.05
N GLU I 11 -5.28 46.38 38.37
CA GLU I 11 -6.30 46.82 37.43
C GLU I 11 -5.73 47.33 36.10
N ALA I 12 -4.67 48.13 36.17
CA ALA I 12 -4.04 48.66 34.97
C ALA I 12 -3.39 47.53 34.16
N ALA I 13 -2.91 46.51 34.87
CA ALA I 13 -2.26 45.36 34.24
C ALA I 13 -3.25 44.45 33.50
N GLN I 14 -4.52 44.50 33.91
CA GLN I 14 -5.56 43.68 33.29
C GLN I 14 -6.14 44.35 32.04
N ALA I 15 -5.78 45.62 31.83
CA ALA I 15 -6.26 46.40 30.69
C ALA I 15 -5.39 46.20 29.45
N VAL I 16 -4.07 46.27 29.65
CA VAL I 16 -3.13 46.08 28.55
C VAL I 16 -3.04 44.60 28.19
N ALA I 17 -3.27 43.74 29.18
CA ALA I 17 -3.24 42.28 28.98
C ALA I 17 -4.47 41.81 28.20
N ASP I 18 -5.62 42.42 28.49
CA ASP I 18 -6.86 42.08 27.80
C ASP I 18 -6.77 42.60 26.39
N ALA I 19 -6.31 43.85 26.25
CA ALA I 19 -6.15 44.46 24.94
C ALA I 19 -5.22 43.59 24.09
N PHE I 20 -4.28 42.92 24.76
CA PHE I 20 -3.32 42.05 24.09
C PHE I 20 -4.02 40.79 23.60
N THR I 21 -4.84 40.21 24.46
CA THR I 21 -5.58 39.00 24.13
C THR I 21 -6.57 39.37 23.01
N ARG I 22 -7.23 40.52 23.14
CA ARG I 22 -8.19 41.01 22.16
C ARG I 22 -7.49 41.47 20.89
N ALA I 23 -6.39 40.82 20.54
CA ALA I 23 -5.66 41.22 19.35
C ALA I 23 -4.68 40.14 18.91
N THR I 24 -4.56 39.09 19.72
CA THR I 24 -3.64 38.00 19.41
C THR I 24 -4.23 36.63 19.67
N GLY I 25 -5.04 36.52 20.70
CA GLY I 25 -5.66 35.25 21.05
C GLY I 25 -4.84 34.58 22.14
N ILE I 26 -3.71 35.19 22.48
CA ILE I 26 -2.83 34.67 23.51
C ILE I 26 -3.40 35.06 24.87
N LYS I 27 -4.04 34.10 25.55
CA LYS I 27 -4.63 34.35 26.87
C LYS I 27 -3.52 34.64 27.87
N VAL I 28 -3.78 35.57 28.79
CA VAL I 28 -2.77 35.92 29.78
C VAL I 28 -3.29 35.77 31.21
N LYS I 29 -2.50 35.10 32.06
CA LYS I 29 -2.84 34.92 33.47
C LYS I 29 -1.94 35.87 34.27
N LEU I 30 -2.45 36.41 35.38
CA LEU I 30 -1.67 37.33 36.21
C LEU I 30 -1.46 36.94 37.67
N ASN I 31 -0.19 36.88 38.09
CA ASN I 31 0.17 36.56 39.48
C ASN I 31 0.71 37.89 40.03
N SER I 32 -0.17 38.65 40.69
CA SER I 32 0.16 39.96 41.23
C SER I 32 0.63 40.05 42.69
N ALA I 33 1.70 40.82 42.88
CA ALA I 33 2.31 41.08 44.19
C ALA I 33 3.36 42.18 43.99
N LYS I 34 4.24 42.36 44.96
CA LYS I 34 5.28 43.38 44.85
C LYS I 34 6.40 42.95 43.91
N GLY I 35 7.14 43.91 43.38
CA GLY I 35 8.23 43.61 42.46
C GLY I 35 9.41 42.91 43.12
N ASP I 36 9.80 43.38 44.30
CA ASP I 36 10.90 42.77 45.05
C ASP I 36 10.50 41.39 45.53
N GLN I 37 9.20 41.17 45.68
CA GLN I 37 8.66 39.89 46.14
C GLN I 37 8.73 38.86 45.01
N LEU I 38 8.18 39.24 43.86
CA LEU I 38 8.15 38.37 42.71
C LEU I 38 9.57 38.02 42.29
N ALA I 39 10.47 39.00 42.34
CA ALA I 39 11.85 38.75 41.97
C ALA I 39 12.47 37.73 42.92
N GLY I 40 12.12 37.83 44.20
CA GLY I 40 12.64 36.89 45.18
C GLY I 40 12.02 35.52 45.01
N GLN I 41 10.75 35.52 44.59
CA GLN I 41 10.03 34.28 44.35
C GLN I 41 10.62 33.58 43.13
N ILE I 42 10.95 34.37 42.11
CA ILE I 42 11.53 33.86 40.87
C ILE I 42 12.92 33.24 41.05
N LYS I 43 13.77 33.89 41.85
CA LYS I 43 15.11 33.34 42.07
C LYS I 43 14.99 32.02 42.83
N GLU I 44 13.91 31.89 43.58
CA GLU I 44 13.64 30.71 44.39
C GLU I 44 13.02 29.56 43.58
N GLU I 45 12.21 29.87 42.58
CA GLU I 45 11.58 28.85 41.76
C GLU I 45 12.53 28.31 40.70
N GLY I 46 13.45 29.15 40.25
CA GLY I 46 14.42 28.74 39.25
C GLY I 46 13.79 28.13 38.02
N SER I 47 14.35 27.00 37.58
CA SER I 47 13.87 26.28 36.40
C SER I 47 12.42 25.75 36.51
N ARG I 48 11.86 25.76 37.71
CA ARG I 48 10.49 25.25 37.91
C ARG I 48 9.40 26.33 37.93
N SER I 49 9.79 27.59 37.76
CA SER I 49 8.83 28.70 37.76
C SER I 49 7.93 28.69 36.52
N PRO I 50 6.62 28.92 36.70
CA PRO I 50 5.68 28.93 35.58
C PRO I 50 5.60 30.34 34.94
N ALA I 51 6.42 31.25 35.45
CA ALA I 51 6.44 32.64 34.98
C ALA I 51 7.09 32.80 33.60
N ASP I 52 6.40 33.50 32.71
CA ASP I 52 6.91 33.74 31.36
C ASP I 52 7.41 35.17 31.23
N VAL I 53 6.64 36.09 31.81
CA VAL I 53 6.95 37.51 31.78
C VAL I 53 6.92 38.17 33.15
N PHE I 54 7.91 39.04 33.39
CA PHE I 54 7.97 39.78 34.66
C PHE I 54 7.71 41.25 34.32
N TYR I 55 6.57 41.74 34.81
CA TYR I 55 6.13 43.12 34.59
C TYR I 55 6.39 43.80 35.94
N SER I 56 7.48 44.57 36.02
CA SER I 56 7.89 45.24 37.25
C SER I 56 7.66 46.75 37.33
N GLU I 57 7.31 47.23 38.52
CA GLU I 57 7.07 48.66 38.74
C GLU I 57 8.34 49.39 39.17
N GLN I 58 9.46 48.67 39.17
CA GLN I 58 10.74 49.26 39.56
C GLN I 58 11.88 48.59 38.81
N ILE I 59 12.91 49.37 38.49
CA ILE I 59 14.05 48.85 37.75
C ILE I 59 14.95 47.93 38.57
N PRO I 60 15.18 48.25 39.87
CA PRO I 60 16.04 47.41 40.72
C PRO I 60 15.69 45.92 40.77
N ALA I 61 14.41 45.59 40.73
CA ALA I 61 13.96 44.20 40.75
C ALA I 61 14.45 43.48 39.48
N LEU I 62 14.37 44.17 38.36
CA LEU I 62 14.82 43.63 37.08
C LEU I 62 16.34 43.52 37.06
N ALA I 63 17.01 44.55 37.59
CA ALA I 63 18.48 44.59 37.64
C ALA I 63 19.07 43.45 38.46
N THR I 64 18.30 42.93 39.42
CA THR I 64 18.78 41.85 40.27
C THR I 64 18.63 40.49 39.59
N LEU I 65 17.53 40.30 38.87
CA LEU I 65 17.30 39.05 38.16
C LEU I 65 18.25 39.03 36.96
N SER I 66 18.54 40.22 36.43
CA SER I 66 19.46 40.35 35.31
C SER I 66 20.86 39.98 35.77
N ALA I 67 21.23 40.44 36.96
CA ALA I 67 22.54 40.14 37.52
C ALA I 67 22.68 38.63 37.75
N ALA I 68 21.56 37.96 38.00
CA ALA I 68 21.54 36.52 38.26
C ALA I 68 21.53 35.73 36.95
N ASN I 69 21.50 36.44 35.83
CA ASN I 69 21.47 35.81 34.51
C ASN I 69 20.19 35.00 34.27
N LEU I 70 19.10 35.41 34.93
CA LEU I 70 17.82 34.73 34.81
C LEU I 70 16.94 35.35 33.73
N LEU I 71 17.40 36.42 33.10
CA LEU I 71 16.62 37.11 32.06
C LEU I 71 17.07 36.84 30.63
N GLU I 72 16.09 36.70 29.73
CA GLU I 72 16.34 36.43 28.33
C GLU I 72 16.56 37.71 27.53
N PRO I 73 17.71 37.81 26.83
CA PRO I 73 17.96 39.03 26.05
C PRO I 73 16.80 39.34 25.09
N LEU I 74 16.55 40.62 24.89
CA LEU I 74 15.47 41.07 24.01
C LEU I 74 16.04 41.67 22.73
N PRO I 75 15.26 41.64 21.63
CA PRO I 75 15.69 42.18 20.34
C PRO I 75 15.77 43.70 20.33
N ALA I 76 16.62 44.24 19.45
CA ALA I 76 16.78 45.68 19.34
C ALA I 76 15.46 46.30 18.93
N SER I 77 14.66 45.56 18.18
CA SER I 77 13.37 46.03 17.72
C SER I 77 12.47 46.47 18.87
N THR I 78 12.57 45.76 19.99
CA THR I 78 11.76 46.03 21.19
C THR I 78 12.34 47.12 22.08
N ILE I 79 13.64 47.06 22.33
CA ILE I 79 14.29 48.03 23.19
C ILE I 79 14.27 49.45 22.63
N ASN I 80 14.22 49.60 21.31
CA ASN I 80 14.22 50.93 20.70
C ASN I 80 12.90 51.68 20.79
N GLU I 81 11.80 50.96 20.98
CA GLU I 81 10.49 51.60 21.07
C GLU I 81 10.50 52.71 22.12
N THR I 82 11.17 52.47 23.24
CA THR I 82 11.23 53.45 24.32
C THR I 82 12.60 54.09 24.58
N ARG I 83 13.49 54.07 23.60
CA ARG I 83 14.81 54.68 23.74
C ARG I 83 14.72 56.20 23.84
N GLY I 84 15.50 56.79 24.73
CA GLY I 84 15.47 58.24 24.90
C GLY I 84 16.39 58.77 25.99
N LYS I 85 16.61 60.09 25.95
CA LYS I 85 17.47 60.76 26.92
C LYS I 85 16.92 60.63 28.33
N GLY I 86 17.63 59.91 29.19
CA GLY I 86 17.21 59.73 30.56
C GLY I 86 16.60 58.38 30.89
N VAL I 87 16.03 57.71 29.89
CA VAL I 87 15.38 56.41 30.09
C VAL I 87 16.40 55.33 30.46
N PRO I 88 16.04 54.44 31.41
CA PRO I 88 16.91 53.36 31.84
C PRO I 88 17.26 52.44 30.68
N VAL I 89 18.47 51.87 30.71
CA VAL I 89 18.95 50.97 29.66
C VAL I 89 19.59 49.72 30.26
N ALA I 90 19.14 48.54 29.85
CA ALA I 90 19.71 47.29 30.37
C ALA I 90 21.08 47.02 29.78
N ALA I 91 22.08 46.84 30.64
CA ALA I 91 23.44 46.58 30.19
C ALA I 91 23.49 45.32 29.33
N LYS I 92 22.74 44.30 29.74
CA LYS I 92 22.70 43.04 29.00
C LYS I 92 21.54 43.00 28.00
N LYS I 93 20.83 44.11 27.87
CA LYS I 93 19.72 44.22 26.94
C LYS I 93 18.64 43.17 27.25
N ASP I 94 18.50 42.84 28.53
CA ASP I 94 17.54 41.84 28.96
C ASP I 94 16.24 42.37 29.59
N TRP I 95 16.01 43.68 29.46
CA TRP I 95 14.79 44.30 29.94
C TRP I 95 14.58 45.65 29.24
N VAL I 96 13.37 46.19 29.34
CA VAL I 96 13.05 47.48 28.71
C VAL I 96 12.16 48.35 29.59
N ALA I 97 12.53 49.62 29.74
CA ALA I 97 11.76 50.58 30.53
C ALA I 97 10.50 50.89 29.74
N LEU I 98 9.37 50.99 30.43
CA LEU I 98 8.10 51.24 29.77
C LEU I 98 7.45 52.60 30.03
N SER I 99 7.41 53.01 31.30
CA SER I 99 6.78 54.28 31.66
C SER I 99 7.41 54.96 32.88
N GLY I 100 6.81 56.07 33.29
CA GLY I 100 7.31 56.79 34.44
C GLY I 100 6.26 57.38 35.36
N ARG I 101 6.62 57.51 36.63
CA ARG I 101 5.77 58.08 37.66
C ARG I 101 6.60 59.20 38.28
N SER I 102 5.99 60.34 38.54
CA SER I 102 6.72 61.47 39.10
C SER I 102 6.25 62.00 40.46
N ARG I 103 7.19 62.53 41.24
CA ARG I 103 6.86 63.11 42.52
C ARG I 103 6.23 64.46 42.16
N VAL I 104 5.42 64.99 43.07
CA VAL I 104 4.77 66.26 42.85
C VAL I 104 4.46 66.87 44.20
N VAL I 105 3.93 68.08 44.16
CA VAL I 105 3.52 68.79 45.35
C VAL I 105 2.07 69.12 45.05
N VAL I 106 1.16 68.55 45.84
CA VAL I 106 -0.27 68.79 45.67
C VAL I 106 -0.71 69.90 46.64
N TYR I 107 -1.40 70.91 46.13
CA TYR I 107 -1.83 72.02 46.99
C TYR I 107 -3.29 72.46 46.88
N ASP I 108 -3.82 72.98 47.99
CA ASP I 108 -5.20 73.48 48.06
C ASP I 108 -5.27 74.87 47.45
N THR I 109 -5.92 74.97 46.29
CA THR I 109 -6.07 76.23 45.56
C THR I 109 -6.79 77.32 46.35
N ARG I 110 -7.66 76.90 47.25
CA ARG I 110 -8.44 77.85 48.06
C ARG I 110 -7.56 78.62 49.05
N LYS I 111 -6.25 78.36 49.06
CA LYS I 111 -5.35 79.03 49.98
C LYS I 111 -4.01 79.45 49.38
N LEU I 112 -3.49 78.61 48.48
CA LEU I 112 -2.19 78.89 47.86
C LEU I 112 -2.21 79.07 46.35
N SER I 113 -1.22 79.81 45.87
CA SER I 113 -1.03 80.08 44.47
C SER I 113 0.22 79.31 44.06
N GLU I 114 0.45 79.13 42.77
CA GLU I 114 1.66 78.44 42.30
C GLU I 114 2.86 79.31 42.66
N LYS I 115 2.58 80.59 42.88
CA LYS I 115 3.60 81.56 43.23
C LYS I 115 3.96 81.51 44.71
N ASP I 116 3.24 80.68 45.46
CA ASP I 116 3.48 80.53 46.89
C ASP I 116 4.18 79.20 47.19
N LEU I 117 4.47 78.44 46.13
CA LEU I 117 5.14 77.16 46.28
C LEU I 117 6.65 77.32 46.04
N GLU I 118 7.45 76.59 46.81
CA GLU I 118 8.89 76.67 46.69
C GLU I 118 9.35 76.16 45.33
N LYS I 119 10.56 76.56 44.93
CA LYS I 119 11.11 76.15 43.64
C LYS I 119 12.02 74.92 43.83
N SER I 120 12.17 74.50 45.09
CA SER I 120 12.96 73.33 45.46
C SER I 120 12.24 72.59 46.57
N VAL I 121 12.12 71.28 46.44
CA VAL I 121 11.44 70.49 47.46
C VAL I 121 12.25 70.47 48.74
N LEU I 122 13.52 70.88 48.65
CA LEU I 122 14.37 70.90 49.83
C LEU I 122 13.98 72.07 50.72
N ASN I 123 13.35 73.08 50.11
CA ASN I 123 12.92 74.29 50.83
C ASN I 123 11.64 74.13 51.68
N TYR I 124 11.09 72.91 51.70
CA TYR I 124 9.90 72.64 52.51
C TYR I 124 10.35 72.16 53.89
N ALA I 125 11.64 72.37 54.19
CA ALA I 125 12.21 71.96 55.47
C ALA I 125 12.61 73.15 56.34
N THR I 126 11.86 74.24 56.22
CA THR I 126 12.11 75.46 57.00
C THR I 126 10.88 75.79 57.83
N PRO I 127 11.05 76.54 58.95
CA PRO I 127 9.97 76.94 59.86
C PRO I 127 8.79 77.53 59.10
N LYS I 128 9.11 78.07 57.93
CA LYS I 128 8.13 78.68 57.03
C LYS I 128 6.93 77.76 56.75
N TRP I 129 7.19 76.46 56.62
CA TRP I 129 6.11 75.53 56.33
C TRP I 129 5.59 74.74 57.52
N LYS I 130 5.85 75.25 58.73
CA LYS I 130 5.40 74.60 59.95
C LYS I 130 3.89 74.32 59.88
N ASN I 131 3.53 73.04 60.00
CA ASN I 131 2.14 72.59 59.96
C ASN I 131 1.36 73.01 58.70
N ARG I 132 2.04 73.08 57.56
CA ARG I 132 1.41 73.45 56.30
C ARG I 132 1.72 72.41 55.21
N ILE I 133 2.84 71.72 55.37
CA ILE I 133 3.29 70.72 54.41
C ILE I 133 3.21 69.32 55.01
N GLY I 134 2.73 68.36 54.22
CA GLY I 134 2.61 66.99 54.68
C GLY I 134 3.43 66.00 53.87
N TYR I 135 3.78 64.88 54.49
CA TYR I 135 4.57 63.84 53.83
C TYR I 135 4.20 62.44 54.31
N VAL I 136 4.44 61.43 53.48
CA VAL I 136 4.14 60.04 53.84
C VAL I 136 5.48 59.32 54.04
N PRO I 137 6.02 59.32 55.28
CA PRO I 137 7.29 58.70 55.69
C PRO I 137 7.45 57.18 55.50
N THR I 138 6.35 56.43 55.52
CA THR I 138 6.43 54.99 55.34
C THR I 138 6.35 54.64 53.86
N SER I 139 6.09 55.66 53.03
CA SER I 139 5.98 55.47 51.58
C SER I 139 7.27 55.03 50.89
N GLY I 140 7.12 54.30 49.79
CA GLY I 140 8.27 53.83 49.04
C GLY I 140 8.88 54.93 48.20
N ALA I 141 8.04 55.78 47.62
CA ALA I 141 8.50 56.88 46.79
C ALA I 141 9.25 57.88 47.65
N PHE I 142 8.86 57.97 48.91
CA PHE I 142 9.50 58.87 49.85
C PHE I 142 10.93 58.39 50.05
N LEU I 143 11.10 57.08 50.18
CA LEU I 143 12.43 56.51 50.36
C LEU I 143 13.26 56.76 49.12
N GLU I 144 12.63 56.67 47.94
CA GLU I 144 13.33 56.93 46.69
C GLU I 144 13.79 58.38 46.64
N GLN I 145 12.96 59.27 47.19
CA GLN I 145 13.29 60.69 47.23
C GLN I 145 14.58 60.95 48.01
N ILE I 146 14.69 60.35 49.20
CA ILE I 146 15.87 60.48 50.04
C ILE I 146 17.13 60.01 49.30
N VAL I 147 17.04 58.83 48.69
CA VAL I 147 18.16 58.26 47.92
C VAL I 147 18.62 59.24 46.85
N ALA I 148 17.66 59.90 46.19
CA ALA I 148 17.94 60.86 45.13
C ALA I 148 18.69 62.10 45.62
N ILE I 149 18.34 62.60 46.79
CA ILE I 149 19.00 63.78 47.35
C ILE I 149 20.47 63.49 47.67
N VAL I 150 20.74 62.35 48.30
CA VAL I 150 22.11 61.96 48.66
C VAL I 150 22.98 61.82 47.41
N LYS I 151 22.37 61.39 46.31
CA LYS I 151 23.10 61.21 45.05
C LYS I 151 23.29 62.52 44.30
N LEU I 152 22.24 63.34 44.32
CA LEU I 152 22.25 64.63 43.63
C LEU I 152 22.96 65.72 44.40
N LYS I 153 22.85 65.66 45.72
CA LYS I 153 23.46 66.66 46.57
C LYS I 153 24.62 66.12 47.41
N GLY I 154 24.27 65.36 48.45
CA GLY I 154 25.25 64.78 49.35
C GLY I 154 24.46 64.34 50.58
N GLU I 155 25.03 63.47 51.41
CA GLU I 155 24.35 62.98 52.61
C GLU I 155 23.91 64.10 53.54
N ALA I 156 24.75 65.12 53.67
CA ALA I 156 24.47 66.25 54.53
C ALA I 156 23.12 66.88 54.20
N ALA I 157 22.96 67.34 52.97
CA ALA I 157 21.72 67.95 52.51
C ALA I 157 20.53 67.05 52.76
N ALA I 158 20.69 65.76 52.49
CA ALA I 158 19.62 64.78 52.70
C ALA I 158 19.20 64.73 54.16
N LEU I 159 20.17 64.59 55.06
CA LEU I 159 19.89 64.52 56.49
C LEU I 159 19.27 65.83 56.99
N LYS I 160 19.75 66.95 56.47
CA LYS I 160 19.22 68.26 56.86
C LYS I 160 17.76 68.36 56.44
N TRP I 161 17.46 67.79 55.28
CA TRP I 161 16.10 67.80 54.74
C TRP I 161 15.14 67.01 55.61
N LEU I 162 15.57 65.84 56.09
CA LEU I 162 14.72 65.03 56.95
C LEU I 162 14.58 65.66 58.34
N LYS I 163 15.57 66.47 58.73
CA LYS I 163 15.60 67.18 60.01
C LYS I 163 14.41 68.12 60.08
N GLY I 164 14.40 69.08 59.15
CA GLY I 164 13.34 70.06 59.10
C GLY I 164 11.98 69.53 58.67
N LEU I 165 11.89 68.23 58.38
CA LEU I 165 10.59 67.67 57.99
C LEU I 165 9.87 67.12 59.22
N LYS I 166 10.61 66.48 60.12
CA LYS I 166 10.01 65.93 61.33
C LYS I 166 9.69 67.11 62.24
N GLU I 167 10.53 68.13 62.15
CA GLU I 167 10.38 69.33 62.96
C GLU I 167 9.18 70.18 62.55
N TYR I 168 9.09 70.51 61.27
CA TYR I 168 8.00 71.36 60.79
C TYR I 168 6.87 70.70 59.99
N GLY I 169 7.11 69.50 59.46
CA GLY I 169 6.06 68.85 58.68
C GLY I 169 5.12 67.92 59.42
N LYS I 170 4.08 67.44 58.73
CA LYS I 170 3.11 66.53 59.29
C LYS I 170 3.14 65.19 58.54
N PRO I 171 3.20 64.06 59.25
CA PRO I 171 3.22 62.78 58.54
C PRO I 171 1.81 62.22 58.25
N TYR I 172 1.74 61.24 57.35
CA TYR I 172 0.49 60.59 56.96
C TYR I 172 0.79 59.13 56.63
N ALA I 173 -0.13 58.24 56.99
CA ALA I 173 0.03 56.80 56.79
C ALA I 173 0.18 56.34 55.34
N LYS I 174 -0.48 57.04 54.42
CA LYS I 174 -0.38 56.67 53.02
C LYS I 174 -0.69 57.87 52.15
N ASN I 175 -0.43 57.74 50.86
CA ASN I 175 -0.65 58.83 49.91
C ASN I 175 -2.09 59.31 49.81
N SER I 176 -3.02 58.38 49.60
CA SER I 176 -4.43 58.74 49.49
C SER I 176 -4.90 59.50 50.73
N VAL I 177 -4.25 59.26 51.85
CA VAL I 177 -4.57 59.91 53.13
C VAL I 177 -4.11 61.38 53.10
N ALA I 178 -2.96 61.60 52.49
CA ALA I 178 -2.41 62.95 52.39
C ALA I 178 -3.24 63.77 51.38
N LEU I 179 -3.55 63.16 50.23
CA LEU I 179 -4.33 63.83 49.20
C LEU I 179 -5.67 64.29 49.76
N GLN I 180 -6.22 63.51 50.69
CA GLN I 180 -7.51 63.85 51.30
C GLN I 180 -7.38 64.91 52.39
N ALA I 181 -6.21 64.99 53.01
CA ALA I 181 -5.98 65.96 54.05
C ALA I 181 -5.94 67.36 53.44
N VAL I 182 -5.54 67.43 52.17
CA VAL I 182 -5.44 68.70 51.44
C VAL I 182 -6.76 69.15 50.80
N GLU I 183 -7.58 68.18 50.37
CA GLU I 183 -8.86 68.49 49.73
C GLU I 183 -9.92 68.96 50.71
N ASN I 184 -9.72 68.63 51.98
CA ASN I 184 -10.66 69.03 53.02
C ASN I 184 -10.03 70.10 53.91
N GLY I 185 -9.35 71.05 53.26
CA GLY I 185 -8.70 72.14 53.95
C GLY I 185 -8.08 71.83 55.30
N GLU I 186 -7.46 70.66 55.44
CA GLU I 186 -6.83 70.28 56.70
C GLU I 186 -5.36 70.69 56.72
N VAL I 187 -4.69 70.61 55.56
CA VAL I 187 -3.29 71.02 55.41
C VAL I 187 -3.17 71.71 54.04
N ASP I 188 -2.33 72.72 53.96
CA ASP I 188 -2.14 73.46 52.71
C ASP I 188 -1.71 72.64 51.49
N ALA I 189 -0.68 71.80 51.67
CA ALA I 189 -0.18 70.97 50.57
C ALA I 189 0.60 69.77 51.10
N ALA I 190 0.83 68.79 50.23
CA ALA I 190 1.56 67.59 50.61
C ALA I 190 2.49 67.10 49.51
N LEU I 191 3.44 66.25 49.86
CA LEU I 191 4.38 65.68 48.90
C LEU I 191 3.92 64.26 48.54
N ILE I 192 3.35 64.10 47.35
CA ILE I 192 2.84 62.81 46.88
C ILE I 192 3.30 62.45 45.46
N ASN I 193 2.68 61.44 44.87
CA ASN I 193 2.99 61.00 43.50
C ASN I 193 1.85 61.41 42.55
N ASN I 194 2.22 61.94 41.40
CA ASN I 194 1.27 62.42 40.39
C ASN I 194 -0.06 61.69 40.17
N TYR I 195 -0.02 60.47 39.62
CA TYR I 195 -1.23 59.71 39.31
C TYR I 195 -2.32 59.61 40.38
N TYR I 196 -1.97 59.84 41.65
CA TYR I 196 -2.98 59.80 42.71
C TYR I 196 -4.00 60.91 42.46
N TRP I 197 -3.51 62.09 42.10
CA TRP I 197 -4.37 63.21 41.82
C TRP I 197 -5.15 62.99 40.51
N HIS I 198 -4.45 62.57 39.46
CA HIS I 198 -5.10 62.33 38.17
C HIS I 198 -6.24 61.31 38.23
N ALA I 199 -6.17 60.38 39.18
CA ALA I 199 -7.21 59.37 39.34
C ALA I 199 -8.43 59.96 40.05
N PHE I 200 -8.15 60.84 41.03
CA PHE I 200 -9.18 61.54 41.81
C PHE I 200 -9.96 62.47 40.87
N ALA I 201 -9.22 63.38 40.24
CA ALA I 201 -9.76 64.35 39.31
C ALA I 201 -10.67 63.73 38.26
N ARG I 202 -10.22 62.64 37.64
CA ARG I 202 -10.98 61.97 36.60
C ARG I 202 -12.38 61.53 37.05
N GLU I 203 -12.48 60.95 38.24
CA GLU I 203 -13.76 60.47 38.78
C GLU I 203 -14.67 61.61 39.27
N LYS I 204 -14.10 62.56 40.01
CA LYS I 204 -14.88 63.67 40.54
C LYS I 204 -14.99 64.87 39.59
N GLY I 205 -14.62 64.69 38.33
CA GLY I 205 -14.67 65.80 37.39
C GLY I 205 -13.66 66.84 37.85
N VAL I 206 -12.66 67.11 37.01
CA VAL I 206 -11.62 68.07 37.37
C VAL I 206 -12.17 69.41 37.85
N GLN I 207 -13.33 69.81 37.35
CA GLN I 207 -13.92 71.10 37.73
C GLN I 207 -14.43 71.12 39.18
N ASN I 208 -14.70 69.93 39.72
CA ASN I 208 -15.22 69.78 41.08
C ASN I 208 -14.15 69.52 42.16
N VAL I 209 -12.88 69.76 41.84
CA VAL I 209 -11.79 69.55 42.80
C VAL I 209 -11.11 70.87 43.21
N HIS I 210 -10.71 70.99 44.48
CA HIS I 210 -10.07 72.21 44.97
C HIS I 210 -8.54 72.18 44.80
N THR I 211 -8.00 70.98 44.58
CA THR I 211 -6.57 70.75 44.43
C THR I 211 -5.94 70.71 43.02
N ARG I 212 -4.64 70.99 42.97
CA ARG I 212 -3.86 70.97 41.73
C ARG I 212 -2.47 70.41 42.03
N LEU I 213 -1.64 70.24 41.00
CA LEU I 213 -0.28 69.72 41.19
C LEU I 213 0.79 70.70 40.72
N ASN I 214 1.91 70.68 41.44
CA ASN I 214 3.05 71.53 41.15
C ASN I 214 4.25 70.67 40.73
N PHE I 215 5.04 71.18 39.79
CA PHE I 215 6.23 70.48 39.33
C PHE I 215 7.42 71.42 39.43
N VAL I 216 8.42 71.04 40.24
CA VAL I 216 9.61 71.86 40.43
C VAL I 216 10.48 71.94 39.17
N ARG I 217 10.67 70.81 38.50
CA ARG I 217 11.46 70.76 37.29
C ARG I 217 12.90 71.25 37.57
N HIS I 218 13.55 71.78 36.53
CA HIS I 218 14.90 72.30 36.63
C HIS I 218 15.89 71.30 37.20
N ARG I 219 15.63 70.01 36.99
CA ARG I 219 16.49 68.92 37.46
C ARG I 219 16.55 68.81 38.98
N ASP I 220 15.62 69.44 39.68
CA ASP I 220 15.57 69.42 41.15
C ASP I 220 15.27 68.02 41.68
N PRO I 221 15.84 67.65 42.87
CA PRO I 221 15.55 66.31 43.40
C PRO I 221 14.02 66.06 43.49
N GLY I 222 13.25 67.14 43.65
CA GLY I 222 11.81 67.02 43.75
C GLY I 222 11.12 66.68 42.44
N ALA I 223 11.86 66.76 41.34
CA ALA I 223 11.33 66.45 40.01
C ALA I 223 11.68 65.01 39.62
N LEU I 224 12.00 64.20 40.62
CA LEU I 224 12.37 62.79 40.45
C LEU I 224 11.30 61.89 39.81
N VAL I 225 11.69 61.14 38.78
CA VAL I 225 10.79 60.22 38.07
C VAL I 225 11.27 58.78 38.25
N THR I 226 10.37 57.88 38.64
CA THR I 226 10.71 56.46 38.81
C THR I 226 10.15 55.68 37.62
N TYR I 227 10.89 54.69 37.13
CA TYR I 227 10.45 53.95 35.94
C TYR I 227 10.02 52.50 36.09
N SER I 228 9.17 52.07 35.17
CA SER I 228 8.61 50.72 35.08
C SER I 228 9.29 49.95 33.94
N GLY I 229 9.43 48.64 34.10
CA GLY I 229 10.04 47.81 33.08
C GLY I 229 9.47 46.40 32.98
N ALA I 230 9.93 45.63 32.00
CA ALA I 230 9.46 44.27 31.82
C ALA I 230 10.55 43.44 31.14
N ALA I 231 10.39 42.11 31.21
CA ALA I 231 11.32 41.17 30.59
C ALA I 231 10.75 39.75 30.55
N VAL I 232 11.33 38.92 29.67
CA VAL I 232 10.92 37.52 29.50
C VAL I 232 11.95 36.67 30.26
N LEU I 233 11.49 35.63 30.94
CA LEU I 233 12.40 34.75 31.70
C LEU I 233 13.04 33.61 30.89
N LYS I 234 14.34 33.39 31.08
CA LYS I 234 15.06 32.33 30.39
C LYS I 234 14.49 30.93 30.69
N SER I 235 13.65 30.83 31.72
CA SER I 235 13.04 29.56 32.10
C SER I 235 11.64 29.36 31.47
N SER I 236 11.23 30.29 30.63
CA SER I 236 9.93 30.25 29.96
C SER I 236 9.75 29.11 28.95
N GLN I 237 8.53 28.57 28.91
CA GLN I 237 8.17 27.49 27.99
C GLN I 237 7.33 28.10 26.86
N ASN I 238 6.97 29.37 27.04
CA ASN I 238 6.18 30.14 26.07
C ASN I 238 6.95 31.41 25.73
N LYS I 239 8.21 31.25 25.29
CA LYS I 239 9.05 32.39 24.96
C LYS I 239 8.67 33.24 23.76
N ASP I 240 8.16 32.62 22.69
CA ASP I 240 7.77 33.40 21.52
C ASP I 240 6.59 34.28 21.89
N GLU I 241 5.69 33.73 22.71
CA GLU I 241 4.50 34.43 23.18
C GLU I 241 4.90 35.50 24.21
N ALA I 242 5.83 35.13 25.08
CA ALA I 242 6.33 36.04 26.11
C ALA I 242 7.08 37.21 25.48
N LYS I 243 7.86 36.93 24.42
CA LYS I 243 8.59 37.99 23.73
C LYS I 243 7.60 38.83 22.94
N LYS I 244 6.50 38.17 22.56
CA LYS I 244 5.43 38.83 21.83
C LYS I 244 4.74 39.83 22.74
N PHE I 245 4.49 39.42 23.99
CA PHE I 245 3.83 40.31 24.94
C PHE I 245 4.68 41.54 25.29
N VAL I 246 5.95 41.33 25.58
CA VAL I 246 6.85 42.44 25.93
C VAL I 246 6.97 43.45 24.78
N ALA I 247 7.07 42.96 23.55
CA ALA I 247 7.15 43.84 22.40
C ALA I 247 5.86 44.64 22.32
N PHE I 248 4.78 44.07 22.86
CA PHE I 248 3.45 44.69 22.86
C PHE I 248 3.34 45.88 23.81
N LEU I 249 3.95 45.73 24.99
CA LEU I 249 3.94 46.77 26.01
C LEU I 249 4.75 48.00 25.58
N ALA I 250 5.90 47.80 24.96
CA ALA I 250 6.74 48.94 24.53
C ALA I 250 6.26 49.54 23.20
N GLY I 251 5.26 48.89 22.61
CA GLY I 251 4.72 49.34 21.33
C GLY I 251 3.69 50.45 21.45
N LYS I 252 3.34 51.02 20.30
CA LYS I 252 2.39 52.12 20.23
C LYS I 252 0.99 51.85 20.81
N GLU I 253 0.36 50.73 20.45
CA GLU I 253 -0.98 50.47 21.00
C GLU I 253 -0.95 49.84 22.38
N GLY I 254 0.13 49.16 22.72
CA GLY I 254 0.24 48.57 24.04
C GLY I 254 0.33 49.70 25.05
N GLN I 255 1.02 50.78 24.68
CA GLN I 255 1.18 51.94 25.55
C GLN I 255 -0.05 52.85 25.54
N ARG I 256 -0.83 52.80 24.47
CA ARG I 256 -2.04 53.59 24.40
C ARG I 256 -2.99 52.97 25.42
N ALA I 257 -3.06 51.64 25.41
CA ALA I 257 -3.91 50.89 26.33
C ALA I 257 -3.63 51.22 27.81
N LEU I 258 -2.37 51.37 28.17
CA LEU I 258 -1.99 51.68 29.54
C LEU I 258 -2.41 53.10 29.92
N THR I 259 -1.98 54.07 29.10
CA THR I 259 -2.29 55.47 29.32
C THR I 259 -3.75 55.82 29.09
N ALA I 260 -4.55 54.80 28.78
CA ALA I 260 -5.97 55.00 28.57
C ALA I 260 -6.68 54.79 29.91
N VAL I 261 -5.95 54.24 30.86
CA VAL I 261 -6.49 53.98 32.20
C VAL I 261 -5.50 54.34 33.31
N ARG I 262 -4.24 54.54 32.95
CA ARG I 262 -3.23 54.84 33.95
C ARG I 262 -2.49 56.15 33.67
N ALA I 263 -2.43 57.02 34.68
CA ALA I 263 -1.77 58.32 34.55
C ALA I 263 -0.26 58.27 34.75
N GLU I 264 0.43 57.54 33.88
CA GLU I 264 1.88 57.42 33.94
C GLU I 264 2.43 57.95 32.61
N TYR I 265 3.58 58.60 32.65
CA TYR I 265 4.19 59.14 31.45
C TYR I 265 4.79 58.03 30.60
N PRO I 266 4.30 57.88 29.35
CA PRO I 266 4.78 56.84 28.43
C PRO I 266 6.21 57.13 27.98
N LEU I 267 6.91 56.10 27.51
CA LEU I 267 8.28 56.28 27.02
C LEU I 267 8.35 56.18 25.48
N ASN I 268 7.27 55.74 24.85
CA ASN I 268 7.19 55.64 23.38
C ASN I 268 6.80 57.03 22.91
N PRO I 269 7.68 57.71 22.17
CA PRO I 269 7.38 59.05 21.69
C PRO I 269 6.10 59.23 20.85
N HIS I 270 5.62 58.13 20.26
CA HIS I 270 4.42 58.19 19.43
C HIS I 270 3.11 57.90 20.19
N VAL I 271 3.03 58.35 21.44
CA VAL I 271 1.84 58.12 22.26
C VAL I 271 1.31 59.39 22.95
N VAL I 272 0.00 59.59 22.87
CA VAL I 272 -0.65 60.74 23.50
C VAL I 272 -1.57 60.25 24.63
N SER I 273 -1.22 60.58 25.87
CA SER I 273 -2.00 60.17 27.04
C SER I 273 -3.42 60.74 27.01
N THR I 274 -4.35 60.07 27.69
CA THR I 274 -5.71 60.58 27.76
C THR I 274 -5.81 61.47 29.00
N PHE I 275 -4.73 61.48 29.78
CA PHE I 275 -4.63 62.30 30.98
C PHE I 275 -3.84 63.55 30.62
N ASN I 276 -4.10 64.65 31.30
CA ASN I 276 -3.36 65.87 30.98
C ASN I 276 -1.94 65.78 31.52
N LEU I 277 -1.11 65.01 30.82
CA LEU I 277 0.29 64.82 31.20
C LEU I 277 1.15 65.37 30.07
N GLU I 278 2.13 66.22 30.38
CA GLU I 278 2.97 66.74 29.31
C GLU I 278 4.10 65.75 28.98
N PRO I 279 4.77 65.92 27.83
CA PRO I 279 5.86 65.03 27.39
C PRO I 279 6.83 64.79 28.53
N ILE I 280 7.28 63.55 28.70
CA ILE I 280 8.19 63.21 29.80
C ILE I 280 9.45 64.07 29.82
N ALA I 281 9.73 64.75 28.72
CA ALA I 281 10.92 65.61 28.64
C ALA I 281 10.71 66.96 29.32
N LYS I 282 9.48 67.47 29.27
CA LYS I 282 9.13 68.76 29.86
C LYS I 282 9.28 68.80 31.38
N LEU I 283 9.25 67.63 32.02
CA LEU I 283 9.38 67.55 33.47
C LEU I 283 10.77 67.95 33.96
N GLU I 284 11.80 67.73 33.14
CA GLU I 284 13.17 68.07 33.49
C GLU I 284 13.65 67.26 34.69
N ALA I 285 13.46 65.94 34.64
CA ALA I 285 13.85 65.06 35.75
C ALA I 285 15.36 64.85 35.86
N PRO I 286 15.90 64.84 37.09
CA PRO I 286 17.33 64.64 37.32
C PRO I 286 17.74 63.21 37.00
N GLN I 287 18.91 63.05 36.38
CA GLN I 287 19.39 61.71 36.05
C GLN I 287 20.01 61.05 37.29
N VAL I 288 19.32 60.03 37.81
CA VAL I 288 19.76 59.31 38.99
C VAL I 288 19.91 57.82 38.67
N SER I 289 21.05 57.23 39.03
CA SER I 289 21.29 55.82 38.79
C SER I 289 20.23 54.98 39.52
N ALA I 290 20.27 53.68 39.33
CA ALA I 290 19.28 52.80 39.97
C ALA I 290 19.60 52.57 41.45
N THR I 291 18.55 52.57 42.27
CA THR I 291 18.67 52.36 43.70
C THR I 291 19.19 50.96 43.99
N THR I 292 20.20 50.86 44.85
CA THR I 292 20.77 49.56 45.18
C THR I 292 20.51 49.19 46.65
N VAL I 293 20.82 47.95 47.00
CA VAL I 293 20.63 47.44 48.35
C VAL I 293 21.21 48.34 49.44
N SER I 294 22.47 48.75 49.28
CA SER I 294 23.11 49.63 50.27
C SER I 294 22.53 51.06 50.28
N GLU I 295 22.13 51.56 49.11
CA GLU I 295 21.54 52.89 49.01
C GLU I 295 20.24 52.94 49.82
N LYS I 296 19.41 51.90 49.73
CA LYS I 296 18.18 51.88 50.53
C LYS I 296 18.58 51.76 52.00
N GLU I 297 19.54 50.88 52.28
CA GLU I 297 20.06 50.69 53.63
C GLU I 297 20.54 52.02 54.19
N HIS I 298 21.20 52.80 53.34
CA HIS I 298 21.73 54.11 53.69
C HIS I 298 20.61 55.05 54.10
N ALA I 299 19.58 55.15 53.26
CA ALA I 299 18.44 56.04 53.52
C ALA I 299 17.52 55.52 54.62
N THR I 300 17.54 54.21 54.87
CA THR I 300 16.72 53.62 55.91
C THR I 300 17.26 54.07 57.26
N ARG I 301 18.58 54.13 57.37
CA ARG I 301 19.24 54.54 58.61
C ARG I 301 19.15 56.05 58.83
N LEU I 302 18.90 56.81 57.76
CA LEU I 302 18.78 58.25 57.87
C LEU I 302 17.39 58.63 58.40
N LEU I 303 16.47 57.66 58.34
CA LEU I 303 15.10 57.86 58.84
C LEU I 303 15.08 57.62 60.34
N GLU I 304 15.70 56.52 60.77
CA GLU I 304 15.75 56.19 62.19
C GLU I 304 16.59 57.24 62.89
N GLN I 305 17.69 57.62 62.25
CA GLN I 305 18.59 58.63 62.79
C GLN I 305 17.88 59.96 63.00
N ALA I 306 16.96 60.28 62.08
CA ALA I 306 16.19 61.52 62.16
C ALA I 306 14.90 61.32 62.95
N GLY I 307 14.74 60.11 63.49
CA GLY I 307 13.57 59.79 64.29
C GLY I 307 12.23 59.67 63.59
N MET I 308 12.16 58.88 62.53
CA MET I 308 10.90 58.69 61.81
C MET I 308 10.49 57.23 61.75
N LYS I 309 11.48 56.33 61.85
CA LYS I 309 11.20 54.90 61.83
C LYS I 309 11.01 54.44 63.29
OBD HF5 J . -2.37 42.37 8.18
HFA HF5 J . 0.17 39.67 10.39
O00 HF5 J . -0.08 40.01 8.27
OAB HF5 J . -2.13 39.22 9.58
OAC HF5 J . 2.32 40.62 9.58
OAD HF5 J . -0.85 41.64 10.77
OAE HF5 J . 1.78 40.57 12.04
OA1 HF5 J . -1.49 37.99 11.27
HFB HF5 J . -2.07 40.35 7.36
OBC HF5 J . -0.56 41.47 5.80
OB1 HF5 J . -2.61 38.19 6.03
OB2 HF5 J . -4.36 40.31 8.94
OB3 HF5 J . -2.78 41.61 5.09
HFC HF5 J . 1.45 41.27 7.26
OCD HF5 J . 1.48 43.31 8.21
OC1 HF5 J . 2.20 42.85 5.43
OC2 HF5 J . 4.19 42.28 8.52
HFD HF5 J . -0.57 43.18 9.67
ODE HF5 J . 0.95 44.01 11.34
OD1 HF5 J . -1.29 45.42 8.29
OD2 HF5 J . -1.79 45.22 10.91
HFE HF5 J . 1.84 42.97 12.96
OE1 HF5 J . 3.95 43.37 11.93
OE2 HF5 J . -0.45 42.07 13.42
OE3 HF5 J . 1.49 44.86 14.50
OE4 HF5 J . 2.44 41.91 15.11
OBD HF5 K . -50.90 -19.83 45.74
HFA HF5 K . -48.53 -22.51 47.76
O00 HF5 K . -48.61 -22.17 45.58
OAB HF5 K . -50.71 -23.30 46.80
OAC HF5 K . -46.46 -21.57 46.85
OAD HF5 K . -49.63 -20.75 48.76
OAE HF5 K . -47.30 -22.03 49.63
OA1 HF5 K . -50.28 -23.15 49.68
HFB HF5 K . -50.68 -21.77 44.70
OBC HF5 K . -49.17 -20.98 42.96
OB1 HF5 K . -50.46 -23.93 43.27
OB2 HF5 K . -52.98 -21.97 45.54
OB3 HF5 K . -52.03 -20.47 42.76
HFC HF5 K . -47.16 -20.76 44.63
OCD HF5 K . -47.92 -18.82 45.25
OC1 HF5 K . -47.45 -18.82 42.77
OC2 HF5 K . -44.87 -19.89 45.44
HFD HF5 K . -49.19 -19.08 47.29
ODE HF5 K . -48.06 -18.37 49.16
OD1 HF5 K . -48.19 -16.58 46.70
OD2 HF5 K . -51.04 -17.10 47.70
HFE HF5 K . -47.04 -19.87 50.31
OE1 HF5 K . -44.84 -20.25 49.37
OE2 HF5 K . -48.99 -20.47 51.89
OE3 HF5 K . -46.45 -18.31 52.18
OE4 HF5 K . -46.52 -21.71 52.45
OBD HF5 L . -23.19 -28.61 -35.96
HFA HF5 L . -21.46 -31.28 -34.10
O00 HF5 L . -21.55 -30.85 -36.23
OAB HF5 L . -23.79 -31.67 -34.83
OAC HF5 L . -19.17 -30.57 -34.97
OAD HF5 L . -22.04 -29.37 -33.56
OAE HF5 L . -19.90 -30.24 -32.51
OA1 HF5 L . -22.62 -32.00 -32.32
HFB HF5 L . -23.57 -30.56 -37.10
OBC HF5 L . -21.97 -29.46 -38.68
OB1 HF5 L . -24.09 -32.63 -38.42
OB2 HF5 L . -26.01 -30.37 -35.93
OB3 HF5 L . -23.86 -29.01 -39.31
HFC HF5 L . -19.95 -29.69 -37.20
OCD HF5 L . -20.65 -28.18 -36.11
OC1 HF5 L . -19.79 -27.90 -39.22
OC2 HF5 L . -17.61 -29.21 -35.99
HFD HF5 L . -22.12 -28.13 -34.64
ODE HF5 L . -20.57 -27.51 -33.08
OD1 HF5 L . -22.22 -25.87 -35.94
OD2 HF5 L . -23.46 -26.00 -33.48
HFE HF5 L . -20.08 -28.65 -31.56
OE1 HF5 L . -17.91 -28.86 -32.52
OE2 HF5 L . -21.97 -29.01 -30.53
OE3 HF5 L . -19.95 -26.57 -30.23
OE4 HF5 L . -18.91 -29.53 -29.50
OB3 HF3 M . 29.78 -13.93 -39.25
OB1 HF3 M . 26.42 -13.47 -37.95
OB2 HF3 M . 27.56 -16.63 -39.29
HFA HF3 M . 24.46 -14.50 -42.44
O00 HF3 M . 26.04 -13.45 -41.45
OAB HF3 M . 25.44 -15.83 -40.66
OAC HF3 M . 24.96 -12.49 -43.72
OA2 HF3 M . 23.61 -14.47 -44.70
OA1 HF3 M . 23.67 -16.98 -42.24
HFB HF3 M . 27.35 -14.42 -40.06
OBC HF3 M . 28.51 -12.47 -40.57
HFC HF3 M . 26.85 -11.71 -42.39
OC1 HF3 M . 29.14 -10.49 -42.70
OC2 HF3 M . 25.89 -10.71 -44.62
P HF3 M . 27.61 -14.83 -43.53
O1 HF3 M . 26.06 -15.27 -43.79
O2 HF3 M . 28.04 -15.23 -42.03
O3 HF3 M . 27.78 -13.25 -43.71
O4 HF3 M . 28.50 -15.54 -44.50
OBD HF5 N . -19.20 -75.82 -5.63
HFA HF5 N . -22.68 -75.23 -6.09
O00 HF5 N . -21.31 -73.97 -4.99
OAB HF5 N . -21.64 -76.67 -4.26
OAC HF5 N . -22.40 -73.34 -7.56
OAD HF5 N . -21.32 -76.18 -7.06
OAE HF5 N . -23.36 -75.33 -8.18
OA1 HF5 N . -23.47 -77.53 -6.12
HFB HF5 N . -19.79 -75.09 -3.84
OBC HF5 N . -18.90 -73.11 -4.53
OB1 HF5 N . -21.13 -74.24 -1.80
OB2 HF5 N . -19.37 -77.67 -3.09
OB3 HF5 N . -17.40 -73.95 -3.27
HFC HF5 N . -20.43 -72.40 -6.24
OCD HF5 N . -19.60 -73.82 -7.16
OC1 HF5 N . -18.55 -70.76 -6.44
OC2 HF5 N . -21.39 -71.34 -8.32
HFD HF5 N . -19.90 -75.71 -7.52
ODE HF5 N . -20.93 -75.80 -9.19
OD1 HF5 N . -17.83 -76.02 -7.87
OD2 HF5 N . -19.71 -77.64 -8.41
HFE HF5 N . -22.58 -75.81 -9.83
OE1 HF5 N . -24.58 -75.95 -10.64
OE2 HF5 N . -21.74 -76.54 -11.91
OE3 HF5 N . -22.79 -74.02 -11.01
OE4 HF5 N . -22.95 -77.79 -9.16
OBD HF5 O . 2.29 -5.64 38.27
HFA HF5 O . -1.60 -5.24 37.70
O00 HF5 O . -0.18 -3.94 38.85
OAB HF5 O . -0.97 -6.30 39.87
OAC HF5 O . -1.17 -3.23 36.27
OAD HF5 O . 0.01 -6.52 37.27
OAE HF5 O . -2.56 -5.47 35.58
OA1 HF5 O . -2.61 -7.63 38.16
HFB HF5 O . 1.27 -5.07 40.21
OBC HF5 O . 2.05 -2.72 39.69
OB1 HF5 O . 0.16 -4.44 42.54
OB2 HF5 O . 1.67 -7.71 40.79
OB3 HF5 O . 3.71 -4.14 40.96
HFC HF5 O . 0.74 -2.34 37.59
OCD HF5 O . 1.38 -3.79 36.17
OC1 HF5 O . 2.47 -0.99 37.58
OC2 HF5 O . 0.47 -1.67 35.19
HFD HF5 O . 1.47 -5.61 36.32
ODE HF5 O . -0.26 -5.86 34.34
OD1 HF5 O . 3.28 -5.75 34.34
OD2 HF5 O . 2.20 -8.15 35.71
HFE HF5 O . -1.68 -7.50 34.20
OE1 HF5 O . -3.89 -7.42 33.20
OE2 HF5 O . -0.32 -8.75 34.84
OE3 HF5 O . -1.51 -7.99 32.23
OE4 HF5 O . -3.37 -8.85 35.32
HFA PHF P . -8.11 -30.58 4.32
O01 PHF P . -8.57 -29.67 6.25
O02 PHF P . -8.52 -28.16 4.35
OAE PHF P . -7.57 -32.48 5.96
OA1 PHF P . -6.56 -32.43 3.52
OAB PHF P . -9.05 -29.67 2.29
HFB PHF P . -9.34 -26.87 2.44
OBC PHF P . -8.12 -26.04 3.42
OBD PHF P . -11.09 -27.01 4.02
OB1 PHF P . -11.37 -27.14 1.67
OB2 PHF P . -9.52 -24.61 2.42
OB3 PHF P . -8.69 -26.21 0.52
HFC PHF P . -7.32 -26.51 5.42
OCD PHF P . -9.30 -27.03 6.32
OC1 PHF P . -8.10 -23.99 6.05
OC2 PHF P . -7.05 -26.41 8.11
OC3 PHF P . -6.50 -28.47 6.90
HFD PHF P . -10.51 -28.52 5.94
ODE PHF P . -10.72 -29.53 8.22
OD1 PHF P . -12.24 -27.68 7.05
HFE PHF P . -9.14 -31.36 7.61
OE1 PHF P . -6.95 -30.31 8.50
OE2 PHF P . -10.20 -31.82 9.44
OE3 PHF P . -8.43 -33.81 7.99
P PHF P . -11.32 -31.84 4.86
O1 PHF P . -10.71 -32.02 6.33
O2 PHF P . -11.59 -30.21 5.10
O3 PHF P . -10.11 -31.74 4.12
O4 PHF P . -12.48 -32.71 4.27
HFA PHF Q . 38.62 29.70 -33.81
O01 PHF Q . 38.16 30.47 -31.82
O02 PHF Q . 38.25 32.06 -33.95
OAE PHF Q . 39.48 28.35 -31.91
OA1 PHF Q . 39.80 27.42 -34.79
OAB PHF Q . 37.85 30.69 -35.97
HFB PHF Q . 37.21 33.24 -35.90
OBC PHF Q . 38.35 34.95 -34.57
OBD PHF Q . 35.59 33.32 -34.10
OB1 PHF Q . 38.76 33.39 -38.10
OB2 PHF Q . 34.95 32.13 -36.67
OB3 PHF Q . 36.47 35.43 -35.93
HFC PHF Q . 39.68 33.82 -32.79
OCD PHF Q . 37.68 33.57 -31.30
OC1 PHF Q . 38.51 36.00 -32.14
OC2 PHF Q . 40.44 33.66 -30.43
OC3 PHF Q . 40.54 31.46 -31.78
HFD PHF Q . 36.27 31.78 -32.26
ODE PHF Q . 36.08 30.73 -29.97
OD1 PHF Q . 34.29 32.29 -31.34
HFE PHF Q . 37.79 28.93 -30.17
OE1 PHF Q . 39.70 30.10 -29.11
OE2 PHF Q . 36.10 28.94 -28.31
OE3 PHF Q . 38.48 26.77 -29.03
P PHF Q . 35.49 28.34 -32.99
O1 PHF Q . 36.26 28.16 -31.66
O2 PHF Q . 35.11 29.81 -32.78
O3 PHF Q . 36.70 28.32 -34.17
O4 PHF Q . 34.36 27.37 -33.39
HFA PHF R . -0.47 53.66 47.94
O01 PHF R . -0.77 51.98 46.53
O02 PHF R . 1.51 53.25 46.57
OAE PHF R . -2.91 53.10 47.87
OA1 PHF R . -1.70 55.25 49.12
OAB PHF R . 1.82 54.32 48.88
HFB PHF R . 3.73 53.83 47.72
OBC PHF R . 3.34 53.47 45.48
OBD PHF R . 3.33 51.37 47.70
OB1 PHF R . 4.66 56.12 47.85
OB2 PHF R . 5.32 52.25 49.08
OB3 PHF R . 5.40 53.22 46.19
HFC PHF R . 1.72 53.33 44.00
OCD PHF R . 1.70 50.85 44.43
OC1 PHF R . 3.76 52.46 43.70
OC2 PHF R . 0.48 52.17 42.08
OC3 PHF R . -0.56 53.79 44.15
HFD PHF R . 1.07 50.67 46.84
ODE PHF R . -0.87 49.18 46.25
OD1 PHF R . 1.67 48.50 46.86
HFE PHF R . -2.67 50.85 46.72
OE1 PHF R . -3.13 51.72 44.43
OE2 PHF R . -4.04 48.82 46.22
OE3 PHF R . -4.92 52.04 47.16
P PHF R . -0.77 50.60 49.69
O1 PHF R . -1.89 49.91 48.88
O2 PHF R . 0.37 50.25 48.90
O3 PHF R . -0.86 52.32 49.83
O4 PHF R . -0.49 50.14 51.02
#